data_6I9F
#
_entry.id   6I9F
#
loop_
_entity.id
_entity.type
_entity.pdbx_description
1 polymer 'Fatty acid-binding protein homolog'
2 non-polymer 'OLEIC ACID'
#
_entity_poly.entity_id   1
_entity_poly.type   'polypeptide(L)'
_entity_poly.pdbx_seq_one_letter_code
;MRGSHHHHHHGSKTLPDKFLGTFKLERDENFDEYLKARGYGWIMRQVIKLAGVTKKFRNAASGKPDRYDMENLTTKKDTH
HKDWALGEEFQDEALDSTQHKITFDLKDPNTLTETHIKVDDPTDVETYEYRRDGDYLVMKMSWKGVSTSRYYKKQ
;
_entity_poly.pdbx_strand_id   A
#
# COMPACT_ATOMS: atom_id res chain seq x y z
N MET A 1 8.41 -7.27 -12.41
CA MET A 1 7.95 -6.21 -13.31
C MET A 1 9.11 -5.28 -13.65
N ARG A 2 9.39 -5.15 -14.95
CA ARG A 2 10.47 -4.29 -15.41
C ARG A 2 10.30 -3.97 -16.89
N GLY A 3 9.93 -2.73 -17.19
CA GLY A 3 9.77 -2.31 -18.56
C GLY A 3 10.50 -1.01 -18.84
N SER A 4 11.78 -0.98 -18.52
CA SER A 4 12.59 0.22 -18.67
C SER A 4 12.83 0.54 -20.14
N HIS A 5 13.03 -0.51 -20.94
CA HIS A 5 13.30 -0.34 -22.36
C HIS A 5 12.03 0.03 -23.11
N HIS A 6 11.97 1.27 -23.60
CA HIS A 6 10.83 1.79 -24.34
C HIS A 6 9.58 1.86 -23.47
N HIS A 7 9.54 2.83 -22.58
CA HIS A 7 8.40 3.01 -21.71
C HIS A 7 7.66 4.31 -22.03
N HIS A 8 7.34 4.49 -23.31
CA HIS A 8 6.61 5.68 -23.75
C HIS A 8 5.11 5.46 -23.56
N HIS A 9 4.67 4.22 -23.72
CA HIS A 9 3.28 3.88 -23.46
C HIS A 9 3.04 3.89 -21.97
N HIS A 10 3.96 3.26 -21.24
CA HIS A 10 3.90 3.25 -19.79
C HIS A 10 4.84 4.32 -19.24
N GLY A 11 4.66 5.55 -19.69
CA GLY A 11 5.45 6.64 -19.18
C GLY A 11 5.04 7.01 -17.77
N SER A 12 3.79 7.41 -17.63
CA SER A 12 3.20 7.67 -16.33
C SER A 12 1.71 7.42 -16.38
N LYS A 13 1.25 6.42 -15.65
CA LYS A 13 -0.17 6.18 -15.53
C LYS A 13 -0.72 6.98 -14.37
N THR A 14 -1.86 7.60 -14.59
CA THR A 14 -2.47 8.43 -13.57
C THR A 14 -3.47 7.61 -12.75
N LEU A 15 -3.31 7.65 -11.44
CA LEU A 15 -4.18 6.91 -10.52
C LEU A 15 -5.65 7.18 -10.79
N PRO A 16 -6.44 6.11 -10.94
CA PRO A 16 -7.89 6.23 -11.05
C PRO A 16 -8.47 6.74 -9.75
N ASP A 17 -9.38 7.71 -9.86
CA ASP A 17 -9.94 8.41 -8.69
C ASP A 17 -10.56 7.46 -7.68
N LYS A 18 -10.86 6.25 -8.10
CA LYS A 18 -11.38 5.22 -7.20
C LYS A 18 -10.46 4.99 -5.99
N PHE A 19 -9.15 5.16 -6.17
CA PHE A 19 -8.21 4.89 -5.09
C PHE A 19 -7.85 6.16 -4.34
N LEU A 20 -8.44 7.28 -4.72
CA LEU A 20 -8.05 8.56 -4.17
C LEU A 20 -9.01 9.03 -3.10
N GLY A 21 -8.49 9.79 -2.15
CA GLY A 21 -9.27 10.28 -1.05
C GLY A 21 -8.79 9.70 0.26
N THR A 22 -9.53 9.98 1.33
CA THR A 22 -9.19 9.46 2.64
C THR A 22 -10.14 8.34 3.04
N PHE A 23 -9.59 7.17 3.32
CA PHE A 23 -10.37 6.00 3.68
C PHE A 23 -10.11 5.61 5.14
N LYS A 24 -11.15 5.41 5.94
CA LYS A 24 -10.93 4.87 7.28
C LYS A 24 -11.26 3.37 7.33
N LEU A 25 -10.37 2.61 7.96
CA LEU A 25 -10.54 1.17 8.13
C LEU A 25 -11.86 0.83 8.80
N GLU A 26 -12.64 -0.04 8.15
CA GLU A 26 -13.87 -0.53 8.73
C GLU A 26 -13.58 -1.84 9.46
N ARG A 27 -13.00 -2.80 8.74
CA ARG A 27 -12.74 -4.13 9.29
C ARG A 27 -11.64 -4.83 8.50
N ASP A 28 -11.34 -6.06 8.89
CA ASP A 28 -10.37 -6.88 8.20
C ASP A 28 -10.64 -8.35 8.47
N GLU A 29 -10.01 -9.23 7.72
CA GLU A 29 -10.28 -10.65 7.81
C GLU A 29 -9.01 -11.48 7.60
N ASN A 30 -8.77 -12.42 8.51
CA ASN A 30 -7.64 -13.35 8.43
C ASN A 30 -6.31 -12.63 8.65
N PHE A 31 -6.39 -11.52 9.39
CA PHE A 31 -5.24 -10.65 9.58
C PHE A 31 -4.21 -11.28 10.51
N ASP A 32 -4.67 -11.94 11.57
CA ASP A 32 -3.78 -12.62 12.50
C ASP A 32 -2.92 -13.67 11.80
N GLU A 33 -3.58 -14.54 11.03
CA GLU A 33 -2.89 -15.57 10.27
C GLU A 33 -1.82 -14.98 9.36
N TYR A 34 -2.15 -13.87 8.69
CA TYR A 34 -1.19 -13.18 7.86
C TYR A 34 0.03 -12.74 8.67
N LEU A 35 -0.21 -12.28 9.89
CA LEU A 35 0.85 -11.80 10.75
C LEU A 35 1.77 -12.93 11.17
N LYS A 36 1.18 -14.08 11.45
CA LYS A 36 1.93 -15.27 11.82
C LYS A 36 2.83 -15.68 10.66
N ALA A 37 2.23 -15.77 9.48
CA ALA A 37 2.95 -16.12 8.26
C ALA A 37 4.08 -15.13 8.00
N ARG A 38 3.81 -13.85 8.23
CA ARG A 38 4.78 -12.78 8.02
C ARG A 38 5.90 -12.84 9.05
N GLY A 39 5.73 -13.63 10.09
CA GLY A 39 6.76 -13.80 11.09
C GLY A 39 6.60 -12.86 12.27
N TYR A 40 5.39 -12.38 12.49
CA TYR A 40 5.10 -11.52 13.63
C TYR A 40 4.62 -12.37 14.79
N GLY A 41 5.29 -12.23 15.93
CA GLY A 41 4.94 -12.98 17.11
C GLY A 41 3.73 -12.41 17.82
N TRP A 42 3.33 -13.06 18.90
CA TRP A 42 2.16 -12.66 19.68
C TRP A 42 2.18 -11.17 20.01
N ILE A 43 3.31 -10.69 20.54
CA ILE A 43 3.46 -9.29 20.89
C ILE A 43 3.13 -8.37 19.73
N MET A 44 3.77 -8.60 18.60
CA MET A 44 3.50 -7.81 17.40
C MET A 44 2.05 -7.93 16.97
N ARG A 45 1.51 -9.14 17.06
CA ARG A 45 0.13 -9.36 16.68
C ARG A 45 -0.81 -8.58 17.60
N GLN A 46 -0.39 -8.37 18.84
CA GLN A 46 -1.17 -7.58 19.78
C GLN A 46 -1.12 -6.10 19.41
N VAL A 47 -0.08 -5.70 18.71
CA VAL A 47 0.02 -4.34 18.20
C VAL A 47 -0.71 -4.21 16.86
N ILE A 48 -0.16 -4.89 15.87
CA ILE A 48 -0.61 -4.81 14.48
C ILE A 48 -2.12 -5.00 14.31
N LYS A 49 -2.71 -5.97 15.00
CA LYS A 49 -4.14 -6.28 14.83
C LYS A 49 -5.03 -5.21 15.45
N LEU A 50 -4.50 -4.47 16.40
CA LEU A 50 -5.30 -3.49 17.12
C LEU A 50 -5.04 -2.09 16.59
N ALA A 51 -4.22 -2.01 15.55
CA ALA A 51 -3.88 -0.74 14.94
C ALA A 51 -4.92 -0.33 13.92
N GLY A 52 -5.69 0.70 14.25
CA GLY A 52 -6.63 1.27 13.30
C GLY A 52 -5.88 2.00 12.20
N VAL A 53 -6.41 1.98 11.00
CA VAL A 53 -5.67 2.49 9.86
C VAL A 53 -6.50 3.45 9.00
N THR A 54 -5.90 4.57 8.65
CA THR A 54 -6.52 5.54 7.76
C THR A 54 -5.65 5.74 6.52
N LYS A 55 -6.24 5.51 5.36
CA LYS A 55 -5.52 5.65 4.09
C LYS A 55 -5.75 7.04 3.51
N LYS A 56 -4.70 7.65 2.98
CA LYS A 56 -4.82 8.95 2.35
C LYS A 56 -4.08 8.97 1.01
N PHE A 57 -4.86 9.05 -0.07
CA PHE A 57 -4.31 9.18 -1.41
C PHE A 57 -4.70 10.53 -1.99
N ARG A 58 -3.74 11.22 -2.60
CA ARG A 58 -4.00 12.54 -3.18
C ARG A 58 -3.01 12.84 -4.29
N ASN A 59 -3.35 13.79 -5.15
CA ASN A 59 -2.41 14.29 -6.16
C ASN A 59 -1.23 14.92 -5.44
N ALA A 60 0.00 14.64 -5.89
CA ALA A 60 1.19 15.06 -5.14
C ALA A 60 1.40 16.55 -5.23
N ALA A 61 1.49 17.18 -4.07
CA ALA A 61 1.72 18.60 -3.94
C ALA A 61 3.11 19.02 -4.43
N SER A 62 3.93 18.02 -4.74
CA SER A 62 5.24 18.24 -5.34
C SER A 62 5.19 19.29 -6.47
N GLY A 63 4.02 19.41 -7.10
CA GLY A 63 3.84 20.40 -8.13
C GLY A 63 4.02 19.82 -9.52
N LYS A 64 4.22 18.52 -9.57
CA LYS A 64 4.37 17.82 -10.84
C LYS A 64 3.02 17.24 -11.25
N PRO A 65 2.91 16.64 -12.44
CA PRO A 65 1.73 15.90 -12.85
C PRO A 65 1.90 14.38 -12.69
N ASP A 66 0.76 13.66 -12.59
CA ASP A 66 0.72 12.19 -12.57
C ASP A 66 1.08 11.61 -11.21
N ARG A 67 2.05 12.22 -10.53
CA ARG A 67 2.43 11.83 -9.17
C ARG A 67 1.28 11.88 -8.16
N TYR A 68 1.41 11.10 -7.11
CA TYR A 68 0.44 11.11 -6.02
C TYR A 68 1.13 10.95 -4.67
N ASP A 69 0.48 11.45 -3.64
CA ASP A 69 0.93 11.26 -2.26
C ASP A 69 0.08 10.20 -1.61
N MET A 70 0.67 9.43 -0.71
CA MET A 70 -0.06 8.42 0.02
C MET A 70 0.53 8.21 1.40
N GLU A 71 -0.26 8.42 2.43
CA GLU A 71 0.18 8.16 3.77
C GLU A 71 -0.69 7.10 4.45
N ASN A 72 -0.07 6.38 5.37
CA ASN A 72 -0.72 5.31 6.08
C ASN A 72 -0.73 5.63 7.57
N LEU A 73 -1.77 6.30 8.02
CA LEU A 73 -1.87 6.68 9.41
C LEU A 73 -2.49 5.55 10.22
N THR A 74 -1.80 5.11 11.25
CA THR A 74 -2.29 4.06 12.09
C THR A 74 -2.25 4.53 13.53
N THR A 75 -2.40 3.63 14.48
CA THR A 75 -2.42 4.02 15.87
C THR A 75 -1.02 4.06 16.46
N LYS A 76 -0.20 3.11 16.06
CA LYS A 76 1.13 2.97 16.61
C LYS A 76 2.20 3.44 15.62
N LYS A 77 1.82 3.54 14.35
CA LYS A 77 2.75 3.92 13.32
C LYS A 77 2.24 5.12 12.53
N ASP A 78 2.79 5.29 11.34
CA ASP A 78 2.62 6.49 10.53
C ASP A 78 3.68 6.51 9.44
N THR A 79 3.21 6.49 8.21
CA THR A 79 4.11 6.52 7.07
C THR A 79 3.57 7.49 6.05
N HIS A 80 4.44 8.08 5.25
CA HIS A 80 4.02 9.16 4.37
C HIS A 80 4.82 9.13 3.06
N HIS A 81 4.27 8.47 2.06
CA HIS A 81 4.93 8.38 0.75
C HIS A 81 4.76 9.69 0.00
N LYS A 82 5.69 10.62 0.22
CA LYS A 82 5.70 11.88 -0.49
C LYS A 82 6.07 11.72 -1.96
N ASP A 83 5.11 12.00 -2.84
CA ASP A 83 5.37 12.11 -4.28
C ASP A 83 5.88 10.79 -4.87
N TRP A 84 4.96 9.90 -5.20
CA TRP A 84 5.32 8.65 -5.85
C TRP A 84 4.47 8.43 -7.09
N ALA A 85 4.95 7.58 -7.98
CA ALA A 85 4.18 7.16 -9.14
C ALA A 85 4.10 5.64 -9.18
N LEU A 86 3.02 5.12 -9.74
CA LEU A 86 2.94 3.68 -9.96
C LEU A 86 4.00 3.25 -10.98
N GLY A 87 4.52 2.07 -10.79
CA GLY A 87 5.65 1.60 -11.56
C GLY A 87 6.96 2.19 -11.06
N GLU A 88 6.89 3.04 -10.03
CA GLU A 88 8.06 3.72 -9.51
C GLU A 88 8.56 3.06 -8.24
N GLU A 89 9.88 3.13 -8.06
CA GLU A 89 10.56 2.54 -6.92
C GLU A 89 11.34 3.63 -6.19
N PHE A 90 11.01 3.84 -4.92
CA PHE A 90 11.61 4.91 -4.14
C PHE A 90 11.93 4.43 -2.73
N GLN A 91 12.79 5.16 -2.04
CA GLN A 91 13.12 4.86 -0.65
C GLN A 91 12.23 5.66 0.29
N ASP A 92 11.81 5.03 1.38
CA ASP A 92 10.90 5.66 2.34
C ASP A 92 10.75 4.76 3.57
N GLU A 93 10.06 5.25 4.61
CA GLU A 93 9.86 4.47 5.81
C GLU A 93 8.49 3.83 5.77
N ALA A 94 8.49 2.53 5.87
CA ALA A 94 7.26 1.77 5.88
C ALA A 94 6.75 1.53 7.30
N LEU A 95 5.63 0.82 7.42
CA LEU A 95 5.05 0.51 8.73
C LEU A 95 6.05 -0.22 9.61
N ASP A 96 6.99 -0.90 8.96
CA ASP A 96 8.01 -1.69 9.67
C ASP A 96 9.14 -0.80 10.21
N SER A 97 8.93 0.52 10.09
CA SER A 97 9.77 1.53 10.76
C SER A 97 11.14 1.75 10.10
N THR A 98 11.55 0.93 9.14
CA THR A 98 12.84 1.19 8.51
C THR A 98 12.67 1.99 7.22
N GLN A 99 13.78 2.55 6.75
CA GLN A 99 13.77 3.41 5.58
C GLN A 99 14.32 2.61 4.42
N HIS A 100 13.44 1.98 3.66
CA HIS A 100 13.88 0.98 2.70
C HIS A 100 13.30 1.22 1.33
N LYS A 101 13.69 0.36 0.41
CA LYS A 101 13.25 0.45 -0.96
C LYS A 101 11.79 0.01 -1.07
N ILE A 102 11.00 0.80 -1.77
CA ILE A 102 9.57 0.56 -1.89
C ILE A 102 9.13 0.75 -3.34
N THR A 103 8.19 -0.06 -3.79
CA THR A 103 7.72 0.03 -5.15
C THR A 103 6.21 -0.08 -5.24
N PHE A 104 5.61 0.81 -6.02
CA PHE A 104 4.19 0.78 -6.28
C PHE A 104 3.97 0.38 -7.72
N ASP A 105 2.86 -0.26 -8.02
CA ASP A 105 2.57 -0.66 -9.39
C ASP A 105 1.09 -0.92 -9.61
N LEU A 106 0.55 -0.37 -10.68
CA LEU A 106 -0.82 -0.65 -11.08
C LEU A 106 -0.82 -1.94 -11.90
N LYS A 107 -1.20 -3.05 -11.27
CA LYS A 107 -1.06 -4.35 -11.92
C LYS A 107 -2.29 -4.62 -12.76
N ASP A 108 -3.44 -4.26 -12.22
CA ASP A 108 -4.71 -4.31 -12.94
C ASP A 108 -5.40 -2.97 -12.72
N PRO A 109 -6.35 -2.59 -13.58
CA PRO A 109 -6.98 -1.26 -13.54
C PRO A 109 -7.92 -1.10 -12.35
N ASN A 110 -7.81 -2.00 -11.40
CA ASN A 110 -8.58 -1.95 -10.17
C ASN A 110 -7.77 -2.46 -8.99
N THR A 111 -6.45 -2.55 -9.17
CA THR A 111 -5.57 -3.04 -8.11
C THR A 111 -4.15 -2.47 -8.21
N LEU A 112 -3.80 -1.68 -7.20
CA LEU A 112 -2.45 -1.11 -7.06
C LEU A 112 -1.64 -1.97 -6.07
N THR A 113 -0.33 -2.05 -6.25
CA THR A 113 0.49 -2.86 -5.36
C THR A 113 1.51 -2.03 -4.59
N GLU A 114 1.64 -2.33 -3.32
CA GLU A 114 2.65 -1.72 -2.46
C GLU A 114 3.62 -2.81 -1.99
N THR A 115 4.87 -2.73 -2.42
CA THR A 115 5.87 -3.72 -2.08
C THR A 115 7.03 -3.10 -1.31
N HIS A 116 7.24 -3.57 -0.09
CA HIS A 116 8.31 -3.06 0.76
C HIS A 116 9.52 -3.98 0.71
N ILE A 117 10.66 -3.45 0.27
CA ILE A 117 11.91 -4.20 0.28
C ILE A 117 12.93 -3.55 1.19
N LYS A 118 13.22 -4.23 2.27
CA LYS A 118 14.14 -3.72 3.30
C LYS A 118 15.58 -3.65 2.81
N VAL A 119 16.23 -2.54 3.17
CA VAL A 119 17.62 -2.31 2.86
C VAL A 119 18.51 -3.36 3.53
N ASP A 120 18.11 -3.73 4.75
CA ASP A 120 18.89 -4.67 5.55
C ASP A 120 18.68 -6.09 5.07
N ASP A 121 17.41 -6.47 4.93
CA ASP A 121 17.05 -7.80 4.47
C ASP A 121 15.97 -7.71 3.41
N PRO A 122 16.39 -7.72 2.14
CA PRO A 122 15.48 -7.59 0.99
C PRO A 122 14.67 -8.85 0.72
N THR A 123 14.82 -9.87 1.55
CA THR A 123 14.08 -11.10 1.37
C THR A 123 12.85 -11.12 2.26
N ASP A 124 12.86 -10.28 3.29
CA ASP A 124 11.72 -10.14 4.18
C ASP A 124 10.80 -9.04 3.66
N VAL A 125 10.48 -9.13 2.38
CA VAL A 125 9.59 -8.19 1.73
C VAL A 125 8.17 -8.29 2.25
N GLU A 126 7.36 -7.35 1.83
CA GLU A 126 5.97 -7.32 2.25
C GLU A 126 5.14 -6.56 1.21
N THR A 127 4.01 -7.13 0.82
CA THR A 127 3.21 -6.55 -0.25
C THR A 127 1.74 -6.42 0.13
N TYR A 128 1.22 -5.21 -0.06
CA TYR A 128 -0.21 -4.94 0.10
C TYR A 128 -0.79 -4.76 -1.29
N GLU A 129 -2.09 -4.97 -1.47
CA GLU A 129 -2.71 -4.75 -2.77
C GLU A 129 -3.95 -3.90 -2.59
N TYR A 130 -4.01 -2.78 -3.28
CA TYR A 130 -5.11 -1.85 -3.18
C TYR A 130 -6.15 -2.16 -4.24
N ARG A 131 -7.15 -2.93 -3.86
CA ARG A 131 -8.25 -3.27 -4.75
C ARG A 131 -9.48 -2.43 -4.42
N ARG A 132 -10.32 -2.19 -5.40
CA ARG A 132 -11.60 -1.54 -5.17
C ARG A 132 -12.72 -2.55 -5.23
N ASP A 133 -13.64 -2.48 -4.29
CA ASP A 133 -14.82 -3.33 -4.32
C ASP A 133 -15.99 -2.61 -3.68
N GLY A 134 -16.96 -2.26 -4.52
CA GLY A 134 -18.07 -1.46 -4.04
C GLY A 134 -17.63 -0.04 -3.78
N ASP A 135 -18.04 0.49 -2.64
CA ASP A 135 -17.60 1.82 -2.22
C ASP A 135 -16.53 1.71 -1.16
N TYR A 136 -15.79 0.62 -1.21
CA TYR A 136 -14.74 0.35 -0.24
C TYR A 136 -13.42 0.07 -0.93
N LEU A 137 -12.35 0.54 -0.31
CA LEU A 137 -11.02 0.14 -0.70
C LEU A 137 -10.70 -1.16 0.01
N VAL A 138 -10.39 -2.18 -0.74
CA VAL A 138 -10.18 -3.49 -0.18
C VAL A 138 -8.73 -3.90 -0.38
N MET A 139 -8.02 -4.04 0.72
CA MET A 139 -6.63 -4.40 0.65
C MET A 139 -6.47 -5.89 0.73
N LYS A 140 -5.60 -6.42 -0.11
CA LYS A 140 -5.29 -7.84 -0.08
C LYS A 140 -3.83 -8.01 0.25
N MET A 141 -3.56 -8.73 1.33
CA MET A 141 -2.19 -9.00 1.75
C MET A 141 -2.02 -10.51 1.82
N SER A 142 -1.06 -11.05 1.09
CA SER A 142 -0.90 -12.49 1.05
C SER A 142 0.55 -12.91 1.33
N TRP A 143 0.68 -13.85 2.25
CA TRP A 143 1.97 -14.41 2.61
C TRP A 143 1.79 -15.86 3.04
N LYS A 144 2.63 -16.73 2.48
CA LYS A 144 2.54 -18.17 2.76
C LYS A 144 1.15 -18.71 2.41
N GLY A 145 0.53 -18.11 1.39
CA GLY A 145 -0.80 -18.53 0.99
C GLY A 145 -1.90 -17.84 1.78
N VAL A 146 -1.51 -17.20 2.88
CA VAL A 146 -2.48 -16.55 3.75
C VAL A 146 -2.87 -15.19 3.19
N SER A 147 -4.09 -15.07 2.70
CA SER A 147 -4.61 -13.81 2.26
C SER A 147 -5.47 -13.17 3.34
N THR A 148 -5.22 -11.90 3.57
CA THR A 148 -6.04 -11.13 4.48
C THR A 148 -6.64 -9.95 3.73
N SER A 149 -7.92 -9.71 3.94
CA SER A 149 -8.61 -8.64 3.25
C SER A 149 -9.02 -7.56 4.24
N ARG A 150 -8.42 -6.38 4.12
CA ARG A 150 -8.77 -5.27 4.98
C ARG A 150 -9.74 -4.35 4.25
N TYR A 151 -10.89 -4.13 4.85
CA TYR A 151 -11.95 -3.36 4.21
C TYR A 151 -11.93 -1.93 4.70
N TYR A 152 -11.58 -1.02 3.80
CA TYR A 152 -11.53 0.40 4.11
C TYR A 152 -12.67 1.13 3.44
N LYS A 153 -13.36 1.96 4.19
CA LYS A 153 -14.37 2.82 3.62
C LYS A 153 -13.80 4.22 3.55
N LYS A 154 -14.44 5.14 2.86
CA LYS A 154 -14.02 6.53 2.91
C LYS A 154 -14.07 7.09 4.34
N GLN A 155 -13.68 8.33 4.48
CA GLN A 155 -14.06 9.11 5.64
C GLN A 155 -15.37 9.83 5.35
N MET A 1 0.74 2.70 -34.59
CA MET A 1 1.79 3.42 -35.36
C MET A 1 3.16 2.80 -35.08
N ARG A 2 3.96 2.68 -36.14
CA ARG A 2 5.29 2.10 -36.01
C ARG A 2 6.29 3.17 -35.58
N GLY A 3 7.36 2.73 -34.93
CA GLY A 3 8.38 3.65 -34.50
C GLY A 3 8.90 3.31 -33.13
N SER A 4 8.95 2.01 -32.83
CA SER A 4 9.41 1.51 -31.53
C SER A 4 8.60 2.14 -30.39
N HIS A 5 7.29 2.16 -30.56
CA HIS A 5 6.40 2.75 -29.57
C HIS A 5 6.14 1.77 -28.43
N HIS A 6 7.01 1.79 -27.44
CA HIS A 6 6.85 0.95 -26.26
C HIS A 6 7.32 1.68 -25.01
N HIS A 7 6.48 2.61 -24.54
CA HIS A 7 6.72 3.32 -23.29
C HIS A 7 7.97 4.20 -23.37
N HIS A 8 7.87 5.28 -24.13
CA HIS A 8 8.94 6.26 -24.21
C HIS A 8 8.60 7.49 -23.38
N HIS A 9 7.45 8.11 -23.69
CA HIS A 9 6.98 9.27 -22.96
C HIS A 9 5.79 8.92 -22.09
N HIS A 10 5.57 7.62 -21.90
CA HIS A 10 4.45 7.14 -21.10
C HIS A 10 4.90 6.01 -20.19
N GLY A 11 5.44 6.38 -19.04
CA GLY A 11 5.91 5.39 -18.09
C GLY A 11 4.96 5.22 -16.92
N SER A 12 4.25 6.28 -16.57
CA SER A 12 3.36 6.26 -15.44
C SER A 12 1.91 6.10 -15.88
N LYS A 13 1.25 5.09 -15.33
CA LYS A 13 -0.19 4.99 -15.42
C LYS A 13 -0.80 6.05 -14.52
N THR A 14 -2.01 6.45 -14.80
CA THR A 14 -2.69 7.42 -13.96
C THR A 14 -3.64 6.71 -13.00
N LEU A 15 -3.51 7.03 -11.72
CA LEU A 15 -4.30 6.39 -10.68
C LEU A 15 -5.79 6.59 -10.91
N PRO A 16 -6.54 5.48 -10.93
CA PRO A 16 -8.00 5.53 -10.95
C PRO A 16 -8.52 6.26 -9.73
N ASP A 17 -9.37 7.25 -9.98
CA ASP A 17 -10.00 8.07 -8.92
C ASP A 17 -10.61 7.19 -7.83
N LYS A 18 -11.03 5.99 -8.21
CA LYS A 18 -11.60 5.04 -7.27
C LYS A 18 -10.61 4.57 -6.20
N PHE A 19 -9.31 4.75 -6.42
CA PHE A 19 -8.34 4.36 -5.41
C PHE A 19 -7.92 5.57 -4.60
N LEU A 20 -8.46 6.73 -4.94
CA LEU A 20 -8.02 7.98 -4.35
C LEU A 20 -8.99 8.47 -3.28
N GLY A 21 -8.43 9.05 -2.23
CA GLY A 21 -9.22 9.54 -1.13
C GLY A 21 -8.65 9.14 0.22
N THR A 22 -9.27 9.60 1.28
CA THR A 22 -8.87 9.22 2.63
C THR A 22 -9.91 8.29 3.22
N PHE A 23 -9.47 7.12 3.68
CA PHE A 23 -10.36 6.07 4.10
C PHE A 23 -10.23 5.74 5.59
N LYS A 24 -11.39 5.65 6.28
CA LYS A 24 -11.46 5.01 7.59
C LYS A 24 -11.29 3.49 7.47
N LEU A 25 -11.53 2.78 8.57
CA LEU A 25 -11.36 1.33 8.59
C LEU A 25 -12.52 0.69 9.35
N GLU A 26 -13.36 -0.04 8.64
CA GLU A 26 -14.50 -0.70 9.26
C GLU A 26 -14.10 -2.01 9.93
N ARG A 27 -13.43 -2.88 9.18
CA ARG A 27 -13.10 -4.21 9.69
C ARG A 27 -11.96 -4.84 8.89
N ASP A 28 -11.58 -6.05 9.28
CA ASP A 28 -10.53 -6.80 8.60
C ASP A 28 -10.84 -8.29 8.66
N GLU A 29 -10.16 -9.06 7.81
CA GLU A 29 -10.40 -10.49 7.74
C GLU A 29 -9.10 -11.25 7.53
N ASN A 30 -8.87 -12.27 8.35
CA ASN A 30 -7.74 -13.20 8.20
C ASN A 30 -6.41 -12.48 8.34
N PHE A 31 -6.44 -11.33 9.00
CA PHE A 31 -5.27 -10.49 9.12
C PHE A 31 -4.30 -11.04 10.17
N ASP A 32 -4.85 -11.53 11.27
CA ASP A 32 -4.05 -12.16 12.31
C ASP A 32 -3.29 -13.36 11.74
N GLU A 33 -4.01 -14.17 10.96
CA GLU A 33 -3.40 -15.30 10.26
C GLU A 33 -2.20 -14.84 9.45
N TYR A 34 -2.36 -13.72 8.76
CA TYR A 34 -1.28 -13.16 7.95
C TYR A 34 -0.07 -12.80 8.82
N LEU A 35 -0.33 -12.32 10.03
CA LEU A 35 0.75 -11.89 10.91
C LEU A 35 1.61 -13.07 11.31
N LYS A 36 0.98 -14.21 11.55
CA LYS A 36 1.70 -15.44 11.89
C LYS A 36 2.54 -15.88 10.70
N ALA A 37 1.94 -15.80 9.51
CA ALA A 37 2.63 -16.16 8.27
C ALA A 37 3.88 -15.31 8.08
N ARG A 38 3.77 -14.02 8.36
CA ARG A 38 4.89 -13.09 8.20
C ARG A 38 5.92 -13.26 9.31
N GLY A 39 5.62 -14.09 10.30
CA GLY A 39 6.58 -14.38 11.33
C GLY A 39 6.53 -13.38 12.47
N TYR A 40 5.41 -12.68 12.60
CA TYR A 40 5.24 -11.74 13.70
C TYR A 40 4.91 -12.50 14.97
N GLY A 41 5.67 -12.22 16.03
CA GLY A 41 5.47 -12.88 17.29
C GLY A 41 4.23 -12.36 18.00
N TRP A 42 3.92 -12.95 19.14
CA TRP A 42 2.71 -12.62 19.88
C TRP A 42 2.55 -11.11 20.09
N ILE A 43 3.65 -10.45 20.46
CA ILE A 43 3.60 -9.02 20.78
C ILE A 43 3.05 -8.24 19.63
N MET A 44 3.70 -8.39 18.49
CA MET A 44 3.33 -7.65 17.32
C MET A 44 1.98 -8.11 16.82
N ARG A 45 1.66 -9.35 17.11
CA ARG A 45 0.41 -9.95 16.69
C ARG A 45 -0.73 -9.50 17.60
N GLN A 46 -0.43 -8.56 18.50
CA GLN A 46 -1.44 -7.91 19.31
C GLN A 46 -1.51 -6.42 18.97
N VAL A 47 -0.43 -5.90 18.40
CA VAL A 47 -0.33 -4.48 18.06
C VAL A 47 -0.84 -4.22 16.64
N ILE A 48 -0.18 -4.84 15.67
CA ILE A 48 -0.47 -4.69 14.25
C ILE A 48 -1.96 -4.83 13.92
N LYS A 49 -2.63 -5.77 14.56
CA LYS A 49 -4.05 -6.00 14.30
C LYS A 49 -4.93 -5.31 15.33
N LEU A 50 -4.39 -4.27 15.96
CA LEU A 50 -5.13 -3.49 16.93
C LEU A 50 -5.14 -2.03 16.46
N ALA A 51 -3.97 -1.55 16.05
CA ALA A 51 -3.81 -0.20 15.53
C ALA A 51 -4.81 0.09 14.41
N GLY A 52 -5.52 1.20 14.56
CA GLY A 52 -6.41 1.66 13.52
C GLY A 52 -5.63 2.27 12.38
N VAL A 53 -6.14 2.17 11.17
CA VAL A 53 -5.41 2.62 10.00
C VAL A 53 -6.22 3.61 9.18
N THR A 54 -5.59 4.71 8.82
CA THR A 54 -6.17 5.69 7.93
C THR A 54 -5.42 5.68 6.60
N LYS A 55 -6.08 5.23 5.54
CA LYS A 55 -5.47 5.20 4.21
C LYS A 55 -5.66 6.54 3.51
N LYS A 56 -4.61 7.05 2.90
CA LYS A 56 -4.69 8.30 2.17
C LYS A 56 -4.09 8.15 0.79
N PHE A 57 -4.91 8.37 -0.23
CA PHE A 57 -4.43 8.39 -1.60
C PHE A 57 -4.80 9.72 -2.24
N ARG A 58 -3.82 10.40 -2.79
CA ARG A 58 -4.03 11.73 -3.34
C ARG A 58 -2.99 12.05 -4.41
N ASN A 59 -3.26 13.10 -5.16
CA ASN A 59 -2.29 13.64 -6.11
C ASN A 59 -1.06 14.13 -5.35
N ALA A 60 0.10 14.17 -6.00
CA ALA A 60 1.34 14.56 -5.33
C ALA A 60 1.21 15.95 -4.72
N ALA A 61 1.78 16.11 -3.55
CA ALA A 61 1.61 17.30 -2.75
C ALA A 61 2.22 18.51 -3.41
N SER A 62 3.34 18.33 -4.10
CA SER A 62 3.97 19.41 -4.85
C SER A 62 3.22 19.75 -6.14
N GLY A 63 2.04 19.15 -6.31
CA GLY A 63 1.26 19.38 -7.51
C GLY A 63 1.96 18.89 -8.75
N LYS A 64 2.77 17.85 -8.61
CA LYS A 64 3.54 17.31 -9.72
C LYS A 64 2.69 16.31 -10.49
N PRO A 65 2.35 16.63 -11.77
CA PRO A 65 1.56 15.76 -12.63
C PRO A 65 2.09 14.33 -12.71
N ASP A 66 1.16 13.39 -12.73
CA ASP A 66 1.45 11.95 -12.85
C ASP A 66 1.80 11.37 -11.49
N ARG A 67 2.71 12.04 -10.80
CA ARG A 67 3.08 11.64 -9.44
C ARG A 67 1.91 11.85 -8.47
N TYR A 68 1.82 10.96 -7.48
CA TYR A 68 0.80 11.02 -6.46
C TYR A 68 1.45 11.03 -5.07
N ASP A 69 0.62 11.06 -4.05
CA ASP A 69 1.08 11.04 -2.66
C ASP A 69 0.19 10.08 -1.87
N MET A 70 0.78 9.25 -1.03
CA MET A 70 0.03 8.23 -0.32
C MET A 70 0.52 8.11 1.12
N GLU A 71 -0.40 7.93 2.06
CA GLU A 71 -0.04 7.96 3.47
C GLU A 71 -0.82 6.92 4.28
N ASN A 72 -0.17 6.38 5.31
CA ASN A 72 -0.81 5.44 6.23
C ASN A 72 -0.62 5.93 7.66
N LEU A 73 -1.67 6.44 8.25
CA LEU A 73 -1.61 6.86 9.64
C LEU A 73 -2.28 5.84 10.54
N THR A 74 -1.58 5.40 11.57
CA THR A 74 -2.11 4.41 12.47
C THR A 74 -1.96 4.90 13.90
N THR A 75 -2.37 4.08 14.86
CA THR A 75 -2.26 4.45 16.25
C THR A 75 -0.83 4.22 16.76
N LYS A 76 -0.19 3.23 16.17
CA LYS A 76 1.13 2.81 16.63
C LYS A 76 2.24 3.34 15.70
N LYS A 77 1.88 3.68 14.48
CA LYS A 77 2.86 4.09 13.50
C LYS A 77 2.37 5.26 12.64
N ASP A 78 2.94 5.36 11.46
CA ASP A 78 2.83 6.53 10.61
C ASP A 78 3.77 6.38 9.42
N THR A 79 3.26 6.60 8.23
CA THR A 79 4.06 6.52 7.02
C THR A 79 3.53 7.52 6.01
N HIS A 80 4.42 8.13 5.24
CA HIS A 80 4.02 9.14 4.28
C HIS A 80 4.88 9.04 3.02
N HIS A 81 4.32 8.40 2.01
CA HIS A 81 4.99 8.28 0.72
C HIS A 81 4.82 9.60 -0.03
N LYS A 82 5.69 10.54 0.27
CA LYS A 82 5.60 11.88 -0.28
C LYS A 82 6.04 11.93 -1.75
N ASP A 83 5.10 12.30 -2.61
CA ASP A 83 5.35 12.53 -4.04
C ASP A 83 6.05 11.34 -4.70
N TRP A 84 5.26 10.34 -5.05
CA TRP A 84 5.76 9.15 -5.73
C TRP A 84 5.12 9.03 -7.11
N ALA A 85 5.86 8.52 -8.08
CA ALA A 85 5.32 8.32 -9.41
C ALA A 85 4.83 6.90 -9.60
N LEU A 86 3.72 6.74 -10.34
CA LEU A 86 3.26 5.43 -10.76
C LEU A 86 4.40 4.62 -11.39
N GLY A 87 4.79 3.54 -10.73
CA GLY A 87 5.87 2.71 -11.22
C GLY A 87 7.22 3.13 -10.67
N GLU A 88 7.20 3.83 -9.53
CA GLU A 88 8.42 4.36 -8.94
C GLU A 88 8.77 3.63 -7.65
N GLU A 89 9.99 3.10 -7.61
CA GLU A 89 10.55 2.52 -6.40
C GLU A 89 11.28 3.62 -5.62
N PHE A 90 10.79 3.92 -4.44
CA PHE A 90 11.33 4.99 -3.63
C PHE A 90 11.63 4.52 -2.22
N GLN A 91 12.62 5.10 -1.58
CA GLN A 91 12.94 4.78 -0.21
C GLN A 91 12.07 5.61 0.73
N ASP A 92 11.65 5.00 1.82
CA ASP A 92 10.72 5.64 2.74
C ASP A 92 10.72 4.89 4.06
N GLU A 93 10.06 5.45 5.06
CA GLU A 93 9.90 4.75 6.32
C GLU A 93 8.54 4.12 6.36
N ALA A 94 8.52 2.81 6.32
CA ALA A 94 7.28 2.08 6.26
C ALA A 94 6.77 1.74 7.66
N LEU A 95 5.65 1.04 7.72
CA LEU A 95 5.02 0.68 8.99
C LEU A 95 6.01 -0.08 9.87
N ASP A 96 6.91 -0.81 9.22
CA ASP A 96 7.91 -1.62 9.94
C ASP A 96 9.05 -0.74 10.46
N SER A 97 8.83 0.57 10.41
CA SER A 97 9.65 1.57 11.10
C SER A 97 11.09 1.64 10.60
N THR A 98 11.36 1.07 9.45
CA THR A 98 12.69 1.17 8.85
C THR A 98 12.64 1.99 7.58
N GLN A 99 13.80 2.40 7.11
CA GLN A 99 13.91 3.22 5.91
C GLN A 99 14.32 2.33 4.77
N HIS A 100 13.37 1.91 3.96
CA HIS A 100 13.66 0.92 2.93
C HIS A 100 12.97 1.28 1.64
N LYS A 101 13.29 0.54 0.59
CA LYS A 101 12.72 0.79 -0.72
C LYS A 101 11.28 0.33 -0.76
N ILE A 102 10.49 1.01 -1.56
CA ILE A 102 9.08 0.70 -1.74
C ILE A 102 8.65 1.01 -3.17
N THR A 103 8.03 0.06 -3.81
CA THR A 103 7.57 0.26 -5.17
C THR A 103 6.06 0.43 -5.21
N PHE A 104 5.62 1.48 -5.89
CA PHE A 104 4.21 1.71 -6.13
C PHE A 104 3.93 1.55 -7.61
N ASP A 105 3.00 0.68 -7.95
CA ASP A 105 2.70 0.41 -9.35
C ASP A 105 1.35 -0.28 -9.48
N LEU A 106 0.82 -0.29 -10.68
CA LEU A 106 -0.46 -0.94 -10.95
C LEU A 106 -0.24 -2.29 -11.57
N LYS A 107 -0.55 -3.33 -10.83
CA LYS A 107 -0.30 -4.69 -11.29
C LYS A 107 -1.37 -5.07 -12.29
N ASP A 108 -2.58 -4.67 -11.97
CA ASP A 108 -3.72 -4.83 -12.86
C ASP A 108 -4.49 -3.53 -12.86
N PRO A 109 -5.36 -3.30 -13.85
CA PRO A 109 -6.14 -2.06 -13.97
C PRO A 109 -7.20 -1.93 -12.87
N ASN A 110 -7.18 -2.87 -11.93
CA ASN A 110 -8.06 -2.82 -10.77
C ASN A 110 -7.30 -3.17 -9.50
N THR A 111 -5.97 -3.17 -9.58
CA THR A 111 -5.14 -3.56 -8.45
C THR A 111 -3.84 -2.75 -8.39
N LEU A 112 -3.73 -1.91 -7.37
CA LEU A 112 -2.52 -1.15 -7.11
C LEU A 112 -1.64 -1.95 -6.16
N THR A 113 -0.35 -2.06 -6.42
CA THR A 113 0.51 -2.83 -5.55
C THR A 113 1.58 -1.96 -4.89
N GLU A 114 1.72 -2.13 -3.58
CA GLU A 114 2.75 -1.47 -2.81
C GLU A 114 3.75 -2.52 -2.30
N THR A 115 4.92 -2.58 -2.90
CA THR A 115 5.90 -3.58 -2.53
C THR A 115 6.98 -2.97 -1.65
N HIS A 116 7.06 -3.43 -0.41
CA HIS A 116 8.08 -2.96 0.51
C HIS A 116 9.33 -3.82 0.40
N ILE A 117 10.42 -3.23 -0.06
CA ILE A 117 11.69 -3.93 -0.12
C ILE A 117 12.64 -3.39 0.94
N LYS A 118 12.80 -4.15 1.99
CA LYS A 118 13.73 -3.81 3.06
C LYS A 118 15.15 -3.69 2.51
N VAL A 119 15.71 -2.50 2.65
CA VAL A 119 17.07 -2.23 2.22
C VAL A 119 18.07 -3.07 2.99
N ASP A 120 17.66 -3.51 4.17
CA ASP A 120 18.48 -4.35 5.01
C ASP A 120 18.41 -5.80 4.54
N ASP A 121 17.19 -6.26 4.26
CA ASP A 121 16.97 -7.62 3.78
C ASP A 121 15.90 -7.61 2.70
N PRO A 122 16.33 -7.47 1.45
CA PRO A 122 15.43 -7.35 0.30
C PRO A 122 14.74 -8.66 -0.07
N THR A 123 15.03 -9.73 0.66
CA THR A 123 14.38 -11.00 0.41
C THR A 123 13.15 -11.18 1.29
N ASP A 124 13.03 -10.32 2.28
CA ASP A 124 11.85 -10.31 3.14
C ASP A 124 10.90 -9.21 2.72
N VAL A 125 10.53 -9.23 1.46
CA VAL A 125 9.60 -8.27 0.90
C VAL A 125 8.18 -8.50 1.39
N GLU A 126 7.39 -7.45 1.26
CA GLU A 126 5.99 -7.50 1.65
C GLU A 126 5.18 -6.65 0.69
N THR A 127 4.08 -7.20 0.18
CA THR A 127 3.33 -6.56 -0.87
C THR A 127 1.88 -6.34 -0.48
N TYR A 128 1.49 -5.09 -0.46
CA TYR A 128 0.13 -4.68 -0.14
C TYR A 128 -0.56 -4.40 -1.46
N GLU A 129 -1.86 -4.64 -1.58
CA GLU A 129 -2.53 -4.53 -2.86
C GLU A 129 -3.87 -3.82 -2.66
N TYR A 130 -4.08 -2.76 -3.41
CA TYR A 130 -5.27 -1.93 -3.23
C TYR A 130 -6.29 -2.19 -4.33
N ARG A 131 -7.47 -2.62 -3.91
CA ARG A 131 -8.58 -2.85 -4.81
C ARG A 131 -9.79 -2.04 -4.36
N ARG A 132 -10.67 -1.70 -5.27
CA ARG A 132 -11.86 -0.94 -4.91
C ARG A 132 -13.10 -1.81 -5.06
N ASP A 133 -13.92 -1.82 -4.03
CA ASP A 133 -15.19 -2.52 -4.09
C ASP A 133 -16.32 -1.58 -3.73
N GLY A 134 -16.86 -0.93 -4.75
CA GLY A 134 -17.92 0.04 -4.54
C GLY A 134 -17.42 1.26 -3.81
N ASP A 135 -17.79 1.37 -2.55
CA ASP A 135 -17.37 2.50 -1.74
C ASP A 135 -16.25 2.10 -0.78
N TYR A 136 -15.87 0.83 -0.81
CA TYR A 136 -14.85 0.34 0.10
C TYR A 136 -13.51 0.20 -0.60
N LEU A 137 -12.45 0.66 0.05
CA LEU A 137 -11.09 0.37 -0.39
C LEU A 137 -10.71 -0.97 0.23
N VAL A 138 -10.55 -1.97 -0.61
CA VAL A 138 -10.36 -3.33 -0.14
C VAL A 138 -8.88 -3.67 -0.14
N MET A 139 -8.30 -3.65 1.04
CA MET A 139 -6.91 -3.96 1.23
C MET A 139 -6.69 -5.44 1.01
N LYS A 140 -5.73 -5.79 0.18
CA LYS A 140 -5.41 -7.18 -0.08
C LYS A 140 -3.93 -7.41 0.17
N MET A 141 -3.59 -8.49 0.84
CA MET A 141 -2.21 -8.83 1.09
C MET A 141 -2.10 -10.31 1.43
N SER A 142 -1.07 -10.98 0.95
CA SER A 142 -0.94 -12.40 1.18
C SER A 142 0.51 -12.81 1.40
N TRP A 143 0.69 -13.83 2.22
CA TRP A 143 2.00 -14.40 2.50
C TRP A 143 1.84 -15.84 2.92
N LYS A 144 2.66 -16.71 2.35
CA LYS A 144 2.66 -18.12 2.67
C LYS A 144 1.27 -18.74 2.45
N GLY A 145 0.59 -18.30 1.40
CA GLY A 145 -0.73 -18.81 1.10
C GLY A 145 -1.81 -18.12 1.92
N VAL A 146 -1.41 -17.48 3.00
CA VAL A 146 -2.35 -16.79 3.88
C VAL A 146 -2.75 -15.45 3.29
N SER A 147 -4.00 -15.32 2.89
CA SER A 147 -4.50 -14.09 2.32
C SER A 147 -5.37 -13.34 3.31
N THR A 148 -5.14 -12.04 3.38
CA THR A 148 -5.92 -11.19 4.26
C THR A 148 -6.50 -10.01 3.48
N SER A 149 -7.62 -9.49 3.96
CA SER A 149 -8.23 -8.32 3.36
C SER A 149 -8.84 -7.43 4.43
N ARG A 150 -8.53 -6.14 4.38
CA ARG A 150 -9.18 -5.17 5.22
C ARG A 150 -10.26 -4.46 4.43
N TYR A 151 -11.31 -4.05 5.10
CA TYR A 151 -12.37 -3.31 4.45
C TYR A 151 -12.35 -1.87 4.91
N TYR A 152 -11.78 -1.02 4.06
CA TYR A 152 -11.58 0.38 4.40
C TYR A 152 -12.77 1.21 3.94
N LYS A 153 -13.33 1.95 4.87
CA LYS A 153 -14.44 2.84 4.60
C LYS A 153 -13.86 4.18 4.19
N LYS A 154 -14.59 4.99 3.46
CA LYS A 154 -14.20 6.39 3.30
C LYS A 154 -14.12 7.08 4.68
N GLN A 155 -13.44 8.20 4.77
CA GLN A 155 -13.54 9.05 5.95
C GLN A 155 -14.94 9.62 6.14
N MET A 1 -7.64 5.21 -29.78
CA MET A 1 -7.33 5.76 -28.44
C MET A 1 -5.83 5.75 -28.20
N ARG A 2 -5.30 4.62 -27.80
CA ARG A 2 -3.88 4.49 -27.52
C ARG A 2 -3.29 3.40 -28.41
N GLY A 3 -2.50 3.83 -29.39
CA GLY A 3 -1.85 2.89 -30.27
C GLY A 3 -0.87 2.00 -29.53
N SER A 4 -0.10 2.62 -28.65
CA SER A 4 0.84 1.91 -27.78
C SER A 4 1.85 1.12 -28.60
N HIS A 5 2.45 1.77 -29.59
CA HIS A 5 3.51 1.14 -30.36
C HIS A 5 4.76 0.99 -29.50
N HIS A 6 4.92 1.92 -28.56
CA HIS A 6 5.91 1.82 -27.48
C HIS A 6 5.90 3.11 -26.65
N HIS A 7 5.52 2.99 -25.39
CA HIS A 7 5.53 4.12 -24.47
C HIS A 7 5.42 3.63 -23.03
N HIS A 8 6.56 3.53 -22.36
CA HIS A 8 6.58 3.12 -20.97
C HIS A 8 6.69 4.34 -20.06
N HIS A 9 7.65 5.20 -20.34
CA HIS A 9 7.83 6.43 -19.56
C HIS A 9 6.77 7.45 -19.94
N HIS A 10 6.29 7.34 -21.18
CA HIS A 10 5.15 8.13 -21.62
C HIS A 10 3.91 7.25 -21.68
N GLY A 11 3.90 6.23 -20.83
CA GLY A 11 2.78 5.32 -20.78
C GLY A 11 2.53 4.82 -19.37
N SER A 12 2.77 5.69 -18.40
CA SER A 12 2.54 5.35 -17.01
C SER A 12 1.06 5.41 -16.70
N LYS A 13 0.54 4.32 -16.16
CA LYS A 13 -0.87 4.21 -15.83
C LYS A 13 -1.20 5.11 -14.65
N THR A 14 -1.65 6.32 -14.94
CA THR A 14 -1.91 7.32 -13.92
C THR A 14 -3.00 6.83 -12.96
N LEU A 15 -2.89 7.20 -11.69
CA LEU A 15 -3.85 6.74 -10.68
C LEU A 15 -5.26 7.15 -11.05
N PRO A 16 -6.15 6.16 -11.19
CA PRO A 16 -7.56 6.39 -11.41
C PRO A 16 -8.24 6.88 -10.13
N ASP A 17 -9.14 7.85 -10.29
CA ASP A 17 -9.83 8.49 -9.18
C ASP A 17 -10.47 7.50 -8.22
N LYS A 18 -10.77 6.30 -8.72
CA LYS A 18 -11.39 5.26 -7.92
C LYS A 18 -10.54 4.89 -6.70
N PHE A 19 -9.22 5.03 -6.78
CA PHE A 19 -8.37 4.66 -5.66
C PHE A 19 -8.11 5.86 -4.75
N LEU A 20 -8.63 7.02 -5.12
CA LEU A 20 -8.26 8.25 -4.44
C LEU A 20 -9.26 8.62 -3.36
N GLY A 21 -8.74 9.32 -2.34
CA GLY A 21 -9.54 9.70 -1.21
C GLY A 21 -8.94 9.23 0.10
N THR A 22 -9.40 9.78 1.20
CA THR A 22 -8.98 9.32 2.50
C THR A 22 -9.94 8.24 3.00
N PHE A 23 -9.40 7.08 3.32
CA PHE A 23 -10.21 5.94 3.70
C PHE A 23 -9.93 5.52 5.15
N LYS A 24 -10.98 5.37 5.96
CA LYS A 24 -10.79 4.82 7.30
C LYS A 24 -10.96 3.30 7.28
N LEU A 25 -10.04 2.61 7.93
CA LEU A 25 -10.16 1.18 8.13
C LEU A 25 -11.46 0.88 8.86
N GLU A 26 -12.29 0.02 8.30
CA GLU A 26 -13.57 -0.29 8.91
C GLU A 26 -13.50 -1.64 9.62
N ARG A 27 -12.93 -2.63 8.95
CA ARG A 27 -12.80 -3.97 9.49
C ARG A 27 -11.68 -4.72 8.78
N ASP A 28 -11.41 -5.94 9.22
CA ASP A 28 -10.38 -6.76 8.59
C ASP A 28 -10.74 -8.24 8.67
N GLU A 29 -10.02 -9.04 7.87
CA GLU A 29 -10.31 -10.45 7.76
C GLU A 29 -9.02 -11.25 7.53
N ASN A 30 -8.79 -12.24 8.41
CA ASN A 30 -7.66 -13.18 8.27
C ASN A 30 -6.32 -12.46 8.53
N PHE A 31 -6.40 -11.36 9.27
CA PHE A 31 -5.22 -10.52 9.49
C PHE A 31 -4.29 -11.15 10.52
N ASP A 32 -4.86 -11.78 11.54
CA ASP A 32 -4.06 -12.47 12.56
C ASP A 32 -3.21 -13.56 11.91
N GLU A 33 -3.84 -14.37 11.06
CA GLU A 33 -3.14 -15.40 10.32
C GLU A 33 -1.98 -14.82 9.52
N TYR A 34 -2.22 -13.68 8.88
CA TYR A 34 -1.16 -12.98 8.16
C TYR A 34 -0.02 -12.62 9.09
N LEU A 35 -0.35 -12.17 10.30
CA LEU A 35 0.66 -11.75 11.26
C LEU A 35 1.49 -12.94 11.72
N LYS A 36 0.84 -14.07 11.89
CA LYS A 36 1.53 -15.31 12.25
C LYS A 36 2.53 -15.68 11.17
N ALA A 37 2.04 -15.70 9.93
CA ALA A 37 2.87 -16.02 8.78
C ALA A 37 4.00 -14.99 8.63
N ARG A 38 3.67 -13.73 8.88
CA ARG A 38 4.62 -12.64 8.72
C ARG A 38 5.71 -12.67 9.81
N GLY A 39 5.52 -13.54 10.80
CA GLY A 39 6.56 -13.75 11.78
C GLY A 39 6.33 -12.99 13.08
N TYR A 40 5.07 -12.78 13.42
CA TYR A 40 4.72 -12.13 14.69
C TYR A 40 4.14 -13.16 15.65
N GLY A 41 4.86 -13.35 16.76
CA GLY A 41 4.55 -14.40 17.72
C GLY A 41 3.22 -14.19 18.43
N TRP A 42 3.11 -13.14 19.21
CA TRP A 42 1.89 -12.89 19.98
C TRP A 42 1.74 -11.42 20.32
N ILE A 43 2.71 -10.88 21.06
CA ILE A 43 2.67 -9.49 21.51
C ILE A 43 2.42 -8.53 20.35
N MET A 44 3.19 -8.68 19.29
CA MET A 44 3.04 -7.86 18.11
C MET A 44 1.64 -7.97 17.53
N ARG A 45 1.08 -9.17 17.54
CA ARG A 45 -0.26 -9.37 16.99
C ARG A 45 -1.28 -8.58 17.80
N GLN A 46 -0.95 -8.34 19.06
CA GLN A 46 -1.84 -7.60 19.94
C GLN A 46 -1.75 -6.11 19.66
N VAL A 47 -0.65 -5.69 19.05
CA VAL A 47 -0.48 -4.30 18.65
C VAL A 47 -1.01 -4.09 17.24
N ILE A 48 -0.34 -4.74 16.29
CA ILE A 48 -0.56 -4.57 14.85
C ILE A 48 -2.03 -4.57 14.42
N LYS A 49 -2.81 -5.56 14.85
CA LYS A 49 -4.18 -5.66 14.36
C LYS A 49 -5.14 -4.73 15.12
N LEU A 50 -4.62 -4.05 16.14
CA LEU A 50 -5.42 -3.11 16.91
C LEU A 50 -5.23 -1.69 16.40
N ALA A 51 -4.31 -1.52 15.45
CA ALA A 51 -4.03 -0.23 14.88
C ALA A 51 -5.06 0.14 13.81
N GLY A 52 -5.92 1.09 14.14
CA GLY A 52 -6.94 1.54 13.20
C GLY A 52 -6.39 2.55 12.21
N VAL A 53 -5.42 2.13 11.42
CA VAL A 53 -4.79 2.96 10.41
C VAL A 53 -5.79 3.59 9.43
N THR A 54 -5.47 4.80 9.01
CA THR A 54 -6.23 5.54 8.02
C THR A 54 -5.35 5.79 6.80
N LYS A 55 -5.84 5.43 5.61
CA LYS A 55 -5.05 5.55 4.40
C LYS A 55 -5.51 6.76 3.58
N LYS A 56 -4.54 7.47 3.01
CA LYS A 56 -4.83 8.70 2.27
C LYS A 56 -4.26 8.65 0.87
N PHE A 57 -5.12 8.49 -0.13
CA PHE A 57 -4.70 8.51 -1.52
C PHE A 57 -5.03 9.86 -2.12
N ARG A 58 -4.02 10.59 -2.55
CA ARG A 58 -4.23 11.89 -3.16
C ARG A 58 -3.13 12.23 -4.16
N ASN A 59 -3.33 13.33 -4.87
CA ASN A 59 -2.30 13.88 -5.76
C ASN A 59 -1.04 14.17 -4.95
N ALA A 60 0.11 14.28 -5.61
CA ALA A 60 1.39 14.42 -4.91
C ALA A 60 1.40 15.60 -3.97
N ALA A 61 2.21 15.49 -2.92
CA ALA A 61 2.33 16.53 -1.92
C ALA A 61 2.58 17.89 -2.57
N SER A 62 3.69 17.97 -3.30
CA SER A 62 4.10 19.20 -3.96
C SER A 62 3.31 19.48 -5.24
N GLY A 63 2.14 18.88 -5.38
CA GLY A 63 1.29 19.14 -6.53
C GLY A 63 1.92 18.73 -7.86
N LYS A 64 2.65 17.63 -7.86
CA LYS A 64 3.25 17.14 -9.09
C LYS A 64 2.24 16.30 -9.86
N PRO A 65 2.12 16.53 -11.18
CA PRO A 65 1.15 15.81 -12.02
C PRO A 65 1.54 14.36 -12.25
N ASP A 66 0.54 13.49 -12.23
CA ASP A 66 0.70 12.04 -12.43
C ASP A 66 1.28 11.38 -11.18
N ARG A 67 2.20 12.05 -10.53
CA ARG A 67 2.69 11.63 -9.23
C ARG A 67 1.64 11.89 -8.15
N TYR A 68 1.55 10.98 -7.19
CA TYR A 68 0.56 11.05 -6.14
C TYR A 68 1.22 10.91 -4.76
N ASP A 69 0.39 10.91 -3.72
CA ASP A 69 0.86 10.83 -2.35
C ASP A 69 -0.04 9.87 -1.57
N MET A 70 0.54 9.11 -0.65
CA MET A 70 -0.23 8.12 0.11
C MET A 70 0.30 8.00 1.53
N GLU A 71 -0.57 8.20 2.49
CA GLU A 71 -0.19 8.13 3.89
C GLU A 71 -0.89 6.99 4.62
N ASN A 72 -0.23 6.49 5.66
CA ASN A 72 -0.82 5.49 6.54
C ASN A 72 -0.74 5.98 7.98
N LEU A 73 -1.79 6.65 8.42
CA LEU A 73 -1.84 7.16 9.78
C LEU A 73 -2.35 6.07 10.71
N THR A 74 -1.49 5.58 11.59
CA THR A 74 -1.87 4.48 12.44
C THR A 74 -1.84 4.91 13.89
N THR A 75 -1.91 3.96 14.80
CA THR A 75 -1.95 4.28 16.21
C THR A 75 -0.58 4.18 16.84
N LYS A 76 0.24 3.27 16.32
CA LYS A 76 1.58 3.03 16.86
C LYS A 76 2.65 3.46 15.86
N LYS A 77 2.21 4.01 14.74
CA LYS A 77 3.12 4.40 13.69
C LYS A 77 2.53 5.53 12.86
N ASP A 78 2.95 5.58 11.60
CA ASP A 78 2.62 6.65 10.66
C ASP A 78 3.64 6.63 9.54
N THR A 79 3.15 6.57 8.32
CA THR A 79 4.03 6.58 7.17
C THR A 79 3.51 7.57 6.13
N HIS A 80 4.41 8.11 5.34
CA HIS A 80 4.02 9.10 4.35
C HIS A 80 4.80 8.87 3.07
N HIS A 81 4.16 8.20 2.12
CA HIS A 81 4.73 8.05 0.79
C HIS A 81 4.63 9.38 0.07
N LYS A 82 5.59 10.24 0.33
CA LYS A 82 5.54 11.61 -0.15
C LYS A 82 6.01 11.74 -1.59
N ASP A 83 5.05 12.03 -2.46
CA ASP A 83 5.32 12.34 -3.87
C ASP A 83 5.93 11.12 -4.59
N TRP A 84 5.08 10.15 -4.88
CA TRP A 84 5.50 8.94 -5.57
C TRP A 84 4.75 8.80 -6.89
N ALA A 85 5.31 8.04 -7.81
CA ALA A 85 4.63 7.74 -9.06
C ALA A 85 4.42 6.25 -9.21
N LEU A 86 3.35 5.85 -9.87
CA LEU A 86 3.22 4.46 -10.26
C LEU A 86 4.32 4.10 -11.25
N GLY A 87 4.79 2.88 -11.15
CA GLY A 87 5.96 2.46 -11.89
C GLY A 87 7.25 2.93 -11.23
N GLU A 88 7.12 3.61 -10.09
CA GLU A 88 8.27 4.18 -9.42
C GLU A 88 8.63 3.37 -8.17
N GLU A 89 9.91 3.43 -7.82
CA GLU A 89 10.44 2.73 -6.66
C GLU A 89 11.15 3.74 -5.77
N PHE A 90 10.56 4.04 -4.63
CA PHE A 90 11.08 5.09 -3.76
C PHE A 90 11.49 4.53 -2.41
N GLN A 91 12.38 5.23 -1.74
CA GLN A 91 12.78 4.86 -0.39
C GLN A 91 11.90 5.59 0.61
N ASP A 92 11.50 4.90 1.66
CA ASP A 92 10.57 5.45 2.64
C ASP A 92 10.59 4.58 3.88
N GLU A 93 10.01 5.06 4.97
CA GLU A 93 9.95 4.30 6.20
C GLU A 93 8.56 3.74 6.36
N ALA A 94 8.49 2.42 6.29
CA ALA A 94 7.23 1.72 6.31
C ALA A 94 6.74 1.48 7.73
N LEU A 95 5.54 0.92 7.84
CA LEU A 95 4.93 0.62 9.13
C LEU A 95 5.73 -0.41 9.89
N ASP A 96 6.59 -1.12 9.15
CA ASP A 96 7.44 -2.15 9.73
C ASP A 96 8.60 -1.57 10.54
N SER A 97 8.58 -0.25 10.75
CA SER A 97 9.53 0.44 11.63
C SER A 97 10.91 0.59 11.00
N THR A 98 11.10 0.06 9.80
CA THR A 98 12.36 0.26 9.10
C THR A 98 12.12 0.97 7.78
N GLN A 99 13.18 1.48 7.17
CA GLN A 99 13.04 2.18 5.93
C GLN A 99 13.76 1.43 4.83
N HIS A 100 13.07 1.27 3.72
CA HIS A 100 13.54 0.43 2.63
C HIS A 100 12.91 0.89 1.33
N LYS A 101 13.16 0.16 0.26
CA LYS A 101 12.58 0.54 -1.02
C LYS A 101 11.14 0.08 -1.10
N ILE A 102 10.34 0.85 -1.80
CA ILE A 102 8.94 0.55 -2.00
C ILE A 102 8.54 0.88 -3.44
N THR A 103 7.85 -0.04 -4.08
CA THR A 103 7.43 0.18 -5.45
C THR A 103 5.91 0.21 -5.56
N PHE A 104 5.41 1.24 -6.21
CA PHE A 104 4.00 1.37 -6.51
C PHE A 104 3.83 1.17 -7.99
N ASP A 105 2.84 0.39 -8.39
CA ASP A 105 2.63 0.11 -9.79
C ASP A 105 1.18 -0.25 -10.05
N LEU A 106 0.64 0.26 -11.14
CA LEU A 106 -0.70 -0.08 -11.55
C LEU A 106 -0.69 -1.42 -12.22
N LYS A 107 -1.24 -2.41 -11.55
CA LYS A 107 -1.19 -3.79 -12.02
C LYS A 107 -2.34 -4.02 -12.97
N ASP A 108 -3.54 -3.72 -12.48
CA ASP A 108 -4.73 -3.76 -13.28
C ASP A 108 -5.53 -2.50 -12.99
N PRO A 109 -6.50 -2.15 -13.84
CA PRO A 109 -7.31 -0.93 -13.67
C PRO A 109 -8.20 -0.97 -12.43
N ASN A 110 -8.05 -2.04 -11.65
CA ASN A 110 -8.79 -2.20 -10.41
C ASN A 110 -7.88 -2.69 -9.30
N THR A 111 -6.55 -2.62 -9.52
CA THR A 111 -5.59 -3.10 -8.54
C THR A 111 -4.25 -2.36 -8.63
N LEU A 112 -3.97 -1.58 -7.59
CA LEU A 112 -2.68 -0.92 -7.43
C LEU A 112 -1.78 -1.82 -6.57
N THR A 113 -0.50 -1.95 -6.89
CA THR A 113 0.37 -2.81 -6.10
C THR A 113 1.42 -2.03 -5.34
N GLU A 114 1.58 -2.36 -4.07
CA GLU A 114 2.63 -1.77 -3.25
C GLU A 114 3.55 -2.86 -2.72
N THR A 115 4.77 -2.91 -3.24
CA THR A 115 5.72 -3.91 -2.82
C THR A 115 6.82 -3.29 -1.95
N HIS A 116 6.97 -3.83 -0.76
CA HIS A 116 8.00 -3.40 0.17
C HIS A 116 9.19 -4.34 0.04
N ILE A 117 10.36 -3.79 -0.26
CA ILE A 117 11.58 -4.58 -0.28
C ILE A 117 12.61 -3.97 0.66
N LYS A 118 13.01 -4.74 1.66
CA LYS A 118 14.00 -4.29 2.62
C LYS A 118 15.35 -4.04 1.96
N VAL A 119 15.81 -2.80 2.02
CA VAL A 119 17.12 -2.43 1.50
C VAL A 119 18.23 -3.13 2.25
N ASP A 120 17.92 -3.62 3.45
CA ASP A 120 18.87 -4.35 4.26
C ASP A 120 18.82 -5.85 3.95
N ASP A 121 17.61 -6.37 3.79
CA ASP A 121 17.41 -7.77 3.43
C ASP A 121 16.30 -7.90 2.40
N PRO A 122 16.66 -7.81 1.12
CA PRO A 122 15.70 -7.88 0.01
C PRO A 122 15.12 -9.27 -0.18
N THR A 123 15.49 -10.19 0.71
CA THR A 123 14.90 -11.52 0.71
C THR A 123 13.55 -11.47 1.42
N ASP A 124 13.43 -10.54 2.35
CA ASP A 124 12.17 -10.30 3.03
C ASP A 124 11.39 -9.22 2.28
N VAL A 125 10.26 -9.60 1.73
CA VAL A 125 9.45 -8.71 0.95
C VAL A 125 8.05 -8.64 1.53
N GLU A 126 7.21 -7.83 0.94
CA GLU A 126 5.85 -7.66 1.44
C GLU A 126 5.03 -6.85 0.44
N THR A 127 3.97 -7.43 -0.08
CA THR A 127 3.20 -6.77 -1.13
C THR A 127 1.74 -6.62 -0.74
N TYR A 128 1.27 -5.39 -0.77
CA TYR A 128 -0.13 -5.09 -0.61
C TYR A 128 -0.70 -4.87 -2.01
N GLU A 129 -2.00 -5.04 -2.20
CA GLU A 129 -2.62 -4.69 -3.44
C GLU A 129 -3.88 -3.90 -3.12
N TYR A 130 -3.97 -2.70 -3.64
CA TYR A 130 -5.11 -1.84 -3.40
C TYR A 130 -6.18 -2.12 -4.44
N ARG A 131 -7.23 -2.83 -4.04
CA ARG A 131 -8.30 -3.16 -4.95
C ARG A 131 -9.60 -2.49 -4.49
N ARG A 132 -10.47 -2.16 -5.43
CA ARG A 132 -11.71 -1.49 -5.12
C ARG A 132 -12.88 -2.47 -5.10
N ASP A 133 -13.72 -2.33 -4.10
CA ASP A 133 -14.95 -3.12 -4.02
C ASP A 133 -16.12 -2.21 -3.67
N GLY A 134 -16.74 -1.66 -4.69
CA GLY A 134 -17.82 -0.71 -4.49
C GLY A 134 -17.29 0.65 -4.09
N ASP A 135 -17.52 1.02 -2.84
CA ASP A 135 -17.02 2.29 -2.33
C ASP A 135 -15.90 2.06 -1.33
N TYR A 136 -15.42 0.82 -1.26
CA TYR A 136 -14.43 0.45 -0.28
C TYR A 136 -13.07 0.22 -0.92
N LEU A 137 -12.04 0.69 -0.24
CA LEU A 137 -10.67 0.40 -0.63
C LEU A 137 -10.23 -0.84 0.14
N VAL A 138 -9.87 -1.88 -0.57
CA VAL A 138 -9.64 -3.16 0.09
C VAL A 138 -8.16 -3.50 0.09
N MET A 139 -7.64 -3.71 1.28
CA MET A 139 -6.24 -4.07 1.44
C MET A 139 -6.05 -5.55 1.16
N LYS A 140 -5.16 -5.84 0.23
CA LYS A 140 -4.83 -7.21 -0.10
C LYS A 140 -3.39 -7.51 0.32
N MET A 141 -3.22 -8.35 1.32
CA MET A 141 -1.90 -8.71 1.81
C MET A 141 -1.77 -10.22 1.87
N SER A 142 -0.72 -10.77 1.28
CA SER A 142 -0.51 -12.20 1.30
C SER A 142 0.91 -12.56 1.71
N TRP A 143 1.01 -13.52 2.59
CA TRP A 143 2.31 -14.03 3.02
C TRP A 143 2.19 -15.49 3.36
N LYS A 144 3.10 -16.29 2.80
CA LYS A 144 3.10 -17.73 3.01
C LYS A 144 1.74 -18.35 2.65
N GLY A 145 1.14 -17.83 1.58
CA GLY A 145 -0.14 -18.34 1.14
C GLY A 145 -1.31 -17.74 1.90
N VAL A 146 -1.03 -17.03 2.98
CA VAL A 146 -2.07 -16.43 3.80
C VAL A 146 -2.45 -15.06 3.26
N SER A 147 -3.63 -14.97 2.67
CA SER A 147 -4.12 -13.69 2.17
C SER A 147 -5.15 -13.09 3.10
N THR A 148 -4.90 -11.86 3.48
CA THR A 148 -5.80 -11.12 4.35
C THR A 148 -6.39 -9.95 3.60
N SER A 149 -7.69 -9.76 3.75
CA SER A 149 -8.38 -8.64 3.13
C SER A 149 -8.90 -7.69 4.19
N ARG A 150 -8.29 -6.53 4.30
CA ARG A 150 -8.74 -5.53 5.26
C ARG A 150 -9.58 -4.50 4.54
N TYR A 151 -10.77 -4.24 5.07
CA TYR A 151 -11.75 -3.44 4.38
C TYR A 151 -11.72 -1.99 4.87
N TYR A 152 -11.31 -1.10 3.98
CA TYR A 152 -11.27 0.32 4.26
C TYR A 152 -12.43 1.01 3.57
N LYS A 153 -13.11 1.88 4.27
CA LYS A 153 -14.12 2.72 3.66
C LYS A 153 -13.58 4.13 3.63
N LYS A 154 -14.22 5.04 2.92
CA LYS A 154 -13.85 6.46 2.99
C LYS A 154 -13.82 6.96 4.46
N GLN A 155 -13.19 8.10 4.69
CA GLN A 155 -13.47 8.87 5.88
C GLN A 155 -14.64 9.81 5.63
N MET A 1 5.80 -4.81 -19.89
CA MET A 1 6.11 -3.78 -20.91
C MET A 1 5.23 -3.93 -22.13
N ARG A 2 4.61 -5.09 -22.29
CA ARG A 2 3.71 -5.34 -23.41
C ARG A 2 2.30 -5.62 -22.91
N GLY A 3 1.33 -5.56 -23.81
CA GLY A 3 -0.04 -5.82 -23.43
C GLY A 3 -1.00 -4.86 -24.09
N SER A 4 -2.16 -4.67 -23.48
CA SER A 4 -3.18 -3.79 -24.02
C SER A 4 -3.02 -2.38 -23.48
N HIS A 5 -1.97 -1.69 -23.91
CA HIS A 5 -1.74 -0.30 -23.54
C HIS A 5 -0.82 0.35 -24.57
N HIS A 6 -1.15 1.58 -24.94
CA HIS A 6 -0.48 2.25 -26.04
C HIS A 6 0.88 2.82 -25.61
N HIS A 7 1.87 2.67 -26.48
CA HIS A 7 3.21 3.21 -26.24
C HIS A 7 3.42 4.47 -27.06
N HIS A 8 4.67 4.94 -27.09
CA HIS A 8 5.06 6.15 -27.85
C HIS A 8 4.49 7.40 -27.18
N HIS A 9 3.19 7.61 -27.31
CA HIS A 9 2.52 8.71 -26.64
C HIS A 9 2.06 8.24 -25.26
N HIS A 10 3.01 8.02 -24.38
CA HIS A 10 2.71 7.48 -23.07
C HIS A 10 3.85 7.77 -22.09
N GLY A 11 3.59 8.66 -21.15
CA GLY A 11 4.57 8.97 -20.14
C GLY A 11 4.34 8.19 -18.87
N SER A 12 3.55 8.75 -17.99
CA SER A 12 3.22 8.09 -16.73
C SER A 12 1.78 7.63 -16.74
N LYS A 13 1.49 6.57 -16.00
CA LYS A 13 0.13 6.10 -15.84
C LYS A 13 -0.55 6.91 -14.75
N THR A 14 -1.50 7.74 -15.11
CA THR A 14 -2.15 8.60 -14.15
C THR A 14 -3.07 7.78 -13.24
N LEU A 15 -2.91 7.97 -11.95
CA LEU A 15 -3.72 7.26 -10.96
C LEU A 15 -5.18 7.69 -11.08
N PRO A 16 -6.08 6.73 -11.34
CA PRO A 16 -7.52 6.99 -11.35
C PRO A 16 -8.00 7.47 -9.99
N ASP A 17 -8.85 8.49 -10.02
CA ASP A 17 -9.40 9.09 -8.80
C ASP A 17 -10.14 8.05 -7.95
N LYS A 18 -10.55 6.97 -8.61
CA LYS A 18 -11.17 5.84 -7.95
C LYS A 18 -10.29 5.27 -6.83
N PHE A 19 -8.97 5.32 -6.98
CA PHE A 19 -8.07 4.80 -5.96
C PHE A 19 -7.70 5.88 -4.96
N LEU A 20 -8.20 7.09 -5.18
CA LEU A 20 -7.78 8.24 -4.39
C LEU A 20 -8.79 8.55 -3.28
N GLY A 21 -8.35 9.38 -2.35
CA GLY A 21 -9.20 9.78 -1.24
C GLY A 21 -8.61 9.35 0.08
N THR A 22 -9.41 9.34 1.12
CA THR A 22 -8.98 8.84 2.40
C THR A 22 -9.99 7.84 2.94
N PHE A 23 -9.48 6.78 3.54
CA PHE A 23 -10.33 5.71 4.04
C PHE A 23 -9.97 5.35 5.48
N LYS A 24 -10.97 5.23 6.34
CA LYS A 24 -10.73 4.69 7.67
C LYS A 24 -10.96 3.17 7.66
N LEU A 25 -10.05 2.47 8.33
CA LEU A 25 -10.17 1.02 8.52
C LEU A 25 -11.52 0.66 9.13
N GLU A 26 -12.30 -0.13 8.42
CA GLU A 26 -13.56 -0.64 8.94
C GLU A 26 -13.33 -1.98 9.63
N ARG A 27 -12.74 -2.92 8.91
CA ARG A 27 -12.51 -4.27 9.44
C ARG A 27 -11.51 -5.03 8.57
N ASP A 28 -11.35 -6.32 8.85
CA ASP A 28 -10.47 -7.19 8.07
C ASP A 28 -10.85 -8.64 8.27
N GLU A 29 -10.25 -9.53 7.48
CA GLU A 29 -10.52 -10.96 7.56
C GLU A 29 -9.22 -11.76 7.40
N ASN A 30 -8.96 -12.66 8.34
CA ASN A 30 -7.79 -13.58 8.28
C ASN A 30 -6.49 -12.80 8.52
N PHE A 31 -6.61 -11.66 9.18
CA PHE A 31 -5.49 -10.76 9.37
C PHE A 31 -4.50 -11.32 10.38
N ASP A 32 -5.02 -11.90 11.46
CA ASP A 32 -4.18 -12.52 12.49
C ASP A 32 -3.22 -13.55 11.88
N GLU A 33 -3.78 -14.49 11.13
CA GLU A 33 -2.99 -15.54 10.49
C GLU A 33 -1.94 -14.96 9.55
N TYR A 34 -2.29 -13.87 8.86
CA TYR A 34 -1.33 -13.18 8.00
C TYR A 34 -0.14 -12.67 8.81
N LEU A 35 -0.42 -12.17 10.01
CA LEU A 35 0.63 -11.64 10.87
C LEU A 35 1.58 -12.75 11.30
N LYS A 36 1.03 -13.93 11.55
CA LYS A 36 1.83 -15.10 11.89
C LYS A 36 2.75 -15.45 10.73
N ALA A 37 2.18 -15.41 9.54
CA ALA A 37 2.92 -15.70 8.32
C ALA A 37 4.07 -14.72 8.12
N ARG A 38 3.80 -13.44 8.34
CA ARG A 38 4.82 -12.40 8.15
C ARG A 38 5.90 -12.45 9.22
N GLY A 39 5.68 -13.26 10.25
CA GLY A 39 6.67 -13.42 11.28
C GLY A 39 6.49 -12.45 12.43
N TYR A 40 5.27 -11.98 12.60
CA TYR A 40 4.96 -11.09 13.71
C TYR A 40 4.53 -11.91 14.92
N GLY A 41 5.25 -11.73 16.01
CA GLY A 41 5.00 -12.49 17.21
C GLY A 41 3.76 -12.03 17.94
N TRP A 42 3.52 -12.63 19.10
CA TRP A 42 2.33 -12.38 19.88
C TRP A 42 2.14 -10.89 20.16
N ILE A 43 3.18 -10.26 20.68
CA ILE A 43 3.14 -8.84 21.00
C ILE A 43 2.74 -7.99 19.80
N MET A 44 3.44 -8.17 18.70
CA MET A 44 3.15 -7.43 17.48
C MET A 44 1.72 -7.63 17.04
N ARG A 45 1.25 -8.88 17.08
CA ARG A 45 -0.10 -9.18 16.66
C ARG A 45 -1.12 -8.46 17.54
N GLN A 46 -0.77 -8.25 18.80
CA GLN A 46 -1.64 -7.54 19.72
C GLN A 46 -1.68 -6.06 19.39
N VAL A 47 -0.61 -5.58 18.79
CA VAL A 47 -0.55 -4.19 18.34
C VAL A 47 -1.21 -4.03 16.97
N ILE A 48 -0.63 -4.69 15.98
CA ILE A 48 -1.05 -4.60 14.58
C ILE A 48 -2.56 -4.81 14.39
N LYS A 49 -3.15 -5.75 15.12
CA LYS A 49 -4.58 -6.05 14.94
C LYS A 49 -5.47 -4.98 15.56
N LEU A 50 -4.95 -4.25 16.54
CA LEU A 50 -5.76 -3.29 17.28
C LEU A 50 -5.46 -1.86 16.85
N ALA A 51 -4.61 -1.71 15.86
CA ALA A 51 -4.23 -0.40 15.36
C ALA A 51 -5.17 0.03 14.25
N GLY A 52 -5.84 1.15 14.46
CA GLY A 52 -6.68 1.73 13.43
C GLY A 52 -5.82 2.35 12.35
N VAL A 53 -6.27 2.25 11.10
CA VAL A 53 -5.47 2.70 9.98
C VAL A 53 -6.26 3.64 9.08
N THR A 54 -5.62 4.74 8.72
CA THR A 54 -6.19 5.69 7.77
C THR A 54 -5.37 5.73 6.49
N LYS A 55 -5.98 5.31 5.39
CA LYS A 55 -5.32 5.39 4.08
C LYS A 55 -5.59 6.75 3.46
N LYS A 56 -4.57 7.34 2.87
CA LYS A 56 -4.72 8.66 2.24
C LYS A 56 -4.00 8.71 0.90
N PHE A 57 -4.77 8.64 -0.17
CA PHE A 57 -4.24 8.76 -1.52
C PHE A 57 -4.64 10.11 -2.12
N ARG A 58 -3.66 10.93 -2.44
CA ARG A 58 -3.94 12.24 -3.00
C ARG A 58 -2.86 12.64 -4.01
N ASN A 59 -3.16 13.70 -4.76
CA ASN A 59 -2.18 14.31 -5.66
C ASN A 59 -0.92 14.66 -4.86
N ALA A 60 0.26 14.57 -5.50
CA ALA A 60 1.53 14.69 -4.79
C ALA A 60 1.71 16.05 -4.13
N ALA A 61 1.56 16.08 -2.81
CA ALA A 61 1.94 17.21 -1.96
C ALA A 61 1.31 18.54 -2.39
N SER A 62 1.77 19.08 -3.49
CA SER A 62 1.32 20.37 -3.98
C SER A 62 0.00 20.22 -4.73
N GLY A 63 -0.23 19.02 -5.24
CA GLY A 63 -1.44 18.75 -5.98
C GLY A 63 -1.14 18.44 -7.44
N LYS A 64 -0.01 17.79 -7.64
CA LYS A 64 0.49 17.50 -8.98
C LYS A 64 -0.05 16.15 -9.45
N PRO A 65 -0.36 16.01 -10.74
CA PRO A 65 -0.85 14.76 -11.31
C PRO A 65 0.30 13.85 -11.78
N ASP A 66 -0.04 12.59 -12.06
CA ASP A 66 0.91 11.59 -12.58
C ASP A 66 1.93 11.19 -11.53
N ARG A 67 1.84 11.85 -10.39
CA ARG A 67 2.61 11.54 -9.21
C ARG A 67 1.77 11.88 -8.00
N TYR A 68 1.70 10.97 -7.05
CA TYR A 68 0.75 11.10 -5.97
C TYR A 68 1.41 10.92 -4.62
N ASP A 69 0.62 11.12 -3.57
CA ASP A 69 1.07 11.05 -2.20
C ASP A 69 0.20 10.04 -1.45
N MET A 70 0.83 9.20 -0.63
CA MET A 70 0.12 8.14 0.06
C MET A 70 0.59 8.04 1.51
N GLU A 71 -0.36 8.08 2.43
CA GLU A 71 -0.02 8.08 3.84
C GLU A 71 -0.84 7.04 4.60
N ASN A 72 -0.21 6.42 5.58
CA ASN A 72 -0.85 5.43 6.43
C ASN A 72 -0.76 5.87 7.88
N LEU A 73 -1.75 6.61 8.33
CA LEU A 73 -1.77 7.08 9.70
C LEU A 73 -2.45 6.05 10.59
N THR A 74 -1.76 5.59 11.61
CA THR A 74 -2.29 4.57 12.48
C THR A 74 -2.17 5.01 13.93
N THR A 75 -2.49 4.12 14.85
CA THR A 75 -2.46 4.45 16.26
C THR A 75 -1.03 4.37 16.81
N LYS A 76 -0.21 3.57 16.16
CA LYS A 76 1.15 3.31 16.64
C LYS A 76 2.20 3.85 15.69
N LYS A 77 1.84 4.00 14.42
CA LYS A 77 2.83 4.28 13.40
C LYS A 77 2.43 5.45 12.51
N ASP A 78 2.99 5.44 11.31
CA ASP A 78 2.91 6.55 10.37
C ASP A 78 3.81 6.26 9.17
N THR A 79 3.36 6.63 7.98
CA THR A 79 4.17 6.55 6.78
C THR A 79 3.69 7.61 5.80
N HIS A 80 4.61 8.30 5.16
CA HIS A 80 4.23 9.38 4.28
C HIS A 80 4.96 9.23 2.96
N HIS A 81 4.39 8.42 2.08
CA HIS A 81 4.94 8.22 0.75
C HIS A 81 4.68 9.47 -0.08
N LYS A 82 5.57 10.44 0.03
CA LYS A 82 5.39 11.70 -0.66
C LYS A 82 6.00 11.70 -2.05
N ASP A 83 5.15 11.99 -3.04
CA ASP A 83 5.56 12.17 -4.43
C ASP A 83 6.09 10.86 -5.02
N TRP A 84 5.17 9.95 -5.33
CA TRP A 84 5.52 8.69 -5.97
C TRP A 84 4.66 8.48 -7.20
N ALA A 85 5.13 7.64 -8.10
CA ALA A 85 4.33 7.22 -9.23
C ALA A 85 4.31 5.70 -9.31
N LEU A 86 3.28 5.15 -9.93
CA LEU A 86 3.26 3.72 -10.20
C LEU A 86 4.40 3.37 -11.17
N GLY A 87 4.93 2.18 -11.01
CA GLY A 87 6.12 1.79 -11.72
C GLY A 87 7.36 2.47 -11.18
N GLU A 88 7.21 3.20 -10.09
CA GLU A 88 8.32 3.93 -9.49
C GLU A 88 8.66 3.36 -8.12
N GLU A 89 9.94 3.48 -7.76
CA GLU A 89 10.48 2.86 -6.56
C GLU A 89 11.28 3.91 -5.78
N PHE A 90 10.92 4.12 -4.52
CA PHE A 90 11.54 5.17 -3.72
C PHE A 90 11.93 4.67 -2.33
N GLN A 91 12.81 5.42 -1.68
CA GLN A 91 13.22 5.13 -0.30
C GLN A 91 12.23 5.76 0.66
N ASP A 92 11.82 5.01 1.67
CA ASP A 92 10.73 5.44 2.54
C ASP A 92 10.97 5.03 3.99
N GLU A 93 10.35 5.76 4.91
CA GLU A 93 10.41 5.43 6.32
C GLU A 93 9.20 4.57 6.64
N ALA A 94 9.39 3.28 6.49
CA ALA A 94 8.30 2.32 6.43
C ALA A 94 7.54 2.17 7.73
N LEU A 95 6.39 1.52 7.59
CA LEU A 95 5.44 1.34 8.68
C LEU A 95 5.97 0.36 9.70
N ASP A 96 6.81 -0.57 9.23
CA ASP A 96 7.43 -1.57 10.09
C ASP A 96 8.68 -1.02 10.78
N SER A 97 8.71 0.31 10.96
CA SER A 97 9.73 0.98 11.76
C SER A 97 11.13 0.79 11.18
N THR A 98 11.21 0.72 9.87
CA THR A 98 12.48 0.54 9.19
C THR A 98 12.63 1.54 8.05
N GLN A 99 13.79 1.56 7.43
CA GLN A 99 14.05 2.45 6.32
C GLN A 99 14.41 1.63 5.11
N HIS A 100 13.46 1.47 4.19
CA HIS A 100 13.70 0.61 3.04
C HIS A 100 12.96 1.12 1.83
N LYS A 101 13.15 0.45 0.69
CA LYS A 101 12.60 0.93 -0.54
C LYS A 101 11.17 0.44 -0.70
N ILE A 102 10.40 1.18 -1.46
CA ILE A 102 9.01 0.87 -1.69
C ILE A 102 8.65 1.16 -3.15
N THR A 103 7.90 0.26 -3.75
CA THR A 103 7.50 0.40 -5.13
C THR A 103 5.98 0.35 -5.26
N PHE A 104 5.43 1.17 -6.13
CA PHE A 104 4.02 1.13 -6.45
C PHE A 104 3.87 0.67 -7.88
N ASP A 105 2.78 -0.02 -8.18
CA ASP A 105 2.53 -0.47 -9.54
C ASP A 105 1.05 -0.68 -9.79
N LEU A 106 0.56 -0.12 -10.89
CA LEU A 106 -0.81 -0.33 -11.30
C LEU A 106 -0.87 -1.66 -12.04
N LYS A 107 -1.42 -2.66 -11.41
CA LYS A 107 -1.40 -4.02 -11.94
C LYS A 107 -2.56 -4.20 -12.90
N ASP A 108 -3.75 -3.97 -12.37
CA ASP A 108 -4.97 -4.05 -13.16
C ASP A 108 -5.77 -2.78 -12.91
N PRO A 109 -6.78 -2.47 -13.76
CA PRO A 109 -7.55 -1.23 -13.66
C PRO A 109 -8.41 -1.16 -12.39
N ASN A 110 -8.21 -2.11 -11.49
CA ASN A 110 -8.86 -2.12 -10.20
C ASN A 110 -7.92 -2.72 -9.15
N THR A 111 -6.61 -2.63 -9.41
CA THR A 111 -5.64 -3.17 -8.48
C THR A 111 -4.31 -2.41 -8.55
N LEU A 112 -4.07 -1.58 -7.55
CA LEU A 112 -2.77 -0.95 -7.35
C LEU A 112 -1.98 -1.81 -6.35
N THR A 113 -0.66 -1.81 -6.42
CA THR A 113 0.12 -2.60 -5.47
C THR A 113 1.23 -1.78 -4.84
N GLU A 114 1.44 -1.99 -3.55
CA GLU A 114 2.52 -1.34 -2.82
C GLU A 114 3.49 -2.41 -2.31
N THR A 115 4.66 -2.46 -2.92
CA THR A 115 5.65 -3.47 -2.59
C THR A 115 6.74 -2.89 -1.70
N HIS A 116 6.88 -3.45 -0.52
CA HIS A 116 7.88 -3.02 0.43
C HIS A 116 9.07 -3.97 0.39
N ILE A 117 10.25 -3.46 0.10
CA ILE A 117 11.46 -4.27 0.13
C ILE A 117 12.52 -3.69 1.06
N LYS A 118 12.85 -4.48 2.07
CA LYS A 118 13.90 -4.12 3.01
C LYS A 118 15.24 -3.97 2.31
N VAL A 119 15.74 -2.74 2.29
CA VAL A 119 17.04 -2.43 1.68
C VAL A 119 18.18 -3.21 2.33
N ASP A 120 17.96 -3.66 3.57
CA ASP A 120 18.97 -4.41 4.29
C ASP A 120 18.86 -5.90 3.97
N ASP A 121 17.64 -6.37 3.75
CA ASP A 121 17.39 -7.76 3.40
C ASP A 121 16.17 -7.85 2.50
N PRO A 122 16.42 -7.83 1.19
CA PRO A 122 15.35 -7.78 0.19
C PRO A 122 14.62 -9.11 0.00
N THR A 123 14.88 -10.08 0.88
CA THR A 123 14.19 -11.36 0.79
C THR A 123 12.87 -11.28 1.53
N ASP A 124 12.78 -10.36 2.49
CA ASP A 124 11.53 -10.16 3.21
C ASP A 124 10.69 -9.09 2.51
N VAL A 125 10.37 -9.36 1.26
CA VAL A 125 9.46 -8.55 0.51
C VAL A 125 8.09 -8.58 1.17
N GLU A 126 7.29 -7.55 0.94
CA GLU A 126 5.98 -7.47 1.54
C GLU A 126 5.08 -6.66 0.63
N THR A 127 3.94 -7.21 0.25
CA THR A 127 3.10 -6.54 -0.72
C THR A 127 1.65 -6.49 -0.24
N TYR A 128 1.07 -5.31 -0.36
CA TYR A 128 -0.35 -5.12 -0.14
C TYR A 128 -0.96 -4.76 -1.48
N GLU A 129 -2.25 -4.97 -1.68
CA GLU A 129 -2.86 -4.61 -2.95
C GLU A 129 -4.03 -3.69 -2.67
N TYR A 130 -4.18 -2.67 -3.48
CA TYR A 130 -5.28 -1.73 -3.36
C TYR A 130 -6.30 -2.01 -4.45
N ARG A 131 -7.20 -2.94 -4.17
CA ARG A 131 -8.28 -3.26 -5.09
C ARG A 131 -9.58 -2.84 -4.46
N ARG A 132 -10.48 -2.26 -5.24
CA ARG A 132 -11.71 -1.75 -4.67
C ARG A 132 -12.88 -2.65 -4.95
N ASP A 133 -13.74 -2.79 -3.94
CA ASP A 133 -14.91 -3.64 -4.02
C ASP A 133 -16.12 -2.83 -4.49
N GLY A 134 -15.97 -1.52 -4.41
CA GLY A 134 -17.05 -0.63 -4.78
C GLY A 134 -17.04 0.61 -3.91
N ASP A 135 -17.59 0.48 -2.72
CA ASP A 135 -17.57 1.56 -1.75
C ASP A 135 -16.35 1.42 -0.84
N TYR A 136 -15.82 0.20 -0.78
CA TYR A 136 -14.72 -0.09 0.12
C TYR A 136 -13.45 -0.36 -0.66
N LEU A 137 -12.36 0.16 -0.14
CA LEU A 137 -11.05 -0.17 -0.63
C LEU A 137 -10.63 -1.46 0.05
N VAL A 138 -10.24 -2.45 -0.71
CA VAL A 138 -9.90 -3.73 -0.14
C VAL A 138 -8.41 -3.96 -0.25
N MET A 139 -7.76 -3.90 0.89
CA MET A 139 -6.34 -4.17 0.95
C MET A 139 -6.12 -5.67 0.97
N LYS A 140 -5.38 -6.16 0.00
CA LYS A 140 -5.17 -7.58 -0.14
C LYS A 140 -3.74 -7.91 0.22
N MET A 141 -3.57 -8.64 1.31
CA MET A 141 -2.25 -8.97 1.82
C MET A 141 -2.12 -10.47 1.90
N SER A 142 -1.10 -11.03 1.26
CA SER A 142 -0.94 -12.47 1.24
C SER A 142 0.52 -12.88 1.49
N TRP A 143 0.69 -13.81 2.42
CA TRP A 143 2.02 -14.30 2.77
C TRP A 143 1.92 -15.71 3.31
N LYS A 144 2.85 -16.57 2.87
CA LYS A 144 2.86 -17.98 3.24
C LYS A 144 1.51 -18.66 3.00
N GLY A 145 0.88 -18.29 1.89
CA GLY A 145 -0.41 -18.87 1.53
C GLY A 145 -1.57 -18.24 2.26
N VAL A 146 -1.28 -17.42 3.27
CA VAL A 146 -2.32 -16.78 4.06
C VAL A 146 -2.70 -15.44 3.45
N SER A 147 -3.88 -15.37 2.88
CA SER A 147 -4.38 -14.14 2.31
C SER A 147 -5.42 -13.49 3.21
N THR A 148 -5.20 -12.22 3.49
CA THR A 148 -6.10 -11.45 4.32
C THR A 148 -6.68 -10.29 3.52
N SER A 149 -7.95 -10.01 3.75
CA SER A 149 -8.62 -8.91 3.07
C SER A 149 -9.05 -7.87 4.09
N ARG A 150 -8.50 -6.67 3.98
CA ARG A 150 -8.85 -5.59 4.89
C ARG A 150 -9.78 -4.61 4.19
N TYR A 151 -10.86 -4.24 4.86
CA TYR A 151 -11.89 -3.43 4.26
C TYR A 151 -11.84 -2.01 4.78
N TYR A 152 -11.49 -1.10 3.89
CA TYR A 152 -11.40 0.31 4.22
C TYR A 152 -12.51 1.10 3.54
N LYS A 153 -13.18 1.94 4.29
CA LYS A 153 -14.15 2.86 3.72
C LYS A 153 -13.68 4.26 4.02
N LYS A 154 -14.16 5.25 3.28
CA LYS A 154 -13.72 6.65 3.46
C LYS A 154 -13.58 7.04 4.95
N GLN A 155 -12.73 7.99 5.27
CA GLN A 155 -12.74 8.54 6.62
C GLN A 155 -14.10 9.10 6.97
N MET A 1 2.50 -3.29 -14.10
CA MET A 1 2.38 -2.46 -15.32
C MET A 1 3.25 -3.00 -16.43
N ARG A 2 2.64 -3.32 -17.57
CA ARG A 2 3.38 -3.78 -18.73
C ARG A 2 2.98 -2.97 -19.95
N GLY A 3 3.76 -3.08 -21.01
CA GLY A 3 3.45 -2.37 -22.24
C GLY A 3 4.11 -1.01 -22.28
N SER A 4 3.30 0.03 -22.15
CA SER A 4 3.78 1.41 -22.17
C SER A 4 4.45 1.75 -23.51
N HIS A 5 5.06 2.94 -23.58
CA HIS A 5 5.76 3.38 -24.79
C HIS A 5 4.80 3.47 -25.98
N HIS A 6 5.34 3.43 -27.19
CA HIS A 6 4.55 3.51 -28.43
C HIS A 6 4.02 4.92 -28.65
N HIS A 7 3.08 5.33 -27.80
CA HIS A 7 2.51 6.67 -27.89
C HIS A 7 1.92 7.07 -26.55
N HIS A 8 1.87 8.38 -26.30
CA HIS A 8 1.50 8.92 -24.99
C HIS A 8 2.52 8.50 -23.94
N HIS A 9 3.55 9.32 -23.78
CA HIS A 9 4.63 9.03 -22.84
C HIS A 9 4.15 9.14 -21.40
N HIS A 10 3.55 8.08 -20.90
CA HIS A 10 3.11 8.04 -19.51
C HIS A 10 3.82 6.92 -18.77
N GLY A 11 4.84 7.27 -18.01
CA GLY A 11 5.51 6.29 -17.18
C GLY A 11 4.61 5.86 -16.04
N SER A 12 3.93 6.83 -15.46
CA SER A 12 2.96 6.57 -14.41
C SER A 12 1.56 6.49 -15.00
N LYS A 13 1.00 5.30 -15.02
CA LYS A 13 -0.40 5.14 -15.33
C LYS A 13 -1.22 5.94 -14.33
N THR A 14 -2.07 6.78 -14.83
CA THR A 14 -2.77 7.75 -13.99
C THR A 14 -3.69 7.03 -13.02
N LEU A 15 -3.60 7.41 -11.75
CA LEU A 15 -4.33 6.75 -10.68
C LEU A 15 -5.83 6.90 -10.89
N PRO A 16 -6.53 5.77 -11.00
CA PRO A 16 -7.99 5.74 -11.03
C PRO A 16 -8.57 6.42 -9.79
N ASP A 17 -9.42 7.42 -10.03
CA ASP A 17 -10.04 8.20 -8.94
C ASP A 17 -10.69 7.31 -7.89
N LYS A 18 -11.08 6.11 -8.29
CA LYS A 18 -11.67 5.15 -7.37
C LYS A 18 -10.75 4.81 -6.20
N PHE A 19 -9.44 4.96 -6.38
CA PHE A 19 -8.49 4.65 -5.33
C PHE A 19 -8.13 5.88 -4.51
N LEU A 20 -8.67 7.03 -4.89
CA LEU A 20 -8.27 8.30 -4.29
C LEU A 20 -9.20 8.70 -3.16
N GLY A 21 -8.66 9.43 -2.21
CA GLY A 21 -9.39 9.83 -1.03
C GLY A 21 -8.78 9.25 0.21
N THR A 22 -9.41 9.47 1.35
CA THR A 22 -8.90 8.91 2.60
C THR A 22 -9.90 7.89 3.15
N PHE A 23 -9.36 6.83 3.70
CA PHE A 23 -10.18 5.72 4.17
C PHE A 23 -9.81 5.33 5.60
N LYS A 24 -10.81 5.20 6.47
CA LYS A 24 -10.59 4.61 7.78
C LYS A 24 -10.91 3.11 7.73
N LEU A 25 -10.03 2.29 8.30
CA LEU A 25 -10.24 0.85 8.37
C LEU A 25 -11.55 0.53 9.09
N GLU A 26 -12.42 -0.21 8.41
CA GLU A 26 -13.71 -0.59 9.00
C GLU A 26 -13.65 -2.02 9.55
N ARG A 27 -13.09 -2.94 8.78
CA ARG A 27 -12.97 -4.33 9.23
C ARG A 27 -11.79 -5.03 8.56
N ASP A 28 -11.58 -6.28 8.93
CA ASP A 28 -10.48 -7.07 8.40
C ASP A 28 -10.86 -8.55 8.45
N GLU A 29 -10.27 -9.33 7.56
CA GLU A 29 -10.57 -10.75 7.47
C GLU A 29 -9.27 -11.57 7.40
N ASN A 30 -9.06 -12.43 8.39
CA ASN A 30 -7.92 -13.35 8.41
C ASN A 30 -6.60 -12.57 8.55
N PHE A 31 -6.69 -11.44 9.23
CA PHE A 31 -5.54 -10.55 9.41
C PHE A 31 -4.60 -11.11 10.47
N ASP A 32 -5.17 -11.65 11.54
CA ASP A 32 -4.40 -12.31 12.59
C ASP A 32 -3.53 -13.41 12.00
N GLU A 33 -4.16 -14.31 11.26
CA GLU A 33 -3.48 -15.38 10.56
C GLU A 33 -2.32 -14.85 9.71
N TYR A 34 -2.58 -13.79 8.96
CA TYR A 34 -1.55 -13.18 8.12
C TYR A 34 -0.37 -12.69 8.96
N LEU A 35 -0.66 -12.16 10.14
CA LEU A 35 0.38 -11.64 11.01
C LEU A 35 1.31 -12.77 11.45
N LYS A 36 0.71 -13.93 11.71
CA LYS A 36 1.49 -15.11 12.08
C LYS A 36 2.35 -15.56 10.91
N ALA A 37 1.73 -15.63 9.73
CA ALA A 37 2.42 -16.01 8.51
C ALA A 37 3.64 -15.12 8.25
N ARG A 38 3.44 -13.82 8.40
CA ARG A 38 4.50 -12.84 8.15
C ARG A 38 5.60 -12.89 9.21
N GLY A 39 5.41 -13.71 10.22
CA GLY A 39 6.43 -13.87 11.23
C GLY A 39 6.30 -12.87 12.36
N TYR A 40 5.09 -12.37 12.57
CA TYR A 40 4.83 -11.51 13.70
C TYR A 40 4.42 -12.36 14.89
N GLY A 41 5.14 -12.20 15.99
CA GLY A 41 4.82 -12.94 17.19
C GLY A 41 3.64 -12.33 17.89
N TRP A 42 3.30 -12.86 19.07
CA TRP A 42 2.15 -12.36 19.82
C TRP A 42 2.25 -10.86 20.04
N ILE A 43 3.45 -10.40 20.37
CA ILE A 43 3.66 -9.01 20.73
C ILE A 43 3.21 -8.10 19.61
N MET A 44 3.74 -8.34 18.43
CA MET A 44 3.38 -7.55 17.28
C MET A 44 1.92 -7.79 16.92
N ARG A 45 1.53 -9.05 16.91
CA ARG A 45 0.17 -9.43 16.54
C ARG A 45 -0.85 -8.74 17.45
N GLN A 46 -0.45 -8.52 18.70
CA GLN A 46 -1.28 -7.82 19.66
C GLN A 46 -1.35 -6.34 19.31
N VAL A 47 -0.18 -5.74 19.09
CA VAL A 47 -0.07 -4.30 18.85
C VAL A 47 -0.70 -3.91 17.51
N ILE A 48 -0.25 -4.58 16.47
CA ILE A 48 -0.73 -4.37 15.10
C ILE A 48 -2.25 -4.31 15.00
N LYS A 49 -2.95 -5.16 15.72
CA LYS A 49 -4.40 -5.19 15.65
C LYS A 49 -5.04 -4.09 16.50
N LEU A 50 -4.24 -3.46 17.35
CA LEU A 50 -4.70 -2.31 18.14
C LEU A 50 -4.41 -1.01 17.39
N ALA A 51 -3.98 -1.15 16.15
CA ALA A 51 -3.66 0.01 15.34
C ALA A 51 -4.76 0.28 14.31
N GLY A 52 -5.51 1.36 14.55
CA GLY A 52 -6.46 1.82 13.56
C GLY A 52 -5.74 2.41 12.37
N VAL A 53 -6.16 2.06 11.17
CA VAL A 53 -5.40 2.42 9.97
C VAL A 53 -6.18 3.37 9.08
N THR A 54 -5.55 4.49 8.74
CA THR A 54 -6.14 5.45 7.83
C THR A 54 -5.30 5.57 6.55
N LYS A 55 -5.91 5.25 5.42
CA LYS A 55 -5.25 5.39 4.13
C LYS A 55 -5.56 6.76 3.53
N LYS A 56 -4.60 7.35 2.84
CA LYS A 56 -4.80 8.64 2.20
C LYS A 56 -4.16 8.69 0.82
N PHE A 57 -4.97 8.55 -0.21
CA PHE A 57 -4.50 8.63 -1.58
C PHE A 57 -4.91 9.96 -2.19
N ARG A 58 -3.96 10.65 -2.80
CA ARG A 58 -4.23 11.93 -3.41
C ARG A 58 -3.16 12.28 -4.42
N ASN A 59 -3.40 13.37 -5.14
CA ASN A 59 -2.39 13.94 -6.04
C ASN A 59 -1.22 14.44 -5.21
N ALA A 60 -0.03 14.50 -5.79
CA ALA A 60 1.16 14.89 -5.05
C ALA A 60 0.95 16.20 -4.31
N ALA A 61 1.31 16.19 -3.04
CA ALA A 61 1.03 17.30 -2.15
C ALA A 61 1.82 18.54 -2.56
N SER A 62 2.98 18.31 -3.15
CA SER A 62 3.81 19.38 -3.70
C SER A 62 3.14 20.12 -4.86
N GLY A 63 1.97 19.65 -5.27
CA GLY A 63 1.29 20.24 -6.41
C GLY A 63 1.92 19.83 -7.73
N LYS A 64 2.69 18.75 -7.71
CA LYS A 64 3.34 18.26 -8.92
C LYS A 64 2.44 17.27 -9.64
N PRO A 65 2.33 17.41 -10.97
CA PRO A 65 1.48 16.56 -11.79
C PRO A 65 2.09 15.17 -12.01
N ASP A 66 1.21 14.19 -12.23
CA ASP A 66 1.60 12.80 -12.54
C ASP A 66 1.89 12.06 -11.25
N ARG A 67 2.77 12.65 -10.45
CA ARG A 67 3.05 12.16 -9.10
C ARG A 67 1.81 12.21 -8.21
N TYR A 68 1.76 11.28 -7.27
CA TYR A 68 0.70 11.26 -6.28
C TYR A 68 1.31 11.24 -4.87
N ASP A 69 0.46 11.33 -3.86
CA ASP A 69 0.89 11.36 -2.47
C ASP A 69 0.04 10.38 -1.66
N MET A 70 0.70 9.59 -0.80
CA MET A 70 0.02 8.53 -0.06
C MET A 70 0.48 8.48 1.38
N GLU A 71 -0.45 8.40 2.32
CA GLU A 71 -0.12 8.36 3.73
C GLU A 71 -0.86 7.22 4.45
N ASN A 72 -0.18 6.63 5.44
CA ASN A 72 -0.76 5.59 6.27
C ASN A 72 -0.62 5.98 7.74
N LEU A 73 -1.72 6.38 8.35
CA LEU A 73 -1.72 6.74 9.76
C LEU A 73 -2.27 5.61 10.59
N THR A 74 -1.61 5.32 11.70
CA THR A 74 -2.04 4.27 12.60
C THR A 74 -1.89 4.77 14.03
N THR A 75 -2.11 3.90 15.00
CA THR A 75 -2.02 4.30 16.39
C THR A 75 -0.62 4.02 16.95
N LYS A 76 0.21 3.34 16.16
CA LYS A 76 1.55 2.97 16.60
C LYS A 76 2.62 3.46 15.64
N LYS A 77 2.21 3.91 14.46
CA LYS A 77 3.16 4.34 13.44
C LYS A 77 2.66 5.58 12.71
N ASP A 78 3.16 5.74 11.49
CA ASP A 78 2.94 6.95 10.68
C ASP A 78 3.89 6.94 9.49
N THR A 79 3.32 6.85 8.30
CA THR A 79 4.13 6.78 7.09
C THR A 79 3.53 7.71 6.03
N HIS A 80 4.38 8.35 5.25
CA HIS A 80 3.90 9.29 4.25
C HIS A 80 4.78 9.29 3.01
N HIS A 81 4.32 8.60 1.99
CA HIS A 81 5.05 8.49 0.73
C HIS A 81 4.84 9.76 -0.08
N LYS A 82 5.68 10.75 0.12
CA LYS A 82 5.59 12.00 -0.62
C LYS A 82 6.13 11.87 -2.04
N ASP A 83 5.28 12.20 -3.01
CA ASP A 83 5.69 12.32 -4.41
C ASP A 83 6.10 10.98 -5.01
N TRP A 84 5.16 10.05 -5.11
CA TRP A 84 5.43 8.77 -5.73
C TRP A 84 4.71 8.67 -7.07
N ALA A 85 5.31 7.97 -8.02
CA ALA A 85 4.69 7.78 -9.32
C ALA A 85 4.43 6.30 -9.58
N LEU A 86 3.36 6.01 -10.32
CA LEU A 86 3.11 4.65 -10.77
C LEU A 86 4.30 4.10 -11.56
N GLY A 87 4.74 2.92 -11.15
CA GLY A 87 5.87 2.29 -11.78
C GLY A 87 7.20 2.79 -11.22
N GLU A 88 7.14 3.49 -10.11
CA GLU A 88 8.32 4.06 -9.49
C GLU A 88 8.73 3.27 -8.25
N GLU A 89 10.02 3.28 -7.98
CA GLU A 89 10.59 2.56 -6.85
C GLU A 89 11.44 3.52 -6.02
N PHE A 90 11.03 3.74 -4.78
CA PHE A 90 11.68 4.71 -3.92
C PHE A 90 11.85 4.13 -2.53
N GLN A 91 12.78 4.70 -1.76
CA GLN A 91 12.98 4.26 -0.39
C GLN A 91 12.20 5.16 0.55
N ASP A 92 11.53 4.58 1.52
CA ASP A 92 10.66 5.34 2.41
C ASP A 92 10.41 4.58 3.70
N GLU A 93 9.88 5.27 4.71
CA GLU A 93 9.62 4.65 6.00
C GLU A 93 8.24 4.06 6.00
N ALA A 94 8.20 2.74 6.03
CA ALA A 94 6.95 2.02 5.96
C ALA A 94 6.40 1.65 7.33
N LEU A 95 5.21 1.06 7.35
CA LEU A 95 4.55 0.69 8.59
C LEU A 95 5.44 -0.20 9.46
N ASP A 96 6.31 -0.97 8.81
CA ASP A 96 7.18 -1.90 9.51
C ASP A 96 8.38 -1.19 10.14
N SER A 97 8.21 0.12 10.36
CA SER A 97 9.10 0.92 11.20
C SER A 97 10.44 1.26 10.52
N THR A 98 10.84 0.46 9.56
CA THR A 98 12.09 0.70 8.86
C THR A 98 11.87 1.47 7.57
N GLN A 99 12.95 1.93 6.98
CA GLN A 99 12.88 2.63 5.73
C GLN A 99 13.56 1.80 4.68
N HIS A 100 12.81 1.41 3.67
CA HIS A 100 13.29 0.44 2.72
C HIS A 100 12.74 0.71 1.34
N LYS A 101 13.19 -0.10 0.40
CA LYS A 101 12.76 -0.01 -0.98
C LYS A 101 11.25 -0.25 -1.09
N ILE A 102 10.58 0.62 -1.80
CA ILE A 102 9.15 0.50 -2.02
C ILE A 102 8.80 0.82 -3.46
N THR A 103 7.99 -0.01 -4.06
CA THR A 103 7.53 0.23 -5.41
C THR A 103 6.01 0.39 -5.44
N PHE A 104 5.57 1.47 -6.07
CA PHE A 104 4.15 1.69 -6.31
C PHE A 104 3.88 1.44 -7.78
N ASP A 105 2.96 0.53 -8.06
CA ASP A 105 2.75 0.08 -9.42
C ASP A 105 1.33 -0.43 -9.59
N LEU A 106 0.78 -0.25 -10.77
CA LEU A 106 -0.51 -0.82 -11.08
C LEU A 106 -0.33 -2.18 -11.72
N LYS A 107 -0.80 -3.20 -11.03
CA LYS A 107 -0.66 -4.56 -11.50
C LYS A 107 -1.79 -4.84 -12.48
N ASP A 108 -2.97 -4.41 -12.08
CA ASP A 108 -4.15 -4.47 -12.94
C ASP A 108 -4.74 -3.07 -12.98
N PRO A 109 -5.63 -2.77 -13.95
CA PRO A 109 -6.22 -1.45 -14.11
C PRO A 109 -7.17 -1.10 -12.97
N ASN A 110 -7.24 -1.98 -11.99
CA ASN A 110 -8.11 -1.80 -10.84
C ASN A 110 -7.45 -2.39 -9.59
N THR A 111 -6.12 -2.42 -9.58
CA THR A 111 -5.39 -2.92 -8.43
C THR A 111 -4.01 -2.26 -8.34
N LEU A 112 -3.85 -1.41 -7.33
CA LEU A 112 -2.57 -0.79 -7.02
C LEU A 112 -1.75 -1.74 -6.18
N THR A 113 -0.44 -1.80 -6.36
CA THR A 113 0.39 -2.66 -5.53
C THR A 113 1.51 -1.88 -4.88
N GLU A 114 1.71 -2.12 -3.59
CA GLU A 114 2.80 -1.49 -2.85
C GLU A 114 3.77 -2.57 -2.39
N THR A 115 4.88 -2.71 -3.11
CA THR A 115 5.84 -3.76 -2.83
C THR A 115 6.97 -3.23 -1.96
N HIS A 116 7.15 -3.83 -0.79
CA HIS A 116 8.17 -3.37 0.14
C HIS A 116 9.34 -4.36 0.17
N ILE A 117 10.54 -3.86 -0.14
CA ILE A 117 11.75 -4.66 -0.02
C ILE A 117 12.66 -4.03 1.03
N LYS A 118 12.83 -4.73 2.12
CA LYS A 118 13.64 -4.25 3.22
C LYS A 118 15.11 -4.12 2.81
N VAL A 119 15.65 -2.93 3.09
CA VAL A 119 17.04 -2.60 2.78
C VAL A 119 18.00 -3.56 3.45
N ASP A 120 17.60 -4.03 4.62
CA ASP A 120 18.42 -4.93 5.39
C ASP A 120 18.22 -6.37 4.93
N ASP A 121 16.96 -6.82 4.96
CA ASP A 121 16.64 -8.17 4.50
C ASP A 121 15.68 -8.13 3.33
N PRO A 122 16.22 -8.13 2.12
CA PRO A 122 15.43 -8.20 0.89
C PRO A 122 14.82 -9.59 0.71
N THR A 123 15.20 -10.49 1.59
CA THR A 123 14.65 -11.84 1.63
C THR A 123 13.29 -11.83 2.31
N ASP A 124 13.08 -10.85 3.17
CA ASP A 124 11.84 -10.74 3.92
C ASP A 124 10.98 -9.60 3.36
N VAL A 125 10.65 -9.70 2.08
CA VAL A 125 9.79 -8.74 1.42
C VAL A 125 8.36 -8.81 1.94
N GLU A 126 7.51 -7.95 1.40
CA GLU A 126 6.10 -7.93 1.76
C GLU A 126 5.36 -6.98 0.82
N THR A 127 4.15 -7.36 0.41
CA THR A 127 3.40 -6.56 -0.54
C THR A 127 1.92 -6.45 -0.15
N TYR A 128 1.41 -5.22 -0.22
CA TYR A 128 -0.02 -4.97 -0.05
C TYR A 128 -0.59 -4.62 -1.41
N GLU A 129 -1.89 -4.73 -1.62
CA GLU A 129 -2.47 -4.33 -2.90
C GLU A 129 -3.81 -3.65 -2.66
N TYR A 130 -4.05 -2.57 -3.39
CA TYR A 130 -5.26 -1.77 -3.22
C TYR A 130 -6.21 -1.95 -4.40
N ARG A 131 -7.32 -2.65 -4.17
CA ARG A 131 -8.34 -2.79 -5.21
C ARG A 131 -9.64 -2.16 -4.73
N ARG A 132 -10.60 -2.02 -5.64
CA ARG A 132 -11.87 -1.41 -5.30
C ARG A 132 -13.03 -2.39 -5.49
N ASP A 133 -13.57 -2.87 -4.40
CA ASP A 133 -14.69 -3.79 -4.45
C ASP A 133 -15.93 -3.14 -3.85
N GLY A 134 -16.77 -2.60 -4.71
CA GLY A 134 -17.97 -1.92 -4.25
C GLY A 134 -17.67 -0.51 -3.82
N ASP A 135 -18.10 -0.17 -2.60
CA ASP A 135 -17.86 1.16 -2.06
C ASP A 135 -16.72 1.15 -1.07
N TYR A 136 -15.95 0.07 -1.06
CA TYR A 136 -14.86 -0.08 -0.12
C TYR A 136 -13.55 -0.27 -0.84
N LEU A 137 -12.51 0.32 -0.30
CA LEU A 137 -11.17 0.06 -0.78
C LEU A 137 -10.71 -1.23 -0.14
N VAL A 138 -10.35 -2.20 -0.96
CA VAL A 138 -10.05 -3.50 -0.44
C VAL A 138 -8.59 -3.82 -0.64
N MET A 139 -7.89 -3.94 0.45
CA MET A 139 -6.48 -4.27 0.43
C MET A 139 -6.32 -5.77 0.61
N LYS A 140 -5.36 -6.34 -0.08
CA LYS A 140 -5.05 -7.74 0.08
C LYS A 140 -3.59 -7.86 0.47
N MET A 141 -3.35 -8.67 1.49
CA MET A 141 -2.01 -8.92 1.99
C MET A 141 -1.82 -10.43 2.06
N SER A 142 -0.84 -10.97 1.36
CA SER A 142 -0.69 -12.41 1.30
C SER A 142 0.76 -12.84 1.55
N TRP A 143 0.91 -13.88 2.34
CA TRP A 143 2.22 -14.45 2.64
C TRP A 143 2.09 -15.94 2.90
N LYS A 144 2.89 -16.73 2.20
CA LYS A 144 2.84 -18.19 2.28
C LYS A 144 1.43 -18.72 2.01
N GLY A 145 0.75 -18.11 1.05
CA GLY A 145 -0.61 -18.53 0.73
C GLY A 145 -1.64 -17.90 1.66
N VAL A 146 -1.25 -17.66 2.89
CA VAL A 146 -2.13 -17.05 3.89
C VAL A 146 -2.39 -15.60 3.50
N SER A 147 -3.65 -15.24 3.35
CA SER A 147 -3.98 -13.91 2.92
C SER A 147 -5.05 -13.29 3.78
N THR A 148 -5.14 -12.00 3.71
CA THR A 148 -6.11 -11.22 4.46
C THR A 148 -6.71 -10.13 3.58
N SER A 149 -8.01 -9.91 3.73
CA SER A 149 -8.69 -8.86 3.00
C SER A 149 -9.01 -7.71 3.95
N ARG A 150 -8.43 -6.57 3.69
CA ARG A 150 -8.61 -5.40 4.52
C ARG A 150 -9.63 -4.47 3.87
N TYR A 151 -10.76 -4.28 4.54
CA TYR A 151 -11.84 -3.46 3.99
C TYR A 151 -11.76 -2.04 4.53
N TYR A 152 -11.32 -1.13 3.67
CA TYR A 152 -11.15 0.26 4.04
C TYR A 152 -12.31 1.11 3.54
N LYS A 153 -13.01 1.71 4.48
CA LYS A 153 -14.10 2.60 4.22
C LYS A 153 -13.52 4.01 4.26
N LYS A 154 -14.06 4.95 3.47
CA LYS A 154 -13.59 6.35 3.54
C LYS A 154 -13.53 6.87 4.99
N GLN A 155 -12.83 7.97 5.23
CA GLN A 155 -13.01 8.70 6.48
C GLN A 155 -14.41 9.28 6.55
N MET A 1 10.58 10.65 -37.22
CA MET A 1 12.05 10.59 -37.12
C MET A 1 12.57 11.66 -36.17
N ARG A 2 12.10 12.89 -36.33
CA ARG A 2 12.53 13.99 -35.48
C ARG A 2 11.91 13.86 -34.10
N GLY A 3 12.74 14.01 -33.07
CA GLY A 3 12.28 13.80 -31.71
C GLY A 3 12.74 12.47 -31.17
N SER A 4 12.12 11.39 -31.67
CA SER A 4 12.53 10.02 -31.39
C SER A 4 12.22 9.56 -29.95
N HIS A 5 12.63 10.35 -28.97
CA HIS A 5 12.52 9.97 -27.57
C HIS A 5 11.06 9.73 -27.17
N HIS A 6 10.20 10.70 -27.47
CA HIS A 6 8.77 10.59 -27.18
C HIS A 6 8.51 10.23 -25.73
N HIS A 7 8.83 11.15 -24.84
CA HIS A 7 8.60 10.92 -23.42
C HIS A 7 8.18 12.21 -22.74
N HIS A 8 6.99 12.68 -23.07
CA HIS A 8 6.48 13.92 -22.50
C HIS A 8 5.09 13.70 -21.91
N HIS A 9 4.47 12.59 -22.26
CA HIS A 9 3.15 12.25 -21.71
C HIS A 9 3.03 10.75 -21.50
N HIS A 10 4.14 10.13 -21.16
CA HIS A 10 4.17 8.70 -20.91
C HIS A 10 5.15 8.38 -19.79
N GLY A 11 4.80 8.80 -18.60
CA GLY A 11 5.64 8.53 -17.45
C GLY A 11 5.00 7.54 -16.53
N SER A 12 4.13 8.03 -15.68
CA SER A 12 3.46 7.19 -14.71
C SER A 12 2.05 6.88 -15.18
N LYS A 13 1.59 5.68 -14.85
CA LYS A 13 0.19 5.35 -15.06
C LYS A 13 -0.64 6.26 -14.16
N THR A 14 -1.68 6.85 -14.69
CA THR A 14 -2.45 7.80 -13.91
C THR A 14 -3.35 7.08 -12.92
N LEU A 15 -3.17 7.39 -11.65
CA LEU A 15 -3.96 6.76 -10.58
C LEU A 15 -5.45 6.97 -10.83
N PRO A 16 -6.21 5.86 -10.92
CA PRO A 16 -7.67 5.90 -10.99
C PRO A 16 -8.26 6.65 -9.82
N ASP A 17 -9.09 7.64 -10.11
CA ASP A 17 -9.68 8.50 -9.08
C ASP A 17 -10.44 7.70 -8.02
N LYS A 18 -10.88 6.50 -8.37
CA LYS A 18 -11.55 5.62 -7.43
C LYS A 18 -10.61 5.11 -6.33
N PHE A 19 -9.31 5.31 -6.49
CA PHE A 19 -8.36 4.94 -5.44
C PHE A 19 -8.03 6.14 -4.57
N LEU A 20 -8.55 7.30 -4.95
CA LEU A 20 -8.16 8.54 -4.30
C LEU A 20 -9.17 8.94 -3.23
N GLY A 21 -8.66 9.55 -2.17
CA GLY A 21 -9.50 9.93 -1.05
C GLY A 21 -8.86 9.54 0.27
N THR A 22 -9.45 9.98 1.38
CA THR A 22 -8.98 9.59 2.70
C THR A 22 -9.89 8.50 3.27
N PHE A 23 -9.31 7.37 3.61
CA PHE A 23 -10.09 6.20 4.02
C PHE A 23 -9.80 5.80 5.48
N LYS A 24 -10.86 5.51 6.25
CA LYS A 24 -10.67 4.82 7.52
C LYS A 24 -10.71 3.30 7.30
N LEU A 25 -10.94 2.54 8.38
CA LEU A 25 -10.89 1.09 8.31
C LEU A 25 -12.05 0.54 9.13
N GLU A 26 -12.85 -0.33 8.51
CA GLU A 26 -14.04 -0.85 9.17
C GLU A 26 -13.78 -2.24 9.76
N ARG A 27 -13.20 -3.13 8.97
CA ARG A 27 -12.98 -4.50 9.42
C ARG A 27 -11.87 -5.17 8.63
N ASP A 28 -11.68 -6.46 8.87
CA ASP A 28 -10.62 -7.24 8.24
C ASP A 28 -10.86 -8.72 8.48
N GLU A 29 -10.23 -9.56 7.67
CA GLU A 29 -10.45 -11.00 7.74
C GLU A 29 -9.15 -11.77 7.57
N ASN A 30 -8.94 -12.78 8.43
CA ASN A 30 -7.79 -13.71 8.31
C ASN A 30 -6.47 -12.98 8.61
N PHE A 31 -6.56 -11.92 9.38
CA PHE A 31 -5.41 -11.05 9.63
C PHE A 31 -4.43 -11.71 10.60
N ASP A 32 -4.95 -12.35 11.64
CA ASP A 32 -4.11 -13.08 12.59
C ASP A 32 -3.22 -14.09 11.88
N GLU A 33 -3.83 -14.97 11.10
CA GLU A 33 -3.11 -16.01 10.38
C GLU A 33 -2.04 -15.40 9.48
N TYR A 34 -2.35 -14.27 8.86
CA TYR A 34 -1.35 -13.55 8.07
C TYR A 34 -0.19 -13.10 8.95
N LEU A 35 -0.51 -12.58 10.14
CA LEU A 35 0.51 -12.08 11.05
C LEU A 35 1.44 -13.22 11.49
N LYS A 36 0.83 -14.36 11.78
CA LYS A 36 1.57 -15.54 12.20
C LYS A 36 2.49 -16.02 11.07
N ALA A 37 1.93 -16.04 9.87
CA ALA A 37 2.70 -16.40 8.67
C ALA A 37 3.91 -15.48 8.50
N ARG A 38 3.71 -14.20 8.79
CA ARG A 38 4.77 -13.21 8.70
C ARG A 38 5.81 -13.41 9.80
N GLY A 39 5.45 -14.15 10.83
CA GLY A 39 6.36 -14.41 11.91
C GLY A 39 6.13 -13.47 13.08
N TYR A 40 5.01 -12.75 13.05
CA TYR A 40 4.68 -11.83 14.13
C TYR A 40 4.23 -12.60 15.35
N GLY A 41 4.91 -12.38 16.47
CA GLY A 41 4.56 -13.06 17.69
C GLY A 41 3.34 -12.47 18.36
N TRP A 42 3.04 -12.95 19.55
CA TRP A 42 1.86 -12.54 20.28
C TRP A 42 1.82 -11.02 20.46
N ILE A 43 2.91 -10.44 20.96
CA ILE A 43 2.98 -8.99 21.20
C ILE A 43 2.65 -8.20 19.95
N MET A 44 3.31 -8.52 18.86
CA MET A 44 3.08 -7.84 17.59
C MET A 44 1.61 -7.94 17.19
N ARG A 45 1.04 -9.13 17.32
CA ARG A 45 -0.36 -9.32 16.98
C ARG A 45 -1.26 -8.50 17.89
N GLN A 46 -0.79 -8.20 19.10
CA GLN A 46 -1.56 -7.39 20.03
C GLN A 46 -1.52 -5.91 19.63
N VAL A 47 -0.36 -5.46 19.18
CA VAL A 47 -0.20 -4.07 18.79
C VAL A 47 -0.84 -3.81 17.44
N ILE A 48 -0.30 -4.47 16.42
CA ILE A 48 -0.74 -4.35 15.03
C ILE A 48 -2.27 -4.35 14.87
N LYS A 49 -2.96 -5.25 15.55
CA LYS A 49 -4.40 -5.39 15.35
C LYS A 49 -5.20 -4.31 16.07
N LEU A 50 -4.63 -3.73 17.11
CA LEU A 50 -5.36 -2.74 17.91
C LEU A 50 -5.21 -1.35 17.29
N ALA A 51 -4.10 -1.13 16.59
CA ALA A 51 -3.88 0.12 15.90
C ALA A 51 -4.87 0.31 14.76
N GLY A 52 -5.60 1.41 14.81
CA GLY A 52 -6.49 1.75 13.72
C GLY A 52 -5.72 2.30 12.55
N VAL A 53 -6.22 2.11 11.34
CA VAL A 53 -5.47 2.47 10.15
C VAL A 53 -6.25 3.43 9.26
N THR A 54 -5.61 4.54 8.93
CA THR A 54 -6.15 5.51 7.99
C THR A 54 -5.24 5.59 6.76
N LYS A 55 -5.76 5.16 5.63
CA LYS A 55 -5.00 5.22 4.38
C LYS A 55 -5.59 6.27 3.47
N LYS A 56 -4.74 7.02 2.81
CA LYS A 56 -5.18 8.13 1.97
C LYS A 56 -4.37 8.22 0.69
N PHE A 57 -5.08 8.42 -0.40
CA PHE A 57 -4.47 8.61 -1.71
C PHE A 57 -4.90 9.94 -2.28
N ARG A 58 -3.98 10.64 -2.92
CA ARG A 58 -4.25 11.96 -3.45
C ARG A 58 -3.17 12.37 -4.44
N ASN A 59 -3.38 13.50 -5.07
CA ASN A 59 -2.36 14.12 -5.90
C ASN A 59 -1.18 14.52 -5.03
N ALA A 60 0.00 14.73 -5.62
CA ALA A 60 1.22 15.00 -4.86
C ALA A 60 1.01 16.09 -3.80
N ALA A 61 1.71 15.94 -2.69
CA ALA A 61 1.60 16.85 -1.54
C ALA A 61 1.55 18.31 -1.96
N SER A 62 2.62 18.79 -2.55
CA SER A 62 2.69 20.15 -3.04
C SER A 62 1.66 20.35 -4.14
N GLY A 63 1.53 19.34 -4.98
CA GLY A 63 0.54 19.37 -6.03
C GLY A 63 1.15 19.23 -7.40
N LYS A 64 2.25 18.50 -7.46
CA LYS A 64 2.92 18.23 -8.72
C LYS A 64 2.06 17.30 -9.57
N PRO A 65 2.03 17.53 -10.88
CA PRO A 65 1.26 16.70 -11.80
C PRO A 65 1.92 15.36 -12.05
N ASP A 66 1.09 14.33 -12.17
CA ASP A 66 1.51 12.95 -12.45
C ASP A 66 1.93 12.28 -11.15
N ARG A 67 2.83 12.93 -10.43
CA ARG A 67 3.21 12.50 -9.08
C ARG A 67 2.03 12.57 -8.13
N TYR A 68 1.87 11.54 -7.33
CA TYR A 68 0.78 11.47 -6.36
C TYR A 68 1.34 11.42 -4.94
N ASP A 69 0.46 11.42 -3.96
CA ASP A 69 0.85 11.34 -2.56
C ASP A 69 -0.02 10.34 -1.83
N MET A 70 0.58 9.57 -0.95
CA MET A 70 -0.15 8.53 -0.21
C MET A 70 0.39 8.47 1.21
N GLU A 71 -0.49 8.26 2.18
CA GLU A 71 -0.08 8.31 3.57
C GLU A 71 -0.83 7.28 4.42
N ASN A 72 -0.15 6.79 5.46
CA ASN A 72 -0.72 5.82 6.38
C ASN A 72 -0.64 6.35 7.79
N LEU A 73 -1.78 6.71 8.35
CA LEU A 73 -1.83 7.17 9.72
C LEU A 73 -2.50 6.13 10.60
N THR A 74 -1.81 5.72 11.65
CA THR A 74 -2.34 4.71 12.55
C THR A 74 -2.18 5.20 13.98
N THR A 75 -2.53 4.38 14.95
CA THR A 75 -2.39 4.76 16.34
C THR A 75 -0.98 4.51 16.84
N LYS A 76 -0.32 3.54 16.23
CA LYS A 76 0.98 3.09 16.71
C LYS A 76 2.10 3.60 15.81
N LYS A 77 1.76 3.93 14.57
CA LYS A 77 2.76 4.25 13.57
C LYS A 77 2.28 5.39 12.66
N ASP A 78 2.88 5.45 11.48
CA ASP A 78 2.72 6.57 10.55
C ASP A 78 3.74 6.45 9.43
N THR A 79 3.29 6.60 8.20
CA THR A 79 4.19 6.65 7.04
C THR A 79 3.65 7.67 6.05
N HIS A 80 4.52 8.23 5.22
CA HIS A 80 4.10 9.23 4.27
C HIS A 80 4.85 9.07 2.95
N HIS A 81 4.20 8.43 1.99
CA HIS A 81 4.75 8.29 0.66
C HIS A 81 4.59 9.61 -0.09
N LYS A 82 5.53 10.52 0.13
CA LYS A 82 5.44 11.86 -0.44
C LYS A 82 5.87 11.90 -1.90
N ASP A 83 4.95 12.40 -2.74
CA ASP A 83 5.16 12.64 -4.18
C ASP A 83 5.83 11.45 -4.87
N TRP A 84 5.09 10.37 -4.98
CA TRP A 84 5.53 9.18 -5.70
C TRP A 84 4.84 9.10 -7.05
N ALA A 85 5.50 8.51 -8.01
CA ALA A 85 4.90 8.26 -9.30
C ALA A 85 4.43 6.82 -9.38
N LEU A 86 3.30 6.58 -10.01
CA LEU A 86 2.87 5.23 -10.29
C LEU A 86 3.86 4.57 -11.25
N GLY A 87 4.50 3.51 -10.78
CA GLY A 87 5.61 2.92 -11.51
C GLY A 87 6.95 3.43 -11.02
N GLU A 88 6.97 3.96 -9.80
CA GLU A 88 8.19 4.48 -9.19
C GLU A 88 8.67 3.54 -8.08
N GLU A 89 9.97 3.59 -7.83
CA GLU A 89 10.60 2.80 -6.78
C GLU A 89 11.44 3.74 -5.91
N PHE A 90 10.99 4.00 -4.70
CA PHE A 90 11.64 4.96 -3.83
C PHE A 90 11.86 4.36 -2.45
N GLN A 91 12.80 4.93 -1.69
CA GLN A 91 13.02 4.48 -0.33
C GLN A 91 12.14 5.28 0.62
N ASP A 92 11.79 4.67 1.74
CA ASP A 92 10.85 5.26 2.68
C ASP A 92 11.03 4.62 4.05
N GLU A 93 10.32 5.13 5.04
CA GLU A 93 10.35 4.56 6.37
C GLU A 93 8.96 4.03 6.73
N ALA A 94 8.85 2.72 6.65
CA ALA A 94 7.56 2.06 6.69
C ALA A 94 7.09 1.78 8.11
N LEU A 95 5.90 1.18 8.22
CA LEU A 95 5.30 0.84 9.52
C LEU A 95 6.24 -0.05 10.32
N ASP A 96 7.04 -0.83 9.60
CA ASP A 96 7.93 -1.82 10.19
C ASP A 96 9.17 -1.19 10.80
N SER A 97 9.18 0.14 10.90
CA SER A 97 10.19 0.88 11.67
C SER A 97 11.55 0.95 10.97
N THR A 98 11.68 0.37 9.78
CA THR A 98 12.94 0.48 9.06
C THR A 98 12.75 1.15 7.71
N GLN A 99 13.88 1.48 7.09
CA GLN A 99 13.88 2.17 5.81
C GLN A 99 14.11 1.15 4.72
N HIS A 100 13.25 1.12 3.71
CA HIS A 100 13.44 0.21 2.60
C HIS A 100 12.79 0.72 1.34
N LYS A 101 13.07 0.05 0.22
CA LYS A 101 12.57 0.48 -1.06
C LYS A 101 11.10 0.09 -1.22
N ILE A 102 10.40 0.88 -2.00
CA ILE A 102 8.97 0.70 -2.21
C ILE A 102 8.60 1.01 -3.66
N THR A 103 7.74 0.19 -4.24
CA THR A 103 7.32 0.40 -5.62
C THR A 103 5.79 0.37 -5.73
N PHE A 104 5.26 1.26 -6.56
CA PHE A 104 3.83 1.31 -6.84
C PHE A 104 3.60 0.92 -8.30
N ASP A 105 2.57 0.12 -8.54
CA ASP A 105 2.27 -0.31 -9.91
C ASP A 105 0.83 -0.76 -10.05
N LEU A 106 0.24 -0.51 -11.20
CA LEU A 106 -1.10 -0.96 -11.51
C LEU A 106 -1.03 -2.29 -12.24
N LYS A 107 -1.58 -3.32 -11.63
CA LYS A 107 -1.51 -4.66 -12.19
C LYS A 107 -2.75 -4.89 -13.05
N ASP A 108 -3.90 -4.75 -12.43
CA ASP A 108 -5.17 -4.78 -13.12
C ASP A 108 -5.71 -3.37 -13.14
N PRO A 109 -6.73 -3.06 -13.96
CA PRO A 109 -7.28 -1.70 -14.09
C PRO A 109 -8.03 -1.25 -12.83
N ASN A 110 -7.82 -1.98 -11.75
CA ASN A 110 -8.43 -1.66 -10.46
C ASN A 110 -7.63 -2.35 -9.34
N THR A 111 -6.35 -2.57 -9.60
CA THR A 111 -5.46 -3.20 -8.63
C THR A 111 -4.09 -2.54 -8.63
N LEU A 112 -3.79 -1.83 -7.54
CA LEU A 112 -2.51 -1.16 -7.36
C LEU A 112 -1.66 -1.96 -6.36
N THR A 113 -0.39 -2.19 -6.68
CA THR A 113 0.47 -2.95 -5.79
C THR A 113 1.57 -2.07 -5.21
N GLU A 114 1.76 -2.16 -3.91
CA GLU A 114 2.80 -1.43 -3.22
C GLU A 114 3.82 -2.41 -2.63
N THR A 115 4.89 -2.63 -3.37
CA THR A 115 5.88 -3.63 -3.00
C THR A 115 6.95 -3.03 -2.10
N HIS A 116 7.04 -3.54 -0.87
CA HIS A 116 8.01 -3.06 0.09
C HIS A 116 9.20 -4.00 0.16
N ILE A 117 10.22 -3.74 -0.62
CA ILE A 117 11.43 -4.57 -0.58
C ILE A 117 12.42 -4.03 0.42
N LYS A 118 12.61 -4.77 1.50
CA LYS A 118 13.54 -4.40 2.55
C LYS A 118 14.97 -4.32 2.01
N VAL A 119 15.53 -3.12 2.10
CA VAL A 119 16.88 -2.86 1.64
C VAL A 119 17.90 -3.64 2.49
N ASP A 120 17.52 -3.98 3.71
CA ASP A 120 18.40 -4.70 4.61
C ASP A 120 18.35 -6.20 4.31
N ASP A 121 17.17 -6.70 3.97
CA ASP A 121 17.01 -8.10 3.59
C ASP A 121 15.81 -8.25 2.65
N PRO A 122 16.11 -8.36 1.35
CA PRO A 122 15.09 -8.47 0.31
C PRO A 122 14.40 -9.84 0.24
N THR A 123 14.63 -10.69 1.24
CA THR A 123 13.95 -11.97 1.29
C THR A 123 12.96 -12.01 2.44
N ASP A 124 12.68 -10.83 2.98
CA ASP A 124 11.69 -10.68 4.02
C ASP A 124 10.73 -9.55 3.65
N VAL A 125 10.60 -9.35 2.35
CA VAL A 125 9.80 -8.26 1.80
C VAL A 125 8.31 -8.51 1.98
N GLU A 126 7.49 -7.56 1.55
CA GLU A 126 6.04 -7.71 1.59
C GLU A 126 5.39 -6.71 0.65
N THR A 127 4.21 -7.06 0.17
CA THR A 127 3.51 -6.23 -0.78
C THR A 127 2.05 -6.03 -0.37
N TYR A 128 1.64 -4.78 -0.37
CA TYR A 128 0.25 -4.43 -0.10
C TYR A 128 -0.46 -4.30 -1.44
N GLU A 129 -1.72 -4.69 -1.54
CA GLU A 129 -2.39 -4.66 -2.83
C GLU A 129 -3.72 -3.93 -2.69
N TYR A 130 -3.88 -2.85 -3.44
CA TYR A 130 -5.04 -1.99 -3.35
C TYR A 130 -6.06 -2.35 -4.42
N ARG A 131 -7.16 -2.95 -4.01
CA ARG A 131 -8.21 -3.31 -4.93
C ARG A 131 -9.51 -2.61 -4.53
N ARG A 132 -10.38 -2.36 -5.49
CA ARG A 132 -11.64 -1.68 -5.21
C ARG A 132 -12.78 -2.68 -5.08
N ASP A 133 -13.65 -2.43 -4.10
CA ASP A 133 -14.83 -3.26 -3.89
C ASP A 133 -16.05 -2.38 -3.77
N GLY A 134 -16.66 -2.09 -4.91
CA GLY A 134 -17.80 -1.19 -4.93
C GLY A 134 -17.39 0.23 -4.60
N ASP A 135 -17.53 0.61 -3.33
CA ASP A 135 -17.13 1.93 -2.88
C ASP A 135 -16.04 1.82 -1.82
N TYR A 136 -15.68 0.60 -1.47
CA TYR A 136 -14.68 0.35 -0.45
C TYR A 136 -13.31 0.10 -1.08
N LEU A 137 -12.28 0.58 -0.43
CA LEU A 137 -10.92 0.29 -0.82
C LEU A 137 -10.45 -0.93 -0.03
N VAL A 138 -10.13 -2.00 -0.72
CA VAL A 138 -9.80 -3.25 -0.05
C VAL A 138 -8.38 -3.63 -0.34
N MET A 139 -7.64 -3.93 0.71
CA MET A 139 -6.25 -4.29 0.57
C MET A 139 -6.07 -5.78 0.72
N LYS A 140 -5.21 -6.34 -0.13
CA LYS A 140 -4.85 -7.73 -0.04
C LYS A 140 -3.43 -7.85 0.45
N MET A 141 -3.26 -8.68 1.47
CA MET A 141 -1.94 -9.00 2.01
C MET A 141 -1.84 -10.50 2.13
N SER A 142 -0.79 -11.09 1.59
CA SER A 142 -0.70 -12.53 1.52
C SER A 142 0.71 -13.04 1.81
N TRP A 143 0.80 -14.00 2.71
CA TRP A 143 2.07 -14.60 3.07
C TRP A 143 1.89 -16.07 3.39
N LYS A 144 2.72 -16.91 2.80
CA LYS A 144 2.66 -18.35 2.98
C LYS A 144 1.25 -18.90 2.75
N GLY A 145 0.62 -18.41 1.68
CA GLY A 145 -0.70 -18.88 1.32
C GLY A 145 -1.81 -18.23 2.12
N VAL A 146 -1.45 -17.44 3.12
CA VAL A 146 -2.44 -16.78 3.96
C VAL A 146 -2.75 -15.39 3.44
N SER A 147 -3.91 -15.24 2.81
CA SER A 147 -4.33 -13.96 2.33
C SER A 147 -5.32 -13.33 3.31
N THR A 148 -5.08 -12.07 3.63
CA THR A 148 -5.95 -11.33 4.50
C THR A 148 -6.50 -10.11 3.76
N SER A 149 -7.76 -9.80 3.98
CA SER A 149 -8.39 -8.67 3.34
C SER A 149 -8.58 -7.53 4.34
N ARG A 150 -7.93 -6.42 4.08
CA ARG A 150 -8.03 -5.25 4.93
C ARG A 150 -9.05 -4.28 4.31
N TYR A 151 -10.21 -4.17 4.94
CA TYR A 151 -11.32 -3.42 4.36
C TYR A 151 -11.30 -1.96 4.79
N TYR A 152 -11.05 -1.08 3.85
CA TYR A 152 -11.06 0.36 4.11
C TYR A 152 -12.28 1.02 3.48
N LYS A 153 -12.76 2.04 4.14
CA LYS A 153 -13.82 2.87 3.63
C LYS A 153 -13.36 4.30 3.71
N LYS A 154 -14.02 5.24 3.07
CA LYS A 154 -13.68 6.65 3.25
C LYS A 154 -13.72 7.04 4.74
N GLN A 155 -13.15 8.19 5.06
CA GLN A 155 -13.39 8.79 6.37
C GLN A 155 -14.87 9.18 6.49
N MET A 1 12.53 -7.81 -21.07
CA MET A 1 13.88 -7.72 -20.47
C MET A 1 13.88 -6.71 -19.32
N ARG A 2 14.16 -7.18 -18.12
CA ARG A 2 14.25 -6.29 -16.96
C ARG A 2 15.52 -5.47 -17.04
N GLY A 3 16.58 -6.08 -17.56
CA GLY A 3 17.83 -5.38 -17.72
C GLY A 3 17.78 -4.41 -18.89
N SER A 4 18.27 -3.20 -18.67
CA SER A 4 18.25 -2.15 -19.68
C SER A 4 16.81 -1.74 -20.00
N HIS A 5 16.64 -0.92 -21.03
CA HIS A 5 15.32 -0.46 -21.46
C HIS A 5 14.63 0.36 -20.37
N HIS A 6 15.41 1.19 -19.67
CA HIS A 6 14.85 2.01 -18.63
C HIS A 6 14.16 3.24 -19.21
N HIS A 7 14.52 3.58 -20.44
CA HIS A 7 13.90 4.69 -21.14
C HIS A 7 12.72 4.22 -21.96
N HIS A 8 12.06 3.18 -21.47
CA HIS A 8 10.89 2.63 -22.14
C HIS A 8 9.66 3.45 -21.77
N HIS A 9 9.57 4.65 -22.34
CA HIS A 9 8.53 5.61 -22.00
C HIS A 9 8.59 5.96 -20.52
N HIS A 10 9.43 6.92 -20.19
CA HIS A 10 9.64 7.32 -18.80
C HIS A 10 8.48 8.20 -18.32
N GLY A 11 7.27 7.66 -18.43
CA GLY A 11 6.09 8.35 -17.98
C GLY A 11 5.22 7.43 -17.16
N SER A 12 4.49 8.00 -16.22
CA SER A 12 3.69 7.19 -15.30
C SER A 12 2.30 6.94 -15.86
N LYS A 13 1.75 5.79 -15.53
CA LYS A 13 0.34 5.53 -15.74
C LYS A 13 -0.42 6.28 -14.67
N THR A 14 -1.48 6.96 -15.04
CA THR A 14 -2.18 7.82 -14.10
C THR A 14 -3.06 7.01 -13.16
N LEU A 15 -2.94 7.30 -11.87
CA LEU A 15 -3.72 6.60 -10.86
C LEU A 15 -5.20 6.88 -11.03
N PRO A 16 -6.01 5.83 -11.23
CA PRO A 16 -7.46 5.95 -11.26
C PRO A 16 -7.96 6.58 -9.98
N ASP A 17 -8.73 7.66 -10.11
CA ASP A 17 -9.21 8.43 -8.96
C ASP A 17 -10.01 7.56 -7.99
N LYS A 18 -10.50 6.43 -8.49
CA LYS A 18 -11.27 5.51 -7.68
C LYS A 18 -10.42 4.90 -6.56
N PHE A 19 -9.09 5.01 -6.67
CA PHE A 19 -8.21 4.53 -5.61
C PHE A 19 -7.79 5.67 -4.69
N LEU A 20 -8.27 6.86 -5.00
CA LEU A 20 -7.85 8.06 -4.26
C LEU A 20 -8.89 8.45 -3.24
N GLY A 21 -8.43 9.07 -2.16
CA GLY A 21 -9.30 9.48 -1.09
C GLY A 21 -8.76 9.11 0.27
N THR A 22 -9.50 9.43 1.31
CA THR A 22 -9.13 9.06 2.67
C THR A 22 -10.09 8.01 3.19
N PHE A 23 -9.55 6.90 3.68
CA PHE A 23 -10.37 5.78 4.13
C PHE A 23 -10.00 5.36 5.56
N LYS A 24 -10.99 5.17 6.41
CA LYS A 24 -10.74 4.62 7.75
C LYS A 24 -10.91 3.10 7.73
N LEU A 25 -10.02 2.40 8.41
CA LEU A 25 -10.15 0.95 8.57
C LEU A 25 -11.50 0.59 9.17
N GLU A 26 -12.27 -0.22 8.47
CA GLU A 26 -13.57 -0.65 8.94
C GLU A 26 -13.47 -2.00 9.64
N ARG A 27 -12.87 -2.98 8.96
CA ARG A 27 -12.74 -4.33 9.50
C ARG A 27 -11.69 -5.10 8.70
N ASP A 28 -11.60 -6.41 8.94
CA ASP A 28 -10.59 -7.23 8.27
C ASP A 28 -11.12 -8.64 8.01
N GLU A 29 -10.23 -9.50 7.53
CA GLU A 29 -10.58 -10.87 7.21
C GLU A 29 -9.32 -11.72 7.08
N ASN A 30 -9.08 -12.61 8.06
CA ASN A 30 -7.94 -13.54 8.03
C ASN A 30 -6.62 -12.78 8.23
N PHE A 31 -6.72 -11.62 8.87
CA PHE A 31 -5.58 -10.73 9.02
C PHE A 31 -4.59 -11.26 10.05
N ASP A 32 -5.11 -11.80 11.16
CA ASP A 32 -4.28 -12.36 12.21
C ASP A 32 -3.38 -13.46 11.65
N GLU A 33 -3.99 -14.39 10.90
CA GLU A 33 -3.25 -15.48 10.29
C GLU A 33 -2.18 -14.96 9.33
N TYR A 34 -2.48 -13.86 8.64
CA TYR A 34 -1.49 -13.22 7.79
C TYR A 34 -0.28 -12.77 8.62
N LEU A 35 -0.56 -12.24 9.80
CA LEU A 35 0.50 -11.73 10.68
C LEU A 35 1.43 -12.85 11.11
N LYS A 36 0.84 -14.02 11.38
CA LYS A 36 1.61 -15.19 11.78
C LYS A 36 2.58 -15.59 10.68
N ALA A 37 2.06 -15.66 9.46
CA ALA A 37 2.86 -16.00 8.29
C ALA A 37 4.00 -15.00 8.08
N ARG A 38 3.73 -13.74 8.38
CA ARG A 38 4.72 -12.68 8.24
C ARG A 38 5.76 -12.73 9.35
N GLY A 39 5.51 -13.54 10.37
CA GLY A 39 6.47 -13.71 11.43
C GLY A 39 6.16 -12.89 12.66
N TYR A 40 4.95 -12.34 12.72
CA TYR A 40 4.52 -11.58 13.88
C TYR A 40 3.96 -12.51 14.94
N GLY A 41 4.56 -12.47 16.12
CA GLY A 41 4.09 -13.27 17.23
C GLY A 41 2.86 -12.66 17.88
N TRP A 42 2.39 -13.30 18.95
CA TRP A 42 1.20 -12.85 19.66
C TRP A 42 1.28 -11.36 20.01
N ILE A 43 2.46 -10.93 20.47
CA ILE A 43 2.66 -9.55 20.92
C ILE A 43 2.31 -8.59 19.83
N MET A 44 3.00 -8.73 18.71
CA MET A 44 2.80 -7.85 17.62
C MET A 44 1.39 -7.96 17.08
N ARG A 45 0.89 -9.20 17.00
CA ARG A 45 -0.47 -9.42 16.51
C ARG A 45 -1.48 -8.65 17.34
N GLN A 46 -1.17 -8.44 18.63
CA GLN A 46 -2.01 -7.62 19.48
C GLN A 46 -1.96 -6.18 19.00
N VAL A 47 -0.75 -5.69 18.74
CA VAL A 47 -0.56 -4.32 18.32
C VAL A 47 -1.21 -4.06 16.96
N ILE A 48 -0.78 -4.82 15.95
CA ILE A 48 -1.26 -4.65 14.58
C ILE A 48 -2.79 -4.55 14.52
N LYS A 49 -3.46 -5.47 15.18
CA LYS A 49 -4.91 -5.55 15.10
C LYS A 49 -5.59 -4.48 15.96
N LEU A 50 -4.95 -4.12 17.06
CA LEU A 50 -5.53 -3.15 17.99
C LEU A 50 -4.88 -1.78 17.83
N ALA A 51 -4.49 -1.46 16.61
CA ALA A 51 -3.83 -0.20 16.33
C ALA A 51 -4.84 0.86 15.96
N GLY A 52 -5.19 0.89 14.69
CA GLY A 52 -5.93 2.00 14.13
C GLY A 52 -5.13 2.67 13.04
N VAL A 53 -5.63 2.61 11.81
CA VAL A 53 -4.90 3.13 10.67
C VAL A 53 -5.84 3.74 9.63
N THR A 54 -5.44 4.89 9.12
CA THR A 54 -6.19 5.61 8.11
C THR A 54 -5.38 5.67 6.81
N LYS A 55 -5.98 5.22 5.72
CA LYS A 55 -5.33 5.25 4.42
C LYS A 55 -5.63 6.57 3.71
N LYS A 56 -4.60 7.18 3.14
CA LYS A 56 -4.77 8.42 2.40
C LYS A 56 -4.10 8.30 1.04
N PHE A 57 -4.89 8.40 -0.01
CA PHE A 57 -4.38 8.43 -1.38
C PHE A 57 -4.76 9.73 -2.04
N ARG A 58 -3.80 10.41 -2.64
CA ARG A 58 -4.07 11.68 -3.30
C ARG A 58 -2.98 12.04 -4.30
N ASN A 59 -3.28 13.03 -5.12
CA ASN A 59 -2.27 13.65 -5.99
C ASN A 59 -1.25 14.35 -5.11
N ALA A 60 0.02 14.37 -5.53
CA ALA A 60 1.11 14.88 -4.70
C ALA A 60 0.76 16.23 -4.08
N ALA A 61 0.72 16.22 -2.76
CA ALA A 61 0.32 17.36 -1.96
C ALA A 61 0.98 18.68 -2.38
N SER A 62 2.25 18.62 -2.76
CA SER A 62 2.97 19.82 -3.18
C SER A 62 2.54 20.31 -4.56
N GLY A 63 1.42 19.81 -5.06
CA GLY A 63 0.92 20.26 -6.35
C GLY A 63 1.76 19.76 -7.51
N LYS A 64 2.49 18.69 -7.29
CA LYS A 64 3.31 18.09 -8.32
C LYS A 64 2.46 17.17 -9.19
N PRO A 65 2.36 17.46 -10.50
CA PRO A 65 1.54 16.67 -11.42
C PRO A 65 2.16 15.30 -11.72
N ASP A 66 1.28 14.32 -11.94
CA ASP A 66 1.66 12.95 -12.28
C ASP A 66 2.00 12.19 -11.01
N ARG A 67 2.88 12.77 -10.22
CA ARG A 67 3.21 12.25 -8.90
C ARG A 67 2.01 12.29 -7.95
N TYR A 68 1.90 11.25 -7.15
CA TYR A 68 0.91 11.17 -6.11
C TYR A 68 1.59 11.03 -4.76
N ASP A 69 0.83 11.17 -3.67
CA ASP A 69 1.37 10.87 -2.34
C ASP A 69 0.35 10.06 -1.57
N MET A 70 0.83 9.23 -0.66
CA MET A 70 -0.01 8.27 0.02
C MET A 70 0.43 8.14 1.48
N GLU A 71 -0.52 8.07 2.40
CA GLU A 71 -0.19 8.03 3.82
C GLU A 71 -0.85 6.87 4.55
N ASN A 72 -0.17 6.42 5.59
CA ASN A 72 -0.68 5.40 6.49
C ASN A 72 -0.61 5.92 7.91
N LEU A 73 -1.63 6.65 8.32
CA LEU A 73 -1.67 7.23 9.65
C LEU A 73 -2.18 6.22 10.65
N THR A 74 -1.30 5.73 11.50
CA THR A 74 -1.66 4.71 12.46
C THR A 74 -1.39 5.21 13.87
N THR A 75 -1.66 4.37 14.85
CA THR A 75 -1.49 4.75 16.23
C THR A 75 -0.06 4.52 16.70
N LYS A 76 0.62 3.57 16.06
CA LYS A 76 1.97 3.22 16.46
C LYS A 76 3.00 3.81 15.49
N LYS A 77 2.54 4.20 14.31
CA LYS A 77 3.42 4.72 13.28
C LYS A 77 2.80 5.94 12.61
N ASP A 78 3.24 6.16 11.37
CA ASP A 78 2.93 7.36 10.60
C ASP A 78 3.86 7.41 9.40
N THR A 79 3.36 6.97 8.29
CA THR A 79 4.16 6.91 7.08
C THR A 79 3.54 7.76 6.00
N HIS A 80 4.39 8.37 5.18
CA HIS A 80 3.94 9.28 4.16
C HIS A 80 4.75 9.07 2.89
N HIS A 81 4.25 8.21 2.02
CA HIS A 81 4.85 8.00 0.72
C HIS A 81 4.67 9.26 -0.12
N LYS A 82 5.60 10.19 0.02
CA LYS A 82 5.47 11.50 -0.60
C LYS A 82 6.13 11.56 -1.97
N ASP A 83 5.34 11.98 -2.96
CA ASP A 83 5.83 12.23 -4.32
C ASP A 83 6.31 10.93 -4.97
N TRP A 84 5.37 10.04 -5.25
CA TRP A 84 5.68 8.80 -5.93
C TRP A 84 4.91 8.72 -7.24
N ALA A 85 5.46 7.99 -8.21
CA ALA A 85 4.79 7.84 -9.48
C ALA A 85 4.43 6.37 -9.70
N LEU A 86 3.24 6.14 -10.22
CA LEU A 86 2.80 4.80 -10.58
C LEU A 86 3.77 4.16 -11.56
N GLY A 87 4.21 2.95 -11.24
CA GLY A 87 5.20 2.27 -12.05
C GLY A 87 6.62 2.56 -11.61
N GLU A 88 6.74 3.40 -10.58
CA GLU A 88 8.04 3.83 -10.11
C GLU A 88 8.32 3.27 -8.72
N GLU A 89 9.56 3.44 -8.29
CA GLU A 89 10.02 2.90 -7.02
C GLU A 89 10.75 3.99 -6.25
N PHE A 90 10.42 4.15 -4.99
CA PHE A 90 10.99 5.19 -4.18
C PHE A 90 11.37 4.65 -2.80
N GLN A 91 12.26 5.35 -2.12
CA GLN A 91 12.58 5.01 -0.74
C GLN A 91 11.68 5.79 0.20
N ASP A 92 11.32 5.17 1.30
CA ASP A 92 10.36 5.75 2.23
C ASP A 92 10.37 4.97 3.53
N GLU A 93 9.80 5.54 4.57
CA GLU A 93 9.74 4.89 5.87
C GLU A 93 8.39 4.24 6.05
N ALA A 94 8.41 2.92 6.20
CA ALA A 94 7.18 2.15 6.24
C ALA A 94 6.71 1.88 7.66
N LEU A 95 5.57 1.20 7.79
CA LEU A 95 4.98 0.92 9.10
C LEU A 95 5.89 0.03 9.93
N ASP A 96 6.84 -0.61 9.28
CA ASP A 96 7.81 -1.46 9.98
C ASP A 96 8.91 -0.61 10.62
N SER A 97 8.66 0.69 10.71
CA SER A 97 9.47 1.64 11.49
C SER A 97 10.80 1.98 10.80
N THR A 98 11.35 1.04 10.06
CA THR A 98 12.54 1.30 9.28
C THR A 98 12.16 1.77 7.88
N GLN A 99 13.12 2.32 7.16
CA GLN A 99 12.85 2.79 5.82
C GLN A 99 13.52 1.91 4.81
N HIS A 100 12.96 1.85 3.62
CA HIS A 100 13.46 0.98 2.59
C HIS A 100 12.81 1.28 1.25
N LYS A 101 13.09 0.45 0.26
CA LYS A 101 12.57 0.67 -1.07
C LYS A 101 11.12 0.24 -1.16
N ILE A 102 10.35 1.02 -1.91
CA ILE A 102 8.93 0.77 -2.10
C ILE A 102 8.53 1.05 -3.54
N THR A 103 7.94 0.07 -4.18
CA THR A 103 7.45 0.25 -5.53
C THR A 103 5.93 0.31 -5.55
N PHE A 104 5.40 1.28 -6.28
CA PHE A 104 3.97 1.42 -6.47
C PHE A 104 3.65 1.23 -7.94
N ASP A 105 2.69 0.38 -8.24
CA ASP A 105 2.35 0.07 -9.62
C ASP A 105 1.07 -0.74 -9.64
N LEU A 106 0.55 -1.00 -10.83
CA LEU A 106 -0.71 -1.72 -10.95
C LEU A 106 -0.48 -3.10 -11.52
N LYS A 107 -1.09 -4.08 -10.87
CA LYS A 107 -1.00 -5.47 -11.30
C LYS A 107 -2.10 -5.73 -12.31
N ASP A 108 -3.26 -5.16 -12.03
CA ASP A 108 -4.38 -5.17 -12.96
C ASP A 108 -5.13 -3.85 -12.78
N PRO A 109 -5.96 -3.46 -13.76
CA PRO A 109 -6.66 -2.16 -13.78
C PRO A 109 -7.63 -1.94 -12.61
N ASN A 110 -7.62 -2.86 -11.65
CA ASN A 110 -8.48 -2.77 -10.48
C ASN A 110 -7.66 -2.86 -9.19
N THR A 111 -6.38 -3.22 -9.32
CA THR A 111 -5.55 -3.46 -8.14
C THR A 111 -4.22 -2.70 -8.19
N LEU A 112 -4.07 -1.74 -7.28
CA LEU A 112 -2.79 -1.09 -7.05
C LEU A 112 -1.93 -2.03 -6.21
N THR A 113 -0.62 -2.02 -6.37
CA THR A 113 0.24 -2.86 -5.56
C THR A 113 1.37 -2.05 -4.92
N GLU A 114 1.60 -2.30 -3.64
CA GLU A 114 2.69 -1.67 -2.91
C GLU A 114 3.68 -2.73 -2.43
N THR A 115 4.86 -2.76 -3.04
CA THR A 115 5.88 -3.71 -2.66
C THR A 115 6.99 -3.02 -1.89
N HIS A 116 7.21 -3.44 -0.66
CA HIS A 116 8.27 -2.84 0.14
C HIS A 116 9.31 -3.87 0.54
N ILE A 117 10.57 -3.56 0.26
CA ILE A 117 11.68 -4.43 0.59
C ILE A 117 12.76 -3.66 1.33
N LYS A 118 13.25 -4.23 2.42
CA LYS A 118 14.27 -3.59 3.23
C LYS A 118 15.58 -3.39 2.46
N VAL A 119 15.98 -2.12 2.33
CA VAL A 119 17.25 -1.74 1.70
C VAL A 119 18.42 -2.35 2.44
N ASP A 120 18.24 -2.56 3.74
CA ASP A 120 19.26 -3.15 4.58
C ASP A 120 19.35 -4.64 4.35
N ASP A 121 18.24 -5.32 4.59
CA ASP A 121 18.15 -6.75 4.40
C ASP A 121 16.89 -7.10 3.66
N PRO A 122 17.01 -7.33 2.35
CA PRO A 122 15.89 -7.64 1.45
C PRO A 122 15.25 -8.99 1.74
N THR A 123 15.57 -9.56 2.89
CA THR A 123 14.96 -10.79 3.32
C THR A 123 13.51 -10.51 3.72
N ASP A 124 13.29 -9.31 4.24
CA ASP A 124 11.96 -8.82 4.56
C ASP A 124 11.28 -8.25 3.33
N VAL A 125 10.35 -9.02 2.78
CA VAL A 125 9.62 -8.63 1.61
C VAL A 125 8.13 -8.71 1.91
N GLU A 126 7.38 -7.67 1.57
CA GLU A 126 5.95 -7.67 1.78
C GLU A 126 5.25 -6.80 0.75
N THR A 127 4.05 -7.21 0.35
CA THR A 127 3.30 -6.49 -0.66
C THR A 127 1.85 -6.29 -0.21
N TYR A 128 1.39 -5.05 -0.31
CA TYR A 128 0.00 -4.72 -0.07
C TYR A 128 -0.66 -4.49 -1.43
N GLU A 129 -1.96 -4.68 -1.55
CA GLU A 129 -2.63 -4.45 -2.82
C GLU A 129 -3.89 -3.63 -2.57
N TYR A 130 -4.04 -2.55 -3.32
CA TYR A 130 -5.16 -1.65 -3.14
C TYR A 130 -6.15 -1.74 -4.29
N ARG A 131 -7.22 -2.49 -4.09
CA ARG A 131 -8.23 -2.65 -5.12
C ARG A 131 -9.58 -2.10 -4.65
N ARG A 132 -10.50 -1.95 -5.59
CA ARG A 132 -11.83 -1.44 -5.29
C ARG A 132 -12.90 -2.44 -5.70
N ASP A 133 -13.66 -2.89 -4.72
CA ASP A 133 -14.79 -3.79 -4.99
C ASP A 133 -16.09 -2.98 -4.95
N GLY A 134 -15.98 -1.77 -4.46
CA GLY A 134 -17.13 -0.89 -4.36
C GLY A 134 -16.75 0.45 -3.77
N ASP A 135 -17.50 0.90 -2.78
CA ASP A 135 -17.20 2.17 -2.11
C ASP A 135 -16.24 1.98 -0.96
N TYR A 136 -15.46 0.91 -1.03
CA TYR A 136 -14.51 0.60 0.01
C TYR A 136 -13.16 0.35 -0.62
N LEU A 137 -12.13 0.87 0.01
CA LEU A 137 -10.78 0.57 -0.39
C LEU A 137 -10.48 -0.83 0.11
N VAL A 138 -10.53 -1.80 -0.79
CA VAL A 138 -10.39 -3.18 -0.39
C VAL A 138 -8.94 -3.58 -0.55
N MET A 139 -8.28 -3.65 0.57
CA MET A 139 -6.86 -3.88 0.59
C MET A 139 -6.58 -5.35 0.77
N LYS A 140 -5.57 -5.84 0.08
CA LYS A 140 -5.26 -7.26 0.11
C LYS A 140 -3.81 -7.47 0.50
N MET A 141 -3.59 -8.43 1.37
CA MET A 141 -2.24 -8.75 1.82
C MET A 141 -2.09 -10.26 1.86
N SER A 142 -1.02 -10.79 1.29
CA SER A 142 -0.85 -12.23 1.24
C SER A 142 0.60 -12.64 1.44
N TRP A 143 0.79 -13.61 2.31
CA TRP A 143 2.12 -14.16 2.57
C TRP A 143 2.02 -15.63 2.92
N LYS A 144 2.88 -16.43 2.28
CA LYS A 144 2.89 -17.88 2.46
C LYS A 144 1.52 -18.49 2.20
N GLY A 145 0.82 -17.95 1.21
CA GLY A 145 -0.50 -18.43 0.87
C GLY A 145 -1.60 -17.81 1.70
N VAL A 146 -1.26 -17.40 2.92
CA VAL A 146 -2.25 -16.83 3.83
C VAL A 146 -2.55 -15.39 3.41
N SER A 147 -3.74 -15.17 2.88
CA SER A 147 -4.13 -13.84 2.45
C SER A 147 -5.19 -13.27 3.37
N THR A 148 -5.30 -11.97 3.32
CA THR A 148 -6.24 -11.25 4.14
C THR A 148 -6.84 -10.08 3.36
N SER A 149 -8.13 -9.85 3.56
CA SER A 149 -8.78 -8.70 2.97
C SER A 149 -8.96 -7.61 4.03
N ARG A 150 -8.09 -6.63 3.98
CA ARG A 150 -8.11 -5.54 4.94
C ARG A 150 -9.09 -4.47 4.44
N TYR A 151 -10.27 -4.42 5.05
CA TYR A 151 -11.35 -3.59 4.55
C TYR A 151 -11.25 -2.16 5.09
N TYR A 152 -10.92 -1.24 4.21
CA TYR A 152 -10.92 0.17 4.54
C TYR A 152 -12.11 0.87 3.91
N LYS A 153 -12.86 1.57 4.71
CA LYS A 153 -14.00 2.30 4.21
C LYS A 153 -13.68 3.78 4.25
N LYS A 154 -14.37 4.58 3.46
CA LYS A 154 -14.12 6.02 3.39
C LYS A 154 -13.99 6.69 4.78
N GLN A 155 -13.42 7.88 4.81
CA GLN A 155 -13.63 8.78 5.92
C GLN A 155 -14.77 9.75 5.62
N MET A 1 -12.39 2.50 -39.24
CA MET A 1 -13.37 1.63 -38.56
C MET A 1 -12.82 0.22 -38.43
N ARG A 2 -11.51 0.10 -38.32
CA ARG A 2 -10.85 -1.19 -38.15
C ARG A 2 -10.24 -1.27 -36.76
N GLY A 3 -11.04 -1.62 -35.78
CA GLY A 3 -10.58 -1.69 -34.42
C GLY A 3 -10.87 -0.43 -33.65
N SER A 4 -11.58 -0.59 -32.53
CA SER A 4 -11.95 0.55 -31.70
C SER A 4 -10.78 0.97 -30.81
N HIS A 5 -9.91 1.82 -31.36
CA HIS A 5 -8.75 2.29 -30.62
C HIS A 5 -9.14 3.39 -29.65
N HIS A 6 -9.77 3.01 -28.55
CA HIS A 6 -10.12 3.97 -27.50
C HIS A 6 -8.88 4.26 -26.67
N HIS A 7 -8.02 3.26 -26.52
CA HIS A 7 -6.76 3.42 -25.85
C HIS A 7 -5.70 3.88 -26.84
N HIS A 8 -5.28 5.12 -26.72
CA HIS A 8 -4.29 5.68 -27.63
C HIS A 8 -2.90 5.52 -27.06
N HIS A 9 -2.68 6.09 -25.88
CA HIS A 9 -1.38 6.05 -25.23
C HIS A 9 -1.51 6.46 -23.77
N HIS A 10 -0.68 5.87 -22.93
CA HIS A 10 -0.64 6.23 -21.51
C HIS A 10 0.73 5.92 -20.92
N GLY A 11 1.38 4.89 -21.46
CA GLY A 11 2.67 4.46 -20.93
C GLY A 11 2.52 3.86 -19.55
N SER A 12 2.70 4.69 -18.53
CA SER A 12 2.42 4.31 -17.18
C SER A 12 0.91 4.27 -16.97
N LYS A 13 0.44 3.40 -16.10
CA LYS A 13 -0.99 3.33 -15.84
C LYS A 13 -1.35 4.34 -14.76
N THR A 14 -1.92 5.46 -15.20
CA THR A 14 -2.25 6.55 -14.29
C THR A 14 -3.17 6.06 -13.19
N LEU A 15 -2.97 6.57 -11.97
CA LEU A 15 -3.69 6.09 -10.80
C LEU A 15 -5.20 6.28 -10.98
N PRO A 16 -5.94 5.17 -10.98
CA PRO A 16 -7.40 5.20 -11.01
C PRO A 16 -7.96 5.99 -9.84
N ASP A 17 -8.74 7.02 -10.16
CA ASP A 17 -9.32 7.92 -9.15
C ASP A 17 -10.11 7.14 -8.10
N LYS A 18 -10.60 5.96 -8.47
CA LYS A 18 -11.36 5.11 -7.55
C LYS A 18 -10.54 4.69 -6.32
N PHE A 19 -9.22 4.87 -6.38
CA PHE A 19 -8.37 4.51 -5.25
C PHE A 19 -8.07 5.73 -4.38
N LEU A 20 -8.53 6.90 -4.80
CA LEU A 20 -8.13 8.13 -4.16
C LEU A 20 -9.09 8.55 -3.07
N GLY A 21 -8.56 9.23 -2.07
CA GLY A 21 -9.34 9.68 -0.94
C GLY A 21 -8.72 9.26 0.37
N THR A 22 -9.25 9.79 1.45
CA THR A 22 -8.81 9.40 2.78
C THR A 22 -9.80 8.42 3.38
N PHE A 23 -9.32 7.25 3.76
CA PHE A 23 -10.19 6.18 4.24
C PHE A 23 -9.92 5.84 5.70
N LYS A 24 -10.99 5.63 6.47
CA LYS A 24 -10.84 5.00 7.77
C LYS A 24 -10.82 3.48 7.60
N LEU A 25 -10.98 2.75 8.71
CA LEU A 25 -10.91 1.30 8.69
C LEU A 25 -12.22 0.76 9.21
N GLU A 26 -12.88 -0.11 8.45
CA GLU A 26 -14.14 -0.69 8.88
C GLU A 26 -13.91 -2.02 9.59
N ARG A 27 -13.27 -2.96 8.89
CA ARG A 27 -13.06 -4.30 9.43
C ARG A 27 -11.87 -4.97 8.76
N ASP A 28 -11.58 -6.19 9.19
CA ASP A 28 -10.49 -6.98 8.63
C ASP A 28 -10.93 -8.42 8.45
N GLU A 29 -10.09 -9.22 7.81
CA GLU A 29 -10.42 -10.61 7.53
C GLU A 29 -9.16 -11.46 7.39
N ASN A 30 -9.02 -12.46 8.28
CA ASN A 30 -7.91 -13.42 8.21
C ASN A 30 -6.57 -12.72 8.40
N PHE A 31 -6.59 -11.64 9.15
CA PHE A 31 -5.40 -10.83 9.35
C PHE A 31 -4.50 -11.45 10.42
N ASP A 32 -5.13 -12.07 11.42
CA ASP A 32 -4.39 -12.84 12.42
C ASP A 32 -3.50 -13.86 11.74
N GLU A 33 -4.14 -14.71 10.93
CA GLU A 33 -3.44 -15.75 10.17
C GLU A 33 -2.29 -15.17 9.38
N TYR A 34 -2.54 -14.04 8.72
CA TYR A 34 -1.49 -13.37 7.97
C TYR A 34 -0.33 -12.99 8.88
N LEU A 35 -0.64 -12.45 10.05
CA LEU A 35 0.39 -11.99 10.98
C LEU A 35 1.18 -13.19 11.50
N LYS A 36 0.47 -14.30 11.70
CA LYS A 36 1.10 -15.56 12.12
C LYS A 36 2.10 -16.00 11.07
N ALA A 37 1.63 -16.08 9.83
CA ALA A 37 2.46 -16.45 8.68
C ALA A 37 3.66 -15.52 8.56
N ARG A 38 3.45 -14.24 8.87
CA ARG A 38 4.51 -13.25 8.80
C ARG A 38 5.58 -13.50 9.86
N GLY A 39 5.24 -14.28 10.88
CA GLY A 39 6.19 -14.59 11.92
C GLY A 39 5.90 -13.88 13.22
N TYR A 40 4.85 -13.05 13.24
CA TYR A 40 4.49 -12.34 14.45
C TYR A 40 3.94 -13.32 15.49
N GLY A 41 4.72 -13.47 16.56
CA GLY A 41 4.44 -14.47 17.57
C GLY A 41 3.13 -14.27 18.30
N TRP A 42 2.93 -13.09 18.88
CA TRP A 42 1.71 -12.82 19.62
C TRP A 42 1.57 -11.33 19.93
N ILE A 43 2.55 -10.78 20.63
CA ILE A 43 2.52 -9.37 21.04
C ILE A 43 2.27 -8.44 19.86
N MET A 44 3.03 -8.62 18.80
CA MET A 44 2.86 -7.81 17.62
C MET A 44 1.46 -7.96 17.03
N ARG A 45 0.90 -9.15 17.11
CA ARG A 45 -0.44 -9.38 16.59
C ARG A 45 -1.46 -8.63 17.44
N GLN A 46 -1.10 -8.37 18.68
CA GLN A 46 -1.96 -7.61 19.59
C GLN A 46 -1.88 -6.12 19.26
N VAL A 47 -0.72 -5.69 18.78
CA VAL A 47 -0.52 -4.28 18.43
C VAL A 47 -1.03 -3.98 17.02
N ILE A 48 -0.40 -4.62 16.03
CA ILE A 48 -0.74 -4.48 14.62
C ILE A 48 -2.26 -4.43 14.34
N LYS A 49 -3.03 -5.33 14.95
CA LYS A 49 -4.47 -5.40 14.69
C LYS A 49 -5.23 -4.26 15.36
N LEU A 50 -4.68 -3.73 16.44
CA LEU A 50 -5.36 -2.72 17.23
C LEU A 50 -4.95 -1.32 16.82
N ALA A 51 -4.19 -1.25 15.73
CA ALA A 51 -3.78 0.02 15.18
C ALA A 51 -4.85 0.56 14.26
N GLY A 52 -5.40 1.71 14.62
CA GLY A 52 -6.34 2.38 13.74
C GLY A 52 -5.64 2.91 12.52
N VAL A 53 -6.05 2.43 11.35
CA VAL A 53 -5.34 2.75 10.11
C VAL A 53 -6.15 3.71 9.26
N THR A 54 -5.57 4.85 8.97
CA THR A 54 -6.16 5.81 8.04
C THR A 54 -5.40 5.75 6.72
N LYS A 55 -6.00 5.10 5.74
CA LYS A 55 -5.39 4.93 4.43
C LYS A 55 -5.60 6.19 3.60
N LYS A 56 -4.53 6.80 3.12
CA LYS A 56 -4.63 8.04 2.38
C LYS A 56 -4.08 7.91 0.96
N PHE A 57 -4.93 8.19 -0.02
CA PHE A 57 -4.49 8.35 -1.39
C PHE A 57 -4.91 9.72 -1.90
N ARG A 58 -4.01 10.39 -2.61
CA ARG A 58 -4.25 11.76 -3.01
C ARG A 58 -3.34 12.15 -4.17
N ASN A 59 -3.75 13.17 -4.91
CA ASN A 59 -2.91 13.77 -5.94
C ASN A 59 -1.71 14.42 -5.27
N ALA A 60 -0.54 14.37 -5.92
CA ALA A 60 0.69 14.87 -5.31
C ALA A 60 0.58 16.37 -5.08
N ALA A 61 1.13 16.79 -3.95
CA ALA A 61 0.99 18.13 -3.47
C ALA A 61 1.70 19.12 -4.38
N SER A 62 2.75 18.64 -5.05
CA SER A 62 3.47 19.42 -6.05
C SER A 62 2.55 19.89 -7.20
N GLY A 63 1.32 19.39 -7.23
CA GLY A 63 0.40 19.77 -8.28
C GLY A 63 0.80 19.26 -9.64
N LYS A 64 1.48 18.12 -9.67
CA LYS A 64 1.98 17.55 -10.90
C LYS A 64 1.15 16.33 -11.30
N PRO A 65 0.96 16.14 -12.62
CA PRO A 65 0.20 15.01 -13.15
C PRO A 65 0.98 13.70 -13.04
N ASP A 66 0.25 12.61 -12.83
CA ASP A 66 0.82 11.26 -12.71
C ASP A 66 1.43 11.05 -11.33
N ARG A 67 2.11 12.07 -10.82
CA ARG A 67 2.57 12.05 -9.44
C ARG A 67 1.41 12.11 -8.47
N TYR A 68 1.41 11.17 -7.56
CA TYR A 68 0.43 11.12 -6.49
C TYR A 68 1.12 11.04 -5.15
N ASP A 69 0.35 11.12 -4.09
CA ASP A 69 0.88 11.05 -2.74
C ASP A 69 0.03 10.09 -1.92
N MET A 70 0.64 9.39 -0.98
CA MET A 70 -0.06 8.34 -0.25
C MET A 70 0.49 8.20 1.17
N GLU A 71 -0.39 8.07 2.14
CA GLU A 71 0.04 8.00 3.54
C GLU A 71 -0.68 6.89 4.31
N ASN A 72 -0.02 6.44 5.38
CA ASN A 72 -0.55 5.44 6.29
C ASN A 72 -0.46 5.95 7.72
N LEU A 73 -1.54 6.48 8.23
CA LEU A 73 -1.57 6.95 9.61
C LEU A 73 -2.15 5.88 10.50
N THR A 74 -1.49 5.62 11.62
CA THR A 74 -1.92 4.56 12.52
C THR A 74 -1.86 5.04 13.96
N THR A 75 -1.71 4.11 14.88
CA THR A 75 -1.62 4.43 16.29
C THR A 75 -0.20 4.31 16.79
N LYS A 76 0.53 3.35 16.22
CA LYS A 76 1.88 3.04 16.68
C LYS A 76 2.93 3.55 15.71
N LYS A 77 2.50 3.95 14.53
CA LYS A 77 3.42 4.39 13.50
C LYS A 77 2.82 5.51 12.67
N ASP A 78 3.25 5.55 11.42
CA ASP A 78 2.97 6.62 10.48
C ASP A 78 3.99 6.55 9.35
N THR A 79 3.51 6.43 8.14
CA THR A 79 4.37 6.36 6.97
C THR A 79 3.77 7.26 5.89
N HIS A 80 4.62 7.96 5.14
CA HIS A 80 4.14 9.00 4.24
C HIS A 80 4.89 8.97 2.90
N HIS A 81 4.35 8.23 1.98
CA HIS A 81 4.90 8.12 0.63
C HIS A 81 4.73 9.44 -0.10
N LYS A 82 5.67 10.35 0.09
CA LYS A 82 5.58 11.69 -0.48
C LYS A 82 5.96 11.73 -1.95
N ASP A 83 5.01 12.13 -2.79
CA ASP A 83 5.27 12.47 -4.20
C ASP A 83 5.86 11.27 -4.96
N TRP A 84 5.00 10.33 -5.32
CA TRP A 84 5.43 9.13 -6.03
C TRP A 84 4.66 8.94 -7.31
N ALA A 85 5.19 8.11 -8.19
CA ALA A 85 4.48 7.72 -9.39
C ALA A 85 4.36 6.22 -9.48
N LEU A 86 3.31 5.74 -10.11
CA LEU A 86 3.23 4.32 -10.41
C LEU A 86 4.29 3.95 -11.44
N GLY A 87 4.88 2.79 -11.24
CA GLY A 87 6.05 2.39 -11.99
C GLY A 87 7.33 2.95 -11.38
N GLU A 88 7.21 3.64 -10.25
CA GLU A 88 8.36 4.26 -9.62
C GLU A 88 8.77 3.52 -8.34
N GLU A 89 10.06 3.57 -8.02
CA GLU A 89 10.62 2.94 -6.84
C GLU A 89 11.28 4.01 -5.96
N PHE A 90 10.78 4.19 -4.76
CA PHE A 90 11.27 5.23 -3.86
C PHE A 90 11.39 4.71 -2.44
N GLN A 91 12.19 5.40 -1.63
CA GLN A 91 12.36 5.02 -0.23
C GLN A 91 11.37 5.79 0.66
N ASP A 92 11.03 5.20 1.80
CA ASP A 92 10.09 5.82 2.74
C ASP A 92 10.14 5.08 4.07
N GLU A 93 9.41 5.58 5.05
CA GLU A 93 9.40 4.96 6.36
C GLU A 93 8.46 3.76 6.36
N ALA A 94 8.97 2.64 6.83
CA ALA A 94 8.14 1.44 7.00
C ALA A 94 7.35 1.50 8.30
N LEU A 95 6.22 0.80 8.32
CA LEU A 95 5.43 0.61 9.55
C LEU A 95 6.32 -0.07 10.60
N ASP A 96 7.30 -0.78 10.07
CA ASP A 96 8.27 -1.52 10.87
C ASP A 96 9.38 -0.59 11.41
N SER A 97 9.25 0.70 11.08
CA SER A 97 10.18 1.74 11.54
C SER A 97 11.56 1.58 10.91
N THR A 98 11.59 1.28 9.63
CA THR A 98 12.83 1.24 8.87
C THR A 98 12.72 2.12 7.63
N GLN A 99 13.85 2.51 7.05
CA GLN A 99 13.86 3.37 5.88
C GLN A 99 13.87 2.51 4.63
N HIS A 100 12.71 2.03 4.26
CA HIS A 100 12.60 0.89 3.36
C HIS A 100 12.26 1.29 1.94
N LYS A 101 12.64 0.42 1.01
CA LYS A 101 12.35 0.59 -0.41
C LYS A 101 10.87 0.34 -0.69
N ILE A 102 10.30 1.14 -1.58
CA ILE A 102 8.92 0.98 -1.99
C ILE A 102 8.81 1.04 -3.50
N THR A 103 7.89 0.28 -4.05
CA THR A 103 7.55 0.39 -5.45
C THR A 103 6.04 0.38 -5.64
N PHE A 104 5.54 1.36 -6.36
CA PHE A 104 4.12 1.43 -6.66
C PHE A 104 3.92 1.10 -8.12
N ASP A 105 2.88 0.33 -8.42
CA ASP A 105 2.61 -0.07 -9.78
C ASP A 105 1.18 -0.53 -9.92
N LEU A 106 0.57 -0.26 -11.06
CA LEU A 106 -0.77 -0.75 -11.32
C LEU A 106 -0.69 -2.12 -11.95
N LYS A 107 -1.26 -3.09 -11.26
CA LYS A 107 -1.19 -4.48 -11.71
C LYS A 107 -2.39 -4.78 -12.57
N ASP A 108 -3.56 -4.51 -12.01
CA ASP A 108 -4.81 -4.63 -12.74
C ASP A 108 -5.52 -3.28 -12.68
N PRO A 109 -6.51 -3.05 -13.55
CA PRO A 109 -7.21 -1.75 -13.62
C PRO A 109 -8.06 -1.47 -12.39
N ASN A 110 -7.96 -2.37 -11.41
CA ASN A 110 -8.68 -2.24 -10.15
C ASN A 110 -7.80 -2.73 -9.00
N THR A 111 -6.49 -2.70 -9.20
CA THR A 111 -5.56 -3.13 -8.16
C THR A 111 -4.21 -2.43 -8.28
N LEU A 112 -3.96 -1.53 -7.33
CA LEU A 112 -2.65 -0.90 -7.18
C LEU A 112 -1.76 -1.85 -6.39
N THR A 113 -0.45 -1.81 -6.57
CA THR A 113 0.42 -2.64 -5.76
C THR A 113 1.56 -1.81 -5.17
N GLU A 114 1.83 -2.06 -3.89
CA GLU A 114 2.96 -1.44 -3.21
C GLU A 114 3.93 -2.52 -2.74
N THR A 115 5.03 -2.69 -3.45
CA THR A 115 6.04 -3.64 -3.05
C THR A 115 6.98 -2.96 -2.06
N HIS A 116 6.80 -3.25 -0.79
CA HIS A 116 7.58 -2.61 0.24
C HIS A 116 8.67 -3.53 0.76
N ILE A 117 9.90 -3.22 0.35
CA ILE A 117 11.06 -4.04 0.63
C ILE A 117 11.85 -3.50 1.82
N LYS A 118 12.00 -4.33 2.84
CA LYS A 118 12.88 -4.01 3.95
C LYS A 118 14.31 -3.88 3.49
N VAL A 119 14.82 -2.65 3.56
CA VAL A 119 16.22 -2.39 3.21
C VAL A 119 17.19 -3.11 4.15
N ASP A 120 16.69 -3.51 5.31
CA ASP A 120 17.50 -4.25 6.28
C ASP A 120 17.73 -5.68 5.79
N ASP A 121 16.66 -6.29 5.30
CA ASP A 121 16.72 -7.63 4.75
C ASP A 121 15.62 -7.78 3.71
N PRO A 122 16.01 -7.71 2.44
CA PRO A 122 15.08 -7.73 1.32
C PRO A 122 14.46 -9.10 1.03
N THR A 123 14.49 -10.01 2.00
CA THR A 123 13.78 -11.27 1.86
C THR A 123 12.63 -11.35 2.85
N ASP A 124 12.57 -10.38 3.75
CA ASP A 124 11.49 -10.30 4.73
C ASP A 124 10.49 -9.24 4.30
N VAL A 125 10.39 -9.07 2.99
CA VAL A 125 9.60 -8.01 2.39
C VAL A 125 8.13 -8.39 2.30
N GLU A 126 7.34 -7.51 1.68
CA GLU A 126 5.94 -7.80 1.42
C GLU A 126 5.36 -6.79 0.44
N THR A 127 4.16 -7.07 -0.03
CA THR A 127 3.49 -6.21 -0.99
C THR A 127 2.03 -5.99 -0.62
N TYR A 128 1.59 -4.74 -0.67
CA TYR A 128 0.18 -4.42 -0.50
C TYR A 128 -0.45 -4.39 -1.88
N GLU A 129 -1.73 -4.70 -2.01
CA GLU A 129 -2.40 -4.59 -3.28
C GLU A 129 -3.71 -3.82 -3.06
N TYR A 130 -3.70 -2.55 -3.36
CA TYR A 130 -4.84 -1.69 -3.10
C TYR A 130 -5.89 -1.85 -4.19
N ARG A 131 -6.89 -2.66 -3.90
CA ARG A 131 -7.98 -2.87 -4.83
C ARG A 131 -9.21 -2.11 -4.37
N ARG A 132 -10.11 -1.83 -5.30
CA ARG A 132 -11.35 -1.16 -4.97
C ARG A 132 -12.50 -2.16 -5.08
N ASP A 133 -13.12 -2.46 -3.96
CA ASP A 133 -14.24 -3.39 -3.94
C ASP A 133 -15.51 -2.65 -3.55
N GLY A 134 -16.08 -1.96 -4.52
CA GLY A 134 -17.26 -1.16 -4.26
C GLY A 134 -16.92 0.17 -3.65
N ASP A 135 -17.45 0.43 -2.46
CA ASP A 135 -17.20 1.68 -1.78
C ASP A 135 -16.02 1.55 -0.83
N TYR A 136 -15.42 0.37 -0.83
CA TYR A 136 -14.35 0.10 0.11
C TYR A 136 -13.02 -0.07 -0.60
N LEU A 137 -12.02 0.64 -0.12
CA LEU A 137 -10.66 0.42 -0.53
C LEU A 137 -10.16 -0.79 0.23
N VAL A 138 -9.85 -1.85 -0.49
CA VAL A 138 -9.57 -3.10 0.15
C VAL A 138 -8.10 -3.44 0.05
N MET A 139 -7.48 -3.61 1.21
CA MET A 139 -6.10 -4.02 1.27
C MET A 139 -6.02 -5.51 0.99
N LYS A 140 -5.26 -5.85 -0.03
CA LYS A 140 -5.08 -7.23 -0.41
C LYS A 140 -3.62 -7.60 -0.22
N MET A 141 -3.36 -8.41 0.79
CA MET A 141 -2.00 -8.77 1.12
C MET A 141 -1.91 -10.26 1.41
N SER A 142 -0.88 -10.91 0.91
CA SER A 142 -0.74 -12.34 1.07
C SER A 142 0.70 -12.76 1.27
N TRP A 143 0.92 -13.53 2.32
CA TRP A 143 2.24 -14.01 2.68
C TRP A 143 2.18 -15.48 3.04
N LYS A 144 3.07 -16.26 2.44
CA LYS A 144 3.12 -17.71 2.65
C LYS A 144 1.77 -18.37 2.38
N GLY A 145 1.15 -17.97 1.27
CA GLY A 145 -0.12 -18.55 0.87
C GLY A 145 -1.30 -17.98 1.65
N VAL A 146 -1.02 -17.26 2.72
CA VAL A 146 -2.06 -16.70 3.56
C VAL A 146 -2.47 -15.33 3.07
N SER A 147 -3.65 -15.26 2.49
CA SER A 147 -4.18 -14.01 2.00
C SER A 147 -5.14 -13.37 3.01
N THR A 148 -5.04 -12.07 3.14
CA THR A 148 -5.92 -11.32 4.02
C THR A 148 -6.49 -10.10 3.29
N SER A 149 -7.79 -9.89 3.42
CA SER A 149 -8.42 -8.72 2.85
C SER A 149 -8.91 -7.81 3.97
N ARG A 150 -8.46 -6.57 3.95
CA ARG A 150 -8.84 -5.61 4.97
C ARG A 150 -9.63 -4.47 4.34
N TYR A 151 -10.78 -4.18 4.91
CA TYR A 151 -11.74 -3.31 4.27
C TYR A 151 -11.68 -1.90 4.84
N TYR A 152 -11.27 -0.96 3.99
CA TYR A 152 -11.20 0.44 4.36
C TYR A 152 -12.30 1.21 3.65
N LYS A 153 -12.83 2.22 4.30
CA LYS A 153 -13.82 3.08 3.69
C LYS A 153 -13.48 4.50 4.04
N LYS A 154 -13.98 5.46 3.28
CA LYS A 154 -13.64 6.88 3.45
C LYS A 154 -13.64 7.31 4.95
N GLN A 155 -12.86 8.33 5.28
CA GLN A 155 -12.98 8.98 6.59
C GLN A 155 -14.26 9.80 6.69
N MET A 1 -1.43 -6.05 -32.68
CA MET A 1 -2.75 -5.75 -33.27
C MET A 1 -3.88 -6.06 -32.30
N ARG A 2 -3.85 -7.26 -31.72
CA ARG A 2 -4.89 -7.66 -30.77
C ARG A 2 -4.53 -7.19 -29.37
N GLY A 3 -3.60 -7.89 -28.73
CA GLY A 3 -3.11 -7.49 -27.44
C GLY A 3 -1.91 -6.59 -27.55
N SER A 4 -1.20 -6.39 -26.44
CA SER A 4 -0.04 -5.50 -26.39
C SER A 4 -0.45 -4.07 -26.69
N HIS A 5 -0.92 -3.37 -25.66
CA HIS A 5 -1.35 -1.99 -25.81
C HIS A 5 -0.13 -1.06 -25.74
N HIS A 6 0.77 -1.22 -26.72
CA HIS A 6 1.98 -0.41 -26.85
C HIS A 6 3.00 -0.72 -25.77
N HIS A 7 2.62 -0.55 -24.51
CA HIS A 7 3.54 -0.74 -23.40
C HIS A 7 2.92 -1.61 -22.31
N HIS A 8 3.62 -2.69 -21.96
CA HIS A 8 3.20 -3.55 -20.86
C HIS A 8 3.88 -3.13 -19.57
N HIS A 9 5.20 -3.27 -19.53
CA HIS A 9 5.97 -2.90 -18.34
C HIS A 9 6.90 -1.73 -18.63
N HIS A 10 6.79 -1.18 -19.84
CA HIS A 10 7.43 0.09 -20.15
C HIS A 10 6.58 1.22 -19.61
N GLY A 11 7.04 1.84 -18.54
CA GLY A 11 6.23 2.84 -17.88
C GLY A 11 5.06 2.22 -17.16
N SER A 12 4.12 3.04 -16.72
CA SER A 12 2.96 2.54 -16.02
C SER A 12 1.72 3.31 -16.43
N LYS A 13 0.66 3.14 -15.65
CA LYS A 13 -0.56 3.88 -15.85
C LYS A 13 -0.56 5.11 -14.97
N THR A 14 -1.57 5.93 -15.13
CA THR A 14 -1.85 7.00 -14.19
C THR A 14 -2.88 6.49 -13.18
N LEU A 15 -2.77 6.91 -11.94
CA LEU A 15 -3.66 6.45 -10.88
C LEU A 15 -5.09 6.83 -11.20
N PRO A 16 -5.98 5.84 -11.33
CA PRO A 16 -7.39 6.08 -11.53
C PRO A 16 -8.04 6.59 -10.26
N ASP A 17 -8.94 7.57 -10.43
CA ASP A 17 -9.62 8.25 -9.33
C ASP A 17 -10.26 7.27 -8.35
N LYS A 18 -10.60 6.09 -8.84
CA LYS A 18 -11.11 5.00 -8.01
C LYS A 18 -10.31 4.84 -6.71
N PHE A 19 -8.99 4.87 -6.80
CA PHE A 19 -8.15 4.56 -5.65
C PHE A 19 -7.80 5.80 -4.86
N LEU A 20 -8.36 6.94 -5.24
CA LEU A 20 -7.98 8.20 -4.63
C LEU A 20 -9.00 8.65 -3.59
N GLY A 21 -8.48 9.10 -2.47
CA GLY A 21 -9.29 9.51 -1.35
C GLY A 21 -8.71 9.05 -0.03
N THR A 22 -9.31 9.48 1.07
CA THR A 22 -8.87 9.05 2.38
C THR A 22 -9.93 8.14 2.99
N PHE A 23 -9.48 7.01 3.54
CA PHE A 23 -10.41 6.00 4.04
C PHE A 23 -10.09 5.60 5.47
N LYS A 24 -11.12 5.43 6.30
CA LYS A 24 -10.96 4.81 7.61
C LYS A 24 -10.84 3.29 7.47
N LEU A 25 -10.94 2.58 8.58
CA LEU A 25 -10.77 1.13 8.59
C LEU A 25 -11.95 0.49 9.31
N GLU A 26 -12.73 -0.31 8.61
CA GLU A 26 -13.95 -0.83 9.18
C GLU A 26 -13.83 -2.32 9.54
N ARG A 27 -13.26 -3.12 8.64
CA ARG A 27 -13.22 -4.56 8.83
C ARG A 27 -11.91 -5.16 8.34
N ASP A 28 -11.55 -6.29 8.92
CA ASP A 28 -10.40 -7.09 8.48
C ASP A 28 -10.73 -8.56 8.58
N GLU A 29 -10.17 -9.36 7.68
CA GLU A 29 -10.48 -10.79 7.61
C GLU A 29 -9.22 -11.60 7.36
N ASN A 30 -8.97 -12.59 8.23
CA ASN A 30 -7.85 -13.54 8.08
C ASN A 30 -6.52 -12.82 8.35
N PHE A 31 -6.60 -11.72 9.09
CA PHE A 31 -5.44 -10.87 9.31
C PHE A 31 -4.49 -11.48 10.33
N ASP A 32 -5.04 -12.08 11.38
CA ASP A 32 -4.21 -12.76 12.39
C ASP A 32 -3.35 -13.83 11.73
N GLU A 33 -4.00 -14.68 10.94
CA GLU A 33 -3.30 -15.73 10.20
C GLU A 33 -2.17 -15.14 9.37
N TYR A 34 -2.43 -14.02 8.73
CA TYR A 34 -1.42 -13.32 7.95
C TYR A 34 -0.24 -12.90 8.82
N LEU A 35 -0.54 -12.43 10.02
CA LEU A 35 0.51 -11.98 10.94
C LEU A 35 1.41 -13.14 11.34
N LYS A 36 0.80 -14.30 11.55
CA LYS A 36 1.55 -15.51 11.88
C LYS A 36 2.50 -15.86 10.75
N ALA A 37 1.96 -15.84 9.54
CA ALA A 37 2.72 -16.15 8.33
C ALA A 37 3.88 -15.18 8.14
N ARG A 38 3.62 -13.91 8.42
CA ARG A 38 4.63 -12.88 8.27
C ARG A 38 5.73 -13.00 9.32
N GLY A 39 5.49 -13.79 10.35
CA GLY A 39 6.50 -14.00 11.37
C GLY A 39 6.33 -13.09 12.56
N TYR A 40 5.10 -12.66 12.80
CA TYR A 40 4.81 -11.81 13.95
C TYR A 40 4.31 -12.65 15.11
N GLY A 41 5.01 -12.56 16.22
CA GLY A 41 4.64 -13.31 17.40
C GLY A 41 3.56 -12.60 18.19
N TRP A 42 3.31 -13.08 19.41
CA TRP A 42 2.25 -12.56 20.25
C TRP A 42 2.34 -11.04 20.42
N ILE A 43 3.54 -10.54 20.74
CA ILE A 43 3.71 -9.12 21.04
C ILE A 43 3.18 -8.27 19.92
N MET A 44 3.76 -8.45 18.76
CA MET A 44 3.41 -7.65 17.63
C MET A 44 1.95 -7.87 17.24
N ARG A 45 1.49 -9.09 17.44
CA ARG A 45 0.15 -9.47 17.08
C ARG A 45 -0.86 -8.72 17.95
N GLN A 46 -0.46 -8.40 19.17
CA GLN A 46 -1.29 -7.63 20.08
C GLN A 46 -1.28 -6.15 19.73
N VAL A 47 -0.21 -5.70 19.09
CA VAL A 47 -0.11 -4.31 18.67
C VAL A 47 -0.77 -4.11 17.32
N ILE A 48 -0.23 -4.79 16.31
CA ILE A 48 -0.70 -4.71 14.93
C ILE A 48 -2.22 -4.85 14.80
N LYS A 49 -2.82 -5.80 15.50
CA LYS A 49 -4.27 -6.01 15.39
C LYS A 49 -5.06 -4.93 16.13
N LEU A 50 -4.46 -4.38 17.18
CA LEU A 50 -5.14 -3.37 18.00
C LEU A 50 -4.76 -1.97 17.55
N ALA A 51 -4.30 -1.86 16.32
CA ALA A 51 -3.93 -0.60 15.74
C ALA A 51 -4.84 -0.27 14.57
N GLY A 52 -5.49 0.88 14.65
CA GLY A 52 -6.29 1.35 13.53
C GLY A 52 -5.41 2.05 12.52
N VAL A 53 -5.90 2.21 11.31
CA VAL A 53 -5.11 2.81 10.25
C VAL A 53 -5.99 3.46 9.18
N THR A 54 -5.55 4.62 8.74
CA THR A 54 -6.26 5.40 7.75
C THR A 54 -5.46 5.46 6.45
N LYS A 55 -6.08 5.00 5.36
CA LYS A 55 -5.44 5.02 4.04
C LYS A 55 -5.70 6.37 3.36
N LYS A 56 -4.65 6.99 2.86
CA LYS A 56 -4.78 8.29 2.25
C LYS A 56 -4.09 8.35 0.88
N PHE A 57 -4.89 8.26 -0.17
CA PHE A 57 -4.38 8.35 -1.54
C PHE A 57 -4.81 9.68 -2.13
N ARG A 58 -3.88 10.41 -2.72
CA ARG A 58 -4.19 11.72 -3.26
C ARG A 58 -3.12 12.15 -4.25
N ASN A 59 -3.37 13.26 -4.93
CA ASN A 59 -2.36 13.88 -5.78
C ASN A 59 -1.23 14.41 -4.91
N ALA A 60 -0.05 14.59 -5.49
CA ALA A 60 1.12 15.02 -4.74
C ALA A 60 0.90 16.37 -4.05
N ALA A 61 1.74 16.64 -3.05
CA ALA A 61 1.69 17.89 -2.28
C ALA A 61 1.42 19.11 -3.15
N SER A 62 2.31 19.35 -4.10
CA SER A 62 2.18 20.49 -4.99
C SER A 62 0.91 20.31 -5.83
N GLY A 63 0.68 19.08 -6.25
CA GLY A 63 -0.52 18.75 -7.00
C GLY A 63 -0.22 18.38 -8.43
N LYS A 64 0.76 17.53 -8.62
CA LYS A 64 1.21 17.15 -9.95
C LYS A 64 0.51 15.87 -10.41
N PRO A 65 0.26 15.75 -11.71
CA PRO A 65 -0.30 14.52 -12.29
C PRO A 65 0.75 13.43 -12.36
N ASP A 66 0.31 12.18 -12.22
CA ASP A 66 1.20 11.01 -12.30
C ASP A 66 2.17 10.96 -11.13
N ARG A 67 2.08 11.96 -10.26
CA ARG A 67 2.88 12.04 -9.06
C ARG A 67 1.93 12.21 -7.89
N TYR A 68 1.82 11.20 -7.05
CA TYR A 68 0.80 11.18 -6.03
C TYR A 68 1.40 11.14 -4.63
N ASP A 69 0.52 11.22 -3.65
CA ASP A 69 0.89 11.21 -2.25
C ASP A 69 0.09 10.14 -1.53
N MET A 70 0.76 9.31 -0.77
CA MET A 70 0.10 8.19 -0.09
C MET A 70 0.57 8.08 1.34
N GLU A 71 -0.37 8.10 2.27
CA GLU A 71 -0.04 8.13 3.68
C GLU A 71 -0.84 7.10 4.47
N ASN A 72 -0.21 6.54 5.49
CA ASN A 72 -0.86 5.57 6.37
C ASN A 72 -0.77 6.04 7.81
N LEU A 73 -1.87 6.54 8.33
CA LEU A 73 -1.93 7.00 9.71
C LEU A 73 -2.50 5.92 10.60
N THR A 74 -1.75 5.52 11.61
CA THR A 74 -2.18 4.46 12.48
C THR A 74 -2.14 4.92 13.93
N THR A 75 -2.19 3.99 14.84
CA THR A 75 -2.18 4.32 16.26
C THR A 75 -0.76 4.21 16.82
N LYS A 76 0.07 3.45 16.13
CA LYS A 76 1.43 3.18 16.60
C LYS A 76 2.48 3.74 15.65
N LYS A 77 2.06 4.08 14.44
CA LYS A 77 3.00 4.45 13.39
C LYS A 77 2.52 5.65 12.58
N ASP A 78 3.04 5.73 11.36
CA ASP A 78 2.88 6.88 10.47
C ASP A 78 3.86 6.73 9.31
N THR A 79 3.35 6.88 8.11
CA THR A 79 4.17 6.73 6.90
C THR A 79 3.71 7.73 5.86
N HIS A 80 4.63 8.34 5.14
CA HIS A 80 4.25 9.35 4.18
C HIS A 80 5.01 9.17 2.87
N HIS A 81 4.37 8.46 1.94
CA HIS A 81 4.93 8.28 0.62
C HIS A 81 4.74 9.58 -0.17
N LYS A 82 5.68 10.49 -0.01
CA LYS A 82 5.57 11.81 -0.61
C LYS A 82 6.11 11.84 -2.04
N ASP A 83 5.23 12.24 -2.97
CA ASP A 83 5.59 12.49 -4.36
C ASP A 83 6.16 11.24 -5.03
N TRP A 84 5.29 10.28 -5.30
CA TRP A 84 5.69 9.06 -5.97
C TRP A 84 4.92 8.89 -7.26
N ALA A 85 5.51 8.19 -8.21
CA ALA A 85 4.86 7.91 -9.47
C ALA A 85 4.71 6.42 -9.66
N LEU A 86 3.73 6.02 -10.45
CA LEU A 86 3.58 4.62 -10.82
C LEU A 86 4.83 4.09 -11.51
N GLY A 87 5.21 2.89 -11.14
CA GLY A 87 6.42 2.28 -11.67
C GLY A 87 7.67 2.83 -11.01
N GLU A 88 7.49 3.64 -9.99
CA GLU A 88 8.62 4.27 -9.32
C GLU A 88 8.97 3.53 -8.02
N GLU A 89 10.24 3.55 -7.69
CA GLU A 89 10.76 2.89 -6.49
C GLU A 89 11.47 3.93 -5.62
N PHE A 90 10.94 4.19 -4.45
CA PHE A 90 11.45 5.24 -3.58
C PHE A 90 11.70 4.70 -2.18
N GLN A 91 12.63 5.33 -1.47
CA GLN A 91 12.89 4.96 -0.08
C GLN A 91 11.90 5.67 0.83
N ASP A 92 11.45 4.97 1.86
CA ASP A 92 10.37 5.48 2.70
C ASP A 92 10.53 4.99 4.14
N GLU A 93 9.74 5.56 5.04
CA GLU A 93 9.76 5.23 6.45
C GLU A 93 8.49 4.47 6.80
N ALA A 94 8.55 3.17 6.60
CA ALA A 94 7.35 2.35 6.56
C ALA A 94 6.82 1.98 7.95
N LEU A 95 5.66 1.32 7.98
CA LEU A 95 5.03 0.89 9.23
C LEU A 95 6.01 0.04 10.04
N ASP A 96 6.82 -0.71 9.31
CA ASP A 96 7.80 -1.62 9.90
C ASP A 96 8.95 -0.87 10.56
N SER A 97 8.89 0.45 10.52
CA SER A 97 9.84 1.31 11.22
C SER A 97 11.26 1.21 10.65
N THR A 98 11.35 0.87 9.37
CA THR A 98 12.65 0.85 8.71
C THR A 98 12.65 1.77 7.50
N GLN A 99 13.85 2.08 7.00
CA GLN A 99 14.03 3.01 5.90
C GLN A 99 14.36 2.23 4.65
N HIS A 100 13.36 1.80 3.91
CA HIS A 100 13.60 0.85 2.86
C HIS A 100 12.93 1.25 1.57
N LYS A 101 13.17 0.49 0.52
CA LYS A 101 12.69 0.85 -0.80
C LYS A 101 11.25 0.38 -0.99
N ILE A 102 10.51 1.13 -1.80
CA ILE A 102 9.10 0.86 -2.04
C ILE A 102 8.76 1.14 -3.50
N THR A 103 7.99 0.26 -4.10
CA THR A 103 7.53 0.45 -5.47
C THR A 103 6.02 0.48 -5.53
N PHE A 104 5.49 1.39 -6.33
CA PHE A 104 4.05 1.50 -6.55
C PHE A 104 3.75 1.29 -8.02
N ASP A 105 2.70 0.56 -8.33
CA ASP A 105 2.33 0.30 -9.71
C ASP A 105 0.97 -0.39 -9.79
N LEU A 106 0.46 -0.56 -10.98
CA LEU A 106 -0.83 -1.21 -11.18
C LEU A 106 -0.63 -2.66 -11.61
N LYS A 107 -1.14 -3.56 -10.80
CA LYS A 107 -0.97 -4.99 -11.01
C LYS A 107 -2.10 -5.51 -11.90
N ASP A 108 -3.31 -5.15 -11.53
CA ASP A 108 -4.50 -5.49 -12.29
C ASP A 108 -5.31 -4.22 -12.49
N PRO A 109 -6.32 -4.24 -13.38
CA PRO A 109 -7.12 -3.04 -13.71
C PRO A 109 -7.98 -2.56 -12.53
N ASN A 110 -7.78 -3.18 -11.37
CA ASN A 110 -8.46 -2.77 -10.16
C ASN A 110 -7.58 -3.10 -8.94
N THR A 111 -6.27 -3.15 -9.17
CA THR A 111 -5.33 -3.50 -8.11
C THR A 111 -4.04 -2.66 -8.20
N LEU A 112 -3.90 -1.72 -7.27
CA LEU A 112 -2.68 -0.94 -7.13
C LEU A 112 -1.76 -1.62 -6.12
N THR A 113 -0.49 -1.82 -6.45
CA THR A 113 0.40 -2.56 -5.57
C THR A 113 1.46 -1.68 -4.93
N GLU A 114 1.68 -1.91 -3.64
CA GLU A 114 2.83 -1.36 -2.95
C GLU A 114 3.79 -2.49 -2.60
N THR A 115 4.87 -2.60 -3.34
CA THR A 115 5.86 -3.62 -3.08
C THR A 115 7.01 -3.00 -2.31
N HIS A 116 7.11 -3.32 -1.03
CA HIS A 116 8.12 -2.70 -0.20
C HIS A 116 9.17 -3.72 0.25
N ILE A 117 10.41 -3.45 -0.10
CA ILE A 117 11.52 -4.33 0.22
C ILE A 117 12.47 -3.65 1.19
N LYS A 118 12.72 -4.32 2.30
CA LYS A 118 13.68 -3.85 3.29
C LYS A 118 15.08 -3.77 2.70
N VAL A 119 15.63 -2.57 2.75
CA VAL A 119 17.00 -2.31 2.31
C VAL A 119 18.00 -3.16 3.10
N ASP A 120 17.61 -3.52 4.31
CA ASP A 120 18.43 -4.37 5.17
C ASP A 120 18.21 -5.84 4.83
N ASP A 121 16.98 -6.29 4.95
CA ASP A 121 16.64 -7.68 4.68
C ASP A 121 15.60 -7.78 3.58
N PRO A 122 16.05 -7.94 2.34
CA PRO A 122 15.17 -8.12 1.19
C PRO A 122 14.49 -9.48 1.22
N THR A 123 14.88 -10.29 2.21
CA THR A 123 14.28 -11.58 2.43
C THR A 123 12.89 -11.42 3.03
N ASP A 124 12.70 -10.33 3.76
CA ASP A 124 11.42 -10.06 4.41
C ASP A 124 10.66 -8.99 3.63
N VAL A 125 10.48 -9.23 2.34
CA VAL A 125 9.69 -8.37 1.50
C VAL A 125 8.20 -8.51 1.84
N GLU A 126 7.41 -7.52 1.47
CA GLU A 126 5.97 -7.59 1.65
C GLU A 126 5.28 -6.70 0.63
N THR A 127 4.07 -7.07 0.23
CA THR A 127 3.35 -6.31 -0.78
C THR A 127 1.90 -6.10 -0.37
N TYR A 128 1.45 -4.86 -0.48
CA TYR A 128 0.07 -4.50 -0.23
C TYR A 128 -0.63 -4.32 -1.56
N GLU A 129 -1.93 -4.59 -1.65
CA GLU A 129 -2.63 -4.51 -2.91
C GLU A 129 -3.92 -3.74 -2.68
N TYR A 130 -4.14 -2.70 -3.46
CA TYR A 130 -5.27 -1.81 -3.25
C TYR A 130 -6.33 -1.99 -4.33
N ARG A 131 -7.49 -2.50 -3.93
CA ARG A 131 -8.61 -2.69 -4.85
C ARG A 131 -9.78 -1.81 -4.43
N ARG A 132 -10.71 -1.59 -5.35
CA ARG A 132 -11.95 -0.88 -5.02
C ARG A 132 -13.15 -1.79 -5.13
N ASP A 133 -14.01 -1.72 -4.12
CA ASP A 133 -15.28 -2.44 -4.12
C ASP A 133 -16.30 -1.67 -3.29
N GLY A 134 -17.13 -0.91 -3.97
CA GLY A 134 -18.09 -0.08 -3.27
C GLY A 134 -17.43 1.12 -2.63
N ASP A 135 -17.92 1.53 -1.46
CA ASP A 135 -17.36 2.65 -0.72
C ASP A 135 -16.20 2.16 0.15
N TYR A 136 -15.55 1.10 -0.32
CA TYR A 136 -14.47 0.49 0.43
C TYR A 136 -13.19 0.45 -0.38
N LEU A 137 -12.11 0.87 0.24
CA LEU A 137 -10.79 0.59 -0.28
C LEU A 137 -10.45 -0.82 0.17
N VAL A 138 -10.53 -1.76 -0.74
CA VAL A 138 -10.37 -3.16 -0.40
C VAL A 138 -8.92 -3.55 -0.57
N MET A 139 -8.22 -3.50 0.53
CA MET A 139 -6.80 -3.75 0.55
C MET A 139 -6.55 -5.22 0.78
N LYS A 140 -5.54 -5.76 0.11
CA LYS A 140 -5.27 -7.18 0.17
C LYS A 140 -3.81 -7.41 0.54
N MET A 141 -3.58 -8.39 1.38
CA MET A 141 -2.24 -8.77 1.79
C MET A 141 -2.14 -10.29 1.78
N SER A 142 -1.10 -10.83 1.19
CA SER A 142 -0.96 -12.28 1.14
C SER A 142 0.48 -12.71 1.40
N TRP A 143 0.63 -13.61 2.35
CA TRP A 143 1.93 -14.17 2.69
C TRP A 143 1.77 -15.62 3.13
N LYS A 144 2.64 -16.48 2.61
CA LYS A 144 2.58 -17.92 2.85
C LYS A 144 1.20 -18.48 2.48
N GLY A 145 0.68 -18.00 1.37
CA GLY A 145 -0.63 -18.46 0.91
C GLY A 145 -1.78 -17.86 1.69
N VAL A 146 -1.47 -17.14 2.76
CA VAL A 146 -2.50 -16.55 3.59
C VAL A 146 -2.91 -15.20 3.03
N SER A 147 -4.09 -15.15 2.43
CA SER A 147 -4.62 -13.92 1.92
C SER A 147 -5.61 -13.31 2.88
N THR A 148 -5.35 -12.08 3.25
CA THR A 148 -6.19 -11.36 4.18
C THR A 148 -6.81 -10.15 3.47
N SER A 149 -8.08 -9.92 3.71
CA SER A 149 -8.75 -8.76 3.14
C SER A 149 -8.89 -7.68 4.20
N ARG A 150 -8.30 -6.54 3.88
CA ARG A 150 -8.28 -5.40 4.78
C ARG A 150 -9.29 -4.36 4.28
N TYR A 151 -10.49 -4.40 4.84
CA TYR A 151 -11.59 -3.57 4.34
C TYR A 151 -11.55 -2.17 4.93
N TYR A 152 -11.20 -1.21 4.09
CA TYR A 152 -11.16 0.18 4.49
C TYR A 152 -12.43 0.88 4.09
N LYS A 153 -13.05 1.55 5.05
CA LYS A 153 -14.24 2.31 4.81
C LYS A 153 -13.86 3.77 4.75
N LYS A 154 -14.24 4.47 3.69
CA LYS A 154 -13.78 5.84 3.41
C LYS A 154 -13.85 6.78 4.63
N GLN A 155 -13.21 7.95 4.54
CA GLN A 155 -13.46 9.02 5.49
C GLN A 155 -14.75 9.75 5.14
N MET A 1 7.69 6.46 -38.93
CA MET A 1 8.64 7.58 -38.73
C MET A 1 8.33 8.34 -37.44
N ARG A 2 7.05 8.49 -37.12
CA ARG A 2 6.65 9.27 -35.96
C ARG A 2 6.65 8.44 -34.69
N GLY A 3 7.82 8.30 -34.11
CA GLY A 3 7.96 7.59 -32.85
C GLY A 3 8.50 8.50 -31.77
N SER A 4 7.88 9.67 -31.64
CA SER A 4 8.38 10.71 -30.77
C SER A 4 7.82 10.58 -29.35
N HIS A 5 6.71 9.86 -29.21
CA HIS A 5 6.09 9.69 -27.90
C HIS A 5 5.76 8.23 -27.63
N HIS A 6 6.75 7.47 -27.19
CA HIS A 6 6.53 6.10 -26.80
C HIS A 6 5.96 6.05 -25.40
N HIS A 7 4.71 5.60 -25.29
CA HIS A 7 4.01 5.58 -24.01
C HIS A 7 4.14 4.22 -23.34
N HIS A 8 5.36 3.87 -22.95
CA HIS A 8 5.60 2.64 -22.21
C HIS A 8 6.16 2.94 -20.83
N HIS A 9 7.25 3.70 -20.80
CA HIS A 9 7.84 4.12 -19.54
C HIS A 9 8.10 5.62 -19.54
N HIS A 10 7.74 6.29 -20.63
CA HIS A 10 7.87 7.73 -20.71
C HIS A 10 6.60 8.41 -20.22
N GLY A 11 6.35 8.29 -18.93
CA GLY A 11 5.14 8.81 -18.34
C GLY A 11 4.48 7.79 -17.44
N SER A 12 3.76 8.27 -16.45
CA SER A 12 3.12 7.39 -15.49
C SER A 12 1.68 7.09 -15.91
N LYS A 13 1.24 5.87 -15.63
CA LYS A 13 -0.16 5.52 -15.73
C LYS A 13 -0.91 6.35 -14.70
N THR A 14 -1.86 7.14 -15.15
CA THR A 14 -2.55 8.05 -14.25
C THR A 14 -3.40 7.28 -13.26
N LEU A 15 -3.27 7.62 -11.99
CA LEU A 15 -3.95 6.91 -10.92
C LEU A 15 -5.46 7.11 -11.01
N PRO A 16 -6.20 6.02 -11.15
CA PRO A 16 -7.66 6.04 -11.10
C PRO A 16 -8.13 6.66 -9.79
N ASP A 17 -8.91 7.74 -9.89
CA ASP A 17 -9.43 8.45 -8.72
C ASP A 17 -10.16 7.52 -7.78
N LYS A 18 -10.62 6.40 -8.32
CA LYS A 18 -11.30 5.37 -7.53
C LYS A 18 -10.44 4.89 -6.35
N PHE A 19 -9.12 5.02 -6.45
CA PHE A 19 -8.24 4.58 -5.37
C PHE A 19 -7.89 5.74 -4.46
N LEU A 20 -8.34 6.94 -4.81
CA LEU A 20 -7.91 8.13 -4.12
C LEU A 20 -8.90 8.54 -3.04
N GLY A 21 -8.40 9.27 -2.05
CA GLY A 21 -9.23 9.74 -0.97
C GLY A 21 -8.69 9.34 0.38
N THR A 22 -9.37 9.77 1.43
CA THR A 22 -9.02 9.39 2.78
C THR A 22 -9.97 8.30 3.26
N PHE A 23 -9.42 7.18 3.72
CA PHE A 23 -10.25 6.02 4.06
C PHE A 23 -10.14 5.64 5.54
N LYS A 24 -11.29 5.53 6.24
CA LYS A 24 -11.33 4.92 7.57
C LYS A 24 -11.09 3.41 7.47
N LEU A 25 -11.16 2.73 8.61
CA LEU A 25 -10.91 1.30 8.68
C LEU A 25 -12.10 0.65 9.36
N GLU A 26 -12.83 -0.17 8.63
CA GLU A 26 -14.02 -0.79 9.19
C GLU A 26 -13.69 -2.14 9.82
N ARG A 27 -12.97 -2.99 9.10
CA ARG A 27 -12.68 -4.33 9.58
C ARG A 27 -11.58 -4.99 8.76
N ASP A 28 -11.41 -6.29 8.95
CA ASP A 28 -10.38 -7.04 8.25
C ASP A 28 -10.88 -8.45 7.94
N GLU A 29 -9.99 -9.27 7.40
CA GLU A 29 -10.30 -10.66 7.10
C GLU A 29 -9.03 -11.50 7.09
N ASN A 30 -8.86 -12.35 8.11
CA ASN A 30 -7.73 -13.29 8.19
C ASN A 30 -6.42 -12.53 8.42
N PHE A 31 -6.53 -11.39 9.09
CA PHE A 31 -5.40 -10.47 9.26
C PHE A 31 -4.36 -11.05 10.23
N ASP A 32 -4.83 -11.62 11.34
CA ASP A 32 -3.94 -12.20 12.33
C ASP A 32 -3.09 -13.31 11.72
N GLU A 33 -3.72 -14.18 10.94
CA GLU A 33 -3.00 -15.28 10.29
C GLU A 33 -1.95 -14.76 9.32
N TYR A 34 -2.25 -13.66 8.64
CA TYR A 34 -1.26 -13.01 7.80
C TYR A 34 -0.07 -12.56 8.62
N LEU A 35 -0.33 -12.08 9.83
CA LEU A 35 0.73 -11.59 10.71
C LEU A 35 1.65 -12.73 11.11
N LYS A 36 1.07 -13.90 11.35
CA LYS A 36 1.84 -15.09 11.69
C LYS A 36 2.75 -15.46 10.53
N ALA A 37 2.19 -15.47 9.33
CA ALA A 37 2.93 -15.79 8.12
C ALA A 37 4.11 -14.84 7.93
N ARG A 38 3.87 -13.55 8.14
CA ARG A 38 4.90 -12.52 7.95
C ARG A 38 6.02 -12.62 8.98
N GLY A 39 5.81 -13.45 9.99
CA GLY A 39 6.84 -13.68 10.98
C GLY A 39 6.58 -12.93 12.27
N TYR A 40 5.42 -12.28 12.36
CA TYR A 40 5.08 -11.53 13.55
C TYR A 40 4.56 -12.48 14.64
N GLY A 41 5.22 -12.47 15.78
CA GLY A 41 4.81 -13.31 16.88
C GLY A 41 3.63 -12.72 17.63
N TRP A 42 3.32 -13.31 18.77
CA TRP A 42 2.17 -12.89 19.58
C TRP A 42 2.20 -11.39 19.85
N ILE A 43 3.37 -10.87 20.21
CA ILE A 43 3.51 -9.46 20.60
C ILE A 43 2.98 -8.57 19.52
N MET A 44 3.57 -8.71 18.35
CA MET A 44 3.23 -7.85 17.24
C MET A 44 1.79 -8.08 16.81
N ARG A 45 1.33 -9.32 16.86
CA ARG A 45 -0.03 -9.64 16.48
C ARG A 45 -1.04 -8.92 17.37
N GLN A 46 -0.63 -8.58 18.58
CA GLN A 46 -1.48 -7.80 19.47
C GLN A 46 -1.53 -6.36 18.99
N VAL A 47 -0.35 -5.80 18.73
CA VAL A 47 -0.21 -4.39 18.38
C VAL A 47 -0.83 -4.07 17.02
N ILE A 48 -0.32 -4.74 15.99
CA ILE A 48 -0.76 -4.57 14.60
C ILE A 48 -2.28 -4.60 14.44
N LYS A 49 -2.96 -5.45 15.21
CA LYS A 49 -4.42 -5.57 15.09
C LYS A 49 -5.14 -4.41 15.77
N LEU A 50 -4.47 -3.73 16.69
CA LEU A 50 -5.06 -2.61 17.41
C LEU A 50 -4.84 -1.30 16.65
N ALA A 51 -4.04 -1.37 15.60
CA ALA A 51 -3.72 -0.19 14.81
C ALA A 51 -4.84 0.16 13.85
N GLY A 52 -5.68 1.11 14.25
CA GLY A 52 -6.77 1.56 13.42
C GLY A 52 -6.31 2.52 12.34
N VAL A 53 -5.37 2.07 11.53
CA VAL A 53 -4.77 2.87 10.47
C VAL A 53 -5.79 3.46 9.48
N THR A 54 -5.44 4.63 8.99
CA THR A 54 -6.21 5.35 7.98
C THR A 54 -5.43 5.39 6.67
N LYS A 55 -6.05 4.93 5.58
CA LYS A 55 -5.39 4.96 4.28
C LYS A 55 -5.65 6.30 3.60
N LYS A 56 -4.61 6.87 3.01
CA LYS A 56 -4.74 8.15 2.34
C LYS A 56 -4.09 8.10 0.96
N PHE A 57 -4.90 8.27 -0.07
CA PHE A 57 -4.41 8.36 -1.42
C PHE A 57 -4.82 9.70 -2.02
N ARG A 58 -3.95 10.29 -2.83
CA ARG A 58 -4.24 11.58 -3.43
C ARG A 58 -3.20 11.93 -4.49
N ASN A 59 -3.47 13.01 -5.22
CA ASN A 59 -2.46 13.59 -6.12
C ASN A 59 -1.36 14.22 -5.27
N ALA A 60 -0.14 14.28 -5.81
CA ALA A 60 1.01 14.74 -5.04
C ALA A 60 0.73 16.06 -4.33
N ALA A 61 1.07 16.06 -3.06
CA ALA A 61 0.68 17.12 -2.14
C ALA A 61 1.24 18.48 -2.54
N SER A 62 2.47 18.49 -3.02
CA SER A 62 3.15 19.71 -3.42
C SER A 62 2.60 20.25 -4.75
N GLY A 63 1.47 19.71 -5.21
CA GLY A 63 0.93 20.11 -6.49
C GLY A 63 1.76 19.58 -7.63
N LYS A 64 2.55 18.56 -7.36
CA LYS A 64 3.41 17.95 -8.35
C LYS A 64 2.56 17.15 -9.33
N PRO A 65 2.57 17.51 -10.61
CA PRO A 65 1.75 16.84 -11.63
C PRO A 65 2.26 15.45 -11.96
N ASP A 66 1.31 14.56 -12.26
CA ASP A 66 1.59 13.18 -12.68
C ASP A 66 1.84 12.30 -11.46
N ARG A 67 2.77 12.74 -10.64
CA ARG A 67 3.06 12.08 -9.36
C ARG A 67 1.92 12.21 -8.37
N TYR A 68 1.80 11.20 -7.51
CA TYR A 68 0.75 11.14 -6.51
C TYR A 68 1.33 11.04 -5.10
N ASP A 69 0.45 11.01 -4.11
CA ASP A 69 0.84 10.97 -2.72
C ASP A 69 0.00 9.94 -1.98
N MET A 70 0.61 9.19 -1.09
CA MET A 70 -0.10 8.14 -0.35
C MET A 70 0.42 8.09 1.08
N GLU A 71 -0.46 7.91 2.04
CA GLU A 71 -0.06 7.95 3.44
C GLU A 71 -0.81 6.91 4.27
N ASN A 72 -0.13 6.42 5.30
CA ASN A 72 -0.70 5.43 6.21
C ASN A 72 -0.57 5.94 7.63
N LEU A 73 -1.65 6.46 8.17
CA LEU A 73 -1.65 6.97 9.53
C LEU A 73 -2.14 5.88 10.47
N THR A 74 -1.29 5.48 11.41
CA THR A 74 -1.62 4.39 12.30
C THR A 74 -1.56 4.87 13.74
N THR A 75 -1.53 3.94 14.67
CA THR A 75 -1.49 4.28 16.07
C THR A 75 -0.08 4.18 16.62
N LYS A 76 0.78 3.47 15.89
CA LYS A 76 2.14 3.21 16.34
C LYS A 76 3.16 4.02 15.55
N LYS A 77 2.94 4.15 14.26
CA LYS A 77 3.91 4.81 13.39
C LYS A 77 3.20 5.27 12.12
N ASP A 78 3.48 6.49 11.69
CA ASP A 78 2.80 7.05 10.53
C ASP A 78 3.76 7.13 9.36
N THR A 79 3.35 6.58 8.23
CA THR A 79 4.17 6.57 7.03
C THR A 79 3.58 7.49 5.99
N HIS A 80 4.41 8.16 5.22
CA HIS A 80 3.93 9.09 4.22
C HIS A 80 4.73 8.93 2.94
N HIS A 81 4.17 8.17 2.01
CA HIS A 81 4.77 7.99 0.70
C HIS A 81 4.53 9.26 -0.11
N LYS A 82 5.40 10.24 0.07
CA LYS A 82 5.23 11.53 -0.54
C LYS A 82 5.91 11.60 -1.91
N ASP A 83 5.13 12.01 -2.91
CA ASP A 83 5.63 12.28 -4.26
C ASP A 83 6.16 10.98 -4.90
N TRP A 84 5.24 10.10 -5.28
CA TRP A 84 5.63 8.85 -5.92
C TRP A 84 4.89 8.65 -7.23
N ALA A 85 5.43 7.76 -8.06
CA ALA A 85 4.76 7.36 -9.27
C ALA A 85 4.64 5.84 -9.32
N LEU A 86 3.59 5.32 -9.93
CA LEU A 86 3.55 3.89 -10.17
C LEU A 86 4.64 3.50 -11.15
N GLY A 87 5.20 2.32 -10.93
CA GLY A 87 6.39 1.91 -11.63
C GLY A 87 7.65 2.40 -10.94
N GLU A 88 7.47 3.17 -9.86
CA GLU A 88 8.61 3.76 -9.15
C GLU A 88 8.88 3.04 -7.83
N GLU A 89 10.13 3.11 -7.41
CA GLU A 89 10.59 2.48 -6.16
C GLU A 89 11.33 3.53 -5.33
N PHE A 90 10.83 3.80 -4.13
CA PHE A 90 11.35 4.87 -3.30
C PHE A 90 11.53 4.39 -1.86
N GLN A 91 12.39 5.07 -1.11
CA GLN A 91 12.58 4.73 0.30
C GLN A 91 11.55 5.44 1.14
N ASP A 92 11.22 4.86 2.28
CA ASP A 92 10.15 5.38 3.13
C ASP A 92 10.38 4.99 4.58
N GLU A 93 9.82 5.78 5.49
CA GLU A 93 9.92 5.51 6.92
C GLU A 93 8.72 4.67 7.33
N ALA A 94 8.86 3.38 7.17
CA ALA A 94 7.74 2.47 7.28
C ALA A 94 7.29 2.25 8.71
N LEU A 95 6.16 1.55 8.85
CA LEU A 95 5.57 1.30 10.18
C LEU A 95 6.58 0.64 11.10
N ASP A 96 7.48 -0.13 10.52
CA ASP A 96 8.44 -0.92 11.30
C ASP A 96 9.67 -0.08 11.64
N SER A 97 9.55 1.23 11.44
CA SER A 97 10.55 2.20 11.86
C SER A 97 11.88 1.98 11.14
N THR A 98 11.80 1.82 9.83
CA THR A 98 12.99 1.69 9.00
C THR A 98 12.88 2.59 7.80
N GLN A 99 13.98 2.75 7.08
CA GLN A 99 14.01 3.56 5.87
C GLN A 99 14.06 2.65 4.67
N HIS A 100 13.09 1.77 4.55
CA HIS A 100 13.18 0.72 3.55
C HIS A 100 12.49 1.11 2.26
N LYS A 101 12.82 0.40 1.20
CA LYS A 101 12.35 0.75 -0.11
C LYS A 101 10.97 0.21 -0.35
N ILE A 102 10.23 0.92 -1.18
CA ILE A 102 8.86 0.60 -1.47
C ILE A 102 8.57 0.89 -2.94
N THR A 103 7.89 -0.04 -3.59
CA THR A 103 7.53 0.12 -4.97
C THR A 103 6.01 0.21 -5.12
N PHE A 104 5.57 1.20 -5.86
CA PHE A 104 4.17 1.33 -6.21
C PHE A 104 4.01 0.99 -7.67
N ASP A 105 3.00 0.20 -7.99
CA ASP A 105 2.81 -0.25 -9.36
C ASP A 105 1.36 -0.66 -9.55
N LEU A 106 0.83 -0.46 -10.75
CA LEU A 106 -0.54 -0.85 -11.01
C LEU A 106 -0.58 -2.23 -11.65
N LYS A 107 -1.28 -3.13 -10.98
CA LYS A 107 -1.36 -4.51 -11.43
C LYS A 107 -2.48 -4.63 -12.46
N ASP A 108 -3.62 -4.05 -12.10
CA ASP A 108 -4.77 -3.97 -12.98
C ASP A 108 -5.41 -2.60 -12.78
N PRO A 109 -6.31 -2.18 -13.68
CA PRO A 109 -6.96 -0.86 -13.60
C PRO A 109 -7.96 -0.80 -12.44
N ASN A 110 -7.98 -1.84 -11.64
CA ASN A 110 -8.81 -1.90 -10.45
C ASN A 110 -8.01 -2.51 -9.29
N THR A 111 -6.69 -2.56 -9.45
CA THR A 111 -5.83 -3.09 -8.40
C THR A 111 -4.43 -2.47 -8.43
N LEU A 112 -4.16 -1.64 -7.44
CA LEU A 112 -2.84 -1.07 -7.21
C LEU A 112 -2.00 -2.08 -6.42
N THR A 113 -0.68 -2.06 -6.53
CA THR A 113 0.15 -2.92 -5.71
C THR A 113 1.25 -2.11 -5.01
N GLU A 114 1.39 -2.32 -3.71
CA GLU A 114 2.41 -1.65 -2.91
C GLU A 114 3.39 -2.69 -2.36
N THR A 115 4.62 -2.67 -2.87
CA THR A 115 5.61 -3.65 -2.47
C THR A 115 6.61 -3.04 -1.48
N HIS A 116 6.65 -3.58 -0.28
CA HIS A 116 7.60 -3.14 0.73
C HIS A 116 8.80 -4.06 0.76
N ILE A 117 9.99 -3.52 0.58
CA ILE A 117 11.20 -4.31 0.74
C ILE A 117 12.15 -3.66 1.73
N LYS A 118 12.38 -4.37 2.81
CA LYS A 118 13.32 -3.93 3.83
C LYS A 118 14.73 -3.77 3.26
N VAL A 119 15.24 -2.54 3.32
CA VAL A 119 16.59 -2.25 2.85
C VAL A 119 17.62 -2.97 3.72
N ASP A 120 17.20 -3.34 4.93
CA ASP A 120 18.05 -4.09 5.83
C ASP A 120 18.09 -5.56 5.44
N ASP A 121 16.91 -6.10 5.10
CA ASP A 121 16.79 -7.49 4.69
C ASP A 121 15.74 -7.62 3.61
N PRO A 122 16.17 -7.59 2.35
CA PRO A 122 15.28 -7.66 1.19
C PRO A 122 14.64 -9.03 1.01
N THR A 123 14.97 -9.95 1.90
CA THR A 123 14.35 -11.26 1.92
C THR A 123 12.93 -11.15 2.43
N ASP A 124 12.70 -10.12 3.23
CA ASP A 124 11.40 -9.88 3.83
C ASP A 124 10.57 -8.93 2.99
N VAL A 125 10.35 -9.29 1.73
CA VAL A 125 9.49 -8.56 0.84
C VAL A 125 8.05 -8.65 1.33
N GLU A 126 7.20 -7.72 0.90
CA GLU A 126 5.83 -7.66 1.36
C GLU A 126 4.98 -6.97 0.30
N THR A 127 3.79 -7.49 0.04
CA THR A 127 2.94 -6.92 -0.99
C THR A 127 1.52 -6.67 -0.50
N TYR A 128 1.10 -5.42 -0.60
CA TYR A 128 -0.28 -5.05 -0.42
C TYR A 128 -0.86 -4.82 -1.80
N GLU A 129 -2.16 -4.97 -1.99
CA GLU A 129 -2.75 -4.66 -3.28
C GLU A 129 -4.09 -3.95 -3.07
N TYR A 130 -4.21 -2.75 -3.62
CA TYR A 130 -5.37 -1.90 -3.37
C TYR A 130 -6.40 -2.02 -4.49
N ARG A 131 -7.53 -2.60 -4.15
CA ARG A 131 -8.63 -2.78 -5.07
C ARG A 131 -9.82 -1.95 -4.61
N ARG A 132 -10.58 -1.41 -5.54
CA ARG A 132 -11.74 -0.62 -5.17
C ARG A 132 -13.01 -1.43 -5.34
N ASP A 133 -13.54 -1.93 -4.24
CA ASP A 133 -14.77 -2.71 -4.28
C ASP A 133 -15.95 -1.82 -3.93
N GLY A 134 -16.43 -1.10 -4.92
CA GLY A 134 -17.55 -0.21 -4.74
C GLY A 134 -17.20 1.00 -3.90
N ASP A 135 -17.77 1.07 -2.72
CA ASP A 135 -17.58 2.22 -1.84
C ASP A 135 -16.39 1.99 -0.90
N TYR A 136 -15.89 0.76 -0.89
CA TYR A 136 -14.83 0.41 0.03
C TYR A 136 -13.50 0.23 -0.68
N LEU A 137 -12.46 0.79 -0.10
CA LEU A 137 -11.11 0.53 -0.54
C LEU A 137 -10.66 -0.78 0.08
N VAL A 138 -10.46 -1.78 -0.74
CA VAL A 138 -10.24 -3.12 -0.27
C VAL A 138 -8.86 -3.58 -0.68
N MET A 139 -8.10 -4.07 0.25
CA MET A 139 -6.73 -4.44 -0.04
C MET A 139 -6.45 -5.84 0.44
N LYS A 140 -5.55 -6.49 -0.25
CA LYS A 140 -5.19 -7.86 0.07
C LYS A 140 -3.71 -7.92 0.35
N MET A 141 -3.36 -8.60 1.43
CA MET A 141 -1.99 -8.80 1.82
C MET A 141 -1.78 -10.29 2.00
N SER A 142 -0.84 -10.87 1.26
CA SER A 142 -0.69 -12.32 1.29
C SER A 142 0.75 -12.73 1.55
N TRP A 143 0.90 -13.73 2.40
CA TRP A 143 2.20 -14.31 2.68
C TRP A 143 2.04 -15.78 3.02
N LYS A 144 2.88 -16.61 2.43
CA LYS A 144 2.81 -18.05 2.59
C LYS A 144 1.43 -18.59 2.21
N GLY A 145 0.81 -17.93 1.23
CA GLY A 145 -0.53 -18.29 0.83
C GLY A 145 -1.59 -17.67 1.72
N VAL A 146 -1.23 -17.42 2.97
CA VAL A 146 -2.14 -16.83 3.94
C VAL A 146 -2.43 -15.38 3.57
N SER A 147 -3.63 -15.14 3.07
CA SER A 147 -4.01 -13.85 2.60
C SER A 147 -4.96 -13.17 3.57
N THR A 148 -4.94 -11.86 3.57
CA THR A 148 -5.87 -11.07 4.35
C THR A 148 -6.41 -9.92 3.51
N SER A 149 -7.71 -9.68 3.63
CA SER A 149 -8.32 -8.53 2.98
C SER A 149 -8.72 -7.49 4.00
N ARG A 150 -7.97 -6.41 4.05
CA ARG A 150 -8.21 -5.32 4.97
C ARG A 150 -9.28 -4.40 4.38
N TYR A 151 -10.35 -4.18 5.13
CA TYR A 151 -11.50 -3.42 4.62
C TYR A 151 -11.44 -1.97 5.06
N TYR A 152 -11.21 -1.07 4.11
CA TYR A 152 -11.24 0.34 4.38
C TYR A 152 -12.42 0.99 3.68
N LYS A 153 -13.01 1.97 4.32
CA LYS A 153 -14.05 2.77 3.70
C LYS A 153 -13.55 4.20 3.66
N LYS A 154 -14.20 5.08 2.94
CA LYS A 154 -13.82 6.50 3.01
C LYS A 154 -13.91 7.01 4.47
N GLN A 155 -13.26 8.12 4.77
CA GLN A 155 -13.55 8.82 6.01
C GLN A 155 -14.77 9.72 5.82
N MET A 1 -10.45 9.80 -21.34
CA MET A 1 -9.40 10.80 -21.09
C MET A 1 -9.51 11.95 -22.08
N ARG A 2 -9.77 13.14 -21.58
CA ARG A 2 -9.87 14.34 -22.40
C ARG A 2 -9.09 15.48 -21.76
N GLY A 3 -8.74 16.47 -22.57
CA GLY A 3 -7.95 17.58 -22.10
C GLY A 3 -6.50 17.19 -21.89
N SER A 4 -6.10 16.08 -22.50
CA SER A 4 -4.77 15.55 -22.37
C SER A 4 -3.78 16.31 -23.23
N HIS A 5 -3.38 17.50 -22.78
CA HIS A 5 -2.41 18.32 -23.50
C HIS A 5 -1.00 17.97 -23.07
N HIS A 6 -0.79 16.72 -22.72
CA HIS A 6 0.52 16.26 -22.27
C HIS A 6 1.35 15.81 -23.47
N HIS A 7 2.02 16.75 -24.11
CA HIS A 7 2.85 16.45 -25.27
C HIS A 7 4.20 15.90 -24.84
N HIS A 8 4.47 15.98 -23.54
CA HIS A 8 5.67 15.39 -22.97
C HIS A 8 5.51 13.87 -22.90
N HIS A 9 4.25 13.43 -23.07
CA HIS A 9 3.88 12.01 -23.00
C HIS A 9 3.99 11.49 -21.58
N HIS A 10 2.87 11.08 -21.01
CA HIS A 10 2.86 10.56 -19.66
C HIS A 10 3.40 9.13 -19.66
N GLY A 11 4.69 8.99 -19.35
CA GLY A 11 5.28 7.68 -19.22
C GLY A 11 4.62 6.90 -18.10
N SER A 12 4.31 7.61 -17.03
CA SER A 12 3.50 7.06 -15.96
C SER A 12 2.03 7.16 -16.33
N LYS A 13 1.21 6.34 -15.71
CA LYS A 13 -0.22 6.45 -15.87
C LYS A 13 -0.80 7.21 -14.69
N THR A 14 -1.98 7.75 -14.87
CA THR A 14 -2.65 8.48 -13.82
C THR A 14 -3.49 7.57 -12.96
N LEU A 15 -3.35 7.70 -11.65
CA LEU A 15 -4.12 6.91 -10.69
C LEU A 15 -5.62 7.16 -10.84
N PRO A 16 -6.40 6.08 -11.04
CA PRO A 16 -7.86 6.15 -11.01
C PRO A 16 -8.35 6.71 -9.68
N ASP A 17 -9.27 7.68 -9.75
CA ASP A 17 -9.74 8.37 -8.56
C ASP A 17 -10.41 7.42 -7.57
N LYS A 18 -10.80 6.25 -8.04
CA LYS A 18 -11.37 5.24 -7.16
C LYS A 18 -10.36 4.77 -6.11
N PHE A 19 -9.07 4.88 -6.41
CA PHE A 19 -8.05 4.49 -5.45
C PHE A 19 -7.64 5.69 -4.62
N LEU A 20 -8.15 6.86 -4.98
CA LEU A 20 -7.75 8.10 -4.34
C LEU A 20 -8.75 8.52 -3.28
N GLY A 21 -8.27 9.30 -2.33
CA GLY A 21 -9.10 9.77 -1.24
C GLY A 21 -8.57 9.30 0.09
N THR A 22 -9.17 9.80 1.16
CA THR A 22 -8.80 9.37 2.49
C THR A 22 -9.80 8.32 2.99
N PHE A 23 -9.27 7.17 3.36
CA PHE A 23 -10.11 6.04 3.75
C PHE A 23 -9.93 5.70 5.24
N LYS A 24 -11.03 5.51 5.97
CA LYS A 24 -10.95 4.95 7.31
C LYS A 24 -11.09 3.43 7.26
N LEU A 25 -11.41 2.80 8.38
CA LEU A 25 -11.40 1.34 8.48
C LEU A 25 -12.70 0.89 9.12
N GLU A 26 -13.44 0.01 8.46
CA GLU A 26 -14.70 -0.48 9.00
C GLU A 26 -14.53 -1.84 9.67
N ARG A 27 -13.92 -2.79 8.95
CA ARG A 27 -13.76 -4.14 9.48
C ARG A 27 -12.48 -4.78 8.95
N ASP A 28 -12.27 -6.04 9.32
CA ASP A 28 -11.02 -6.73 9.03
C ASP A 28 -11.31 -8.20 8.74
N GLU A 29 -10.33 -8.93 8.19
CA GLU A 29 -10.53 -10.33 7.87
C GLU A 29 -9.20 -11.08 7.73
N ASN A 30 -8.96 -12.05 8.63
CA ASN A 30 -7.83 -12.99 8.53
C ASN A 30 -6.48 -12.30 8.75
N PHE A 31 -6.52 -11.18 9.46
CA PHE A 31 -5.33 -10.36 9.63
C PHE A 31 -4.38 -10.98 10.65
N ASP A 32 -4.93 -11.58 11.70
CA ASP A 32 -4.11 -12.23 12.71
C ASP A 32 -3.22 -13.31 12.10
N GLU A 33 -3.84 -14.18 11.29
CA GLU A 33 -3.11 -15.24 10.62
C GLU A 33 -2.05 -14.68 9.68
N TYR A 34 -2.37 -13.58 9.02
CA TYR A 34 -1.38 -12.88 8.19
C TYR A 34 -0.18 -12.46 9.05
N LEU A 35 -0.46 -12.01 10.27
CA LEU A 35 0.59 -11.54 11.17
C LEU A 35 1.44 -12.71 11.63
N LYS A 36 0.80 -13.84 11.87
CA LYS A 36 1.50 -15.06 12.28
C LYS A 36 2.43 -15.50 11.17
N ALA A 37 1.89 -15.56 9.95
CA ALA A 37 2.66 -15.90 8.77
C ALA A 37 3.82 -14.92 8.55
N ARG A 38 3.54 -13.65 8.81
CA ARG A 38 4.54 -12.59 8.65
C ARG A 38 5.69 -12.71 9.64
N GLY A 39 5.48 -13.52 10.68
CA GLY A 39 6.51 -13.71 11.68
C GLY A 39 6.33 -12.80 12.87
N TYR A 40 5.12 -12.30 13.07
CA TYR A 40 4.81 -11.48 14.22
C TYR A 40 4.34 -12.34 15.37
N GLY A 41 5.00 -12.20 16.51
CA GLY A 41 4.62 -12.95 17.69
C GLY A 41 3.37 -12.38 18.34
N TRP A 42 3.03 -12.91 19.51
CA TRP A 42 1.82 -12.50 20.21
C TRP A 42 1.75 -10.99 20.41
N ILE A 43 2.85 -10.38 20.84
CA ILE A 43 2.86 -8.96 21.18
C ILE A 43 2.45 -8.16 19.98
N MET A 44 3.17 -8.36 18.90
CA MET A 44 2.96 -7.60 17.71
C MET A 44 1.60 -7.92 17.10
N ARG A 45 1.16 -9.15 17.28
CA ARG A 45 -0.13 -9.58 16.78
C ARG A 45 -1.26 -8.91 17.56
N GLN A 46 -0.93 -8.47 18.77
CA GLN A 46 -1.87 -7.72 19.60
C GLN A 46 -1.86 -6.24 19.22
N VAL A 47 -0.74 -5.77 18.71
CA VAL A 47 -0.61 -4.36 18.35
C VAL A 47 -1.14 -4.12 16.94
N ILE A 48 -0.42 -4.67 15.97
CA ILE A 48 -0.69 -4.49 14.55
C ILE A 48 -2.15 -4.77 14.17
N LYS A 49 -2.75 -5.78 14.79
CA LYS A 49 -4.09 -6.21 14.45
C LYS A 49 -5.15 -5.28 15.03
N LEU A 50 -4.78 -4.54 16.06
CA LEU A 50 -5.72 -3.66 16.75
C LEU A 50 -5.46 -2.21 16.36
N ALA A 51 -4.44 -2.01 15.54
CA ALA A 51 -4.09 -0.68 15.08
C ALA A 51 -5.05 -0.21 14.01
N GLY A 52 -5.71 0.91 14.28
CA GLY A 52 -6.56 1.52 13.29
C GLY A 52 -5.73 2.12 12.18
N VAL A 53 -6.13 1.91 10.94
CA VAL A 53 -5.33 2.33 9.81
C VAL A 53 -6.12 3.27 8.91
N THR A 54 -5.54 4.42 8.65
CA THR A 54 -6.13 5.38 7.74
C THR A 54 -5.34 5.42 6.45
N LYS A 55 -5.93 4.89 5.40
CA LYS A 55 -5.29 4.83 4.08
C LYS A 55 -5.59 6.11 3.33
N LYS A 56 -4.56 6.89 2.99
CA LYS A 56 -4.80 8.14 2.31
C LYS A 56 -4.09 8.19 0.96
N PHE A 57 -4.87 8.39 -0.08
CA PHE A 57 -4.34 8.58 -1.42
C PHE A 57 -4.82 9.93 -1.96
N ARG A 58 -3.99 10.57 -2.78
CA ARG A 58 -4.37 11.82 -3.43
C ARG A 58 -3.23 12.34 -4.29
N ASN A 59 -3.44 13.48 -4.90
CA ASN A 59 -2.38 14.16 -5.65
C ASN A 59 -1.26 14.55 -4.70
N ALA A 60 -0.04 14.71 -5.22
CA ALA A 60 1.12 15.02 -4.39
C ALA A 60 0.84 16.23 -3.51
N ALA A 61 1.36 16.16 -2.29
CA ALA A 61 1.05 17.11 -1.23
C ALA A 61 1.14 18.57 -1.66
N SER A 62 2.31 18.98 -2.13
CA SER A 62 2.51 20.35 -2.53
C SER A 62 1.63 20.65 -3.74
N GLY A 63 1.53 19.66 -4.61
CA GLY A 63 0.63 19.75 -5.74
C GLY A 63 1.33 19.57 -7.07
N LYS A 64 2.47 18.88 -7.04
CA LYS A 64 3.22 18.61 -8.26
C LYS A 64 2.49 17.57 -9.10
N PRO A 65 2.27 17.86 -10.38
CA PRO A 65 1.52 16.97 -11.28
C PRO A 65 2.25 15.65 -11.53
N ASP A 66 1.43 14.61 -11.78
CA ASP A 66 1.89 13.26 -12.09
C ASP A 66 2.09 12.48 -10.81
N ARG A 67 2.97 12.99 -9.97
CA ARG A 67 3.21 12.39 -8.68
C ARG A 67 2.01 12.54 -7.74
N TYR A 68 1.79 11.50 -6.97
CA TYR A 68 0.68 11.45 -6.02
C TYR A 68 1.23 11.31 -4.60
N ASP A 69 0.31 11.27 -3.64
CA ASP A 69 0.66 11.20 -2.23
C ASP A 69 -0.09 10.05 -1.58
N MET A 70 0.61 9.25 -0.79
CA MET A 70 -0.02 8.12 -0.11
C MET A 70 0.47 8.08 1.33
N GLU A 71 -0.42 7.84 2.27
CA GLU A 71 -0.07 7.90 3.68
C GLU A 71 -0.85 6.88 4.50
N ASN A 72 -0.22 6.39 5.57
CA ASN A 72 -0.84 5.44 6.48
C ASN A 72 -0.73 5.94 7.90
N LEU A 73 -1.83 6.43 8.44
CA LEU A 73 -1.87 6.88 9.81
C LEU A 73 -2.50 5.81 10.69
N THR A 74 -1.78 5.37 11.70
CA THR A 74 -2.25 4.29 12.53
C THR A 74 -2.27 4.70 14.00
N THR A 75 -2.14 3.74 14.88
CA THR A 75 -2.15 4.00 16.30
C THR A 75 -0.74 3.98 16.86
N LYS A 76 0.10 3.11 16.32
CA LYS A 76 1.44 2.91 16.85
C LYS A 76 2.50 3.22 15.80
N LYS A 77 2.09 3.70 14.64
CA LYS A 77 3.04 3.99 13.58
C LYS A 77 2.57 5.20 12.76
N ASP A 78 3.06 5.26 11.53
CA ASP A 78 2.93 6.43 10.66
C ASP A 78 3.87 6.24 9.48
N THR A 79 3.33 6.43 8.30
CA THR A 79 4.11 6.35 7.07
C THR A 79 3.55 7.32 6.07
N HIS A 80 4.41 7.98 5.33
CA HIS A 80 3.96 8.97 4.38
C HIS A 80 4.80 8.88 3.12
N HIS A 81 4.26 8.18 2.14
CA HIS A 81 4.91 8.07 0.83
C HIS A 81 4.79 9.41 0.12
N LYS A 82 5.78 10.27 0.36
CA LYS A 82 5.80 11.61 -0.19
C LYS A 82 6.24 11.64 -1.64
N ASP A 83 5.32 12.06 -2.51
CA ASP A 83 5.62 12.38 -3.89
C ASP A 83 6.15 11.17 -4.67
N TRP A 84 5.24 10.28 -5.02
CA TRP A 84 5.58 9.12 -5.83
C TRP A 84 4.76 9.11 -7.11
N ALA A 85 5.36 8.64 -8.19
CA ALA A 85 4.64 8.53 -9.45
C ALA A 85 4.22 7.08 -9.68
N LEU A 86 3.08 6.89 -10.32
CA LEU A 86 2.64 5.56 -10.70
C LEU A 86 3.70 4.89 -11.58
N GLY A 87 4.22 3.76 -11.09
CA GLY A 87 5.29 3.09 -11.77
C GLY A 87 6.66 3.57 -11.31
N GLU A 88 6.72 4.14 -10.11
CA GLU A 88 7.97 4.68 -9.59
C GLU A 88 8.39 3.98 -8.30
N GLU A 89 9.65 3.58 -8.25
CA GLU A 89 10.24 2.94 -7.08
C GLU A 89 11.00 3.97 -6.26
N PHE A 90 10.62 4.13 -5.00
CA PHE A 90 11.24 5.10 -4.12
C PHE A 90 11.57 4.45 -2.77
N GLN A 91 12.51 5.02 -2.04
CA GLN A 91 12.81 4.53 -0.69
C GLN A 91 11.95 5.27 0.32
N ASP A 92 11.65 4.61 1.43
CA ASP A 92 10.64 5.11 2.36
C ASP A 92 10.87 4.53 3.76
N GLU A 93 10.30 5.18 4.77
CA GLU A 93 10.37 4.67 6.13
C GLU A 93 9.05 3.99 6.47
N ALA A 94 8.99 2.73 6.13
CA ALA A 94 7.74 2.00 6.10
C ALA A 94 7.26 1.62 7.50
N LEU A 95 6.04 1.09 7.56
CA LEU A 95 5.40 0.74 8.82
C LEU A 95 6.29 -0.17 9.65
N ASP A 96 7.03 -1.01 8.97
CA ASP A 96 7.87 -2.02 9.60
C ASP A 96 9.18 -1.44 10.16
N SER A 97 9.18 -0.12 10.37
CA SER A 97 10.19 0.57 11.16
C SER A 97 11.59 0.50 10.55
N THR A 98 11.65 0.41 9.23
CA THR A 98 12.92 0.38 8.52
C THR A 98 12.83 1.23 7.28
N GLN A 99 13.99 1.58 6.73
CA GLN A 99 14.05 2.32 5.49
C GLN A 99 14.29 1.33 4.38
N HIS A 100 13.39 1.22 3.44
CA HIS A 100 13.56 0.26 2.37
C HIS A 100 12.84 0.68 1.11
N LYS A 101 13.11 -0.05 0.03
CA LYS A 101 12.62 0.31 -1.27
C LYS A 101 11.14 -0.03 -1.41
N ILE A 102 10.42 0.82 -2.11
CA ILE A 102 9.00 0.65 -2.34
C ILE A 102 8.64 1.03 -3.75
N THR A 103 7.93 0.15 -4.44
CA THR A 103 7.43 0.44 -5.77
C THR A 103 5.91 0.58 -5.73
N PHE A 104 5.43 1.65 -6.33
CA PHE A 104 3.99 1.86 -6.49
C PHE A 104 3.64 1.80 -7.95
N ASP A 105 2.67 0.97 -8.30
CA ASP A 105 2.29 0.80 -9.68
C ASP A 105 0.93 0.11 -9.78
N LEU A 106 0.42 0.03 -10.99
CA LEU A 106 -0.86 -0.62 -11.22
C LEU A 106 -0.65 -1.94 -11.94
N LYS A 107 -1.08 -3.01 -11.31
CA LYS A 107 -0.93 -4.34 -11.86
C LYS A 107 -2.11 -4.62 -12.78
N ASP A 108 -3.28 -4.31 -12.26
CA ASP A 108 -4.51 -4.35 -13.02
C ASP A 108 -5.27 -3.06 -12.77
N PRO A 109 -6.26 -2.71 -13.60
CA PRO A 109 -7.03 -1.48 -13.45
C PRO A 109 -7.94 -1.52 -12.22
N ASN A 110 -7.80 -2.57 -11.44
CA ASN A 110 -8.54 -2.74 -10.20
C ASN A 110 -7.59 -3.18 -9.09
N THR A 111 -6.29 -3.00 -9.30
CA THR A 111 -5.30 -3.44 -8.33
C THR A 111 -4.02 -2.60 -8.40
N LEU A 112 -3.84 -1.75 -7.39
CA LEU A 112 -2.61 -0.99 -7.20
C LEU A 112 -1.66 -1.84 -6.37
N THR A 113 -0.39 -1.91 -6.72
CA THR A 113 0.54 -2.75 -5.98
C THR A 113 1.64 -1.93 -5.33
N GLU A 114 1.89 -2.22 -4.05
CA GLU A 114 3.02 -1.66 -3.33
C GLU A 114 4.05 -2.75 -3.07
N THR A 115 5.11 -2.78 -3.85
CA THR A 115 6.17 -3.75 -3.67
C THR A 115 7.24 -3.16 -2.76
N HIS A 116 7.25 -3.59 -1.50
CA HIS A 116 8.19 -3.03 -0.54
C HIS A 116 9.19 -4.08 -0.08
N ILE A 117 10.45 -3.84 -0.42
CA ILE A 117 11.55 -4.75 -0.14
C ILE A 117 12.56 -4.12 0.81
N LYS A 118 12.90 -4.85 1.86
CA LYS A 118 13.96 -4.44 2.77
C LYS A 118 15.29 -4.29 2.03
N VAL A 119 15.73 -3.04 1.88
CA VAL A 119 17.02 -2.75 1.25
C VAL A 119 18.18 -3.41 1.99
N ASP A 120 17.98 -3.71 3.26
CA ASP A 120 19.03 -4.28 4.09
C ASP A 120 18.94 -5.81 4.11
N ASP A 121 17.73 -6.34 4.32
CA ASP A 121 17.51 -7.79 4.26
C ASP A 121 16.30 -8.09 3.40
N PRO A 122 16.52 -8.25 2.10
CA PRO A 122 15.45 -8.45 1.12
C PRO A 122 14.76 -9.82 1.25
N THR A 123 14.91 -10.42 2.41
CA THR A 123 14.21 -11.65 2.72
C THR A 123 12.83 -11.34 3.28
N ASP A 124 12.71 -10.20 3.96
CA ASP A 124 11.44 -9.83 4.60
C ASP A 124 10.65 -8.86 3.72
N VAL A 125 10.45 -9.25 2.48
CA VAL A 125 9.68 -8.45 1.54
C VAL A 125 8.18 -8.70 1.69
N GLU A 126 7.38 -7.86 1.03
CA GLU A 126 5.94 -8.08 0.93
C GLU A 126 5.36 -7.18 -0.15
N THR A 127 4.19 -7.52 -0.62
CA THR A 127 3.50 -6.72 -1.62
C THR A 127 2.05 -6.48 -1.20
N TYR A 128 1.72 -5.22 -0.98
CA TYR A 128 0.34 -4.85 -0.64
C TYR A 128 -0.40 -4.59 -1.93
N GLU A 129 -1.67 -4.95 -2.02
CA GLU A 129 -2.38 -4.85 -3.28
C GLU A 129 -3.73 -4.18 -3.00
N TYR A 130 -3.93 -3.01 -3.58
CA TYR A 130 -5.12 -2.23 -3.33
C TYR A 130 -6.20 -2.53 -4.38
N ARG A 131 -7.29 -3.11 -3.94
CA ARG A 131 -8.38 -3.46 -4.83
C ARG A 131 -9.65 -2.71 -4.43
N ARG A 132 -10.52 -2.44 -5.40
CA ARG A 132 -11.76 -1.74 -5.13
C ARG A 132 -12.95 -2.68 -5.22
N ASP A 133 -13.79 -2.66 -4.20
CA ASP A 133 -15.02 -3.46 -4.19
C ASP A 133 -16.19 -2.56 -3.80
N GLY A 134 -17.05 -2.29 -4.78
CA GLY A 134 -18.14 -1.37 -4.54
C GLY A 134 -17.65 0.06 -4.43
N ASP A 135 -17.56 0.54 -3.20
CA ASP A 135 -16.99 1.86 -2.94
C ASP A 135 -16.02 1.77 -1.76
N TYR A 136 -15.51 0.58 -1.54
CA TYR A 136 -14.57 0.34 -0.46
C TYR A 136 -13.18 0.05 -0.99
N LEU A 137 -12.17 0.58 -0.33
CA LEU A 137 -10.80 0.25 -0.62
C LEU A 137 -10.46 -1.04 0.11
N VAL A 138 -10.26 -2.10 -0.66
CA VAL A 138 -10.06 -3.41 -0.08
C VAL A 138 -8.60 -3.77 -0.11
N MET A 139 -8.01 -3.92 1.06
CA MET A 139 -6.61 -4.19 1.17
C MET A 139 -6.34 -5.67 0.99
N LYS A 140 -5.50 -6.01 0.04
CA LYS A 140 -5.19 -7.39 -0.27
C LYS A 140 -3.74 -7.67 0.08
N MET A 141 -3.53 -8.47 1.12
CA MET A 141 -2.20 -8.82 1.58
C MET A 141 -2.12 -10.33 1.76
N SER A 142 -0.96 -10.90 1.54
CA SER A 142 -0.81 -12.35 1.63
C SER A 142 0.64 -12.76 1.84
N TRP A 143 0.88 -13.56 2.86
CA TRP A 143 2.23 -14.02 3.17
C TRP A 143 2.18 -15.48 3.61
N LYS A 144 3.11 -16.27 3.08
CA LYS A 144 3.13 -17.72 3.31
C LYS A 144 1.78 -18.35 2.98
N GLY A 145 1.14 -17.85 1.93
CA GLY A 145 -0.13 -18.39 1.50
C GLY A 145 -1.31 -17.87 2.32
N VAL A 146 -1.03 -17.19 3.43
CA VAL A 146 -2.09 -16.67 4.28
C VAL A 146 -2.49 -15.28 3.81
N SER A 147 -3.65 -15.21 3.17
CA SER A 147 -4.15 -13.95 2.66
C SER A 147 -5.06 -13.27 3.68
N THR A 148 -5.09 -11.96 3.61
CA THR A 148 -5.95 -11.15 4.45
C THR A 148 -6.55 -10.02 3.62
N SER A 149 -7.74 -9.59 3.98
CA SER A 149 -8.40 -8.51 3.26
C SER A 149 -9.04 -7.54 4.25
N ARG A 150 -8.33 -6.47 4.56
CA ARG A 150 -8.86 -5.46 5.45
C ARG A 150 -9.80 -4.56 4.66
N TYR A 151 -10.94 -4.22 5.26
CA TYR A 151 -11.94 -3.45 4.56
C TYR A 151 -11.89 -1.99 4.95
N TYR A 152 -11.39 -1.18 4.04
CA TYR A 152 -11.27 0.24 4.26
C TYR A 152 -12.37 0.97 3.49
N LYS A 153 -12.99 1.92 4.14
CA LYS A 153 -13.99 2.76 3.51
C LYS A 153 -13.45 4.15 3.42
N LYS A 154 -14.08 5.03 2.67
CA LYS A 154 -13.73 6.45 2.71
C LYS A 154 -13.80 6.99 4.16
N GLN A 155 -13.24 8.15 4.40
CA GLN A 155 -13.49 8.85 5.66
C GLN A 155 -14.88 9.47 5.66
N MET A 1 -0.15 2.12 -35.65
CA MET A 1 -1.43 2.54 -35.03
C MET A 1 -1.67 1.81 -33.71
N ARG A 2 -0.72 0.96 -33.31
CA ARG A 2 -0.85 0.22 -32.07
C ARG A 2 -0.56 1.11 -30.86
N GLY A 3 0.59 1.77 -30.90
CA GLY A 3 0.95 2.71 -29.86
C GLY A 3 0.39 4.09 -30.14
N SER A 4 -0.68 4.44 -29.45
CA SER A 4 -1.31 5.74 -29.63
C SER A 4 -0.37 6.86 -29.23
N HIS A 5 -0.26 7.87 -30.09
CA HIS A 5 0.59 9.02 -29.82
C HIS A 5 0.10 9.77 -28.59
N HIS A 6 -1.20 9.73 -28.38
CA HIS A 6 -1.77 10.20 -27.13
C HIS A 6 -1.74 9.05 -26.13
N HIS A 7 -0.73 9.07 -25.29
CA HIS A 7 -0.42 7.94 -24.41
C HIS A 7 -1.50 7.68 -23.39
N HIS A 8 -2.38 6.73 -23.69
CA HIS A 8 -3.39 6.28 -22.73
C HIS A 8 -2.73 5.31 -21.77
N HIS A 9 -1.81 4.53 -22.33
CA HIS A 9 -0.99 3.62 -21.55
C HIS A 9 0.42 3.64 -22.11
N HIS A 10 1.39 3.97 -21.27
CA HIS A 10 2.76 4.08 -21.71
C HIS A 10 3.69 3.45 -20.68
N GLY A 11 3.52 2.16 -20.47
CA GLY A 11 4.33 1.44 -19.51
C GLY A 11 3.71 1.49 -18.12
N SER A 12 3.72 2.67 -17.53
CA SER A 12 3.12 2.86 -16.22
C SER A 12 1.69 3.35 -16.36
N LYS A 13 0.77 2.65 -15.72
CA LYS A 13 -0.63 3.04 -15.72
C LYS A 13 -0.88 4.09 -14.65
N THR A 14 -1.33 5.26 -15.07
CA THR A 14 -1.55 6.38 -14.16
C THR A 14 -2.63 6.01 -13.14
N LEU A 15 -2.43 6.47 -11.90
CA LEU A 15 -3.30 6.08 -10.79
C LEU A 15 -4.75 6.47 -11.04
N PRO A 16 -5.64 5.49 -11.12
CA PRO A 16 -7.08 5.71 -11.21
C PRO A 16 -7.60 6.53 -10.04
N ASP A 17 -8.33 7.59 -10.35
CA ASP A 17 -8.89 8.49 -9.34
C ASP A 17 -9.74 7.74 -8.32
N LYS A 18 -10.28 6.60 -8.72
CA LYS A 18 -11.08 5.76 -7.84
C LYS A 18 -10.30 5.30 -6.61
N PHE A 19 -8.98 5.35 -6.66
CA PHE A 19 -8.15 4.94 -5.53
C PHE A 19 -7.74 6.13 -4.67
N LEU A 20 -8.26 7.31 -4.99
CA LEU A 20 -7.84 8.52 -4.31
C LEU A 20 -8.83 8.94 -3.24
N GLY A 21 -8.31 9.47 -2.14
CA GLY A 21 -9.14 9.92 -1.04
C GLY A 21 -8.65 9.39 0.30
N THR A 22 -9.36 9.75 1.36
CA THR A 22 -9.04 9.28 2.70
C THR A 22 -10.05 8.23 3.14
N PHE A 23 -9.55 7.06 3.48
CA PHE A 23 -10.40 5.93 3.86
C PHE A 23 -10.10 5.48 5.29
N LYS A 24 -11.15 5.25 6.10
CA LYS A 24 -10.91 4.70 7.43
C LYS A 24 -11.13 3.17 7.44
N LEU A 25 -10.19 2.47 8.06
CA LEU A 25 -10.30 1.03 8.25
C LEU A 25 -11.55 0.69 9.06
N GLU A 26 -12.35 -0.23 8.54
CA GLU A 26 -13.53 -0.68 9.25
C GLU A 26 -13.30 -2.06 9.86
N ARG A 27 -12.83 -2.99 9.05
CA ARG A 27 -12.69 -4.38 9.47
C ARG A 27 -11.60 -5.08 8.67
N ASP A 28 -11.39 -6.36 8.95
CA ASP A 28 -10.40 -7.16 8.24
C ASP A 28 -10.85 -8.61 8.14
N GLU A 29 -10.05 -9.42 7.45
CA GLU A 29 -10.36 -10.83 7.27
C GLU A 29 -9.07 -11.65 7.18
N ASN A 30 -8.84 -12.51 8.17
CA ASN A 30 -7.70 -13.44 8.17
C ASN A 30 -6.38 -12.70 8.42
N PHE A 31 -6.48 -11.55 9.07
CA PHE A 31 -5.33 -10.69 9.30
C PHE A 31 -4.40 -11.28 10.35
N ASP A 32 -5.01 -11.90 11.37
CA ASP A 32 -4.26 -12.60 12.41
C ASP A 32 -3.28 -13.60 11.81
N GLU A 33 -3.82 -14.53 11.03
CA GLU A 33 -3.01 -15.54 10.34
C GLU A 33 -1.89 -14.88 9.55
N TYR A 34 -2.21 -13.79 8.86
CA TYR A 34 -1.22 -13.04 8.09
C TYR A 34 -0.07 -12.56 8.99
N LEU A 35 -0.41 -12.09 10.19
CA LEU A 35 0.59 -11.58 11.12
C LEU A 35 1.57 -12.67 11.52
N LYS A 36 1.04 -13.84 11.81
CA LYS A 36 1.87 -14.98 12.20
C LYS A 36 2.74 -15.44 11.03
N ALA A 37 2.15 -15.45 9.84
CA ALA A 37 2.87 -15.83 8.63
C ALA A 37 4.02 -14.86 8.34
N ARG A 38 3.77 -13.58 8.58
CA ARG A 38 4.78 -12.55 8.36
C ARG A 38 5.86 -12.56 9.43
N GLY A 39 5.65 -13.39 10.45
CA GLY A 39 6.67 -13.58 11.47
C GLY A 39 6.48 -12.67 12.66
N TYR A 40 5.32 -12.02 12.74
CA TYR A 40 5.04 -11.14 13.86
C TYR A 40 4.74 -11.97 15.10
N GLY A 41 5.49 -11.70 16.16
CA GLY A 41 5.26 -12.38 17.42
C GLY A 41 4.13 -11.74 18.19
N TRP A 42 3.87 -12.24 19.39
CA TRP A 42 2.77 -11.76 20.22
C TRP A 42 2.74 -10.24 20.30
N ILE A 43 3.92 -9.65 20.54
CA ILE A 43 4.03 -8.22 20.77
C ILE A 43 3.35 -7.47 19.67
N MET A 44 3.83 -7.70 18.46
CA MET A 44 3.32 -6.96 17.35
C MET A 44 1.89 -7.34 17.04
N ARG A 45 1.57 -8.63 17.14
CA ARG A 45 0.24 -9.10 16.82
C ARG A 45 -0.81 -8.39 17.67
N GLN A 46 -0.55 -8.21 18.96
CA GLN A 46 -1.51 -7.59 19.85
C GLN A 46 -1.60 -6.08 19.59
N VAL A 47 -0.46 -5.47 19.27
CA VAL A 47 -0.42 -4.05 18.97
C VAL A 47 -1.10 -3.75 17.64
N ILE A 48 -0.67 -4.49 16.62
CA ILE A 48 -1.19 -4.35 15.26
C ILE A 48 -2.72 -4.46 15.20
N LYS A 49 -3.29 -5.37 15.99
CA LYS A 49 -4.74 -5.52 16.04
C LYS A 49 -5.43 -4.27 16.58
N LEU A 50 -4.78 -3.61 17.54
CA LEU A 50 -5.37 -2.48 18.24
C LEU A 50 -5.11 -1.17 17.50
N ALA A 51 -4.33 -1.25 16.44
CA ALA A 51 -3.95 -0.06 15.69
C ALA A 51 -5.04 0.33 14.70
N GLY A 52 -5.69 1.46 14.96
CA GLY A 52 -6.62 2.02 14.00
C GLY A 52 -5.89 2.53 12.78
N VAL A 53 -6.41 2.26 11.60
CA VAL A 53 -5.68 2.56 10.36
C VAL A 53 -6.47 3.50 9.46
N THR A 54 -5.81 4.57 9.05
CA THR A 54 -6.37 5.48 8.08
C THR A 54 -5.51 5.51 6.82
N LYS A 55 -6.11 5.14 5.68
CA LYS A 55 -5.40 5.14 4.40
C LYS A 55 -5.72 6.42 3.65
N LYS A 56 -4.70 7.04 3.08
CA LYS A 56 -4.90 8.30 2.36
C LYS A 56 -4.20 8.28 1.01
N PHE A 57 -4.93 8.69 -0.02
CA PHE A 57 -4.37 8.88 -1.34
C PHE A 57 -4.77 10.26 -1.86
N ARG A 58 -3.86 10.91 -2.57
CA ARG A 58 -4.18 12.17 -3.23
C ARG A 58 -3.15 12.48 -4.30
N ASN A 59 -3.47 13.44 -5.15
CA ASN A 59 -2.54 13.96 -6.13
C ASN A 59 -1.45 14.73 -5.40
N ALA A 60 -0.19 14.53 -5.77
CA ALA A 60 0.91 15.15 -5.04
C ALA A 60 1.00 16.65 -5.31
N ALA A 61 1.90 17.31 -4.61
CA ALA A 61 2.01 18.75 -4.68
C ALA A 61 3.45 19.18 -4.95
N SER A 62 4.37 18.24 -4.77
CA SER A 62 5.78 18.43 -5.08
C SER A 62 5.97 18.99 -6.50
N GLY A 63 4.97 18.77 -7.36
CA GLY A 63 4.96 19.41 -8.67
C GLY A 63 5.54 18.55 -9.78
N LYS A 64 5.82 17.28 -9.51
CA LYS A 64 6.33 16.38 -10.55
C LYS A 64 5.23 15.46 -11.04
N PRO A 65 4.67 15.72 -12.23
CA PRO A 65 3.43 15.06 -12.70
C PRO A 65 3.48 13.54 -12.57
N ASP A 66 2.29 12.95 -12.40
CA ASP A 66 2.09 11.51 -12.14
C ASP A 66 2.26 11.25 -10.65
N ARG A 67 2.95 12.17 -9.99
CA ARG A 67 3.05 12.25 -8.54
C ARG A 67 1.71 12.01 -7.83
N TYR A 68 1.75 11.19 -6.80
CA TYR A 68 0.65 11.08 -5.87
C TYR A 68 1.21 10.97 -4.45
N ASP A 69 0.37 11.30 -3.48
CA ASP A 69 0.75 11.24 -2.08
C ASP A 69 -0.13 10.21 -1.39
N MET A 70 0.47 9.35 -0.59
CA MET A 70 -0.27 8.28 0.06
C MET A 70 0.26 8.04 1.46
N GLU A 71 -0.64 7.79 2.39
CA GLU A 71 -0.26 7.59 3.79
C GLU A 71 -0.90 6.33 4.37
N ASN A 72 -0.13 5.64 5.19
CA ASN A 72 -0.63 4.50 5.94
C ASN A 72 -0.60 4.89 7.41
N LEU A 73 -1.64 5.55 7.87
CA LEU A 73 -1.66 6.08 9.22
C LEU A 73 -2.20 5.06 10.20
N THR A 74 -1.54 4.93 11.33
CA THR A 74 -1.92 3.98 12.35
C THR A 74 -1.84 4.64 13.72
N THR A 75 -1.73 3.85 14.76
CA THR A 75 -1.63 4.39 16.11
C THR A 75 -0.19 4.36 16.61
N LYS A 76 0.65 3.57 15.98
CA LYS A 76 2.02 3.39 16.43
C LYS A 76 3.01 3.97 15.43
N LYS A 77 2.92 3.54 14.19
CA LYS A 77 3.81 3.99 13.16
C LYS A 77 3.03 4.50 11.96
N ASP A 78 3.31 5.72 11.55
CA ASP A 78 2.63 6.31 10.41
C ASP A 78 3.62 6.46 9.27
N THR A 79 3.13 6.39 8.04
CA THR A 79 3.99 6.53 6.88
C THR A 79 3.47 7.64 5.99
N HIS A 80 4.37 8.25 5.24
CA HIS A 80 4.00 9.34 4.36
C HIS A 80 4.69 9.19 3.01
N HIS A 81 4.10 8.38 2.14
CA HIS A 81 4.63 8.19 0.81
C HIS A 81 4.33 9.44 -0.02
N LYS A 82 5.23 10.41 0.02
CA LYS A 82 5.03 11.65 -0.70
C LYS A 82 5.59 11.60 -2.12
N ASP A 83 4.77 12.11 -3.04
CA ASP A 83 5.12 12.29 -4.46
C ASP A 83 5.79 11.06 -5.07
N TRP A 84 5.06 9.96 -5.06
CA TRP A 84 5.49 8.75 -5.75
C TRP A 84 4.79 8.66 -7.08
N ALA A 85 5.45 8.05 -8.06
CA ALA A 85 4.87 7.88 -9.37
C ALA A 85 4.72 6.40 -9.68
N LEU A 86 3.77 6.08 -10.54
CA LEU A 86 3.60 4.71 -11.01
C LEU A 86 4.87 4.21 -11.70
N GLY A 87 5.33 3.05 -11.26
CA GLY A 87 6.54 2.48 -11.80
C GLY A 87 7.78 3.00 -11.10
N GLU A 88 7.56 3.77 -10.04
CA GLU A 88 8.66 4.36 -9.29
C GLU A 88 8.93 3.61 -8.00
N GLU A 89 10.18 3.65 -7.58
CA GLU A 89 10.66 2.96 -6.40
C GLU A 89 11.46 3.94 -5.56
N PHE A 90 11.00 4.18 -4.34
CA PHE A 90 11.65 5.15 -3.47
C PHE A 90 11.92 4.53 -2.11
N GLN A 91 12.95 5.01 -1.43
CA GLN A 91 13.21 4.55 -0.07
C GLN A 91 12.37 5.35 0.89
N ASP A 92 11.95 4.73 1.97
CA ASP A 92 10.98 5.33 2.88
C ASP A 92 10.97 4.59 4.21
N GLU A 93 10.36 5.20 5.21
CA GLU A 93 10.25 4.59 6.52
C GLU A 93 8.86 4.02 6.68
N ALA A 94 8.75 2.73 6.45
CA ALA A 94 7.46 2.08 6.37
C ALA A 94 6.92 1.66 7.74
N LEU A 95 5.70 1.11 7.76
CA LEU A 95 5.07 0.66 8.99
C LEU A 95 5.99 -0.32 9.70
N ASP A 96 6.65 -1.15 8.91
CA ASP A 96 7.46 -2.24 9.43
C ASP A 96 8.78 -1.71 10.00
N SER A 97 8.87 -0.38 10.08
CA SER A 97 9.93 0.31 10.79
C SER A 97 11.29 0.06 10.15
N THR A 98 11.32 0.02 8.83
CA THR A 98 12.55 -0.10 8.08
C THR A 98 12.71 1.05 7.12
N GLN A 99 13.94 1.27 6.68
CA GLN A 99 14.25 2.29 5.69
C GLN A 99 14.54 1.60 4.38
N HIS A 100 13.51 1.21 3.67
CA HIS A 100 13.68 0.26 2.59
C HIS A 100 13.13 0.81 1.28
N LYS A 101 13.35 0.09 0.19
CA LYS A 101 12.91 0.53 -1.11
C LYS A 101 11.46 0.11 -1.35
N ILE A 102 10.68 1.03 -1.88
CA ILE A 102 9.25 0.87 -2.01
C ILE A 102 8.79 1.21 -3.41
N THR A 103 8.08 0.30 -4.04
CA THR A 103 7.61 0.50 -5.39
C THR A 103 6.08 0.53 -5.46
N PHE A 104 5.56 1.40 -6.31
CA PHE A 104 4.14 1.47 -6.57
C PHE A 104 3.89 1.16 -8.04
N ASP A 105 2.92 0.30 -8.31
CA ASP A 105 2.65 -0.14 -9.67
C ASP A 105 1.21 -0.57 -9.83
N LEU A 106 0.63 -0.25 -10.97
CA LEU A 106 -0.73 -0.66 -11.29
C LEU A 106 -0.70 -2.04 -11.92
N LYS A 107 -1.27 -3.02 -11.24
CA LYS A 107 -1.21 -4.40 -11.69
C LYS A 107 -2.36 -4.65 -12.66
N ASP A 108 -3.52 -4.13 -12.30
CA ASP A 108 -4.68 -4.12 -13.17
C ASP A 108 -5.56 -2.95 -12.72
N PRO A 109 -6.54 -2.53 -13.54
CA PRO A 109 -7.35 -1.31 -13.28
C PRO A 109 -8.12 -1.32 -11.94
N ASN A 110 -7.98 -2.39 -11.18
CA ASN A 110 -8.63 -2.48 -9.88
C ASN A 110 -7.66 -3.01 -8.83
N THR A 111 -6.36 -2.94 -9.14
CA THR A 111 -5.34 -3.41 -8.23
C THR A 111 -4.07 -2.55 -8.29
N LEU A 112 -3.86 -1.74 -7.26
CA LEU A 112 -2.62 -1.00 -7.08
C LEU A 112 -1.70 -1.85 -6.20
N THR A 113 -0.42 -1.96 -6.51
CA THR A 113 0.46 -2.75 -5.68
C THR A 113 1.48 -1.87 -4.97
N GLU A 114 1.57 -2.07 -3.66
CA GLU A 114 2.57 -1.39 -2.86
C GLU A 114 3.58 -2.41 -2.34
N THR A 115 4.75 -2.45 -2.98
CA THR A 115 5.75 -3.45 -2.66
C THR A 115 6.80 -2.90 -1.71
N HIS A 116 6.84 -3.45 -0.51
CA HIS A 116 7.84 -3.07 0.49
C HIS A 116 9.01 -4.05 0.44
N ILE A 117 10.11 -3.66 -0.19
CA ILE A 117 11.30 -4.51 -0.22
C ILE A 117 12.37 -3.97 0.71
N LYS A 118 12.64 -4.74 1.76
CA LYS A 118 13.65 -4.36 2.73
C LYS A 118 15.02 -4.32 2.10
N VAL A 119 15.61 -3.12 2.10
CA VAL A 119 16.97 -2.92 1.61
C VAL A 119 17.96 -3.80 2.37
N ASP A 120 17.60 -4.14 3.60
CA ASP A 120 18.44 -4.98 4.45
C ASP A 120 18.33 -6.44 4.03
N ASP A 121 17.10 -6.93 3.92
CA ASP A 121 16.86 -8.31 3.54
C ASP A 121 15.69 -8.40 2.57
N PRO A 122 15.99 -8.34 1.28
CA PRO A 122 14.99 -8.31 0.21
C PRO A 122 14.32 -9.67 -0.01
N THR A 123 14.57 -10.60 0.88
CA THR A 123 13.91 -11.89 0.83
C THR A 123 12.66 -11.87 1.71
N ASP A 124 12.65 -10.95 2.67
CA ASP A 124 11.57 -10.86 3.64
C ASP A 124 10.73 -9.62 3.37
N VAL A 125 10.39 -9.45 2.10
CA VAL A 125 9.57 -8.33 1.66
C VAL A 125 8.13 -8.43 2.15
N GLU A 126 7.33 -7.46 1.77
CA GLU A 126 5.91 -7.45 2.08
C GLU A 126 5.16 -6.63 1.05
N THR A 127 3.97 -7.06 0.68
CA THR A 127 3.22 -6.37 -0.36
C THR A 127 1.73 -6.35 -0.04
N TYR A 128 1.10 -5.22 -0.34
CA TYR A 128 -0.35 -5.08 -0.22
C TYR A 128 -0.89 -4.77 -1.61
N GLU A 129 -2.18 -4.94 -1.82
CA GLU A 129 -2.76 -4.65 -3.12
C GLU A 129 -4.05 -3.88 -2.89
N TYR A 130 -4.15 -2.71 -3.49
CA TYR A 130 -5.29 -1.83 -3.29
C TYR A 130 -6.33 -2.07 -4.36
N ARG A 131 -7.50 -2.54 -3.94
CA ARG A 131 -8.58 -2.85 -4.84
C ARG A 131 -9.81 -2.02 -4.51
N ARG A 132 -10.69 -1.84 -5.47
CA ARG A 132 -11.95 -1.16 -5.22
C ARG A 132 -13.08 -2.17 -5.12
N ASP A 133 -13.99 -1.93 -4.19
CA ASP A 133 -15.20 -2.74 -4.07
C ASP A 133 -16.37 -1.86 -3.71
N GLY A 134 -17.04 -1.34 -4.72
CA GLY A 134 -18.12 -0.40 -4.49
C GLY A 134 -17.58 0.93 -4.03
N ASP A 135 -17.88 1.30 -2.79
CA ASP A 135 -17.36 2.52 -2.21
C ASP A 135 -16.29 2.21 -1.16
N TYR A 136 -15.83 0.96 -1.16
CA TYR A 136 -14.82 0.52 -0.21
C TYR A 136 -13.48 0.33 -0.89
N LEU A 137 -12.42 0.72 -0.21
CA LEU A 137 -11.06 0.43 -0.62
C LEU A 137 -10.64 -0.88 0.05
N VAL A 138 -10.37 -1.88 -0.75
CA VAL A 138 -10.12 -3.21 -0.22
C VAL A 138 -8.67 -3.59 -0.40
N MET A 139 -8.01 -3.85 0.70
CA MET A 139 -6.60 -4.22 0.68
C MET A 139 -6.45 -5.73 0.63
N LYS A 140 -5.54 -6.19 -0.20
CA LYS A 140 -5.27 -7.62 -0.32
C LYS A 140 -3.82 -7.87 0.04
N MET A 141 -3.61 -8.62 1.11
CA MET A 141 -2.26 -8.94 1.56
C MET A 141 -2.13 -10.46 1.60
N SER A 142 -1.04 -11.00 1.08
CA SER A 142 -0.84 -12.44 1.09
C SER A 142 0.61 -12.81 1.37
N TRP A 143 0.78 -13.70 2.33
CA TRP A 143 2.11 -14.17 2.70
C TRP A 143 2.04 -15.64 3.09
N LYS A 144 2.92 -16.45 2.51
CA LYS A 144 2.95 -17.88 2.74
C LYS A 144 1.56 -18.52 2.53
N GLY A 145 0.90 -18.10 1.45
CA GLY A 145 -0.41 -18.62 1.14
C GLY A 145 -1.52 -17.95 1.92
N VAL A 146 -1.18 -17.36 3.06
CA VAL A 146 -2.15 -16.72 3.92
C VAL A 146 -2.60 -15.40 3.32
N SER A 147 -3.82 -15.37 2.82
CA SER A 147 -4.36 -14.19 2.22
C SER A 147 -5.33 -13.48 3.17
N THR A 148 -5.22 -12.18 3.22
CA THR A 148 -6.07 -11.37 4.07
C THR A 148 -6.58 -10.16 3.29
N SER A 149 -7.86 -9.86 3.43
CA SER A 149 -8.43 -8.68 2.81
C SER A 149 -8.94 -7.73 3.88
N ARG A 150 -8.26 -6.61 4.03
CA ARG A 150 -8.69 -5.60 4.99
C ARG A 150 -9.64 -4.63 4.31
N TYR A 151 -10.76 -4.37 4.94
CA TYR A 151 -11.80 -3.56 4.34
C TYR A 151 -11.76 -2.14 4.88
N TYR A 152 -11.39 -1.22 4.00
CA TYR A 152 -11.36 0.19 4.33
C TYR A 152 -12.52 0.89 3.63
N LYS A 153 -13.22 1.73 4.34
CA LYS A 153 -14.23 2.55 3.72
C LYS A 153 -13.71 3.97 3.69
N LYS A 154 -14.36 4.84 2.97
CA LYS A 154 -13.96 6.26 2.98
C LYS A 154 -14.01 6.82 4.41
N GLN A 155 -13.50 8.02 4.60
CA GLN A 155 -13.84 8.81 5.77
C GLN A 155 -15.04 9.69 5.45
N MET A 1 13.65 -6.23 -20.59
CA MET A 1 12.76 -6.61 -19.47
C MET A 1 11.39 -7.01 -19.99
N ARG A 2 10.75 -6.13 -20.74
CA ARG A 2 9.46 -6.42 -21.34
C ARG A 2 9.38 -5.83 -22.75
N GLY A 3 10.53 -5.63 -23.36
CA GLY A 3 10.58 -5.00 -24.66
C GLY A 3 10.71 -3.50 -24.57
N SER A 4 11.92 -3.01 -24.75
CA SER A 4 12.20 -1.59 -24.61
C SER A 4 11.85 -0.82 -25.88
N HIS A 5 10.61 -0.97 -26.33
CA HIS A 5 10.10 -0.19 -27.44
C HIS A 5 8.73 0.35 -27.07
N HIS A 6 7.76 -0.53 -26.94
CA HIS A 6 6.44 -0.15 -26.49
C HIS A 6 6.41 -0.22 -24.96
N HIS A 7 6.01 0.86 -24.32
CA HIS A 7 6.06 0.97 -22.86
C HIS A 7 7.50 0.96 -22.36
N HIS A 8 8.37 1.70 -23.05
CA HIS A 8 9.76 1.79 -22.64
C HIS A 8 9.90 2.75 -21.47
N HIS A 9 9.19 3.87 -21.56
CA HIS A 9 9.16 4.90 -20.51
C HIS A 9 7.95 5.79 -20.74
N HIS A 10 6.77 5.29 -20.40
CA HIS A 10 5.54 6.01 -20.65
C HIS A 10 5.12 6.80 -19.41
N GLY A 11 5.86 6.62 -18.34
CA GLY A 11 5.55 7.33 -17.11
C GLY A 11 4.65 6.53 -16.21
N SER A 12 3.93 7.22 -15.34
CA SER A 12 3.08 6.58 -14.37
C SER A 12 1.74 6.21 -14.97
N LYS A 13 1.27 5.01 -14.66
CA LYS A 13 -0.11 4.66 -14.93
C LYS A 13 -0.98 5.50 -14.01
N THR A 14 -1.90 6.25 -14.55
CA THR A 14 -2.65 7.19 -13.74
C THR A 14 -3.61 6.47 -12.82
N LEU A 15 -3.51 6.77 -11.54
CA LEU A 15 -4.37 6.15 -10.54
C LEU A 15 -5.83 6.49 -10.78
N PRO A 16 -6.66 5.44 -10.91
CA PRO A 16 -8.11 5.59 -10.96
C PRO A 16 -8.62 6.24 -9.68
N ASP A 17 -9.53 7.21 -9.85
CA ASP A 17 -10.09 7.96 -8.73
C ASP A 17 -10.70 7.04 -7.68
N LYS A 18 -11.04 5.82 -8.09
CA LYS A 18 -11.57 4.81 -7.18
C LYS A 18 -10.57 4.48 -6.06
N PHE A 19 -9.28 4.65 -6.31
CA PHE A 19 -8.28 4.34 -5.28
C PHE A 19 -7.84 5.60 -4.58
N LEU A 20 -8.39 6.73 -4.98
CA LEU A 20 -7.96 8.02 -4.48
C LEU A 20 -8.93 8.57 -3.45
N GLY A 21 -8.39 9.27 -2.46
CA GLY A 21 -9.18 9.79 -1.38
C GLY A 21 -8.62 9.38 -0.03
N THR A 22 -9.33 9.68 1.04
CA THR A 22 -8.93 9.30 2.37
C THR A 22 -9.89 8.24 2.91
N PHE A 23 -9.34 7.09 3.29
CA PHE A 23 -10.16 5.97 3.73
C PHE A 23 -9.86 5.59 5.18
N LYS A 24 -10.89 5.33 5.99
CA LYS A 24 -10.66 4.83 7.35
C LYS A 24 -10.88 3.32 7.44
N LEU A 25 -9.90 2.64 8.07
CA LEU A 25 -9.97 1.20 8.32
C LEU A 25 -11.21 0.85 9.14
N GLU A 26 -11.97 -0.13 8.68
CA GLU A 26 -13.17 -0.55 9.37
C GLU A 26 -12.99 -1.90 10.07
N ARG A 27 -12.41 -2.87 9.35
CA ARG A 27 -12.20 -4.19 9.92
C ARG A 27 -11.17 -4.98 9.11
N ASP A 28 -10.99 -6.24 9.46
CA ASP A 28 -10.03 -7.11 8.79
C ASP A 28 -10.57 -8.53 8.70
N GLU A 29 -9.97 -9.34 7.84
CA GLU A 29 -10.40 -10.71 7.66
C GLU A 29 -9.19 -11.62 7.36
N ASN A 30 -8.95 -12.60 8.24
CA ASN A 30 -7.84 -13.56 8.10
C ASN A 30 -6.50 -12.87 8.39
N PHE A 31 -6.58 -11.78 9.14
CA PHE A 31 -5.43 -10.92 9.36
C PHE A 31 -4.46 -11.53 10.37
N ASP A 32 -5.00 -12.10 11.44
CA ASP A 32 -4.17 -12.77 12.44
C ASP A 32 -3.39 -13.92 11.82
N GLU A 33 -4.06 -14.69 10.95
CA GLU A 33 -3.41 -15.76 10.21
C GLU A 33 -2.19 -15.23 9.46
N TYR A 34 -2.37 -14.11 8.78
CA TYR A 34 -1.26 -13.46 8.07
C TYR A 34 -0.14 -13.12 9.05
N LEU A 35 -0.50 -12.65 10.23
CA LEU A 35 0.48 -12.20 11.21
C LEU A 35 1.32 -13.37 11.71
N LYS A 36 0.68 -14.51 11.90
CA LYS A 36 1.35 -15.73 12.32
C LYS A 36 2.33 -16.18 11.24
N ALA A 37 1.83 -16.25 10.01
CA ALA A 37 2.64 -16.63 8.86
C ALA A 37 3.81 -15.66 8.68
N ARG A 38 3.56 -14.39 8.96
CA ARG A 38 4.58 -13.35 8.82
C ARG A 38 5.66 -13.49 9.89
N GLY A 39 5.36 -14.22 10.94
CA GLY A 39 6.31 -14.42 12.00
C GLY A 39 6.13 -13.45 13.15
N TYR A 40 4.91 -12.99 13.35
CA TYR A 40 4.60 -12.12 14.48
C TYR A 40 4.13 -12.95 15.67
N GLY A 41 4.73 -12.70 16.81
CA GLY A 41 4.32 -13.37 18.03
C GLY A 41 3.03 -12.82 18.58
N TRP A 42 2.57 -13.40 19.68
CA TRP A 42 1.29 -13.04 20.28
C TRP A 42 1.16 -11.53 20.48
N ILE A 43 2.13 -10.92 21.17
CA ILE A 43 2.09 -9.47 21.44
C ILE A 43 1.89 -8.66 20.17
N MET A 44 2.76 -8.87 19.18
CA MET A 44 2.63 -8.20 17.90
C MET A 44 1.28 -8.47 17.27
N ARG A 45 0.85 -9.72 17.31
CA ARG A 45 -0.42 -10.11 16.71
C ARG A 45 -1.58 -9.46 17.44
N GLN A 46 -1.35 -9.05 18.67
CA GLN A 46 -2.36 -8.36 19.46
C GLN A 46 -2.36 -6.87 19.12
N VAL A 47 -1.18 -6.30 18.93
CA VAL A 47 -1.03 -4.88 18.67
C VAL A 47 -1.48 -4.53 17.25
N ILE A 48 -0.86 -5.18 16.28
CA ILE A 48 -1.15 -5.00 14.85
C ILE A 48 -2.64 -5.04 14.53
N LYS A 49 -3.42 -5.87 15.21
CA LYS A 49 -4.86 -5.96 14.94
C LYS A 49 -5.61 -4.78 15.54
N LEU A 50 -5.02 -4.13 16.55
CA LEU A 50 -5.66 -3.00 17.20
C LEU A 50 -5.27 -1.70 16.51
N ALA A 51 -4.26 -1.79 15.66
CA ALA A 51 -3.75 -0.64 14.95
C ALA A 51 -4.69 -0.26 13.81
N GLY A 52 -5.37 0.86 13.97
CA GLY A 52 -6.18 1.38 12.90
C GLY A 52 -5.32 2.07 11.88
N VAL A 53 -5.80 2.15 10.64
CA VAL A 53 -5.00 2.73 9.58
C VAL A 53 -5.83 3.70 8.75
N THR A 54 -5.27 4.87 8.51
CA THR A 54 -5.89 5.88 7.67
C THR A 54 -5.14 5.97 6.34
N LYS A 55 -5.77 5.46 5.29
CA LYS A 55 -5.19 5.49 3.96
C LYS A 55 -5.48 6.83 3.30
N LYS A 56 -4.45 7.47 2.78
CA LYS A 56 -4.63 8.74 2.08
C LYS A 56 -3.95 8.70 0.71
N PHE A 57 -4.76 8.60 -0.33
CA PHE A 57 -4.27 8.61 -1.69
C PHE A 57 -4.69 9.92 -2.36
N ARG A 58 -3.72 10.70 -2.82
CA ARG A 58 -4.03 11.97 -3.43
C ARG A 58 -3.00 12.32 -4.50
N ASN A 59 -3.37 13.26 -5.35
CA ASN A 59 -2.44 13.83 -6.32
C ASN A 59 -1.37 14.59 -5.54
N ALA A 60 -0.12 14.58 -6.01
CA ALA A 60 1.01 15.12 -5.24
C ALA A 60 0.70 16.49 -4.67
N ALA A 61 0.96 16.62 -3.38
CA ALA A 61 0.52 17.76 -2.60
C ALA A 61 1.23 19.03 -3.03
N SER A 62 2.47 18.91 -3.44
CA SER A 62 3.27 20.04 -3.90
C SER A 62 2.80 20.54 -5.28
N GLY A 63 1.64 20.08 -5.72
CA GLY A 63 1.10 20.55 -6.99
C GLY A 63 1.78 19.93 -8.20
N LYS A 64 2.30 18.72 -8.03
CA LYS A 64 2.93 18.01 -9.13
C LYS A 64 1.90 17.11 -9.83
N PRO A 65 1.72 17.29 -11.13
CA PRO A 65 0.80 16.46 -11.92
C PRO A 65 1.38 15.09 -12.21
N ASP A 66 0.50 14.08 -12.25
CA ASP A 66 0.86 12.68 -12.51
C ASP A 66 1.42 12.06 -11.24
N ARG A 67 2.42 12.74 -10.69
CA ARG A 67 2.97 12.40 -9.39
C ARG A 67 1.89 12.38 -8.31
N TYR A 68 1.86 11.33 -7.51
CA TYR A 68 0.88 11.22 -6.43
C TYR A 68 1.52 11.28 -5.06
N ASP A 69 0.68 11.38 -4.04
CA ASP A 69 1.12 11.37 -2.65
C ASP A 69 0.24 10.40 -1.87
N MET A 70 0.85 9.59 -1.02
CA MET A 70 0.10 8.57 -0.29
C MET A 70 0.69 8.41 1.10
N GLU A 71 -0.15 8.19 2.09
CA GLU A 71 0.34 8.05 3.45
C GLU A 71 -0.56 7.12 4.27
N ASN A 72 0.02 6.56 5.33
CA ASN A 72 -0.67 5.63 6.20
C ASN A 72 -0.51 6.05 7.64
N LEU A 73 -1.51 6.72 8.17
CA LEU A 73 -1.49 7.11 9.57
C LEU A 73 -2.15 6.03 10.41
N THR A 74 -1.44 5.54 11.42
CA THR A 74 -1.95 4.45 12.22
C THR A 74 -1.89 4.84 13.70
N THR A 75 -1.90 3.85 14.57
CA THR A 75 -1.87 4.11 15.98
C THR A 75 -0.45 4.00 16.53
N LYS A 76 0.30 3.05 15.98
CA LYS A 76 1.65 2.77 16.46
C LYS A 76 2.70 3.38 15.56
N LYS A 77 2.35 3.60 14.30
CA LYS A 77 3.30 4.08 13.32
C LYS A 77 2.67 5.15 12.44
N ASP A 78 3.09 5.17 11.21
CA ASP A 78 2.85 6.27 10.28
C ASP A 78 3.81 6.12 9.10
N THR A 79 3.36 6.55 7.94
CA THR A 79 4.20 6.61 6.74
C THR A 79 3.70 7.75 5.87
N HIS A 80 4.59 8.36 5.11
CA HIS A 80 4.16 9.38 4.17
C HIS A 80 5.00 9.30 2.91
N HIS A 81 4.45 8.67 1.90
CA HIS A 81 5.11 8.52 0.61
C HIS A 81 4.96 9.80 -0.18
N LYS A 82 5.82 10.78 0.10
CA LYS A 82 5.78 12.06 -0.59
C LYS A 82 6.26 11.95 -2.03
N ASP A 83 5.40 12.35 -2.95
CA ASP A 83 5.74 12.50 -4.36
C ASP A 83 6.24 11.18 -4.94
N TRP A 84 5.34 10.23 -5.08
CA TRP A 84 5.67 8.95 -5.68
C TRP A 84 5.00 8.83 -7.03
N ALA A 85 5.67 8.20 -7.97
CA ALA A 85 5.10 7.97 -9.28
C ALA A 85 4.84 6.50 -9.47
N LEU A 86 3.69 6.15 -10.00
CA LEU A 86 3.38 4.77 -10.26
C LEU A 86 4.37 4.18 -11.25
N GLY A 87 4.94 3.03 -10.89
CA GLY A 87 6.03 2.45 -11.64
C GLY A 87 7.38 2.90 -11.11
N GLU A 88 7.35 3.55 -9.96
CA GLU A 88 8.58 4.04 -9.33
C GLU A 88 8.71 3.50 -7.91
N GLU A 89 9.89 3.64 -7.34
CA GLU A 89 10.17 3.17 -5.99
C GLU A 89 10.87 4.28 -5.22
N PHE A 90 10.61 4.35 -3.94
CA PHE A 90 11.16 5.42 -3.12
C PHE A 90 11.56 4.90 -1.75
N GLN A 91 12.47 5.61 -1.09
CA GLN A 91 12.84 5.31 0.28
C GLN A 91 11.78 5.86 1.23
N ASP A 92 11.48 5.13 2.29
CA ASP A 92 10.39 5.51 3.18
C ASP A 92 10.62 4.93 4.57
N GLU A 93 9.97 5.53 5.57
CA GLU A 93 9.99 5.02 6.93
C GLU A 93 8.71 4.25 7.16
N ALA A 94 8.74 3.00 6.76
CA ALA A 94 7.54 2.19 6.61
C ALA A 94 6.85 1.86 7.93
N LEU A 95 5.64 1.29 7.83
CA LEU A 95 4.86 0.91 9.00
C LEU A 95 5.68 0.00 9.91
N ASP A 96 6.48 -0.86 9.29
CA ASP A 96 7.24 -1.85 10.03
C ASP A 96 8.48 -1.25 10.67
N SER A 97 8.50 0.08 10.79
CA SER A 97 9.49 0.81 11.58
C SER A 97 10.90 0.60 11.04
N THR A 98 11.02 0.48 9.73
CA THR A 98 12.30 0.34 9.09
C THR A 98 12.44 1.33 7.95
N GLN A 99 13.63 1.44 7.41
CA GLN A 99 13.87 2.30 6.26
C GLN A 99 14.12 1.42 5.05
N HIS A 100 13.29 1.53 4.05
CA HIS A 100 13.48 0.73 2.85
C HIS A 100 12.74 1.30 1.66
N LYS A 101 12.94 0.66 0.52
CA LYS A 101 12.34 1.12 -0.72
C LYS A 101 10.91 0.61 -0.82
N ILE A 102 10.11 1.36 -1.55
CA ILE A 102 8.70 1.04 -1.73
C ILE A 102 8.27 1.38 -3.14
N THR A 103 7.74 0.40 -3.83
CA THR A 103 7.33 0.58 -5.22
C THR A 103 5.81 0.53 -5.34
N PHE A 104 5.28 1.39 -6.18
CA PHE A 104 3.86 1.40 -6.48
C PHE A 104 3.64 1.04 -7.94
N ASP A 105 2.62 0.26 -8.23
CA ASP A 105 2.33 -0.11 -9.62
C ASP A 105 0.94 -0.73 -9.70
N LEU A 106 0.42 -0.86 -10.91
CA LEU A 106 -0.89 -1.48 -11.11
C LEU A 106 -0.71 -2.88 -11.65
N LYS A 107 -1.34 -3.84 -10.99
CA LYS A 107 -1.37 -5.21 -11.47
C LYS A 107 -2.48 -5.30 -12.49
N ASP A 108 -3.61 -4.76 -12.08
CA ASP A 108 -4.77 -4.58 -12.94
C ASP A 108 -5.29 -3.18 -12.68
N PRO A 109 -6.18 -2.65 -13.53
CA PRO A 109 -6.80 -1.35 -13.31
C PRO A 109 -7.80 -1.40 -12.15
N ASN A 110 -7.81 -2.55 -11.50
CA ASN A 110 -8.67 -2.79 -10.35
C ASN A 110 -7.83 -3.16 -9.13
N THR A 111 -6.51 -3.02 -9.25
CA THR A 111 -5.61 -3.39 -8.17
C THR A 111 -4.30 -2.61 -8.23
N LEU A 112 -4.13 -1.71 -7.27
CA LEU A 112 -2.88 -1.00 -7.07
C LEU A 112 -2.01 -1.82 -6.13
N THR A 113 -0.70 -1.84 -6.33
CA THR A 113 0.16 -2.61 -5.44
C THR A 113 1.20 -1.73 -4.78
N GLU A 114 1.37 -1.92 -3.47
CA GLU A 114 2.40 -1.24 -2.72
C GLU A 114 3.42 -2.25 -2.25
N THR A 115 4.53 -2.33 -2.95
CA THR A 115 5.54 -3.33 -2.69
C THR A 115 6.65 -2.76 -1.80
N HIS A 116 6.70 -3.26 -0.57
CA HIS A 116 7.71 -2.81 0.39
C HIS A 116 8.92 -3.72 0.32
N ILE A 117 10.02 -3.23 -0.21
CA ILE A 117 11.24 -4.01 -0.28
C ILE A 117 12.30 -3.46 0.65
N LYS A 118 12.72 -4.27 1.60
CA LYS A 118 13.76 -3.91 2.53
C LYS A 118 15.09 -3.69 1.82
N VAL A 119 15.56 -2.44 1.85
CA VAL A 119 16.84 -2.07 1.25
C VAL A 119 18.00 -2.86 1.82
N ASP A 120 17.82 -3.38 3.04
CA ASP A 120 18.84 -4.20 3.68
C ASP A 120 18.79 -5.63 3.18
N ASP A 121 17.58 -6.14 3.04
CA ASP A 121 17.37 -7.51 2.60
C ASP A 121 16.10 -7.61 1.76
N PRO A 122 16.28 -7.59 0.44
CA PRO A 122 15.17 -7.61 -0.51
C PRO A 122 14.50 -8.98 -0.67
N THR A 123 14.73 -9.88 0.28
CA THR A 123 14.04 -11.16 0.24
C THR A 123 12.98 -11.24 1.34
N ASP A 124 13.07 -10.35 2.31
CA ASP A 124 12.10 -10.29 3.40
C ASP A 124 11.11 -9.16 3.11
N VAL A 125 10.68 -9.13 1.85
CA VAL A 125 9.76 -8.11 1.36
C VAL A 125 8.37 -8.18 1.98
N GLU A 126 7.48 -7.38 1.43
CA GLU A 126 6.11 -7.30 1.89
C GLU A 126 5.29 -6.56 0.83
N THR A 127 4.05 -6.97 0.60
CA THR A 127 3.24 -6.31 -0.41
C THR A 127 1.77 -6.23 -0.01
N TYR A 128 1.22 -5.03 -0.14
CA TYR A 128 -0.22 -4.80 0.03
C TYR A 128 -0.78 -4.48 -1.34
N GLU A 129 -2.07 -4.61 -1.55
CA GLU A 129 -2.65 -4.22 -2.83
C GLU A 129 -4.03 -3.60 -2.60
N TYR A 130 -4.29 -2.53 -3.32
CA TYR A 130 -5.49 -1.73 -3.13
C TYR A 130 -6.48 -1.94 -4.27
N ARG A 131 -7.62 -2.51 -3.92
CA ARG A 131 -8.70 -2.72 -4.88
C ARG A 131 -9.97 -2.05 -4.40
N ARG A 132 -10.81 -1.63 -5.32
CA ARG A 132 -12.01 -0.88 -4.96
C ARG A 132 -13.25 -1.77 -5.05
N ASP A 133 -13.94 -1.92 -3.93
CA ASP A 133 -15.18 -2.68 -3.90
C ASP A 133 -16.32 -1.77 -3.51
N GLY A 134 -17.00 -1.22 -4.51
CA GLY A 134 -18.08 -0.28 -4.25
C GLY A 134 -17.56 1.01 -3.64
N ASP A 135 -17.94 1.28 -2.41
CA ASP A 135 -17.47 2.47 -1.71
C ASP A 135 -16.33 2.11 -0.76
N TYR A 136 -15.92 0.86 -0.79
CA TYR A 136 -14.91 0.38 0.14
C TYR A 136 -13.58 0.15 -0.56
N LEU A 137 -12.53 0.67 0.04
CA LEU A 137 -11.19 0.42 -0.40
C LEU A 137 -10.71 -0.86 0.26
N VAL A 138 -10.48 -1.89 -0.52
CA VAL A 138 -10.20 -3.19 0.05
C VAL A 138 -8.76 -3.58 -0.25
N MET A 139 -8.08 -4.09 0.75
CA MET A 139 -6.69 -4.44 0.60
C MET A 139 -6.51 -5.93 0.66
N LYS A 140 -5.46 -6.38 0.02
CA LYS A 140 -5.07 -7.77 0.07
C LYS A 140 -3.57 -7.86 0.32
N MET A 141 -3.19 -8.73 1.22
CA MET A 141 -1.79 -8.97 1.54
C MET A 141 -1.62 -10.46 1.80
N SER A 142 -0.63 -11.06 1.16
CA SER A 142 -0.48 -12.52 1.22
C SER A 142 0.96 -12.92 1.54
N TRP A 143 1.10 -13.72 2.59
CA TRP A 143 2.40 -14.19 3.03
C TRP A 143 2.32 -15.68 3.32
N LYS A 144 3.21 -16.45 2.69
CA LYS A 144 3.24 -17.90 2.84
C LYS A 144 1.88 -18.53 2.54
N GLY A 145 1.24 -18.06 1.48
CA GLY A 145 -0.06 -18.59 1.10
C GLY A 145 -1.21 -17.90 1.82
N VAL A 146 -0.96 -17.45 3.04
CA VAL A 146 -1.99 -16.84 3.86
C VAL A 146 -2.30 -15.44 3.36
N SER A 147 -3.43 -15.30 2.70
CA SER A 147 -3.86 -14.01 2.21
C SER A 147 -4.94 -13.44 3.11
N THR A 148 -4.84 -12.16 3.38
CA THR A 148 -5.82 -11.47 4.19
C THR A 148 -6.31 -10.22 3.49
N SER A 149 -7.60 -9.94 3.64
CA SER A 149 -8.19 -8.76 3.06
C SER A 149 -8.67 -7.82 4.15
N ARG A 150 -8.11 -6.63 4.19
CA ARG A 150 -8.53 -5.62 5.14
C ARG A 150 -9.58 -4.72 4.51
N TYR A 151 -10.59 -4.36 5.27
CA TYR A 151 -11.71 -3.60 4.73
C TYR A 151 -11.66 -2.15 5.17
N TYR A 152 -11.37 -1.28 4.23
CA TYR A 152 -11.40 0.14 4.45
C TYR A 152 -12.56 0.74 3.68
N LYS A 153 -13.06 1.87 4.13
CA LYS A 153 -13.90 2.70 3.30
C LYS A 153 -13.43 4.11 3.45
N LYS A 154 -14.03 5.04 2.74
CA LYS A 154 -13.68 6.45 2.87
C LYS A 154 -13.74 6.90 4.35
N GLN A 155 -13.17 8.06 4.62
CA GLN A 155 -13.52 8.78 5.83
C GLN A 155 -14.92 9.36 5.68
N MET A 1 -0.19 -2.38 -34.04
CA MET A 1 1.08 -3.15 -34.03
C MET A 1 2.03 -2.59 -32.98
N ARG A 2 1.85 -1.32 -32.62
CA ARG A 2 2.71 -0.67 -31.65
C ARG A 2 1.97 0.49 -31.00
N GLY A 3 1.33 0.20 -29.87
CA GLY A 3 0.57 1.22 -29.17
C GLY A 3 -0.93 1.02 -29.33
N SER A 4 -1.31 -0.08 -29.96
CA SER A 4 -2.71 -0.39 -30.18
C SER A 4 -3.41 -0.67 -28.86
N HIS A 5 -4.65 -0.21 -28.76
CA HIS A 5 -5.47 -0.39 -27.54
C HIS A 5 -4.81 0.27 -26.34
N HIS A 6 -4.02 1.29 -26.59
CA HIS A 6 -3.41 2.08 -25.53
C HIS A 6 -4.05 3.46 -25.50
N HIS A 7 -4.49 3.91 -26.67
CA HIS A 7 -5.18 5.19 -26.83
C HIS A 7 -4.25 6.37 -26.52
N HIS A 8 -4.05 6.64 -25.25
CA HIS A 8 -3.18 7.74 -24.83
C HIS A 8 -1.74 7.29 -24.76
N HIS A 9 -0.91 7.81 -25.65
CA HIS A 9 0.53 7.57 -25.58
C HIS A 9 1.08 8.27 -24.36
N HIS A 10 1.57 7.49 -23.40
CA HIS A 10 1.95 8.03 -22.10
C HIS A 10 3.28 7.46 -21.63
N GLY A 11 4.05 8.30 -20.96
CA GLY A 11 5.26 7.83 -20.31
C GLY A 11 4.93 7.26 -18.94
N SER A 12 3.88 7.79 -18.36
CA SER A 12 3.34 7.26 -17.12
C SER A 12 1.82 7.23 -17.22
N LYS A 13 1.22 6.17 -16.70
CA LYS A 13 -0.22 6.10 -16.64
C LYS A 13 -0.71 6.87 -15.43
N THR A 14 -1.67 7.74 -15.64
CA THR A 14 -2.14 8.60 -14.57
C THR A 14 -3.05 7.81 -13.64
N LEU A 15 -2.82 7.97 -12.34
CA LEU A 15 -3.60 7.27 -11.33
C LEU A 15 -5.08 7.60 -11.46
N PRO A 16 -5.92 6.59 -11.69
CA PRO A 16 -7.37 6.76 -11.70
C PRO A 16 -7.87 7.32 -10.37
N ASP A 17 -8.68 8.37 -10.45
CA ASP A 17 -9.15 9.08 -9.27
C ASP A 17 -9.93 8.18 -8.32
N LYS A 18 -10.43 7.06 -8.82
CA LYS A 18 -11.13 6.10 -7.99
C LYS A 18 -10.19 5.36 -7.05
N PHE A 19 -8.89 5.56 -7.19
CA PHE A 19 -7.94 5.04 -6.22
C PHE A 19 -7.64 6.09 -5.17
N LEU A 20 -8.16 7.29 -5.39
CA LEU A 20 -7.82 8.44 -4.58
C LEU A 20 -8.90 8.73 -3.54
N GLY A 21 -8.48 9.41 -2.48
CA GLY A 21 -9.37 9.75 -1.40
C GLY A 21 -8.79 9.40 -0.06
N THR A 22 -9.62 9.03 0.88
CA THR A 22 -9.15 8.62 2.18
C THR A 22 -10.14 7.68 2.83
N PHE A 23 -9.62 6.69 3.52
CA PHE A 23 -10.45 5.65 4.11
C PHE A 23 -10.10 5.39 5.56
N LYS A 24 -11.12 5.28 6.40
CA LYS A 24 -10.97 4.70 7.74
C LYS A 24 -10.84 3.17 7.60
N LEU A 25 -11.08 2.46 8.69
CA LEU A 25 -10.92 1.01 8.69
C LEU A 25 -12.11 0.38 9.39
N GLU A 26 -12.97 -0.27 8.63
CA GLU A 26 -14.16 -0.89 9.19
C GLU A 26 -13.85 -2.27 9.75
N ARG A 27 -13.16 -3.10 8.98
CA ARG A 27 -12.87 -4.46 9.42
C ARG A 27 -11.76 -5.09 8.58
N ASP A 28 -11.50 -6.37 8.84
CA ASP A 28 -10.52 -7.15 8.10
C ASP A 28 -10.86 -8.63 8.19
N GLU A 29 -10.15 -9.45 7.43
CA GLU A 29 -10.42 -10.87 7.42
C GLU A 29 -9.11 -11.65 7.28
N ASN A 30 -8.77 -12.42 8.33
CA ASN A 30 -7.60 -13.31 8.34
C ASN A 30 -6.29 -12.52 8.46
N PHE A 31 -6.41 -11.31 8.99
CA PHE A 31 -5.27 -10.40 9.07
C PHE A 31 -4.29 -10.84 10.15
N ASP A 32 -4.82 -11.35 11.26
CA ASP A 32 -3.99 -11.87 12.34
C ASP A 32 -3.09 -13.00 11.86
N GLU A 33 -3.67 -13.95 11.14
CA GLU A 33 -2.91 -15.05 10.56
C GLU A 33 -1.80 -14.52 9.65
N TYR A 34 -2.10 -13.48 8.89
CA TYR A 34 -1.11 -12.83 8.05
C TYR A 34 0.08 -12.35 8.88
N LEU A 35 -0.19 -11.84 10.07
CA LEU A 35 0.85 -11.33 10.95
C LEU A 35 1.77 -12.46 11.41
N LYS A 36 1.17 -13.60 11.69
CA LYS A 36 1.92 -14.78 12.09
C LYS A 36 2.85 -15.21 10.95
N ALA A 37 2.30 -15.21 9.74
CA ALA A 37 3.07 -15.51 8.54
C ALA A 37 4.21 -14.53 8.37
N ARG A 38 3.94 -13.25 8.64
CA ARG A 38 4.93 -12.19 8.50
C ARG A 38 6.08 -12.35 9.49
N GLY A 39 5.86 -13.18 10.51
CA GLY A 39 6.90 -13.40 11.50
C GLY A 39 6.73 -12.51 12.71
N TYR A 40 5.54 -11.96 12.88
CA TYR A 40 5.25 -11.11 14.03
C TYR A 40 4.79 -11.95 15.21
N GLY A 41 5.44 -11.75 16.34
CA GLY A 41 5.10 -12.48 17.54
C GLY A 41 3.78 -12.02 18.13
N TRP A 42 3.33 -12.75 19.15
CA TRP A 42 2.04 -12.49 19.79
C TRP A 42 1.89 -11.02 20.18
N ILE A 43 2.90 -10.49 20.88
CA ILE A 43 2.88 -9.10 21.33
C ILE A 43 2.65 -8.12 20.18
N MET A 44 3.47 -8.23 19.15
CA MET A 44 3.33 -7.36 18.00
C MET A 44 1.95 -7.46 17.39
N ARG A 45 1.43 -8.67 17.31
CA ARG A 45 0.10 -8.87 16.76
C ARG A 45 -0.94 -8.19 17.62
N GLN A 46 -0.69 -8.12 18.92
CA GLN A 46 -1.63 -7.46 19.84
C GLN A 46 -1.68 -5.96 19.55
N VAL A 47 -0.60 -5.46 18.97
CA VAL A 47 -0.53 -4.08 18.52
C VAL A 47 -1.10 -3.94 17.11
N ILE A 48 -0.40 -4.56 16.16
CA ILE A 48 -0.68 -4.45 14.73
C ILE A 48 -2.16 -4.62 14.36
N LYS A 49 -2.80 -5.71 14.75
CA LYS A 49 -4.17 -5.95 14.29
C LYS A 49 -5.21 -5.32 15.23
N LEU A 50 -4.77 -4.39 16.06
CA LEU A 50 -5.66 -3.71 16.97
C LEU A 50 -5.65 -2.21 16.66
N ALA A 51 -4.46 -1.68 16.40
CA ALA A 51 -4.26 -0.27 16.10
C ALA A 51 -5.15 0.21 14.96
N GLY A 52 -5.67 1.42 15.10
CA GLY A 52 -6.47 2.02 14.05
C GLY A 52 -5.61 2.56 12.92
N VAL A 53 -6.08 2.39 11.69
CA VAL A 53 -5.32 2.80 10.53
C VAL A 53 -6.15 3.71 9.63
N THR A 54 -5.57 4.85 9.27
CA THR A 54 -6.20 5.77 8.35
C THR A 54 -5.36 5.87 7.08
N LYS A 55 -5.91 5.41 5.97
CA LYS A 55 -5.15 5.36 4.72
C LYS A 55 -5.64 6.44 3.76
N LYS A 56 -4.71 7.11 3.09
CA LYS A 56 -5.05 8.24 2.23
C LYS A 56 -4.33 8.16 0.88
N PHE A 57 -5.03 8.58 -0.17
CA PHE A 57 -4.44 8.75 -1.51
C PHE A 57 -4.81 10.12 -2.06
N ARG A 58 -3.81 10.86 -2.52
CA ARG A 58 -4.05 12.18 -3.10
C ARG A 58 -2.97 12.51 -4.12
N ASN A 59 -3.14 13.65 -4.77
CA ASN A 59 -2.10 14.21 -5.62
C ASN A 59 -0.82 14.41 -4.81
N ALA A 60 0.32 14.56 -5.48
CA ALA A 60 1.59 14.68 -4.79
C ALA A 60 1.62 15.87 -3.84
N ALA A 61 2.56 15.84 -2.93
CA ALA A 61 2.72 16.87 -1.90
C ALA A 61 2.63 18.28 -2.47
N SER A 62 3.57 18.62 -3.34
CA SER A 62 3.58 19.94 -3.95
C SER A 62 2.41 20.06 -4.92
N GLY A 63 2.07 18.95 -5.56
CA GLY A 63 0.87 18.89 -6.37
C GLY A 63 1.16 18.70 -7.84
N LYS A 64 2.23 17.99 -8.16
CA LYS A 64 2.57 17.70 -9.55
C LYS A 64 1.72 16.56 -10.08
N PRO A 65 1.20 16.72 -11.31
CA PRO A 65 0.39 15.68 -11.96
C PRO A 65 1.20 14.43 -12.27
N ASP A 66 0.51 13.29 -12.41
CA ASP A 66 1.16 12.00 -12.71
C ASP A 66 2.17 11.64 -11.61
N ARG A 67 2.04 12.36 -10.51
CA ARG A 67 2.77 12.10 -9.27
C ARG A 67 1.80 12.24 -8.12
N TYR A 68 1.76 11.27 -7.23
CA TYR A 68 0.77 11.26 -6.18
C TYR A 68 1.38 11.07 -4.81
N ASP A 69 0.54 11.25 -3.80
CA ASP A 69 0.94 11.12 -2.40
C ASP A 69 0.01 10.15 -1.71
N MET A 70 0.55 9.33 -0.82
CA MET A 70 -0.23 8.32 -0.13
C MET A 70 0.41 8.06 1.24
N GLU A 71 -0.40 7.69 2.21
CA GLU A 71 0.12 7.48 3.56
C GLU A 71 -0.72 6.47 4.35
N ASN A 72 -0.08 5.85 5.34
CA ASN A 72 -0.72 4.84 6.17
C ASN A 72 -0.63 5.30 7.62
N LEU A 73 -1.58 6.11 8.04
CA LEU A 73 -1.56 6.64 9.40
C LEU A 73 -2.03 5.60 10.39
N THR A 74 -1.29 5.42 11.46
CA THR A 74 -1.62 4.42 12.46
C THR A 74 -1.50 5.01 13.86
N THR A 75 -1.24 4.17 14.85
CA THR A 75 -1.05 4.63 16.21
C THR A 75 0.42 4.57 16.60
N LYS A 76 1.14 3.64 15.98
CA LYS A 76 2.51 3.32 16.39
C LYS A 76 3.55 3.94 15.47
N LYS A 77 3.22 4.09 14.21
CA LYS A 77 4.16 4.59 13.22
C LYS A 77 3.40 4.99 11.96
N ASP A 78 3.69 6.15 11.42
CA ASP A 78 2.98 6.62 10.24
C ASP A 78 3.90 6.70 9.04
N THR A 79 3.51 6.05 7.96
CA THR A 79 4.26 6.11 6.72
C THR A 79 3.77 7.29 5.90
N HIS A 80 4.65 7.88 5.12
CA HIS A 80 4.24 8.95 4.22
C HIS A 80 4.90 8.75 2.87
N HIS A 81 4.22 8.02 2.01
CA HIS A 81 4.68 7.81 0.65
C HIS A 81 4.38 9.06 -0.16
N LYS A 82 5.24 10.05 -0.07
CA LYS A 82 5.01 11.32 -0.70
C LYS A 82 5.73 11.43 -2.03
N ASP A 83 5.00 11.93 -3.03
CA ASP A 83 5.54 12.22 -4.35
C ASP A 83 6.04 10.96 -5.04
N TRP A 84 5.12 10.04 -5.28
CA TRP A 84 5.45 8.81 -5.99
C TRP A 84 4.65 8.69 -7.27
N ALA A 85 5.13 7.88 -8.18
CA ALA A 85 4.37 7.52 -9.35
C ALA A 85 4.32 6.01 -9.48
N LEU A 86 3.30 5.50 -10.15
CA LEU A 86 3.24 4.07 -10.41
C LEU A 86 4.40 3.65 -11.31
N GLY A 87 4.92 2.48 -11.06
CA GLY A 87 6.13 2.01 -11.71
C GLY A 87 7.38 2.57 -11.04
N GLU A 88 7.17 3.33 -9.98
CA GLU A 88 8.27 3.99 -9.28
C GLU A 88 8.43 3.40 -7.88
N GLU A 89 9.60 3.55 -7.30
CA GLU A 89 9.93 2.98 -6.00
C GLU A 89 10.76 3.98 -5.21
N PHE A 90 10.57 4.02 -3.91
CA PHE A 90 11.22 5.01 -3.07
C PHE A 90 11.59 4.42 -1.71
N GLN A 91 12.48 5.12 -0.98
CA GLN A 91 12.77 4.76 0.40
C GLN A 91 11.69 5.36 1.29
N ASP A 92 11.31 4.66 2.35
CA ASP A 92 10.19 5.11 3.16
C ASP A 92 10.35 4.77 4.65
N GLU A 93 9.60 5.49 5.48
CA GLU A 93 9.59 5.33 6.93
C GLU A 93 8.52 4.33 7.31
N ALA A 94 8.81 3.07 7.09
CA ALA A 94 7.83 2.00 7.19
C ALA A 94 7.24 1.88 8.59
N LEU A 95 5.96 1.46 8.64
CA LEU A 95 5.23 1.22 9.90
C LEU A 95 6.04 0.32 10.81
N ASP A 96 6.82 -0.54 10.18
CA ASP A 96 7.63 -1.56 10.87
C ASP A 96 8.81 -0.95 11.61
N SER A 97 8.87 0.39 11.63
CA SER A 97 9.94 1.12 12.31
C SER A 97 11.27 0.93 11.59
N THR A 98 11.19 0.57 10.32
CA THR A 98 12.38 0.31 9.53
C THR A 98 12.43 1.25 8.33
N GLN A 99 13.62 1.35 7.76
CA GLN A 99 13.85 2.21 6.61
C GLN A 99 14.08 1.34 5.39
N HIS A 100 13.14 1.31 4.46
CA HIS A 100 13.32 0.44 3.31
C HIS A 100 12.56 0.93 2.10
N LYS A 101 12.74 0.21 1.00
CA LYS A 101 12.19 0.59 -0.28
C LYS A 101 10.73 0.18 -0.37
N ILE A 102 9.97 0.97 -1.10
CA ILE A 102 8.57 0.71 -1.35
C ILE A 102 8.22 1.11 -2.78
N THR A 103 7.59 0.20 -3.48
CA THR A 103 7.25 0.43 -4.87
C THR A 103 5.74 0.50 -5.06
N PHE A 104 5.30 1.41 -5.91
CA PHE A 104 3.90 1.50 -6.29
C PHE A 104 3.78 1.18 -7.76
N ASP A 105 2.84 0.30 -8.10
CA ASP A 105 2.67 -0.09 -9.50
C ASP A 105 1.22 -0.42 -9.78
N LEU A 106 0.74 0.04 -10.93
CA LEU A 106 -0.60 -0.27 -11.37
C LEU A 106 -0.56 -1.56 -12.20
N LYS A 107 -1.08 -2.62 -11.63
CA LYS A 107 -0.98 -3.93 -12.25
C LYS A 107 -2.12 -4.11 -13.23
N ASP A 108 -3.33 -3.90 -12.73
CA ASP A 108 -4.52 -3.92 -13.55
C ASP A 108 -5.21 -2.57 -13.40
N PRO A 109 -6.14 -2.23 -14.31
CA PRO A 109 -6.83 -0.92 -14.30
C PRO A 109 -7.74 -0.75 -13.08
N ASN A 110 -7.69 -1.73 -12.19
CA ASN A 110 -8.47 -1.72 -10.97
C ASN A 110 -7.69 -2.36 -9.83
N THR A 111 -6.37 -2.44 -10.00
CA THR A 111 -5.51 -3.07 -8.98
C THR A 111 -4.16 -2.37 -8.89
N LEU A 112 -3.94 -1.67 -7.78
CA LEU A 112 -2.67 -1.02 -7.49
C LEU A 112 -1.87 -1.92 -6.54
N THR A 113 -0.57 -2.03 -6.72
CA THR A 113 0.24 -2.86 -5.83
C THR A 113 1.29 -2.04 -5.10
N GLU A 114 1.38 -2.26 -3.79
CA GLU A 114 2.38 -1.59 -2.96
C GLU A 114 3.37 -2.62 -2.44
N THR A 115 4.56 -2.63 -3.00
CA THR A 115 5.56 -3.63 -2.66
C THR A 115 6.62 -3.06 -1.71
N HIS A 116 6.65 -3.58 -0.50
CA HIS A 116 7.65 -3.16 0.49
C HIS A 116 8.82 -4.13 0.46
N ILE A 117 10.01 -3.63 0.17
CA ILE A 117 11.20 -4.47 0.24
C ILE A 117 12.21 -3.90 1.22
N LYS A 118 12.50 -4.70 2.24
CA LYS A 118 13.48 -4.32 3.24
C LYS A 118 14.89 -4.27 2.65
N VAL A 119 15.40 -3.04 2.51
CA VAL A 119 16.72 -2.80 1.92
C VAL A 119 17.84 -3.48 2.70
N ASP A 120 17.58 -3.80 3.96
CA ASP A 120 18.58 -4.45 4.81
C ASP A 120 18.63 -5.95 4.52
N ASP A 121 17.46 -6.55 4.32
CA ASP A 121 17.36 -7.95 3.99
C ASP A 121 16.11 -8.18 3.15
N PRO A 122 16.29 -8.18 1.83
CA PRO A 122 15.19 -8.31 0.87
C PRO A 122 14.63 -9.72 0.83
N THR A 123 15.03 -10.53 1.79
CA THR A 123 14.48 -11.86 1.98
C THR A 123 13.10 -11.73 2.61
N ASP A 124 12.89 -10.61 3.29
CA ASP A 124 11.59 -10.29 3.85
C ASP A 124 11.03 -9.07 3.13
N VAL A 125 9.89 -9.25 2.50
CA VAL A 125 9.23 -8.18 1.81
C VAL A 125 7.77 -8.17 2.24
N GLU A 126 6.91 -7.44 1.53
CA GLU A 126 5.55 -7.27 1.99
C GLU A 126 4.73 -6.53 0.93
N THR A 127 3.64 -7.12 0.47
CA THR A 127 2.90 -6.55 -0.63
C THR A 127 1.42 -6.38 -0.31
N TYR A 128 0.90 -5.20 -0.62
CA TYR A 128 -0.53 -4.97 -0.61
C TYR A 128 -1.00 -4.89 -2.06
N GLU A 129 -2.29 -4.98 -2.30
CA GLU A 129 -2.83 -4.64 -3.60
C GLU A 129 -4.21 -4.03 -3.39
N TYR A 130 -4.38 -2.84 -3.93
CA TYR A 130 -5.54 -2.02 -3.67
C TYR A 130 -6.61 -2.24 -4.74
N ARG A 131 -7.72 -2.83 -4.33
CA ARG A 131 -8.87 -3.01 -5.19
C ARG A 131 -10.07 -2.32 -4.56
N ARG A 132 -10.92 -1.69 -5.36
CA ARG A 132 -12.05 -0.96 -4.80
C ARG A 132 -13.31 -1.80 -4.83
N ASP A 133 -14.15 -1.60 -3.84
CA ASP A 133 -15.47 -2.21 -3.80
C ASP A 133 -16.48 -1.18 -3.33
N GLY A 134 -16.70 -0.19 -4.17
CA GLY A 134 -17.63 0.88 -3.85
C GLY A 134 -17.02 1.88 -2.89
N ASP A 135 -17.53 1.90 -1.66
CA ASP A 135 -17.03 2.80 -0.63
C ASP A 135 -15.94 2.14 0.20
N TYR A 136 -15.53 0.96 -0.25
CA TYR A 136 -14.51 0.20 0.43
C TYR A 136 -13.27 0.05 -0.43
N LEU A 137 -12.13 0.43 0.13
CA LEU A 137 -10.87 0.07 -0.46
C LEU A 137 -10.48 -1.27 0.10
N VAL A 138 -10.30 -2.25 -0.75
CA VAL A 138 -10.08 -3.60 -0.28
C VAL A 138 -8.61 -3.93 -0.40
N MET A 139 -7.96 -3.96 0.75
CA MET A 139 -6.56 -4.28 0.82
C MET A 139 -6.38 -5.78 0.77
N LYS A 140 -5.66 -6.25 -0.22
CA LYS A 140 -5.41 -7.66 -0.37
C LYS A 140 -3.92 -7.91 -0.22
N MET A 141 -3.56 -8.65 0.81
CA MET A 141 -2.17 -8.92 1.11
C MET A 141 -2.01 -10.40 1.45
N SER A 142 -0.87 -10.98 1.11
CA SER A 142 -0.67 -12.41 1.29
C SER A 142 0.78 -12.74 1.61
N TRP A 143 0.96 -13.66 2.56
CA TRP A 143 2.28 -14.14 2.93
C TRP A 143 2.21 -15.61 3.31
N LYS A 144 3.10 -16.41 2.74
CA LYS A 144 3.11 -17.85 2.97
C LYS A 144 1.74 -18.46 2.70
N GLY A 145 1.10 -18.01 1.64
CA GLY A 145 -0.21 -18.53 1.30
C GLY A 145 -1.34 -17.90 2.10
N VAL A 146 -1.01 -17.36 3.27
CA VAL A 146 -2.01 -16.74 4.14
C VAL A 146 -2.49 -15.45 3.51
N SER A 147 -3.68 -15.51 2.93
CA SER A 147 -4.25 -14.36 2.28
C SER A 147 -5.25 -13.68 3.18
N THR A 148 -5.24 -12.37 3.17
CA THR A 148 -6.13 -11.58 4.00
C THR A 148 -6.67 -10.40 3.21
N SER A 149 -7.95 -10.10 3.41
CA SER A 149 -8.59 -8.96 2.79
C SER A 149 -9.05 -7.99 3.86
N ARG A 150 -8.37 -6.85 3.94
CA ARG A 150 -8.72 -5.82 4.90
C ARG A 150 -9.54 -4.73 4.22
N TYR A 151 -10.71 -4.46 4.78
CA TYR A 151 -11.65 -3.54 4.16
C TYR A 151 -11.53 -2.15 4.75
N TYR A 152 -11.02 -1.23 3.96
CA TYR A 152 -10.88 0.15 4.36
C TYR A 152 -12.10 0.94 3.91
N LYS A 153 -12.80 1.50 4.87
CA LYS A 153 -14.03 2.21 4.64
C LYS A 153 -13.74 3.69 4.69
N LYS A 154 -14.15 4.43 3.64
CA LYS A 154 -13.82 5.85 3.44
C LYS A 154 -13.85 6.70 4.74
N GLN A 155 -13.18 7.85 4.75
CA GLN A 155 -13.44 8.83 5.80
C GLN A 155 -14.61 9.72 5.42
N MET A 1 14.94 -0.22 -29.02
CA MET A 1 15.12 -1.58 -29.58
C MET A 1 13.77 -2.21 -29.89
N ARG A 2 13.19 -1.80 -31.02
CA ARG A 2 11.87 -2.27 -31.43
C ARG A 2 10.83 -2.01 -30.33
N GLY A 3 10.54 -0.74 -30.11
CA GLY A 3 9.61 -0.36 -29.08
C GLY A 3 9.74 1.10 -28.69
N SER A 4 8.63 1.81 -28.72
CA SER A 4 8.62 3.22 -28.35
C SER A 4 8.33 3.37 -26.87
N HIS A 5 7.42 2.54 -26.36
CA HIS A 5 7.06 2.55 -24.95
C HIS A 5 8.16 1.90 -24.10
N HIS A 6 8.53 2.56 -23.01
CA HIS A 6 9.55 2.03 -22.12
C HIS A 6 9.05 2.07 -20.67
N HIS A 7 8.05 1.26 -20.38
CA HIS A 7 7.46 1.20 -19.06
C HIS A 7 6.63 -0.07 -18.88
N HIS A 8 7.25 -1.22 -19.16
CA HIS A 8 6.56 -2.50 -19.08
C HIS A 8 6.38 -2.93 -17.62
N HIS A 9 7.01 -2.21 -16.70
CA HIS A 9 6.79 -2.41 -15.27
C HIS A 9 7.30 -1.21 -14.50
N HIS A 10 8.45 -0.68 -14.93
CA HIS A 10 9.01 0.54 -14.35
C HIS A 10 8.31 1.75 -14.92
N GLY A 11 7.02 1.84 -14.66
CA GLY A 11 6.22 2.93 -15.19
C GLY A 11 4.79 2.50 -15.43
N SER A 12 3.94 2.73 -14.44
CA SER A 12 2.57 2.29 -14.48
C SER A 12 1.67 3.33 -15.14
N LYS A 13 0.38 3.12 -15.00
CA LYS A 13 -0.62 4.07 -15.49
C LYS A 13 -0.70 5.26 -14.54
N THR A 14 -1.70 6.09 -14.76
CA THR A 14 -2.05 7.12 -13.81
C THR A 14 -3.02 6.51 -12.79
N LEU A 15 -2.89 6.90 -11.53
CA LEU A 15 -3.68 6.32 -10.47
C LEU A 15 -5.17 6.53 -10.73
N PRO A 16 -5.93 5.44 -10.92
CA PRO A 16 -7.38 5.50 -11.08
C PRO A 16 -8.03 6.24 -9.92
N ASP A 17 -8.82 7.25 -10.25
CA ASP A 17 -9.41 8.14 -9.25
C ASP A 17 -10.24 7.38 -8.22
N LYS A 18 -10.71 6.19 -8.57
CA LYS A 18 -11.45 5.34 -7.64
C LYS A 18 -10.60 4.93 -6.44
N PHE A 19 -9.29 4.96 -6.59
CA PHE A 19 -8.40 4.55 -5.51
C PHE A 19 -8.00 5.74 -4.64
N LEU A 20 -8.51 6.92 -4.97
CA LEU A 20 -8.10 8.13 -4.28
C LEU A 20 -9.07 8.50 -3.18
N GLY A 21 -8.55 9.19 -2.17
CA GLY A 21 -9.36 9.60 -1.05
C GLY A 21 -8.78 9.13 0.27
N THR A 22 -9.30 9.67 1.36
CA THR A 22 -8.90 9.23 2.67
C THR A 22 -9.90 8.21 3.20
N PHE A 23 -9.43 7.02 3.49
CA PHE A 23 -10.29 5.91 3.88
C PHE A 23 -10.06 5.53 5.34
N LYS A 24 -11.14 5.41 6.13
CA LYS A 24 -11.00 4.86 7.48
C LYS A 24 -11.32 3.36 7.48
N LEU A 25 -10.44 2.58 8.10
CA LEU A 25 -10.63 1.13 8.22
C LEU A 25 -11.88 0.83 9.04
N GLU A 26 -12.74 -0.03 8.50
CA GLU A 26 -13.94 -0.47 9.21
C GLU A 26 -13.74 -1.87 9.78
N ARG A 27 -13.34 -2.80 8.92
CA ARG A 27 -13.28 -4.20 9.29
C ARG A 27 -12.25 -4.93 8.45
N ASP A 28 -12.00 -6.20 8.75
CA ASP A 28 -11.02 -7.00 8.02
C ASP A 28 -11.18 -8.49 8.32
N GLU A 29 -10.40 -9.31 7.65
CA GLU A 29 -10.49 -10.76 7.78
C GLU A 29 -9.13 -11.42 7.56
N ASN A 30 -8.77 -12.34 8.47
CA ASN A 30 -7.59 -13.20 8.32
C ASN A 30 -6.29 -12.39 8.51
N PHE A 31 -6.41 -11.28 9.22
CA PHE A 31 -5.27 -10.38 9.40
C PHE A 31 -4.24 -10.96 10.36
N ASP A 32 -4.71 -11.59 11.42
CA ASP A 32 -3.82 -12.20 12.41
C ASP A 32 -2.94 -13.26 11.76
N GLU A 33 -3.56 -14.15 10.99
CA GLU A 33 -2.85 -15.20 10.30
C GLU A 33 -1.79 -14.61 9.37
N TYR A 34 -2.12 -13.50 8.72
CA TYR A 34 -1.16 -12.78 7.89
C TYR A 34 0.05 -12.35 8.71
N LEU A 35 -0.21 -11.89 9.93
CA LEU A 35 0.84 -11.40 10.81
C LEU A 35 1.80 -12.54 11.17
N LYS A 36 1.22 -13.72 11.42
CA LYS A 36 2.01 -14.91 11.74
C LYS A 36 2.91 -15.27 10.57
N ALA A 37 2.33 -15.28 9.37
CA ALA A 37 3.06 -15.61 8.16
C ALA A 37 4.24 -14.67 7.95
N ARG A 38 4.01 -13.39 8.22
CA ARG A 38 5.05 -12.37 8.07
C ARG A 38 6.11 -12.47 9.16
N GLY A 39 5.86 -13.31 10.15
CA GLY A 39 6.86 -13.54 11.18
C GLY A 39 6.62 -12.71 12.42
N TYR A 40 5.45 -12.10 12.52
CA TYR A 40 5.11 -11.27 13.66
C TYR A 40 4.66 -12.13 14.83
N GLY A 41 5.32 -11.95 15.97
CA GLY A 41 5.00 -12.72 17.14
C GLY A 41 3.72 -12.28 17.82
N TRP A 42 3.39 -12.93 18.92
CA TRP A 42 2.16 -12.70 19.65
C TRP A 42 2.00 -11.23 20.02
N ILE A 43 3.05 -10.64 20.58
CA ILE A 43 3.04 -9.23 20.96
C ILE A 43 2.70 -8.34 19.77
N MET A 44 3.41 -8.54 18.67
CA MET A 44 3.15 -7.80 17.45
C MET A 44 1.71 -7.98 17.01
N ARG A 45 1.22 -9.22 17.09
CA ARG A 45 -0.16 -9.50 16.72
C ARG A 45 -1.14 -8.81 17.67
N GLN A 46 -0.69 -8.48 18.87
CA GLN A 46 -1.53 -7.76 19.82
C GLN A 46 -1.58 -6.28 19.47
N VAL A 47 -0.50 -5.76 18.91
CA VAL A 47 -0.43 -4.35 18.55
C VAL A 47 -0.98 -4.10 17.15
N ILE A 48 -0.28 -4.66 16.16
CA ILE A 48 -0.61 -4.50 14.74
C ILE A 48 -2.10 -4.72 14.44
N LYS A 49 -2.65 -5.78 14.98
CA LYS A 49 -4.01 -6.18 14.65
C LYS A 49 -5.05 -5.28 15.33
N LEU A 50 -4.63 -4.57 16.36
CA LEU A 50 -5.55 -3.73 17.13
C LEU A 50 -5.37 -2.26 16.78
N ALA A 51 -4.47 -1.98 15.86
CA ALA A 51 -4.21 -0.62 15.43
C ALA A 51 -5.20 -0.18 14.36
N GLY A 52 -5.85 0.95 14.60
CA GLY A 52 -6.72 1.53 13.61
C GLY A 52 -5.93 2.19 12.51
N VAL A 53 -6.40 2.09 11.28
CA VAL A 53 -5.61 2.52 10.14
C VAL A 53 -6.40 3.45 9.24
N THR A 54 -5.76 4.55 8.86
CA THR A 54 -6.34 5.46 7.90
C THR A 54 -5.47 5.53 6.65
N LYS A 55 -6.02 5.08 5.53
CA LYS A 55 -5.30 5.12 4.26
C LYS A 55 -5.61 6.44 3.55
N LYS A 56 -4.58 7.08 3.02
CA LYS A 56 -4.76 8.37 2.38
C LYS A 56 -4.14 8.39 0.99
N PHE A 57 -4.96 8.28 -0.04
CA PHE A 57 -4.51 8.40 -1.41
C PHE A 57 -4.83 9.78 -1.93
N ARG A 58 -3.80 10.49 -2.35
CA ARG A 58 -3.97 11.83 -2.86
C ARG A 58 -2.91 12.14 -3.90
N ASN A 59 -3.19 13.14 -4.71
CA ASN A 59 -2.19 13.66 -5.64
C ASN A 59 -1.10 14.37 -4.84
N ALA A 60 0.12 14.43 -5.37
CA ALA A 60 1.27 14.95 -4.62
C ALA A 60 0.94 16.28 -3.96
N ALA A 61 1.27 16.34 -2.68
CA ALA A 61 0.86 17.43 -1.82
C ALA A 61 1.44 18.76 -2.28
N SER A 62 2.66 18.72 -2.81
CA SER A 62 3.32 19.91 -3.31
C SER A 62 2.78 20.35 -4.67
N GLY A 63 1.60 19.87 -5.03
CA GLY A 63 0.97 20.27 -6.28
C GLY A 63 1.70 19.74 -7.50
N LYS A 64 2.46 18.67 -7.32
CA LYS A 64 3.26 18.10 -8.38
C LYS A 64 2.43 17.12 -9.21
N PRO A 65 2.23 17.42 -10.50
CA PRO A 65 1.44 16.58 -11.41
C PRO A 65 2.02 15.18 -11.58
N ASP A 66 1.11 14.22 -11.77
CA ASP A 66 1.44 12.82 -12.08
C ASP A 66 1.80 12.08 -10.80
N ARG A 67 2.76 12.62 -10.10
CA ARG A 67 3.16 12.10 -8.79
C ARG A 67 2.04 12.22 -7.77
N TYR A 68 1.94 11.21 -6.91
CA TYR A 68 0.93 11.20 -5.87
C TYR A 68 1.57 11.16 -4.48
N ASP A 69 0.73 11.21 -3.46
CA ASP A 69 1.17 11.14 -2.07
C ASP A 69 0.28 10.15 -1.33
N MET A 70 0.88 9.28 -0.55
CA MET A 70 0.13 8.18 0.08
C MET A 70 0.54 7.99 1.54
N GLU A 71 -0.45 7.94 2.43
CA GLU A 71 -0.18 7.74 3.85
C GLU A 71 -0.94 6.55 4.40
N ASN A 72 -0.29 5.83 5.30
CA ASN A 72 -0.90 4.70 5.97
C ASN A 72 -0.84 4.95 7.47
N LEU A 73 -1.65 5.88 7.93
CA LEU A 73 -1.61 6.33 9.33
C LEU A 73 -2.23 5.29 10.24
N THR A 74 -1.64 5.12 11.41
CA THR A 74 -2.12 4.14 12.37
C THR A 74 -2.05 4.70 13.78
N THR A 75 -2.02 3.82 14.77
CA THR A 75 -1.99 4.22 16.16
C THR A 75 -0.57 4.24 16.70
N LYS A 76 0.27 3.36 16.17
CA LYS A 76 1.63 3.20 16.67
C LYS A 76 2.65 3.71 15.67
N LYS A 77 2.24 3.78 14.41
CA LYS A 77 3.15 4.12 13.34
C LYS A 77 2.52 5.12 12.39
N ASP A 78 3.01 5.12 11.17
CA ASP A 78 2.71 6.15 10.18
C ASP A 78 3.68 6.05 9.02
N THR A 79 3.14 6.10 7.81
CA THR A 79 3.97 6.19 6.62
C THR A 79 3.51 7.37 5.79
N HIS A 80 4.43 8.05 5.16
CA HIS A 80 4.08 9.19 4.33
C HIS A 80 4.88 9.13 3.04
N HIS A 81 4.32 8.43 2.07
CA HIS A 81 4.97 8.26 0.78
C HIS A 81 4.86 9.53 -0.04
N LYS A 82 5.73 10.51 0.24
CA LYS A 82 5.75 11.75 -0.51
C LYS A 82 6.28 11.58 -1.93
N ASP A 83 5.45 11.97 -2.88
CA ASP A 83 5.86 12.15 -4.28
C ASP A 83 6.29 10.82 -4.91
N TRP A 84 5.33 9.94 -5.12
CA TRP A 84 5.61 8.69 -5.80
C TRP A 84 4.88 8.64 -7.13
N ALA A 85 5.53 8.10 -8.13
CA ALA A 85 4.88 7.85 -9.40
C ALA A 85 4.46 6.40 -9.46
N LEU A 86 3.32 6.15 -10.05
CA LEU A 86 2.92 4.80 -10.36
C LEU A 86 3.96 4.15 -11.27
N GLY A 87 4.50 3.02 -10.83
CA GLY A 87 5.60 2.39 -11.53
C GLY A 87 6.95 2.87 -11.02
N GLU A 88 6.97 3.48 -9.84
CA GLU A 88 8.21 3.99 -9.27
C GLU A 88 8.59 3.21 -8.02
N GLU A 89 9.88 3.23 -7.72
CA GLU A 89 10.44 2.52 -6.57
C GLU A 89 11.27 3.51 -5.77
N PHE A 90 10.76 3.92 -4.63
CA PHE A 90 11.33 5.05 -3.90
C PHE A 90 11.71 4.66 -2.48
N GLN A 91 12.66 5.40 -1.91
CA GLN A 91 13.04 5.18 -0.52
C GLN A 91 12.02 5.82 0.40
N ASP A 92 11.71 5.17 1.51
CA ASP A 92 10.60 5.57 2.36
C ASP A 92 10.84 5.19 3.82
N GLU A 93 10.14 5.88 4.73
CA GLU A 93 10.15 5.53 6.14
C GLU A 93 8.99 4.60 6.41
N ALA A 94 9.27 3.32 6.33
CA ALA A 94 8.23 2.31 6.28
C ALA A 94 7.57 2.05 7.62
N LEU A 95 6.39 1.45 7.52
CA LEU A 95 5.54 1.15 8.66
C LEU A 95 6.23 0.19 9.63
N ASP A 96 7.11 -0.64 9.10
CA ASP A 96 7.85 -1.60 9.91
C ASP A 96 9.07 -0.95 10.59
N SER A 97 9.03 0.38 10.70
CA SER A 97 9.98 1.14 11.50
C SER A 97 11.40 1.03 10.95
N THR A 98 11.53 0.88 9.65
CA THR A 98 12.83 0.82 9.02
C THR A 98 12.87 1.77 7.83
N GLN A 99 14.06 1.94 7.28
CA GLN A 99 14.22 2.75 6.09
C GLN A 99 14.51 1.84 4.93
N HIS A 100 13.66 1.85 3.92
CA HIS A 100 13.89 1.01 2.75
C HIS A 100 13.08 1.48 1.57
N LYS A 101 13.24 0.78 0.46
CA LYS A 101 12.61 1.18 -0.77
C LYS A 101 11.22 0.56 -0.88
N ILE A 102 10.38 1.22 -1.64
CA ILE A 102 9.01 0.81 -1.83
C ILE A 102 8.59 1.06 -3.27
N THR A 103 8.03 0.05 -3.90
CA THR A 103 7.58 0.15 -5.26
C THR A 103 6.07 0.25 -5.34
N PHE A 104 5.59 1.20 -6.12
CA PHE A 104 4.17 1.29 -6.41
C PHE A 104 3.93 0.86 -7.84
N ASP A 105 3.00 -0.04 -8.04
CA ASP A 105 2.78 -0.61 -9.36
C ASP A 105 1.31 -0.93 -9.56
N LEU A 106 0.78 -0.61 -10.73
CA LEU A 106 -0.59 -0.96 -11.05
C LEU A 106 -0.60 -2.32 -11.72
N LYS A 107 -1.11 -3.31 -11.01
CA LYS A 107 -1.06 -4.69 -11.45
C LYS A 107 -2.14 -4.94 -12.48
N ASP A 108 -3.32 -4.43 -12.18
CA ASP A 108 -4.45 -4.47 -13.07
C ASP A 108 -5.37 -3.31 -12.70
N PRO A 109 -6.26 -2.88 -13.61
CA PRO A 109 -7.08 -1.67 -13.43
C PRO A 109 -8.02 -1.71 -12.22
N ASN A 110 -7.94 -2.76 -11.42
CA ASN A 110 -8.76 -2.87 -10.22
C ASN A 110 -7.88 -3.11 -8.98
N THR A 111 -6.57 -3.29 -9.19
CA THR A 111 -5.68 -3.59 -8.08
C THR A 111 -4.32 -2.89 -8.20
N LEU A 112 -4.04 -2.02 -7.23
CA LEU A 112 -2.73 -1.38 -7.09
C LEU A 112 -1.86 -2.25 -6.19
N THR A 113 -0.57 -2.30 -6.42
CA THR A 113 0.31 -3.09 -5.57
C THR A 113 1.41 -2.22 -4.96
N GLU A 114 1.59 -2.35 -3.65
CA GLU A 114 2.65 -1.63 -2.94
C GLU A 114 3.68 -2.64 -2.42
N THR A 115 4.85 -2.62 -3.02
CA THR A 115 5.88 -3.59 -2.68
C THR A 115 6.92 -2.99 -1.76
N HIS A 116 7.00 -3.50 -0.55
CA HIS A 116 7.97 -3.03 0.42
C HIS A 116 9.23 -3.88 0.35
N ILE A 117 10.35 -3.26 -0.04
CA ILE A 117 11.61 -3.98 -0.12
C ILE A 117 12.67 -3.34 0.75
N LYS A 118 13.14 -4.08 1.72
CA LYS A 118 14.18 -3.63 2.61
C LYS A 118 15.50 -3.43 1.88
N VAL A 119 15.98 -2.19 1.89
CA VAL A 119 17.27 -1.83 1.29
C VAL A 119 18.40 -2.64 1.92
N ASP A 120 18.18 -3.11 3.14
CA ASP A 120 19.14 -3.94 3.84
C ASP A 120 18.96 -5.40 3.49
N ASP A 121 17.72 -5.87 3.59
CA ASP A 121 17.40 -7.26 3.32
C ASP A 121 16.22 -7.35 2.37
N PRO A 122 16.51 -7.38 1.07
CA PRO A 122 15.51 -7.40 0.01
C PRO A 122 14.84 -8.77 -0.15
N THR A 123 15.16 -9.70 0.74
CA THR A 123 14.54 -11.01 0.71
C THR A 123 13.34 -11.05 1.64
N ASP A 124 13.33 -10.15 2.61
CA ASP A 124 12.18 -10.03 3.52
C ASP A 124 11.23 -8.97 3.00
N VAL A 125 10.84 -9.13 1.74
CA VAL A 125 9.89 -8.24 1.10
C VAL A 125 8.51 -8.33 1.70
N GLU A 126 7.59 -7.53 1.18
CA GLU A 126 6.22 -7.53 1.63
C GLU A 126 5.34 -6.82 0.60
N THR A 127 4.17 -7.38 0.31
CA THR A 127 3.31 -6.80 -0.71
C THR A 127 1.89 -6.60 -0.20
N TYR A 128 1.45 -5.35 -0.25
CA TYR A 128 0.05 -5.02 0.00
C TYR A 128 -0.59 -4.74 -1.34
N GLU A 129 -1.89 -4.94 -1.48
CA GLU A 129 -2.55 -4.66 -2.74
C GLU A 129 -3.80 -3.84 -2.45
N TYR A 130 -3.99 -2.76 -3.17
CA TYR A 130 -5.14 -1.90 -2.98
C TYR A 130 -6.15 -2.11 -4.12
N ARG A 131 -7.18 -2.89 -3.85
CA ARG A 131 -8.19 -3.13 -4.87
C ARG A 131 -9.50 -2.47 -4.49
N ARG A 132 -10.32 -2.15 -5.48
CA ARG A 132 -11.56 -1.43 -5.26
C ARG A 132 -12.76 -2.36 -5.43
N ASP A 133 -13.59 -2.45 -4.41
CA ASP A 133 -14.79 -3.27 -4.48
C ASP A 133 -16.00 -2.49 -4.00
N GLY A 134 -16.91 -2.22 -4.93
CA GLY A 134 -18.07 -1.42 -4.60
C GLY A 134 -17.70 0.00 -4.25
N ASP A 135 -17.90 0.38 -3.01
CA ASP A 135 -17.53 1.71 -2.54
C ASP A 135 -16.45 1.61 -1.47
N TYR A 136 -15.87 0.44 -1.32
CA TYR A 136 -14.83 0.23 -0.33
C TYR A 136 -13.49 -0.02 -0.98
N LEU A 137 -12.45 0.53 -0.36
CA LEU A 137 -11.09 0.21 -0.71
C LEU A 137 -10.75 -1.08 0.03
N VAL A 138 -10.49 -2.14 -0.71
CA VAL A 138 -10.30 -3.43 -0.09
C VAL A 138 -8.82 -3.76 -0.07
N MET A 139 -8.27 -3.69 1.13
CA MET A 139 -6.88 -3.98 1.34
C MET A 139 -6.64 -5.47 1.15
N LYS A 140 -5.77 -5.80 0.23
CA LYS A 140 -5.51 -7.17 -0.14
C LYS A 140 -4.06 -7.51 0.15
N MET A 141 -3.80 -7.95 1.36
CA MET A 141 -2.45 -8.28 1.78
C MET A 141 -2.31 -9.80 1.81
N SER A 142 -1.21 -10.31 1.28
CA SER A 142 -1.02 -11.75 1.23
C SER A 142 0.44 -12.13 1.42
N TRP A 143 0.65 -13.15 2.23
CA TRP A 143 1.97 -13.68 2.50
C TRP A 143 1.87 -15.15 2.83
N LYS A 144 2.70 -15.97 2.17
CA LYS A 144 2.67 -17.42 2.32
C LYS A 144 1.25 -17.97 2.16
N GLY A 145 0.55 -17.48 1.15
CA GLY A 145 -0.79 -17.96 0.86
C GLY A 145 -1.86 -17.33 1.72
N VAL A 146 -1.47 -16.71 2.83
CA VAL A 146 -2.42 -16.10 3.74
C VAL A 146 -2.86 -14.74 3.20
N SER A 147 -4.09 -14.67 2.72
CA SER A 147 -4.64 -13.42 2.23
C SER A 147 -5.61 -12.81 3.23
N THR A 148 -5.39 -11.56 3.55
CA THR A 148 -6.25 -10.83 4.44
C THR A 148 -6.91 -9.68 3.69
N SER A 149 -8.22 -9.59 3.80
CA SER A 149 -8.98 -8.54 3.14
C SER A 149 -9.47 -7.54 4.17
N ARG A 150 -8.95 -6.33 4.11
CA ARG A 150 -9.33 -5.29 5.06
C ARG A 150 -10.18 -4.25 4.36
N TYR A 151 -11.37 -4.04 4.88
CA TYR A 151 -12.33 -3.16 4.22
C TYR A 151 -12.16 -1.73 4.72
N TYR A 152 -11.63 -0.90 3.84
CA TYR A 152 -11.45 0.50 4.12
C TYR A 152 -12.56 1.30 3.46
N LYS A 153 -13.32 2.01 4.25
CA LYS A 153 -14.33 2.90 3.72
C LYS A 153 -13.72 4.26 3.63
N LYS A 154 -14.28 5.17 2.88
CA LYS A 154 -13.80 6.54 2.88
C LYS A 154 -13.95 7.16 4.28
N GLN A 155 -13.56 8.42 4.41
CA GLN A 155 -13.97 9.20 5.57
C GLN A 155 -15.34 9.80 5.33
N MET A 1 -9.30 -11.90 -24.04
CA MET A 1 -7.84 -11.90 -23.82
C MET A 1 -7.11 -12.27 -25.10
N ARG A 2 -6.13 -11.46 -25.48
CA ARG A 2 -5.36 -11.69 -26.69
C ARG A 2 -4.01 -11.00 -26.60
N GLY A 3 -4.01 -9.77 -26.11
CA GLY A 3 -2.78 -9.03 -25.99
C GLY A 3 -3.02 -7.62 -25.51
N SER A 4 -3.44 -7.50 -24.26
CA SER A 4 -3.69 -6.20 -23.66
C SER A 4 -2.37 -5.56 -23.27
N HIS A 5 -1.75 -4.89 -24.22
CA HIS A 5 -0.46 -4.25 -24.02
C HIS A 5 -0.60 -2.99 -23.19
N HIS A 6 -0.38 -3.13 -21.89
CA HIS A 6 -0.42 -1.99 -20.98
C HIS A 6 0.80 -1.10 -21.22
N HIS A 7 0.65 -0.21 -22.18
CA HIS A 7 1.75 0.65 -22.59
C HIS A 7 1.75 1.96 -21.80
N HIS A 8 2.78 2.16 -21.02
CA HIS A 8 2.90 3.34 -20.17
C HIS A 8 4.08 4.21 -20.61
N HIS A 9 3.76 5.26 -21.36
CA HIS A 9 4.76 6.23 -21.78
C HIS A 9 4.22 7.63 -21.54
N HIS A 10 3.48 7.77 -20.44
CA HIS A 10 2.81 9.02 -20.10
C HIS A 10 3.47 9.63 -18.87
N GLY A 11 4.71 9.24 -18.63
CA GLY A 11 5.39 9.66 -17.41
C GLY A 11 4.93 8.85 -16.22
N SER A 12 3.62 8.90 -15.99
CA SER A 12 2.99 8.10 -14.97
C SER A 12 1.56 7.81 -15.39
N LYS A 13 1.11 6.57 -15.19
CA LYS A 13 -0.30 6.26 -15.38
C LYS A 13 -1.10 7.01 -14.33
N THR A 14 -2.22 7.57 -14.72
CA THR A 14 -2.98 8.38 -13.80
C THR A 14 -3.87 7.50 -12.93
N LEU A 15 -3.69 7.66 -11.62
CA LEU A 15 -4.46 6.91 -10.64
C LEU A 15 -5.96 7.12 -10.82
N PRO A 16 -6.71 6.02 -10.94
CA PRO A 16 -8.17 6.07 -10.95
C PRO A 16 -8.70 6.68 -9.67
N ASP A 17 -9.61 7.65 -9.81
CA ASP A 17 -10.23 8.34 -8.69
C ASP A 17 -10.80 7.37 -7.66
N LYS A 18 -11.14 6.17 -8.11
CA LYS A 18 -11.63 5.10 -7.24
C LYS A 18 -10.63 4.75 -6.13
N PHE A 19 -9.35 5.05 -6.33
CA PHE A 19 -8.36 4.76 -5.30
C PHE A 19 -7.94 6.03 -4.58
N LEU A 20 -8.50 7.16 -4.99
CA LEU A 20 -8.07 8.45 -4.47
C LEU A 20 -9.03 8.98 -3.43
N GLY A 21 -8.50 9.81 -2.54
CA GLY A 21 -9.31 10.39 -1.48
C GLY A 21 -8.75 10.06 -0.12
N THR A 22 -9.52 9.34 0.68
CA THR A 22 -9.08 8.94 2.01
C THR A 22 -10.03 7.90 2.59
N PHE A 23 -9.45 6.87 3.17
CA PHE A 23 -10.23 5.75 3.68
C PHE A 23 -9.84 5.40 5.11
N LYS A 24 -10.82 5.31 6.02
CA LYS A 24 -10.54 4.77 7.33
C LYS A 24 -10.91 3.28 7.36
N LEU A 25 -10.05 2.46 7.94
CA LEU A 25 -10.27 1.01 8.01
C LEU A 25 -11.58 0.70 8.73
N GLU A 26 -12.39 -0.14 8.10
CA GLU A 26 -13.69 -0.52 8.64
C GLU A 26 -13.58 -1.87 9.36
N ARG A 27 -13.05 -2.87 8.66
CA ARG A 27 -12.95 -4.22 9.22
C ARG A 27 -11.82 -4.99 8.56
N ASP A 28 -11.57 -6.21 9.04
CA ASP A 28 -10.53 -7.07 8.49
C ASP A 28 -10.91 -8.53 8.63
N GLU A 29 -10.30 -9.38 7.81
CA GLU A 29 -10.60 -10.81 7.80
C GLU A 29 -9.31 -11.64 7.73
N ASN A 30 -9.13 -12.54 8.69
CA ASN A 30 -8.01 -13.50 8.70
C ASN A 30 -6.67 -12.79 8.94
N PHE A 31 -6.74 -11.69 9.66
CA PHE A 31 -5.57 -10.84 9.88
C PHE A 31 -4.60 -11.50 10.85
N ASP A 32 -5.15 -12.09 11.92
CA ASP A 32 -4.34 -12.82 12.89
C ASP A 32 -3.46 -13.87 12.22
N GLU A 33 -4.09 -14.78 11.47
CA GLU A 33 -3.35 -15.84 10.80
C GLU A 33 -2.27 -15.28 9.87
N TYR A 34 -2.58 -14.17 9.20
CA TYR A 34 -1.59 -13.52 8.35
C TYR A 34 -0.36 -13.11 9.16
N LEU A 35 -0.58 -12.58 10.36
CA LEU A 35 0.52 -12.13 11.21
C LEU A 35 1.39 -13.29 11.63
N LYS A 36 0.76 -14.42 11.91
CA LYS A 36 1.48 -15.63 12.30
C LYS A 36 2.36 -16.10 11.15
N ALA A 37 1.79 -16.09 9.97
CA ALA A 37 2.52 -16.44 8.74
C ALA A 37 3.72 -15.52 8.55
N ARG A 38 3.52 -14.24 8.84
CA ARG A 38 4.58 -13.23 8.71
C ARG A 38 5.73 -13.49 9.68
N GLY A 39 5.46 -14.29 10.69
CA GLY A 39 6.46 -14.57 11.69
C GLY A 39 6.34 -13.67 12.89
N TYR A 40 5.20 -13.01 13.03
CA TYR A 40 4.96 -12.16 14.18
C TYR A 40 4.46 -12.98 15.35
N GLY A 41 5.14 -12.87 16.47
CA GLY A 41 4.76 -13.60 17.66
C GLY A 41 3.58 -12.97 18.35
N TRP A 42 3.19 -13.55 19.47
CA TRP A 42 2.00 -13.12 20.21
C TRP A 42 2.02 -11.60 20.48
N ILE A 43 3.13 -11.11 21.00
CA ILE A 43 3.27 -9.70 21.35
C ILE A 43 2.99 -8.78 20.16
N MET A 44 3.71 -8.98 19.07
CA MET A 44 3.51 -8.17 17.89
C MET A 44 2.07 -8.25 17.40
N ARG A 45 1.49 -9.44 17.47
CA ARG A 45 0.11 -9.62 17.04
C ARG A 45 -0.83 -8.83 17.95
N GLN A 46 -0.42 -8.60 19.18
CA GLN A 46 -1.24 -7.83 20.11
C GLN A 46 -1.17 -6.35 19.77
N VAL A 47 -0.08 -5.94 19.14
CA VAL A 47 0.08 -4.56 18.70
C VAL A 47 -0.56 -4.35 17.33
N ILE A 48 0.00 -5.02 16.34
CA ILE A 48 -0.43 -4.93 14.94
C ILE A 48 -1.95 -5.07 14.77
N LYS A 49 -2.58 -5.96 15.53
CA LYS A 49 -4.02 -6.18 15.44
C LYS A 49 -4.82 -5.04 16.05
N LEU A 50 -4.25 -4.33 17.02
CA LEU A 50 -4.99 -3.31 17.75
C LEU A 50 -4.68 -1.91 17.25
N ALA A 51 -3.80 -1.82 16.28
CA ALA A 51 -3.42 -0.54 15.71
C ALA A 51 -4.41 -0.11 14.64
N GLY A 52 -5.11 0.99 14.90
CA GLY A 52 -5.99 1.55 13.91
C GLY A 52 -5.21 2.21 12.79
N VAL A 53 -5.73 2.17 11.58
CA VAL A 53 -5.00 2.69 10.44
C VAL A 53 -5.92 3.35 9.41
N THR A 54 -5.45 4.47 8.88
CA THR A 54 -6.16 5.22 7.87
C THR A 54 -5.26 5.41 6.65
N LYS A 55 -5.83 5.30 5.45
CA LYS A 55 -5.07 5.44 4.22
C LYS A 55 -5.57 6.62 3.41
N LYS A 56 -4.64 7.43 2.90
CA LYS A 56 -4.99 8.69 2.25
C LYS A 56 -4.26 8.82 0.92
N PHE A 57 -5.02 8.94 -0.17
CA PHE A 57 -4.46 9.07 -1.50
C PHE A 57 -4.75 10.45 -2.08
N ARG A 58 -3.75 11.09 -2.65
CA ARG A 58 -3.94 12.39 -3.27
C ARG A 58 -2.87 12.64 -4.33
N ASN A 59 -3.10 13.65 -5.15
CA ASN A 59 -2.09 14.14 -6.06
C ASN A 59 -0.94 14.73 -5.26
N ALA A 60 0.27 14.73 -5.80
CA ALA A 60 1.46 15.13 -5.06
C ALA A 60 1.26 16.44 -4.32
N ALA A 61 1.68 16.42 -3.06
CA ALA A 61 1.44 17.51 -2.14
C ALA A 61 2.05 18.81 -2.63
N SER A 62 3.24 18.73 -3.20
CA SER A 62 3.91 19.90 -3.75
C SER A 62 3.36 20.30 -5.12
N GLY A 63 2.23 19.72 -5.49
CA GLY A 63 1.58 20.10 -6.74
C GLY A 63 2.34 19.68 -7.98
N LYS A 64 3.10 18.59 -7.88
CA LYS A 64 3.82 18.08 -9.04
C LYS A 64 2.91 17.18 -9.88
N PRO A 65 2.68 17.54 -11.16
CA PRO A 65 1.87 16.75 -12.07
C PRO A 65 2.35 15.31 -12.19
N ASP A 66 1.38 14.40 -12.31
CA ASP A 66 1.63 12.97 -12.50
C ASP A 66 1.87 12.29 -11.15
N ARG A 67 2.81 12.81 -10.41
CA ARG A 67 3.13 12.29 -9.08
C ARG A 67 1.99 12.48 -8.08
N TYR A 68 1.94 11.59 -7.10
CA TYR A 68 0.90 11.61 -6.07
C TYR A 68 1.53 11.55 -4.68
N ASP A 69 0.67 11.59 -3.67
CA ASP A 69 1.06 11.43 -2.28
C ASP A 69 0.15 10.42 -1.62
N MET A 70 0.72 9.50 -0.84
CA MET A 70 -0.05 8.42 -0.21
C MET A 70 0.40 8.20 1.22
N GLU A 71 -0.54 8.13 2.15
CA GLU A 71 -0.19 8.01 3.56
C GLU A 71 -0.88 6.83 4.21
N ASN A 72 -0.18 6.22 5.17
CA ASN A 72 -0.74 5.18 6.00
C ASN A 72 -0.60 5.58 7.46
N LEU A 73 -1.68 6.07 8.03
CA LEU A 73 -1.67 6.57 9.39
C LEU A 73 -2.15 5.52 10.36
N THR A 74 -1.25 5.04 11.22
CA THR A 74 -1.62 4.05 12.20
C THR A 74 -1.33 4.60 13.59
N THR A 75 -1.42 3.76 14.59
CA THR A 75 -1.22 4.19 15.95
C THR A 75 0.26 4.05 16.36
N LYS A 76 0.95 3.13 15.70
CA LYS A 76 2.32 2.79 16.09
C LYS A 76 3.33 3.40 15.13
N LYS A 77 2.92 3.66 13.90
CA LYS A 77 3.82 4.27 12.92
C LYS A 77 3.03 4.96 11.83
N ASP A 78 3.44 6.18 11.49
CA ASP A 78 2.83 6.90 10.39
C ASP A 78 3.79 6.91 9.21
N THR A 79 3.25 6.64 8.03
CA THR A 79 4.05 6.66 6.82
C THR A 79 3.54 7.77 5.90
N HIS A 80 4.42 8.31 5.08
CA HIS A 80 4.03 9.36 4.17
C HIS A 80 4.82 9.24 2.87
N HIS A 81 4.20 8.61 1.89
CA HIS A 81 4.81 8.43 0.58
C HIS A 81 4.81 9.77 -0.14
N LYS A 82 5.87 10.53 0.09
CA LYS A 82 5.99 11.86 -0.47
C LYS A 82 6.40 11.84 -1.93
N ASP A 83 5.52 12.37 -2.78
CA ASP A 83 5.88 12.70 -4.16
C ASP A 83 6.30 11.46 -4.94
N TRP A 84 5.39 10.50 -5.05
CA TRP A 84 5.68 9.25 -5.74
C TRP A 84 4.95 9.19 -7.07
N ALA A 85 5.56 8.58 -8.07
CA ALA A 85 4.92 8.41 -9.36
C ALA A 85 4.49 6.96 -9.54
N LEU A 86 3.37 6.74 -10.18
CA LEU A 86 2.95 5.41 -10.56
C LEU A 86 4.00 4.79 -11.48
N GLY A 87 4.56 3.66 -11.06
CA GLY A 87 5.67 3.05 -11.77
C GLY A 87 7.01 3.43 -11.19
N GLU A 88 6.99 4.07 -10.02
CA GLU A 88 8.21 4.52 -9.37
C GLU A 88 8.52 3.70 -8.13
N GLU A 89 9.78 3.76 -7.73
CA GLU A 89 10.29 2.98 -6.61
C GLU A 89 11.07 3.89 -5.69
N PHE A 90 10.52 4.14 -4.52
CA PHE A 90 11.05 5.15 -3.60
C PHE A 90 11.23 4.57 -2.21
N GLN A 91 12.03 5.21 -1.39
CA GLN A 91 12.18 4.80 0.00
C GLN A 91 11.21 5.58 0.88
N ASP A 92 10.85 4.95 1.99
CA ASP A 92 9.83 5.51 2.88
C ASP A 92 10.02 4.99 4.29
N GLU A 93 9.57 5.75 5.28
CA GLU A 93 9.67 5.37 6.68
C GLU A 93 8.44 4.55 7.06
N ALA A 94 8.54 3.26 6.82
CA ALA A 94 7.40 2.39 6.74
C ALA A 94 6.83 2.01 8.10
N LEU A 95 5.66 1.35 8.08
CA LEU A 95 4.97 0.93 9.30
C LEU A 95 5.87 0.09 10.19
N ASP A 96 6.79 -0.64 9.56
CA ASP A 96 7.70 -1.52 10.28
C ASP A 96 8.84 -0.76 10.96
N SER A 97 8.60 0.54 11.17
CA SER A 97 9.48 1.40 11.98
C SER A 97 10.72 1.82 11.20
N THR A 98 11.35 0.88 10.54
CA THR A 98 12.50 1.17 9.71
C THR A 98 12.05 1.74 8.36
N GLN A 99 12.96 2.35 7.62
CA GLN A 99 12.62 2.88 6.34
C GLN A 99 13.28 2.06 5.26
N HIS A 100 12.59 1.84 4.17
CA HIS A 100 13.08 0.97 3.13
C HIS A 100 12.44 1.26 1.79
N LYS A 101 12.79 0.46 0.81
CA LYS A 101 12.33 0.62 -0.56
C LYS A 101 10.85 0.23 -0.69
N ILE A 102 10.14 0.97 -1.52
CA ILE A 102 8.74 0.72 -1.81
C ILE A 102 8.44 1.08 -3.26
N THR A 103 7.82 0.16 -3.98
CA THR A 103 7.45 0.41 -5.35
C THR A 103 5.93 0.54 -5.49
N PHE A 104 5.50 1.48 -6.31
CA PHE A 104 4.08 1.65 -6.62
C PHE A 104 3.85 1.40 -8.09
N ASP A 105 2.90 0.54 -8.41
CA ASP A 105 2.64 0.17 -9.79
C ASP A 105 1.23 -0.42 -9.90
N LEU A 106 0.63 -0.27 -11.07
CA LEU A 106 -0.70 -0.80 -11.31
C LEU A 106 -0.62 -2.15 -12.00
N LYS A 107 -1.18 -3.17 -11.36
CA LYS A 107 -1.11 -4.53 -11.86
C LYS A 107 -2.18 -4.71 -12.92
N ASP A 108 -3.39 -4.28 -12.58
CA ASP A 108 -4.53 -4.29 -13.47
C ASP A 108 -5.29 -2.99 -13.24
N PRO A 109 -6.23 -2.63 -14.14
CA PRO A 109 -6.93 -1.33 -14.08
C PRO A 109 -7.82 -1.16 -12.84
N ASN A 110 -7.79 -2.17 -11.97
CA ASN A 110 -8.55 -2.13 -10.73
C ASN A 110 -7.74 -2.73 -9.59
N THR A 111 -6.42 -2.72 -9.73
CA THR A 111 -5.54 -3.28 -8.71
C THR A 111 -4.18 -2.59 -8.69
N LEU A 112 -3.95 -1.80 -7.65
CA LEU A 112 -2.67 -1.15 -7.43
C LEU A 112 -1.80 -2.07 -6.59
N THR A 113 -0.53 -2.20 -6.92
CA THR A 113 0.36 -3.03 -6.15
C THR A 113 1.45 -2.20 -5.47
N GLU A 114 1.57 -2.36 -4.17
CA GLU A 114 2.58 -1.66 -3.39
C GLU A 114 3.56 -2.66 -2.80
N THR A 115 4.78 -2.66 -3.31
CA THR A 115 5.78 -3.63 -2.90
C THR A 115 6.72 -3.02 -1.86
N HIS A 116 6.62 -3.49 -0.63
CA HIS A 116 7.44 -2.98 0.46
C HIS A 116 8.69 -3.84 0.61
N ILE A 117 9.82 -3.38 0.08
CA ILE A 117 11.06 -4.14 0.19
C ILE A 117 12.04 -3.48 1.14
N LYS A 118 12.38 -4.21 2.20
CA LYS A 118 13.31 -3.72 3.21
C LYS A 118 14.74 -3.65 2.69
N VAL A 119 15.31 -2.46 2.82
CA VAL A 119 16.70 -2.19 2.53
C VAL A 119 17.58 -2.99 3.47
N ASP A 120 17.08 -3.20 4.67
CA ASP A 120 17.77 -3.95 5.69
C ASP A 120 17.83 -5.44 5.32
N ASP A 121 16.69 -5.97 4.88
CA ASP A 121 16.62 -7.36 4.44
C ASP A 121 15.42 -7.57 3.53
N PRO A 122 15.69 -7.73 2.23
CA PRO A 122 14.66 -7.94 1.21
C PRO A 122 14.03 -9.33 1.26
N THR A 123 14.33 -10.05 2.33
CA THR A 123 13.77 -11.38 2.54
C THR A 123 12.47 -11.31 3.33
N ASP A 124 12.23 -10.18 3.99
CA ASP A 124 11.06 -10.02 4.85
C ASP A 124 10.14 -8.96 4.25
N VAL A 125 10.00 -8.99 2.94
CA VAL A 125 9.21 -8.00 2.22
C VAL A 125 7.74 -8.39 2.17
N GLU A 126 6.94 -7.54 1.57
CA GLU A 126 5.52 -7.81 1.40
C GLU A 126 4.93 -6.94 0.30
N THR A 127 3.87 -7.42 -0.32
CA THR A 127 3.19 -6.70 -1.37
C THR A 127 1.72 -6.52 -1.02
N TYR A 128 1.30 -5.28 -0.93
CA TYR A 128 -0.10 -4.98 -0.66
C TYR A 128 -0.78 -4.73 -1.99
N GLU A 129 -2.05 -5.08 -2.14
CA GLU A 129 -2.72 -4.90 -3.41
C GLU A 129 -4.04 -4.15 -3.16
N TYR A 130 -4.21 -3.01 -3.82
CA TYR A 130 -5.37 -2.16 -3.62
C TYR A 130 -6.42 -2.40 -4.71
N ARG A 131 -7.62 -2.77 -4.31
CA ARG A 131 -8.74 -2.89 -5.24
C ARG A 131 -9.96 -2.18 -4.69
N ARG A 132 -10.81 -1.69 -5.58
CA ARG A 132 -11.99 -0.94 -5.17
C ARG A 132 -13.24 -1.82 -5.25
N ASP A 133 -13.74 -2.24 -4.10
CA ASP A 133 -14.95 -3.04 -4.03
C ASP A 133 -16.15 -2.13 -3.79
N GLY A 134 -16.77 -1.69 -4.87
CA GLY A 134 -17.86 -0.74 -4.75
C GLY A 134 -17.36 0.62 -4.31
N ASP A 135 -17.52 0.90 -3.03
CA ASP A 135 -17.00 2.14 -2.47
C ASP A 135 -16.06 1.86 -1.32
N TYR A 136 -15.65 0.61 -1.18
CA TYR A 136 -14.66 0.23 -0.18
C TYR A 136 -13.32 -0.05 -0.84
N LEU A 137 -12.26 0.48 -0.25
CA LEU A 137 -10.92 0.18 -0.70
C LEU A 137 -10.48 -1.10 -0.01
N VAL A 138 -10.21 -2.13 -0.79
CA VAL A 138 -9.89 -3.42 -0.22
C VAL A 138 -8.46 -3.77 -0.51
N MET A 139 -7.72 -4.03 0.54
CA MET A 139 -6.33 -4.38 0.43
C MET A 139 -6.14 -5.86 0.65
N LYS A 140 -5.25 -6.45 -0.13
CA LYS A 140 -4.93 -7.85 0.04
C LYS A 140 -3.50 -7.98 0.52
N MET A 141 -3.35 -8.70 1.62
CA MET A 141 -2.04 -8.99 2.20
C MET A 141 -1.92 -10.50 2.33
N SER A 142 -0.93 -11.08 1.68
CA SER A 142 -0.83 -12.53 1.61
C SER A 142 0.62 -13.00 1.73
N TRP A 143 0.85 -13.89 2.68
CA TRP A 143 2.18 -14.42 2.94
C TRP A 143 2.12 -15.90 3.23
N LYS A 144 2.92 -16.67 2.51
CA LYS A 144 2.95 -18.12 2.61
C LYS A 144 1.54 -18.73 2.56
N GLY A 145 0.76 -18.29 1.60
CA GLY A 145 -0.58 -18.82 1.41
C GLY A 145 -1.63 -18.12 2.25
N VAL A 146 -1.26 -17.72 3.47
CA VAL A 146 -2.20 -17.09 4.38
C VAL A 146 -2.50 -15.66 3.93
N SER A 147 -3.72 -15.45 3.49
CA SER A 147 -4.13 -14.16 2.98
C SER A 147 -5.14 -13.49 3.89
N THR A 148 -5.03 -12.18 3.99
CA THR A 148 -5.98 -11.39 4.76
C THR A 148 -6.48 -10.21 3.92
N SER A 149 -7.77 -9.93 4.04
CA SER A 149 -8.36 -8.80 3.33
C SER A 149 -8.57 -7.64 4.29
N ARG A 150 -7.90 -6.54 4.00
CA ARG A 150 -7.99 -5.34 4.82
C ARG A 150 -9.03 -4.40 4.21
N TYR A 151 -10.16 -4.22 4.89
CA TYR A 151 -11.27 -3.47 4.33
C TYR A 151 -11.28 -2.03 4.79
N TYR A 152 -11.02 -1.12 3.86
CA TYR A 152 -11.04 0.30 4.15
C TYR A 152 -12.26 0.95 3.53
N LYS A 153 -12.90 1.81 4.29
CA LYS A 153 -13.99 2.62 3.79
C LYS A 153 -13.53 4.06 3.74
N LYS A 154 -14.22 4.92 3.01
CA LYS A 154 -13.95 6.36 3.02
C LYS A 154 -13.76 6.89 4.46
N GLN A 155 -13.11 8.03 4.61
CA GLN A 155 -13.29 8.79 5.84
C GLN A 155 -14.52 9.69 5.71
N MET A 1 13.68 -2.35 -25.93
CA MET A 1 13.61 -1.29 -26.97
C MET A 1 14.99 -0.66 -27.19
N ARG A 2 15.40 0.22 -26.28
CA ARG A 2 16.69 0.87 -26.39
C ARG A 2 17.59 0.50 -25.23
N GLY A 3 17.21 0.91 -24.03
CA GLY A 3 17.98 0.62 -22.85
C GLY A 3 17.26 1.00 -21.58
N SER A 4 16.90 0.01 -20.78
CA SER A 4 16.17 0.25 -19.55
C SER A 4 17.13 0.68 -18.45
N HIS A 5 17.45 1.98 -18.44
CA HIS A 5 18.32 2.55 -17.42
C HIS A 5 17.64 2.51 -16.07
N HIS A 6 16.69 3.41 -15.85
CA HIS A 6 15.94 3.42 -14.61
C HIS A 6 14.46 3.20 -14.89
N HIS A 7 14.04 3.39 -16.15
CA HIS A 7 12.66 3.15 -16.53
C HIS A 7 12.44 1.65 -16.71
N HIS A 8 12.41 0.92 -15.61
CA HIS A 8 12.29 -0.52 -15.64
C HIS A 8 10.83 -0.95 -15.79
N HIS A 9 9.96 -0.33 -15.03
CA HIS A 9 8.55 -0.68 -15.05
C HIS A 9 7.67 0.56 -15.07
N HIS A 10 7.87 1.43 -16.04
CA HIS A 10 7.07 2.64 -16.12
C HIS A 10 6.06 2.56 -17.25
N GLY A 11 5.62 1.35 -17.54
CA GLY A 11 4.55 1.14 -18.51
C GLY A 11 3.20 1.29 -17.85
N SER A 12 2.94 2.46 -17.30
CA SER A 12 1.74 2.71 -16.53
C SER A 12 0.95 3.87 -17.11
N LYS A 13 -0.15 4.18 -16.45
CA LYS A 13 -0.99 5.30 -16.82
C LYS A 13 -1.20 6.21 -15.62
N THR A 14 -2.20 7.07 -15.71
CA THR A 14 -2.60 7.91 -14.61
C THR A 14 -3.20 7.05 -13.49
N LEU A 15 -3.01 7.47 -12.25
CA LEU A 15 -3.57 6.78 -11.10
C LEU A 15 -5.07 7.02 -11.06
N PRO A 16 -5.88 5.97 -11.32
CA PRO A 16 -7.34 6.08 -11.32
C PRO A 16 -7.86 6.65 -10.01
N ASP A 17 -8.62 7.73 -10.13
CA ASP A 17 -9.13 8.49 -8.97
C ASP A 17 -9.89 7.62 -7.98
N LYS A 18 -10.38 6.46 -8.45
CA LYS A 18 -11.08 5.53 -7.58
C LYS A 18 -10.22 5.08 -6.40
N PHE A 19 -8.90 5.07 -6.59
CA PHE A 19 -7.99 4.63 -5.53
C PHE A 19 -7.67 5.76 -4.57
N LEU A 20 -8.10 6.97 -4.93
CA LEU A 20 -7.68 8.16 -4.23
C LEU A 20 -8.73 8.62 -3.22
N GLY A 21 -8.25 9.15 -2.11
CA GLY A 21 -9.14 9.59 -1.05
C GLY A 21 -8.60 9.22 0.32
N THR A 22 -9.35 9.54 1.36
CA THR A 22 -8.99 9.19 2.71
C THR A 22 -9.94 8.12 3.24
N PHE A 23 -9.40 7.00 3.70
CA PHE A 23 -10.22 5.88 4.13
C PHE A 23 -9.90 5.46 5.57
N LYS A 24 -10.94 5.17 6.36
CA LYS A 24 -10.73 4.58 7.67
C LYS A 24 -11.07 3.09 7.64
N LEU A 25 -10.17 2.27 8.19
CA LEU A 25 -10.33 0.81 8.24
C LEU A 25 -11.71 0.43 8.78
N GLU A 26 -12.46 -0.35 8.02
CA GLU A 26 -13.78 -0.79 8.43
C GLU A 26 -13.70 -2.11 9.18
N ARG A 27 -13.09 -3.11 8.55
CA ARG A 27 -12.97 -4.44 9.14
C ARG A 27 -11.84 -5.22 8.47
N ASP A 28 -11.58 -6.42 8.96
CA ASP A 28 -10.51 -7.24 8.41
C ASP A 28 -10.96 -8.69 8.21
N GLU A 29 -10.12 -9.49 7.59
CA GLU A 29 -10.43 -10.88 7.31
C GLU A 29 -9.15 -11.70 7.16
N ASN A 30 -8.88 -12.56 8.14
CA ASN A 30 -7.72 -13.49 8.09
C ASN A 30 -6.41 -12.73 8.29
N PHE A 31 -6.53 -11.54 8.88
CA PHE A 31 -5.37 -10.66 9.05
C PHE A 31 -4.45 -11.17 10.14
N ASP A 32 -5.03 -11.70 11.21
CA ASP A 32 -4.24 -12.26 12.32
C ASP A 32 -3.35 -13.39 11.82
N GLU A 33 -3.95 -14.35 11.11
CA GLU A 33 -3.20 -15.46 10.53
C GLU A 33 -2.04 -14.95 9.68
N TYR A 34 -2.32 -13.91 8.89
CA TYR A 34 -1.30 -13.31 8.05
C TYR A 34 -0.14 -12.77 8.90
N LEU A 35 -0.47 -12.18 10.05
CA LEU A 35 0.54 -11.62 10.93
C LEU A 35 1.48 -12.71 11.44
N LYS A 36 0.90 -13.86 11.77
CA LYS A 36 1.68 -14.99 12.25
C LYS A 36 2.67 -15.44 11.19
N ALA A 37 2.17 -15.56 9.97
CA ALA A 37 2.99 -15.95 8.83
C ALA A 37 4.13 -14.96 8.62
N ARG A 38 3.85 -13.69 8.88
CA ARG A 38 4.85 -12.63 8.72
C ARG A 38 5.89 -12.66 9.84
N GLY A 39 5.66 -13.50 10.84
CA GLY A 39 6.63 -13.66 11.90
C GLY A 39 6.15 -13.10 13.22
N TYR A 40 5.00 -12.44 13.18
CA TYR A 40 4.42 -11.85 14.38
C TYR A 40 3.73 -12.92 15.20
N GLY A 41 4.42 -13.40 16.24
CA GLY A 41 3.94 -14.53 17.01
C GLY A 41 2.69 -14.21 17.82
N TRP A 42 2.76 -13.18 18.66
CA TRP A 42 1.64 -12.82 19.52
C TRP A 42 1.68 -11.35 19.88
N ILE A 43 2.81 -10.91 20.44
CA ILE A 43 2.97 -9.52 20.89
C ILE A 43 2.63 -8.52 19.79
N MET A 44 3.29 -8.66 18.65
CA MET A 44 3.04 -7.78 17.53
C MET A 44 1.59 -7.85 17.08
N ARG A 45 1.01 -9.04 17.13
CA ARG A 45 -0.40 -9.20 16.75
C ARG A 45 -1.29 -8.41 17.69
N GLN A 46 -0.87 -8.27 18.94
CA GLN A 46 -1.62 -7.51 19.93
C GLN A 46 -1.59 -6.03 19.58
N VAL A 47 -0.51 -5.60 18.95
CA VAL A 47 -0.36 -4.21 18.55
C VAL A 47 -0.98 -3.95 17.17
N ILE A 48 -0.38 -4.57 16.16
CA ILE A 48 -0.76 -4.42 14.75
C ILE A 48 -2.28 -4.47 14.51
N LYS A 49 -2.98 -5.41 15.16
CA LYS A 49 -4.42 -5.56 14.93
C LYS A 49 -5.23 -4.46 15.60
N LEU A 50 -4.70 -3.92 16.69
CA LEU A 50 -5.43 -2.95 17.48
C LEU A 50 -5.14 -1.53 16.98
N ALA A 51 -4.14 -1.43 16.13
CA ALA A 51 -3.76 -0.15 15.55
C ALA A 51 -4.71 0.22 14.43
N GLY A 52 -5.47 1.29 14.65
CA GLY A 52 -6.35 1.79 13.61
C GLY A 52 -5.55 2.37 12.47
N VAL A 53 -6.00 2.15 11.24
CA VAL A 53 -5.23 2.56 10.07
C VAL A 53 -6.06 3.46 9.17
N THR A 54 -5.53 4.65 8.90
CA THR A 54 -6.17 5.58 7.98
C THR A 54 -5.34 5.70 6.72
N LYS A 55 -5.91 5.28 5.59
CA LYS A 55 -5.22 5.35 4.31
C LYS A 55 -5.49 6.71 3.66
N LYS A 56 -4.44 7.34 3.15
CA LYS A 56 -4.57 8.61 2.46
C LYS A 56 -4.00 8.51 1.06
N PHE A 57 -4.85 8.66 0.06
CA PHE A 57 -4.42 8.68 -1.33
C PHE A 57 -4.79 10.00 -1.97
N ARG A 58 -3.89 10.55 -2.78
CA ARG A 58 -4.10 11.86 -3.38
C ARG A 58 -3.03 12.16 -4.42
N ASN A 59 -3.21 13.26 -5.14
CA ASN A 59 -2.16 13.81 -5.99
C ASN A 59 -1.01 14.26 -5.09
N ALA A 60 0.18 14.46 -5.64
CA ALA A 60 1.35 14.79 -4.82
C ALA A 60 1.08 16.00 -3.94
N ALA A 61 1.39 15.82 -2.66
CA ALA A 61 1.00 16.76 -1.62
C ALA A 61 1.74 18.07 -1.74
N SER A 62 3.04 18.02 -2.07
CA SER A 62 3.83 19.22 -2.23
C SER A 62 3.63 19.84 -3.61
N GLY A 63 2.56 19.44 -4.29
CA GLY A 63 2.25 19.99 -5.59
C GLY A 63 3.18 19.52 -6.69
N LYS A 64 3.81 18.38 -6.46
CA LYS A 64 4.65 17.77 -7.46
C LYS A 64 3.81 17.21 -8.60
N PRO A 65 4.05 17.65 -9.83
CA PRO A 65 3.28 17.19 -10.99
C PRO A 65 3.62 15.75 -11.37
N ASP A 66 2.59 15.01 -11.78
CA ASP A 66 2.73 13.63 -12.26
C ASP A 66 2.66 12.67 -11.09
N ARG A 67 3.55 12.87 -10.14
CA ARG A 67 3.58 12.07 -8.91
C ARG A 67 2.36 12.32 -8.03
N TYR A 68 2.07 11.31 -7.21
CA TYR A 68 0.95 11.36 -6.28
C TYR A 68 1.48 11.21 -4.86
N ASP A 69 0.61 11.29 -3.87
CA ASP A 69 1.02 11.23 -2.47
C ASP A 69 0.13 10.27 -1.70
N MET A 70 0.71 9.55 -0.74
CA MET A 70 -0.03 8.54 0.00
C MET A 70 0.49 8.46 1.44
N GLU A 71 -0.42 8.31 2.40
CA GLU A 71 -0.03 8.22 3.81
C GLU A 71 -0.75 7.11 4.54
N ASN A 72 -0.15 6.67 5.64
CA ASN A 72 -0.73 5.69 6.53
C ASN A 72 -0.63 6.17 7.96
N LEU A 73 -1.76 6.54 8.54
CA LEU A 73 -1.78 6.98 9.94
C LEU A 73 -2.35 5.87 10.81
N THR A 74 -1.61 5.52 11.86
CA THR A 74 -2.02 4.47 12.77
C THR A 74 -1.87 4.95 14.20
N THR A 75 -2.00 4.04 15.15
CA THR A 75 -1.88 4.38 16.55
C THR A 75 -0.45 4.24 17.03
N LYS A 76 0.36 3.47 16.30
CA LYS A 76 1.72 3.19 16.71
C LYS A 76 2.72 3.77 15.73
N LYS A 77 2.27 4.04 14.52
CA LYS A 77 3.16 4.51 13.46
C LYS A 77 2.60 5.73 12.76
N ASP A 78 3.04 5.92 11.54
CA ASP A 78 2.76 7.10 10.71
C ASP A 78 3.78 7.12 9.60
N THR A 79 3.30 7.09 8.38
CA THR A 79 4.17 7.00 7.22
C THR A 79 3.68 7.94 6.13
N HIS A 80 4.60 8.52 5.38
CA HIS A 80 4.24 9.47 4.35
C HIS A 80 4.97 9.15 3.05
N HIS A 81 4.30 8.38 2.20
CA HIS A 81 4.84 8.05 0.88
C HIS A 81 4.72 9.27 -0.01
N LYS A 82 5.70 10.16 0.09
CA LYS A 82 5.66 11.42 -0.62
C LYS A 82 6.16 11.31 -2.05
N ASP A 83 5.30 11.67 -2.98
CA ASP A 83 5.65 11.84 -4.39
C ASP A 83 6.04 10.52 -5.04
N TRP A 84 5.04 9.73 -5.40
CA TRP A 84 5.27 8.50 -6.14
C TRP A 84 4.55 8.51 -7.47
N ALA A 85 5.19 7.98 -8.49
CA ALA A 85 4.56 7.78 -9.78
C ALA A 85 4.30 6.30 -9.98
N LEU A 86 3.30 5.97 -10.77
CA LEU A 86 3.06 4.58 -11.13
C LEU A 86 4.29 3.96 -11.76
N GLY A 87 4.58 2.75 -11.34
CA GLY A 87 5.76 2.03 -11.80
C GLY A 87 7.04 2.60 -11.23
N GLU A 88 6.92 3.41 -10.19
CA GLU A 88 8.09 4.05 -9.59
C GLU A 88 8.43 3.44 -8.24
N GLU A 89 9.68 3.03 -8.11
CA GLU A 89 10.22 2.53 -6.86
C GLU A 89 10.97 3.66 -6.15
N PHE A 90 10.56 3.96 -4.93
CA PHE A 90 11.18 5.02 -4.15
C PHE A 90 11.46 4.51 -2.75
N GLN A 91 12.37 5.16 -2.05
CA GLN A 91 12.67 4.78 -0.69
C GLN A 91 11.78 5.57 0.26
N ASP A 92 11.32 4.91 1.31
CA ASP A 92 10.38 5.53 2.24
C ASP A 92 10.23 4.67 3.48
N GLU A 93 9.67 5.23 4.54
CA GLU A 93 9.46 4.47 5.77
C GLU A 93 8.04 3.96 5.81
N ALA A 94 7.91 2.65 5.84
CA ALA A 94 6.62 2.01 5.84
C ALA A 94 6.15 1.67 7.25
N LEU A 95 4.97 1.07 7.36
CA LEU A 95 4.39 0.75 8.66
C LEU A 95 5.33 -0.09 9.53
N ASP A 96 6.21 -0.83 8.88
CA ASP A 96 7.10 -1.75 9.58
C ASP A 96 8.29 -1.02 10.21
N SER A 97 8.14 0.30 10.35
CA SER A 97 9.03 1.13 11.17
C SER A 97 10.47 1.11 10.66
N THR A 98 10.61 0.89 9.37
CA THR A 98 11.90 0.97 8.71
C THR A 98 11.72 1.62 7.35
N GLN A 99 12.80 2.10 6.77
CA GLN A 99 12.71 2.70 5.45
C GLN A 99 13.40 1.82 4.45
N HIS A 100 12.68 1.52 3.39
CA HIS A 100 13.14 0.57 2.42
C HIS A 100 12.53 0.89 1.07
N LYS A 101 12.87 0.10 0.05
CA LYS A 101 12.38 0.37 -1.29
C LYS A 101 10.89 0.07 -1.38
N ILE A 102 10.17 0.96 -2.01
CA ILE A 102 8.74 0.82 -2.17
C ILE A 102 8.33 1.11 -3.60
N THR A 103 7.61 0.18 -4.20
CA THR A 103 7.14 0.35 -5.55
C THR A 103 5.63 0.49 -5.58
N PHE A 104 5.15 1.53 -6.24
CA PHE A 104 3.73 1.69 -6.48
C PHE A 104 3.44 1.34 -7.93
N ASP A 105 2.57 0.39 -8.13
CA ASP A 105 2.33 -0.15 -9.46
C ASP A 105 0.94 -0.76 -9.51
N LEU A 106 0.38 -0.86 -10.69
CA LEU A 106 -0.97 -1.40 -10.82
C LEU A 106 -0.91 -2.85 -11.30
N LYS A 107 -1.71 -3.68 -10.66
CA LYS A 107 -1.76 -5.10 -10.97
C LYS A 107 -2.89 -5.33 -11.96
N ASP A 108 -4.07 -4.87 -11.58
CA ASP A 108 -5.24 -4.92 -12.45
C ASP A 108 -5.76 -3.49 -12.60
N PRO A 109 -6.68 -3.26 -13.56
CA PRO A 109 -7.26 -1.93 -13.79
C PRO A 109 -8.21 -1.51 -12.66
N ASN A 110 -8.12 -2.23 -11.55
CA ASN A 110 -8.91 -1.93 -10.35
C ASN A 110 -8.11 -2.30 -9.11
N THR A 111 -6.81 -2.52 -9.27
CA THR A 111 -5.97 -2.96 -8.17
C THR A 111 -4.59 -2.31 -8.20
N LEU A 112 -4.33 -1.45 -7.22
CA LEU A 112 -3.01 -0.87 -6.99
C LEU A 112 -2.19 -1.88 -6.18
N THR A 113 -0.88 -1.84 -6.25
CA THR A 113 -0.05 -2.67 -5.40
C THR A 113 1.09 -1.86 -4.79
N GLU A 114 1.31 -2.06 -3.50
CA GLU A 114 2.41 -1.42 -2.78
C GLU A 114 3.39 -2.48 -2.30
N THR A 115 4.54 -2.56 -2.95
CA THR A 115 5.54 -3.54 -2.61
C THR A 115 6.69 -2.88 -1.85
N HIS A 116 6.94 -3.31 -0.63
CA HIS A 116 8.01 -2.74 0.15
C HIS A 116 9.03 -3.79 0.56
N ILE A 117 10.26 -3.63 0.08
CA ILE A 117 11.34 -4.58 0.33
C ILE A 117 12.49 -3.92 1.08
N LYS A 118 12.95 -4.57 2.13
CA LYS A 118 14.05 -4.08 2.97
C LYS A 118 15.32 -3.78 2.17
N VAL A 119 15.73 -2.52 2.23
CA VAL A 119 17.01 -2.08 1.67
C VAL A 119 18.17 -2.75 2.39
N ASP A 120 18.02 -2.86 3.70
CA ASP A 120 19.06 -3.44 4.57
C ASP A 120 19.31 -4.89 4.20
N ASP A 121 18.25 -5.58 3.84
CA ASP A 121 18.31 -7.00 3.53
C ASP A 121 16.99 -7.43 2.92
N PRO A 122 16.96 -7.57 1.60
CA PRO A 122 15.73 -7.77 0.82
C PRO A 122 15.09 -9.15 0.99
N THR A 123 15.35 -9.80 2.10
CA THR A 123 14.72 -11.06 2.39
C THR A 123 13.30 -10.81 2.89
N ASP A 124 13.09 -9.64 3.52
CA ASP A 124 11.77 -9.25 3.96
C ASP A 124 11.09 -8.42 2.87
N VAL A 125 10.09 -9.00 2.25
CA VAL A 125 9.36 -8.38 1.18
C VAL A 125 7.87 -8.51 1.45
N GLU A 126 7.16 -7.40 1.44
CA GLU A 126 5.74 -7.43 1.73
C GLU A 126 4.98 -6.51 0.79
N THR A 127 3.83 -6.96 0.34
CA THR A 127 3.05 -6.24 -0.65
C THR A 127 1.59 -6.16 -0.23
N TYR A 128 1.03 -4.97 -0.34
CA TYR A 128 -0.39 -4.78 -0.15
C TYR A 128 -0.99 -4.54 -1.52
N GLU A 129 -2.28 -4.77 -1.69
CA GLU A 129 -2.91 -4.57 -2.97
C GLU A 129 -4.16 -3.72 -2.75
N TYR A 130 -4.12 -2.49 -3.23
CA TYR A 130 -5.23 -1.58 -3.05
C TYR A 130 -6.25 -1.75 -4.16
N ARG A 131 -7.16 -2.69 -3.96
CA ARG A 131 -8.21 -2.97 -4.94
C ARG A 131 -9.46 -2.18 -4.60
N ARG A 132 -10.27 -1.89 -5.60
CA ARG A 132 -11.50 -1.14 -5.38
C ARG A 132 -12.72 -2.02 -5.56
N ASP A 133 -13.53 -2.10 -4.51
CA ASP A 133 -14.78 -2.83 -4.57
C ASP A 133 -15.94 -1.91 -4.22
N GLY A 134 -16.63 -1.43 -5.24
CA GLY A 134 -17.70 -0.48 -5.03
C GLY A 134 -17.15 0.85 -4.60
N ASP A 135 -17.42 1.21 -3.35
CA ASP A 135 -16.91 2.45 -2.79
C ASP A 135 -15.90 2.14 -1.68
N TYR A 136 -15.61 0.86 -1.49
CA TYR A 136 -14.68 0.44 -0.45
C TYR A 136 -13.32 0.15 -1.02
N LEU A 137 -12.28 0.54 -0.30
CA LEU A 137 -10.92 0.19 -0.67
C LEU A 137 -10.62 -1.17 -0.05
N VAL A 138 -10.23 -2.12 -0.88
CA VAL A 138 -9.98 -3.47 -0.41
C VAL A 138 -8.51 -3.78 -0.51
N MET A 139 -7.88 -3.95 0.63
CA MET A 139 -6.48 -4.29 0.69
C MET A 139 -6.32 -5.79 0.71
N LYS A 140 -5.32 -6.28 0.00
CA LYS A 140 -4.99 -7.69 0.04
C LYS A 140 -3.50 -7.87 0.21
N MET A 141 -3.13 -8.78 1.08
CA MET A 141 -1.73 -9.05 1.36
C MET A 141 -1.57 -10.53 1.67
N SER A 142 -0.55 -11.15 1.10
CA SER A 142 -0.39 -12.60 1.21
C SER A 142 1.02 -13.00 1.64
N TRP A 143 1.10 -13.95 2.56
CA TRP A 143 2.38 -14.48 2.99
C TRP A 143 2.22 -15.92 3.43
N LYS A 144 3.10 -16.78 2.94
CA LYS A 144 3.07 -18.21 3.24
C LYS A 144 1.69 -18.81 2.93
N GLY A 145 1.09 -18.33 1.86
CA GLY A 145 -0.22 -18.83 1.46
C GLY A 145 -1.38 -18.13 2.16
N VAL A 146 -1.07 -17.38 3.20
CA VAL A 146 -2.11 -16.68 3.95
C VAL A 146 -2.47 -15.37 3.28
N SER A 147 -3.62 -15.34 2.64
CA SER A 147 -4.13 -14.14 2.02
C SER A 147 -5.19 -13.50 2.90
N THR A 148 -5.02 -12.23 3.17
CA THR A 148 -5.96 -11.49 3.97
C THR A 148 -6.48 -10.28 3.20
N SER A 149 -7.78 -10.06 3.28
CA SER A 149 -8.39 -8.89 2.69
C SER A 149 -8.82 -7.91 3.78
N ARG A 150 -8.14 -6.79 3.85
CA ARG A 150 -8.45 -5.77 4.84
C ARG A 150 -9.33 -4.71 4.20
N TYR A 151 -10.52 -4.53 4.76
CA TYR A 151 -11.52 -3.68 4.14
C TYR A 151 -11.45 -2.26 4.69
N TYR A 152 -11.03 -1.35 3.84
CA TYR A 152 -10.92 0.05 4.21
C TYR A 152 -12.07 0.84 3.62
N LYS A 153 -12.84 1.49 4.47
CA LYS A 153 -13.95 2.29 4.04
C LYS A 153 -13.52 3.73 4.09
N LYS A 154 -14.10 4.60 3.28
CA LYS A 154 -13.75 6.02 3.25
C LYS A 154 -13.78 6.65 4.67
N GLN A 155 -13.21 7.84 4.80
CA GLN A 155 -13.49 8.68 5.96
C GLN A 155 -14.87 9.31 5.85
N MET A 1 6.81 -5.96 -22.39
CA MET A 1 6.34 -6.09 -23.78
C MET A 1 5.01 -6.83 -23.83
N ARG A 2 3.99 -6.16 -24.35
CA ARG A 2 2.69 -6.77 -24.56
C ARG A 2 2.17 -6.48 -25.96
N GLY A 3 3.07 -6.04 -26.84
CA GLY A 3 2.69 -5.73 -28.20
C GLY A 3 2.76 -4.25 -28.47
N SER A 4 2.05 -3.81 -29.49
CA SER A 4 2.00 -2.40 -29.86
C SER A 4 0.73 -2.10 -30.64
N HIS A 5 0.30 -0.85 -30.62
CA HIS A 5 -0.86 -0.38 -31.38
C HIS A 5 -2.14 -1.14 -31.01
N HIS A 6 -2.47 -1.13 -29.73
CA HIS A 6 -3.75 -1.67 -29.27
C HIS A 6 -4.78 -0.56 -29.29
N HIS A 7 -4.45 0.51 -28.58
CA HIS A 7 -5.30 1.69 -28.48
C HIS A 7 -4.55 2.75 -27.68
N HIS A 8 -5.25 3.72 -27.12
CA HIS A 8 -4.61 4.69 -26.25
C HIS A 8 -4.23 4.04 -24.92
N HIS A 9 -3.08 3.37 -24.93
CA HIS A 9 -2.59 2.68 -23.75
C HIS A 9 -1.52 3.52 -23.06
N HIS A 10 -1.82 3.96 -21.85
CA HIS A 10 -0.88 4.75 -21.07
C HIS A 10 0.31 3.91 -20.67
N GLY A 11 1.51 4.39 -20.98
CA GLY A 11 2.72 3.70 -20.59
C GLY A 11 2.82 3.58 -19.09
N SER A 12 2.52 4.68 -18.43
CA SER A 12 2.36 4.68 -16.99
C SER A 12 0.87 4.79 -16.67
N LYS A 13 0.34 3.80 -16.00
CA LYS A 13 -1.07 3.75 -15.68
C LYS A 13 -1.41 4.76 -14.60
N THR A 14 -1.79 5.97 -15.01
CA THR A 14 -2.02 7.06 -14.08
C THR A 14 -3.14 6.68 -13.12
N LEU A 15 -2.98 7.04 -11.84
CA LEU A 15 -3.86 6.57 -10.79
C LEU A 15 -5.32 6.91 -11.06
N PRO A 16 -6.17 5.88 -11.19
CA PRO A 16 -7.61 6.06 -11.29
C PRO A 16 -8.16 6.76 -10.06
N ASP A 17 -8.97 7.79 -10.29
CA ASP A 17 -9.57 8.58 -9.21
C ASP A 17 -10.37 7.71 -8.25
N LYS A 18 -10.79 6.54 -8.73
CA LYS A 18 -11.50 5.56 -7.92
C LYS A 18 -10.67 5.11 -6.71
N PHE A 19 -9.35 5.26 -6.78
CA PHE A 19 -8.48 4.85 -5.69
C PHE A 19 -8.07 6.04 -4.82
N LEU A 20 -8.59 7.21 -5.13
CA LEU A 20 -8.16 8.43 -4.46
C LEU A 20 -9.10 8.81 -3.33
N GLY A 21 -8.54 9.48 -2.33
CA GLY A 21 -9.30 9.89 -1.18
C GLY A 21 -8.74 9.32 0.10
N THR A 22 -9.27 9.75 1.22
CA THR A 22 -8.88 9.21 2.50
C THR A 22 -9.88 8.16 2.95
N PHE A 23 -9.38 6.98 3.27
CA PHE A 23 -10.23 5.86 3.65
C PHE A 23 -9.92 5.39 5.08
N LYS A 24 -10.94 5.26 5.92
CA LYS A 24 -10.71 4.66 7.24
C LYS A 24 -11.10 3.18 7.23
N LEU A 25 -10.24 2.34 7.80
CA LEU A 25 -10.50 0.90 7.90
C LEU A 25 -11.83 0.64 8.59
N GLU A 26 -12.73 -0.03 7.88
CA GLU A 26 -14.06 -0.32 8.39
C GLU A 26 -14.07 -1.66 9.12
N ARG A 27 -13.59 -2.70 8.45
CA ARG A 27 -13.53 -4.02 9.06
C ARG A 27 -12.28 -4.75 8.60
N ASP A 28 -11.90 -5.75 9.36
CA ASP A 28 -10.64 -6.43 9.16
C ASP A 28 -10.86 -7.94 9.19
N GLU A 29 -10.23 -8.66 8.27
CA GLU A 29 -10.48 -10.10 8.12
C GLU A 29 -9.19 -10.88 7.83
N ASN A 30 -8.92 -11.88 8.68
CA ASN A 30 -7.82 -12.83 8.48
C ASN A 30 -6.45 -12.17 8.61
N PHE A 31 -6.44 -11.02 9.27
CA PHE A 31 -5.22 -10.23 9.39
C PHE A 31 -4.28 -10.84 10.42
N ASP A 32 -4.84 -11.37 11.51
CA ASP A 32 -4.04 -12.02 12.52
C ASP A 32 -3.37 -13.26 11.96
N GLU A 33 -4.12 -14.03 11.17
CA GLU A 33 -3.58 -15.18 10.46
C GLU A 33 -2.35 -14.78 9.65
N TYR A 34 -2.46 -13.65 8.96
CA TYR A 34 -1.34 -13.10 8.22
C TYR A 34 -0.16 -12.80 9.14
N LEU A 35 -0.45 -12.24 10.31
CA LEU A 35 0.61 -11.83 11.24
C LEU A 35 1.40 -13.04 11.74
N LYS A 36 0.68 -14.12 12.00
CA LYS A 36 1.31 -15.36 12.45
C LYS A 36 2.23 -15.90 11.37
N ALA A 37 1.69 -15.98 10.15
CA ALA A 37 2.45 -16.44 8.99
C ALA A 37 3.64 -15.51 8.71
N ARG A 38 3.44 -14.23 8.93
CA ARG A 38 4.47 -13.23 8.66
C ARG A 38 5.60 -13.28 9.70
N GLY A 39 5.40 -14.05 10.76
CA GLY A 39 6.45 -14.24 11.72
C GLY A 39 6.34 -13.34 12.93
N TYR A 40 5.12 -12.91 13.24
CA TYR A 40 4.88 -12.16 14.45
C TYR A 40 4.39 -13.10 15.54
N GLY A 41 5.22 -13.28 16.56
CA GLY A 41 4.98 -14.30 17.57
C GLY A 41 3.82 -13.98 18.49
N TRP A 42 3.90 -12.87 19.19
CA TRP A 42 2.85 -12.50 20.12
C TRP A 42 2.79 -10.99 20.36
N ILE A 43 3.90 -10.41 20.79
CA ILE A 43 3.93 -8.99 21.18
C ILE A 43 3.43 -8.14 20.04
N MET A 44 4.00 -8.38 18.88
CA MET A 44 3.66 -7.62 17.72
C MET A 44 2.20 -7.81 17.33
N ARG A 45 1.66 -9.00 17.58
CA ARG A 45 0.28 -9.26 17.24
C ARG A 45 -0.65 -8.46 18.13
N GLN A 46 -0.15 -8.06 19.30
CA GLN A 46 -0.92 -7.25 20.23
C GLN A 46 -0.90 -5.79 19.83
N VAL A 47 0.19 -5.34 19.19
CA VAL A 47 0.30 -3.96 18.76
C VAL A 47 -0.27 -3.75 17.36
N ILE A 48 0.20 -4.53 16.40
CA ILE A 48 -0.24 -4.44 15.01
C ILE A 48 -1.76 -4.41 14.87
N LYS A 49 -2.45 -5.32 15.56
CA LYS A 49 -3.90 -5.45 15.40
C LYS A 49 -4.66 -4.33 16.07
N LEU A 50 -4.04 -3.69 17.06
CA LEU A 50 -4.71 -2.63 17.81
C LEU A 50 -4.47 -1.27 17.18
N ALA A 51 -3.61 -1.25 16.17
CA ALA A 51 -3.35 -0.04 15.43
C ALA A 51 -4.40 0.16 14.36
N GLY A 52 -5.25 1.17 14.55
CA GLY A 52 -6.23 1.53 13.55
C GLY A 52 -5.54 2.05 12.31
N VAL A 53 -6.05 1.67 11.15
CA VAL A 53 -5.37 1.99 9.91
C VAL A 53 -6.21 2.89 9.01
N THR A 54 -5.64 4.03 8.66
CA THR A 54 -6.27 4.95 7.73
C THR A 54 -5.41 5.07 6.48
N LYS A 55 -5.96 4.67 5.34
CA LYS A 55 -5.24 4.71 4.07
C LYS A 55 -5.66 5.93 3.29
N LYS A 56 -4.70 6.69 2.79
CA LYS A 56 -5.00 7.92 2.09
C LYS A 56 -4.27 7.99 0.75
N PHE A 57 -5.01 8.24 -0.31
CA PHE A 57 -4.43 8.42 -1.63
C PHE A 57 -4.82 9.77 -2.19
N ARG A 58 -3.86 10.51 -2.72
CA ARG A 58 -4.15 11.83 -3.25
C ARG A 58 -3.05 12.33 -4.16
N ASN A 59 -3.31 13.45 -4.81
CA ASN A 59 -2.31 14.15 -5.62
C ASN A 59 -1.24 14.70 -4.70
N ALA A 60 0.01 14.74 -5.16
CA ALA A 60 1.12 15.25 -4.36
C ALA A 60 0.82 16.62 -3.81
N ALA A 61 1.25 16.81 -2.58
CA ALA A 61 0.86 17.95 -1.77
C ALA A 61 1.24 19.28 -2.41
N SER A 62 2.33 19.29 -3.16
CA SER A 62 2.79 20.49 -3.85
C SER A 62 2.01 20.74 -5.14
N GLY A 63 0.86 20.08 -5.29
CA GLY A 63 0.01 20.30 -6.44
C GLY A 63 0.66 19.87 -7.75
N LYS A 64 1.30 18.71 -7.73
CA LYS A 64 1.97 18.20 -8.92
C LYS A 64 1.25 16.96 -9.44
N PRO A 65 0.96 16.92 -10.76
CA PRO A 65 0.34 15.77 -11.39
C PRO A 65 1.32 14.63 -11.61
N ASP A 66 0.81 13.42 -11.82
CA ASP A 66 1.64 12.25 -12.15
C ASP A 66 2.55 11.89 -10.97
N ARG A 67 2.33 12.59 -9.87
CA ARG A 67 3.01 12.35 -8.61
C ARG A 67 2.00 12.43 -7.49
N TYR A 68 1.89 11.39 -6.72
CA TYR A 68 0.85 11.30 -5.72
C TYR A 68 1.42 11.23 -4.31
N ASP A 69 0.55 11.45 -3.34
CA ASP A 69 0.90 11.38 -1.93
C ASP A 69 -0.02 10.38 -1.26
N MET A 70 0.56 9.46 -0.50
CA MET A 70 -0.22 8.37 0.09
C MET A 70 0.27 8.11 1.52
N GLU A 71 -0.67 7.89 2.43
CA GLU A 71 -0.30 7.70 3.83
C GLU A 71 -1.00 6.51 4.45
N ASN A 72 -0.29 5.85 5.36
CA ASN A 72 -0.83 4.72 6.11
C ASN A 72 -0.83 5.08 7.59
N LEU A 73 -1.75 5.94 8.00
CA LEU A 73 -1.79 6.43 9.35
C LEU A 73 -2.31 5.33 10.29
N THR A 74 -1.58 5.08 11.37
CA THR A 74 -1.97 4.07 12.34
C THR A 74 -1.76 4.61 13.75
N THR A 75 -2.02 3.79 14.75
CA THR A 75 -1.84 4.18 16.14
C THR A 75 -0.47 3.76 16.66
N LYS A 76 0.16 2.83 15.94
CA LYS A 76 1.45 2.28 16.36
C LYS A 76 2.57 2.83 15.49
N LYS A 77 2.22 3.33 14.31
CA LYS A 77 3.21 3.84 13.39
C LYS A 77 2.68 5.07 12.66
N ASP A 78 3.07 5.19 11.41
CA ASP A 78 2.88 6.39 10.59
C ASP A 78 3.85 6.37 9.43
N THR A 79 3.32 6.36 8.23
CA THR A 79 4.13 6.43 7.02
C THR A 79 3.71 7.62 6.19
N HIS A 80 4.59 8.05 5.30
CA HIS A 80 4.26 9.17 4.42
C HIS A 80 4.87 8.94 3.04
N HIS A 81 4.13 8.27 2.19
CA HIS A 81 4.56 8.02 0.82
C HIS A 81 4.38 9.29 0.00
N LYS A 82 5.37 10.15 0.05
CA LYS A 82 5.29 11.44 -0.62
C LYS A 82 5.87 11.40 -2.03
N ASP A 83 5.10 11.93 -2.97
CA ASP A 83 5.59 12.21 -4.33
C ASP A 83 5.98 10.94 -5.08
N TRP A 84 5.09 9.95 -5.06
CA TRP A 84 5.36 8.70 -5.75
C TRP A 84 4.55 8.62 -7.02
N ALA A 85 4.99 7.78 -7.94
CA ALA A 85 4.22 7.48 -9.12
C ALA A 85 4.21 5.98 -9.35
N LEU A 86 3.21 5.48 -10.06
CA LEU A 86 3.20 4.09 -10.45
C LEU A 86 4.34 3.82 -11.44
N GLY A 87 4.92 2.64 -11.30
CA GLY A 87 6.13 2.29 -12.01
C GLY A 87 7.37 2.92 -11.38
N GLU A 88 7.16 3.60 -10.25
CA GLU A 88 8.24 4.29 -9.56
C GLU A 88 8.50 3.63 -8.19
N GLU A 89 9.72 3.81 -7.69
CA GLU A 89 10.11 3.23 -6.41
C GLU A 89 10.86 4.29 -5.60
N PHE A 90 10.61 4.34 -4.32
CA PHE A 90 11.29 5.32 -3.46
C PHE A 90 11.57 4.71 -2.10
N GLN A 91 12.55 5.26 -1.39
CA GLN A 91 12.87 4.79 -0.06
C GLN A 91 12.03 5.53 0.97
N ASP A 92 11.53 4.80 1.96
CA ASP A 92 10.61 5.36 2.94
C ASP A 92 10.60 4.50 4.20
N GLU A 93 10.05 5.06 5.27
CA GLU A 93 9.97 4.34 6.53
C GLU A 93 8.56 3.79 6.68
N ALA A 94 8.45 2.51 6.45
CA ALA A 94 7.17 1.85 6.37
C ALA A 94 6.62 1.49 7.75
N LEU A 95 5.42 0.89 7.76
CA LEU A 95 4.79 0.46 9.01
C LEU A 95 5.73 -0.44 9.79
N ASP A 96 6.56 -1.15 9.04
CA ASP A 96 7.50 -2.12 9.58
C ASP A 96 8.62 -1.46 10.39
N SER A 97 8.54 -0.14 10.52
CA SER A 97 9.45 0.62 11.39
C SER A 97 10.88 0.64 10.86
N THR A 98 11.04 0.33 9.58
CA THR A 98 12.33 0.43 8.94
C THR A 98 12.23 1.23 7.66
N GLN A 99 13.35 1.65 7.12
CA GLN A 99 13.37 2.44 5.91
C GLN A 99 13.96 1.60 4.80
N HIS A 100 13.19 1.41 3.76
CA HIS A 100 13.57 0.54 2.67
C HIS A 100 12.93 1.01 1.38
N LYS A 101 13.16 0.26 0.31
CA LYS A 101 12.60 0.59 -0.98
C LYS A 101 11.12 0.26 -0.98
N ILE A 102 10.35 1.12 -1.63
CA ILE A 102 8.93 0.91 -1.78
C ILE A 102 8.50 1.31 -3.18
N THR A 103 7.99 0.34 -3.91
CA THR A 103 7.62 0.54 -5.29
C THR A 103 6.09 0.57 -5.45
N PHE A 104 5.62 1.50 -6.25
CA PHE A 104 4.19 1.58 -6.57
C PHE A 104 4.00 1.26 -8.03
N ASP A 105 2.92 0.58 -8.35
CA ASP A 105 2.64 0.21 -9.74
C ASP A 105 1.20 -0.24 -9.89
N LEU A 106 0.64 -0.07 -11.07
CA LEU A 106 -0.71 -0.52 -11.35
C LEU A 106 -0.65 -1.90 -11.99
N LYS A 107 -1.17 -2.87 -11.27
CA LYS A 107 -1.08 -4.26 -11.70
C LYS A 107 -2.24 -4.58 -12.63
N ASP A 108 -3.42 -4.20 -12.20
CA ASP A 108 -4.63 -4.37 -12.99
C ASP A 108 -5.41 -3.07 -12.95
N PRO A 109 -6.43 -2.90 -13.81
CA PRO A 109 -7.22 -1.66 -13.88
C PRO A 109 -8.01 -1.41 -12.60
N ASN A 110 -7.90 -2.34 -11.66
CA ASN A 110 -8.56 -2.21 -10.37
C ASN A 110 -7.66 -2.77 -9.27
N THR A 111 -6.36 -2.61 -9.44
CA THR A 111 -5.40 -3.10 -8.44
C THR A 111 -4.08 -2.32 -8.48
N LEU A 112 -3.83 -1.55 -7.43
CA LEU A 112 -2.58 -0.85 -7.23
C LEU A 112 -1.66 -1.70 -6.36
N THR A 113 -0.40 -1.87 -6.71
CA THR A 113 0.49 -2.67 -5.90
C THR A 113 1.52 -1.81 -5.18
N GLU A 114 1.62 -2.01 -3.88
CA GLU A 114 2.62 -1.32 -3.07
C GLU A 114 3.64 -2.33 -2.56
N THR A 115 4.81 -2.35 -3.17
CA THR A 115 5.81 -3.35 -2.86
C THR A 115 6.85 -2.81 -1.88
N HIS A 116 6.84 -3.36 -0.68
CA HIS A 116 7.80 -2.98 0.35
C HIS A 116 9.01 -3.88 0.30
N ILE A 117 10.08 -3.43 -0.34
CA ILE A 117 11.30 -4.22 -0.40
C ILE A 117 12.32 -3.70 0.61
N LYS A 118 12.53 -4.50 1.64
CA LYS A 118 13.52 -4.18 2.65
C LYS A 118 14.93 -4.15 2.06
N VAL A 119 15.51 -2.96 2.08
CA VAL A 119 16.86 -2.76 1.58
C VAL A 119 17.88 -3.57 2.37
N ASP A 120 17.50 -3.94 3.59
CA ASP A 120 18.35 -4.75 4.45
C ASP A 120 18.24 -6.22 4.07
N ASP A 121 17.02 -6.68 3.84
CA ASP A 121 16.78 -8.05 3.38
C ASP A 121 15.65 -8.08 2.36
N PRO A 122 15.99 -8.01 1.08
CA PRO A 122 15.04 -8.02 -0.01
C PRO A 122 14.42 -9.40 -0.24
N THR A 123 14.72 -10.32 0.64
CA THR A 123 14.10 -11.63 0.63
C THR A 123 12.91 -11.66 1.58
N ASP A 124 12.82 -10.63 2.42
CA ASP A 124 11.75 -10.53 3.40
C ASP A 124 10.82 -9.38 3.00
N VAL A 125 10.51 -9.31 1.72
CA VAL A 125 9.68 -8.25 1.19
C VAL A 125 8.19 -8.52 1.44
N GLU A 126 7.37 -7.60 0.99
CA GLU A 126 5.92 -7.76 1.08
C GLU A 126 5.23 -6.84 0.08
N THR A 127 4.04 -7.19 -0.35
CA THR A 127 3.32 -6.40 -1.32
C THR A 127 1.84 -6.26 -0.92
N TYR A 128 1.35 -5.04 -0.99
CA TYR A 128 -0.07 -4.77 -0.78
C TYR A 128 -0.74 -4.66 -2.13
N GLU A 129 -2.03 -4.93 -2.24
CA GLU A 129 -2.73 -4.73 -3.49
C GLU A 129 -4.01 -3.96 -3.21
N TYR A 130 -4.09 -2.75 -3.70
CA TYR A 130 -5.24 -1.91 -3.48
C TYR A 130 -6.28 -2.12 -4.58
N ARG A 131 -7.33 -2.86 -4.23
CA ARG A 131 -8.40 -3.14 -5.15
C ARG A 131 -9.66 -2.43 -4.67
N ARG A 132 -10.47 -1.92 -5.58
CA ARG A 132 -11.68 -1.22 -5.19
C ARG A 132 -12.86 -2.18 -5.26
N ASP A 133 -13.70 -2.15 -4.24
CA ASP A 133 -14.92 -2.94 -4.24
C ASP A 133 -16.10 -2.08 -3.85
N GLY A 134 -16.68 -1.43 -4.86
CA GLY A 134 -17.82 -0.59 -4.63
C GLY A 134 -17.48 0.66 -3.86
N ASP A 135 -17.97 0.76 -2.64
CA ASP A 135 -17.75 1.94 -1.82
C ASP A 135 -16.56 1.75 -0.88
N TYR A 136 -15.89 0.61 -1.00
CA TYR A 136 -14.77 0.31 -0.12
C TYR A 136 -13.49 0.11 -0.92
N LEU A 137 -12.38 0.54 -0.34
CA LEU A 137 -11.06 0.28 -0.86
C LEU A 137 -10.51 -0.93 -0.12
N VAL A 138 -10.09 -1.93 -0.85
CA VAL A 138 -9.74 -3.21 -0.25
C VAL A 138 -8.26 -3.50 -0.46
N MET A 139 -7.59 -3.80 0.62
CA MET A 139 -6.18 -4.16 0.57
C MET A 139 -6.03 -5.67 0.62
N LYS A 140 -5.06 -6.17 -0.13
CA LYS A 140 -4.72 -7.57 -0.08
C LYS A 140 -3.29 -7.74 0.38
N MET A 141 -3.11 -8.55 1.40
CA MET A 141 -1.79 -8.92 1.90
C MET A 141 -1.73 -10.43 1.98
N SER A 142 -0.65 -11.03 1.53
CA SER A 142 -0.55 -12.49 1.52
C SER A 142 0.86 -12.96 1.77
N TRP A 143 1.01 -13.76 2.81
CA TRP A 143 2.31 -14.32 3.17
C TRP A 143 2.13 -15.77 3.60
N LYS A 144 2.99 -16.63 3.07
CA LYS A 144 2.93 -18.07 3.33
C LYS A 144 1.56 -18.64 2.93
N GLY A 145 0.98 -18.07 1.87
CA GLY A 145 -0.32 -18.53 1.41
C GLY A 145 -1.47 -18.07 2.27
N VAL A 146 -1.19 -17.22 3.25
CA VAL A 146 -2.24 -16.67 4.10
C VAL A 146 -2.56 -15.24 3.67
N SER A 147 -3.71 -15.07 3.05
CA SER A 147 -4.13 -13.77 2.59
C SER A 147 -5.04 -13.11 3.61
N THR A 148 -5.05 -11.80 3.58
CA THR A 148 -5.94 -11.00 4.40
C THR A 148 -6.51 -9.86 3.58
N SER A 149 -7.82 -9.63 3.72
CA SER A 149 -8.46 -8.53 3.04
C SER A 149 -8.82 -7.44 4.03
N ARG A 150 -8.18 -6.29 3.86
CA ARG A 150 -8.41 -5.15 4.74
C ARG A 150 -9.40 -4.21 4.08
N TYR A 151 -10.58 -4.09 4.66
CA TYR A 151 -11.63 -3.29 4.06
C TYR A 151 -11.63 -1.87 4.60
N TYR A 152 -11.30 -0.94 3.74
CA TYR A 152 -11.30 0.46 4.10
C TYR A 152 -12.50 1.15 3.48
N LYS A 153 -13.22 1.90 4.29
CA LYS A 153 -14.27 2.74 3.77
C LYS A 153 -13.71 4.14 3.64
N LYS A 154 -14.36 5.01 2.91
CA LYS A 154 -13.97 6.41 2.87
C LYS A 154 -13.88 7.02 4.29
N GLN A 155 -13.36 8.22 4.39
CA GLN A 155 -13.65 9.06 5.55
C GLN A 155 -15.00 9.71 5.41
N MET A 1 16.04 0.61 -18.51
CA MET A 1 14.62 0.19 -18.48
C MET A 1 13.95 0.64 -17.18
N ARG A 2 14.67 0.53 -16.07
CA ARG A 2 14.11 0.89 -14.78
C ARG A 2 14.38 2.36 -14.46
N GLY A 3 13.67 3.25 -15.14
CA GLY A 3 13.83 4.66 -14.87
C GLY A 3 13.95 5.48 -16.13
N SER A 4 13.02 6.39 -16.33
CA SER A 4 13.04 7.30 -17.47
C SER A 4 12.15 8.50 -17.20
N HIS A 5 12.63 9.67 -17.59
CA HIS A 5 11.86 10.90 -17.43
C HIS A 5 10.94 11.08 -18.63
N HIS A 6 11.09 10.20 -19.60
CA HIS A 6 10.30 10.25 -20.82
C HIS A 6 9.05 9.38 -20.67
N HIS A 7 7.89 10.02 -20.73
CA HIS A 7 6.62 9.33 -20.54
C HIS A 7 5.54 9.92 -21.44
N HIS A 8 5.57 9.53 -22.71
CA HIS A 8 4.57 9.99 -23.67
C HIS A 8 3.58 8.88 -23.95
N HIS A 9 2.74 9.07 -24.98
CA HIS A 9 1.70 8.10 -25.35
C HIS A 9 0.60 8.05 -24.29
N HIS A 10 0.94 7.47 -23.14
CA HIS A 10 0.03 7.42 -22.00
C HIS A 10 0.24 8.65 -21.12
N GLY A 11 1.50 9.06 -21.00
CA GLY A 11 1.82 10.15 -20.09
C GLY A 11 1.59 9.75 -18.67
N SER A 12 2.29 8.69 -18.26
CA SER A 12 2.15 8.08 -16.95
C SER A 12 0.82 7.31 -16.87
N LYS A 13 0.78 6.27 -16.08
CA LYS A 13 -0.47 5.59 -15.80
C LYS A 13 -1.21 6.34 -14.73
N THR A 14 -2.09 7.24 -15.13
CA THR A 14 -2.74 8.14 -14.19
C THR A 14 -3.53 7.33 -13.16
N LEU A 15 -3.31 7.67 -11.89
CA LEU A 15 -3.93 6.94 -10.79
C LEU A 15 -5.45 7.00 -10.90
N PRO A 16 -6.08 5.83 -10.99
CA PRO A 16 -7.54 5.71 -10.96
C PRO A 16 -8.14 6.44 -9.75
N ASP A 17 -8.98 7.42 -10.03
CA ASP A 17 -9.64 8.23 -9.01
C ASP A 17 -10.32 7.37 -7.95
N LYS A 18 -10.72 6.17 -8.34
CA LYS A 18 -11.33 5.22 -7.41
C LYS A 18 -10.42 4.92 -6.22
N PHE A 19 -9.11 4.97 -6.42
CA PHE A 19 -8.17 4.65 -5.34
C PHE A 19 -7.93 5.86 -4.46
N LEU A 20 -8.41 7.01 -4.88
CA LEU A 20 -8.07 8.27 -4.22
C LEU A 20 -9.08 8.62 -3.16
N GLY A 21 -8.58 9.02 -2.00
CA GLY A 21 -9.43 9.37 -0.89
C GLY A 21 -8.77 9.06 0.45
N THR A 22 -9.43 9.45 1.53
CA THR A 22 -8.95 9.17 2.86
C THR A 22 -9.89 8.16 3.52
N PHE A 23 -9.37 6.98 3.83
CA PHE A 23 -10.21 5.86 4.24
C PHE A 23 -9.94 5.42 5.68
N LYS A 24 -11.02 5.28 6.46
CA LYS A 24 -10.97 4.61 7.76
C LYS A 24 -11.05 3.09 7.59
N LEU A 25 -10.10 2.38 8.19
CA LEU A 25 -10.16 0.93 8.27
C LEU A 25 -11.48 0.49 8.91
N GLU A 26 -12.26 -0.30 8.19
CA GLU A 26 -13.53 -0.79 8.70
C GLU A 26 -13.37 -2.15 9.38
N ARG A 27 -12.80 -3.12 8.65
CA ARG A 27 -12.69 -4.48 9.16
C ARG A 27 -11.60 -5.26 8.44
N ASP A 28 -11.41 -6.51 8.85
CA ASP A 28 -10.44 -7.40 8.24
C ASP A 28 -10.95 -8.84 8.26
N GLU A 29 -10.46 -9.64 7.32
CA GLU A 29 -10.95 -11.01 7.15
C GLU A 29 -10.08 -12.03 7.88
N ASN A 30 -8.77 -11.99 7.65
CA ASN A 30 -7.87 -12.97 8.24
C ASN A 30 -6.51 -12.34 8.55
N PHE A 31 -6.55 -11.23 9.26
CA PHE A 31 -5.35 -10.44 9.48
C PHE A 31 -4.48 -11.07 10.56
N ASP A 32 -5.10 -11.66 11.56
CA ASP A 32 -4.38 -12.33 12.63
C ASP A 32 -3.47 -13.42 12.09
N GLU A 33 -4.04 -14.38 11.37
CA GLU A 33 -3.24 -15.46 10.77
C GLU A 33 -2.19 -14.91 9.83
N TYR A 34 -2.53 -13.84 9.10
CA TYR A 34 -1.56 -13.19 8.23
C TYR A 34 -0.34 -12.76 9.05
N LEU A 35 -0.59 -12.24 10.24
CA LEU A 35 0.47 -11.77 11.12
C LEU A 35 1.33 -12.93 11.60
N LYS A 36 0.68 -14.06 11.90
CA LYS A 36 1.39 -15.25 12.34
C LYS A 36 2.31 -15.76 11.24
N ALA A 37 1.74 -15.94 10.05
CA ALA A 37 2.49 -16.40 8.89
C ALA A 37 3.60 -15.42 8.54
N ARG A 38 3.31 -14.12 8.70
CA ARG A 38 4.26 -13.06 8.37
C ARG A 38 5.47 -13.11 9.31
N GLY A 39 5.36 -13.87 10.40
CA GLY A 39 6.45 -13.99 11.33
C GLY A 39 6.34 -13.00 12.47
N TYR A 40 5.15 -12.50 12.72
CA TYR A 40 4.91 -11.60 13.83
C TYR A 40 4.46 -12.37 15.05
N GLY A 41 5.18 -12.17 16.14
CA GLY A 41 4.87 -12.89 17.36
C GLY A 41 3.68 -12.29 18.08
N TRP A 42 3.34 -12.85 19.22
CA TRP A 42 2.18 -12.43 20.00
C TRP A 42 2.18 -10.90 20.22
N ILE A 43 3.31 -10.36 20.67
CA ILE A 43 3.41 -8.93 20.94
C ILE A 43 3.06 -8.09 19.71
N MET A 44 3.76 -8.32 18.61
CA MET A 44 3.50 -7.58 17.38
C MET A 44 2.07 -7.82 16.91
N ARG A 45 1.60 -9.04 17.07
CA ARG A 45 0.28 -9.41 16.62
C ARG A 45 -0.79 -8.73 17.48
N GLN A 46 -0.39 -8.30 18.67
CA GLN A 46 -1.28 -7.54 19.55
C GLN A 46 -1.27 -6.07 19.17
N VAL A 47 -0.11 -5.59 18.74
CA VAL A 47 0.05 -4.20 18.35
C VAL A 47 -0.55 -3.93 16.98
N ILE A 48 0.07 -4.52 15.97
CA ILE A 48 -0.28 -4.36 14.57
C ILE A 48 -1.77 -4.29 14.28
N LYS A 49 -2.54 -5.31 14.64
CA LYS A 49 -3.93 -5.38 14.22
C LYS A 49 -4.85 -4.58 15.13
N LEU A 50 -4.29 -3.95 16.15
CA LEU A 50 -5.05 -3.14 17.06
C LEU A 50 -5.00 -1.68 16.59
N ALA A 51 -3.85 -1.29 16.06
CA ALA A 51 -3.64 0.06 15.57
C ALA A 51 -4.62 0.41 14.45
N GLY A 52 -5.35 1.51 14.65
CA GLY A 52 -6.24 1.99 13.61
C GLY A 52 -5.44 2.53 12.44
N VAL A 53 -5.91 2.25 11.23
CA VAL A 53 -5.16 2.61 10.04
C VAL A 53 -5.98 3.49 9.11
N THR A 54 -5.40 4.62 8.75
CA THR A 54 -6.00 5.52 7.78
C THR A 54 -5.26 5.42 6.45
N LYS A 55 -5.89 4.78 5.47
CA LYS A 55 -5.34 4.70 4.13
C LYS A 55 -5.67 5.98 3.38
N LYS A 56 -4.65 6.66 2.90
CA LYS A 56 -4.84 7.97 2.31
C LYS A 56 -4.16 8.06 0.95
N PHE A 57 -4.96 8.26 -0.09
CA PHE A 57 -4.45 8.41 -1.45
C PHE A 57 -4.90 9.74 -2.03
N ARG A 58 -3.97 10.50 -2.59
CA ARG A 58 -4.29 11.80 -3.15
C ARG A 58 -3.26 12.21 -4.21
N ASN A 59 -3.56 13.30 -4.89
CA ASN A 59 -2.59 13.95 -5.79
C ASN A 59 -1.39 14.42 -4.98
N ALA A 60 -0.25 14.65 -5.63
CA ALA A 60 0.96 15.05 -4.90
C ALA A 60 0.71 16.27 -4.01
N ALA A 61 1.35 16.27 -2.85
CA ALA A 61 1.16 17.31 -1.83
C ALA A 61 1.15 18.71 -2.41
N SER A 62 2.27 19.09 -3.03
CA SER A 62 2.40 20.39 -3.65
C SER A 62 1.32 20.57 -4.72
N GLY A 63 1.11 19.52 -5.48
CA GLY A 63 0.10 19.54 -6.52
C GLY A 63 0.74 19.39 -7.89
N LYS A 64 1.83 18.66 -7.94
CA LYS A 64 2.57 18.46 -9.16
C LYS A 64 2.00 17.28 -9.93
N PRO A 65 1.66 17.47 -11.21
CA PRO A 65 1.02 16.43 -12.02
C PRO A 65 1.86 15.17 -12.16
N ASP A 66 1.17 14.05 -12.34
CA ASP A 66 1.76 12.73 -12.54
C ASP A 66 2.01 12.10 -11.19
N ARG A 67 2.81 12.78 -10.40
CA ARG A 67 3.11 12.35 -9.04
C ARG A 67 1.90 12.45 -8.12
N TYR A 68 1.73 11.43 -7.29
CA TYR A 68 0.67 11.40 -6.31
C TYR A 68 1.25 11.28 -4.91
N ASP A 69 0.38 11.35 -3.91
CA ASP A 69 0.79 11.29 -2.52
C ASP A 69 -0.04 10.26 -1.78
N MET A 70 0.59 9.43 -0.98
CA MET A 70 -0.11 8.34 -0.31
C MET A 70 0.45 8.12 1.08
N GLU A 71 -0.42 8.08 2.08
CA GLU A 71 0.03 8.02 3.46
C GLU A 71 -0.73 6.95 4.25
N ASN A 72 -0.09 6.47 5.32
CA ASN A 72 -0.70 5.49 6.20
C ASN A 72 -0.58 5.96 7.64
N LEU A 73 -1.62 6.61 8.13
CA LEU A 73 -1.61 7.10 9.50
C LEU A 73 -2.16 6.04 10.44
N THR A 74 -1.40 5.70 11.48
CA THR A 74 -1.81 4.68 12.42
C THR A 74 -1.55 5.16 13.84
N THR A 75 -1.77 4.29 14.81
CA THR A 75 -1.58 4.66 16.20
C THR A 75 -0.17 4.34 16.67
N LYS A 76 0.51 3.45 15.95
CA LYS A 76 1.81 2.96 16.38
C LYS A 76 2.92 3.52 15.51
N LYS A 77 2.62 3.72 14.23
CA LYS A 77 3.59 4.22 13.28
C LYS A 77 2.92 5.22 12.36
N ASP A 78 3.31 5.18 11.11
CA ASP A 78 2.98 6.19 10.12
C ASP A 78 3.96 6.10 8.96
N THR A 79 3.42 6.06 7.76
CA THR A 79 4.22 6.23 6.56
C THR A 79 3.59 7.31 5.72
N HIS A 80 4.38 7.91 4.85
CA HIS A 80 3.90 9.01 4.04
C HIS A 80 4.67 9.09 2.72
N HIS A 81 4.27 8.24 1.80
CA HIS A 81 4.86 8.18 0.48
C HIS A 81 4.55 9.47 -0.28
N LYS A 82 5.38 10.47 -0.10
CA LYS A 82 5.16 11.76 -0.74
C LYS A 82 5.75 11.84 -2.14
N ASP A 83 4.91 12.24 -3.08
CA ASP A 83 5.33 12.58 -4.43
C ASP A 83 5.95 11.37 -5.13
N TRP A 84 5.12 10.38 -5.41
CA TRP A 84 5.58 9.17 -6.08
C TRP A 84 4.86 8.97 -7.40
N ALA A 85 5.43 8.14 -8.25
CA ALA A 85 4.76 7.74 -9.48
C ALA A 85 4.69 6.22 -9.52
N LEU A 86 3.64 5.67 -10.10
CA LEU A 86 3.59 4.23 -10.29
C LEU A 86 4.72 3.79 -11.20
N GLY A 87 5.30 2.67 -10.87
CA GLY A 87 6.51 2.22 -11.50
C GLY A 87 7.75 2.83 -10.87
N GLU A 88 7.56 3.54 -9.76
CA GLU A 88 8.67 4.20 -9.08
C GLU A 88 8.88 3.64 -7.67
N GLU A 89 10.10 3.20 -7.42
CA GLU A 89 10.53 2.76 -6.10
C GLU A 89 11.10 3.95 -5.31
N PHE A 90 10.58 4.14 -4.11
CA PHE A 90 10.99 5.23 -3.24
C PHE A 90 11.25 4.73 -1.82
N GLN A 91 12.09 5.43 -1.08
CA GLN A 91 12.36 5.06 0.30
C GLN A 91 11.46 5.84 1.25
N ASP A 92 11.05 5.20 2.34
CA ASP A 92 10.12 5.82 3.29
C ASP A 92 10.35 5.26 4.68
N GLU A 93 9.75 5.91 5.68
CA GLU A 93 9.89 5.52 7.08
C GLU A 93 8.87 4.43 7.40
N ALA A 94 9.32 3.22 7.19
CA ALA A 94 8.48 2.03 7.21
C ALA A 94 7.57 1.90 8.42
N LEU A 95 6.39 1.31 8.21
CA LEU A 95 5.50 0.94 9.30
C LEU A 95 6.25 0.06 10.27
N ASP A 96 7.10 -0.78 9.70
CA ASP A 96 7.89 -1.75 10.46
C ASP A 96 9.10 -1.11 11.15
N SER A 97 9.01 0.20 11.37
CA SER A 97 9.97 0.93 12.20
C SER A 97 11.39 0.88 11.63
N THR A 98 11.49 0.75 10.32
CA THR A 98 12.77 0.80 9.65
C THR A 98 12.73 1.80 8.51
N GLN A 99 13.79 1.87 7.75
CA GLN A 99 13.83 2.68 6.55
C GLN A 99 14.03 1.76 5.39
N HIS A 100 13.11 1.71 4.45
CA HIS A 100 13.32 0.83 3.31
C HIS A 100 12.61 1.29 2.06
N LYS A 101 12.95 0.65 0.96
CA LYS A 101 12.48 1.02 -0.35
C LYS A 101 11.09 0.45 -0.58
N ILE A 102 10.34 1.13 -1.42
CA ILE A 102 8.97 0.77 -1.70
C ILE A 102 8.64 1.08 -3.15
N THR A 103 8.24 0.07 -3.89
CA THR A 103 7.80 0.28 -5.26
C THR A 103 6.27 0.34 -5.32
N PHE A 104 5.77 1.42 -5.87
CA PHE A 104 4.34 1.55 -6.10
C PHE A 104 4.07 1.28 -7.56
N ASP A 105 3.21 0.33 -7.85
CA ASP A 105 3.02 -0.11 -9.22
C ASP A 105 1.57 -0.45 -9.48
N LEU A 106 1.07 -0.04 -10.63
CA LEU A 106 -0.29 -0.37 -11.03
C LEU A 106 -0.31 -1.72 -11.72
N LYS A 107 -0.99 -2.66 -11.12
CA LYS A 107 -1.05 -4.02 -11.63
C LYS A 107 -2.23 -4.15 -12.58
N ASP A 108 -3.39 -3.76 -12.09
CA ASP A 108 -4.59 -3.69 -12.88
C ASP A 108 -5.27 -2.37 -12.61
N PRO A 109 -6.24 -1.95 -13.44
CA PRO A 109 -6.97 -0.70 -13.25
C PRO A 109 -7.93 -0.79 -12.06
N ASN A 110 -7.87 -1.92 -11.37
CA ASN A 110 -8.68 -2.17 -10.19
C ASN A 110 -7.78 -2.60 -9.03
N THR A 111 -6.46 -2.65 -9.29
CA THR A 111 -5.53 -3.15 -8.30
C THR A 111 -4.19 -2.38 -8.33
N LEU A 112 -3.98 -1.56 -7.32
CA LEU A 112 -2.71 -0.87 -7.11
C LEU A 112 -1.86 -1.75 -6.20
N THR A 113 -0.55 -1.82 -6.41
CA THR A 113 0.26 -2.69 -5.55
C THR A 113 1.42 -1.92 -4.90
N GLU A 114 1.70 -2.27 -3.65
CA GLU A 114 2.86 -1.76 -2.95
C GLU A 114 3.85 -2.89 -2.71
N THR A 115 4.97 -2.85 -3.40
CA THR A 115 6.02 -3.82 -3.19
C THR A 115 7.13 -3.18 -2.39
N HIS A 116 7.18 -3.46 -1.10
CA HIS A 116 8.13 -2.80 -0.23
C HIS A 116 9.19 -3.78 0.26
N ILE A 117 10.45 -3.34 0.22
CA ILE A 117 11.59 -4.19 0.50
C ILE A 117 12.62 -3.49 1.39
N LYS A 118 13.15 -4.21 2.36
CA LYS A 118 14.23 -3.72 3.21
C LYS A 118 15.47 -3.34 2.39
N VAL A 119 15.90 -2.10 2.54
CA VAL A 119 17.17 -1.66 1.97
C VAL A 119 18.34 -2.32 2.69
N ASP A 120 18.11 -2.66 3.95
CA ASP A 120 19.09 -3.35 4.75
C ASP A 120 19.23 -4.79 4.29
N ASP A 121 18.17 -5.55 4.52
CA ASP A 121 18.12 -6.96 4.12
C ASP A 121 16.90 -7.20 3.23
N PRO A 122 17.12 -7.11 1.91
CA PRO A 122 16.05 -7.23 0.90
C PRO A 122 15.43 -8.61 0.81
N THR A 123 15.69 -9.43 1.81
CA THR A 123 15.03 -10.71 1.94
C THR A 123 13.61 -10.51 2.45
N ASP A 124 13.41 -9.37 3.10
CA ASP A 124 12.08 -8.96 3.52
C ASP A 124 11.34 -8.36 2.33
N VAL A 125 10.60 -9.21 1.63
CA VAL A 125 9.85 -8.80 0.46
C VAL A 125 8.37 -8.98 0.67
N GLU A 126 7.61 -7.92 0.50
CA GLU A 126 6.17 -7.99 0.75
C GLU A 126 5.40 -7.07 -0.17
N THR A 127 4.20 -7.48 -0.53
CA THR A 127 3.34 -6.71 -1.42
C THR A 127 1.91 -6.67 -0.90
N TYR A 128 1.37 -5.47 -0.77
CA TYR A 128 -0.05 -5.30 -0.46
C TYR A 128 -0.73 -4.83 -1.73
N GLU A 129 -2.02 -5.06 -1.88
CA GLU A 129 -2.71 -4.72 -3.11
C GLU A 129 -3.96 -3.92 -2.76
N TYR A 130 -4.15 -2.81 -3.42
CA TYR A 130 -5.30 -1.95 -3.18
C TYR A 130 -6.33 -2.15 -4.28
N ARG A 131 -7.38 -2.89 -3.96
CA ARG A 131 -8.45 -3.16 -4.90
C ARG A 131 -9.65 -2.28 -4.59
N ARG A 132 -10.50 -2.05 -5.58
CA ARG A 132 -11.70 -1.26 -5.38
C ARG A 132 -12.96 -2.06 -5.62
N ASP A 133 -13.76 -2.20 -4.57
CA ASP A 133 -15.06 -2.85 -4.67
C ASP A 133 -16.12 -1.99 -4.00
N GLY A 134 -17.10 -1.57 -4.78
CA GLY A 134 -18.11 -0.65 -4.28
C GLY A 134 -17.51 0.72 -4.05
N ASP A 135 -17.50 1.16 -2.81
CA ASP A 135 -16.82 2.39 -2.45
C ASP A 135 -15.77 2.10 -1.39
N TYR A 136 -15.39 0.84 -1.29
CA TYR A 136 -14.42 0.42 -0.29
C TYR A 136 -13.05 0.20 -0.92
N LEU A 137 -12.03 0.73 -0.26
CA LEU A 137 -10.66 0.45 -0.63
C LEU A 137 -10.30 -0.88 -0.01
N VAL A 138 -10.10 -1.87 -0.84
CA VAL A 138 -9.94 -3.24 -0.37
C VAL A 138 -8.47 -3.61 -0.38
N MET A 139 -7.89 -3.73 0.79
CA MET A 139 -6.53 -4.15 0.92
C MET A 139 -6.43 -5.66 0.84
N LYS A 140 -5.63 -6.13 -0.09
CA LYS A 140 -5.42 -7.56 -0.26
C LYS A 140 -3.97 -7.86 0.00
N MET A 141 -3.73 -8.82 0.86
CA MET A 141 -2.39 -9.16 1.28
C MET A 141 -2.33 -10.64 1.63
N SER A 142 -1.29 -11.32 1.17
CA SER A 142 -1.18 -12.75 1.40
C SER A 142 0.25 -13.14 1.70
N TRP A 143 0.41 -14.01 2.69
CA TRP A 143 1.73 -14.45 3.13
C TRP A 143 1.70 -15.93 3.46
N LYS A 144 2.61 -16.68 2.83
CA LYS A 144 2.69 -18.13 3.03
C LYS A 144 1.33 -18.81 2.91
N GLY A 145 0.57 -18.44 1.89
CA GLY A 145 -0.72 -19.05 1.65
C GLY A 145 -1.84 -18.47 2.49
N VAL A 146 -1.50 -17.59 3.43
CA VAL A 146 -2.51 -16.97 4.27
C VAL A 146 -2.93 -15.62 3.67
N SER A 147 -4.10 -15.59 3.06
CA SER A 147 -4.61 -14.39 2.45
C SER A 147 -5.61 -13.70 3.36
N THR A 148 -5.68 -12.39 3.24
CA THR A 148 -6.63 -11.61 4.01
C THR A 148 -7.01 -10.33 3.27
N SER A 149 -8.27 -9.95 3.39
CA SER A 149 -8.74 -8.69 2.85
C SER A 149 -9.07 -7.73 3.97
N ARG A 150 -8.48 -6.54 3.93
CA ARG A 150 -8.79 -5.50 4.90
C ARG A 150 -9.60 -4.41 4.22
N TYR A 151 -10.83 -4.26 4.66
CA TYR A 151 -11.76 -3.36 4.00
C TYR A 151 -11.71 -1.96 4.60
N TYR A 152 -11.38 -0.99 3.77
CA TYR A 152 -11.33 0.40 4.17
C TYR A 152 -12.45 1.18 3.51
N LYS A 153 -13.10 2.04 4.27
CA LYS A 153 -14.11 2.94 3.74
C LYS A 153 -13.66 4.36 4.04
N LYS A 154 -14.24 5.37 3.40
CA LYS A 154 -13.83 6.76 3.65
C LYS A 154 -13.78 7.09 5.16
N GLN A 155 -13.13 8.19 5.49
CA GLN A 155 -13.28 8.76 6.83
C GLN A 155 -14.72 9.27 7.04
N MET A 1 7.15 6.01 -31.28
CA MET A 1 6.77 5.03 -30.24
C MET A 1 6.97 3.62 -30.74
N ARG A 2 8.17 3.07 -30.57
CA ARG A 2 8.48 1.74 -31.06
C ARG A 2 8.90 0.83 -29.91
N GLY A 3 9.05 1.42 -28.72
CA GLY A 3 9.41 0.64 -27.54
C GLY A 3 10.91 0.42 -27.43
N SER A 4 11.68 1.12 -28.25
CA SER A 4 13.12 0.95 -28.27
C SER A 4 13.80 1.91 -27.31
N HIS A 5 13.45 3.19 -27.39
CA HIS A 5 14.08 4.19 -26.53
C HIS A 5 13.07 4.75 -25.55
N HIS A 6 13.55 5.16 -24.38
CA HIS A 6 12.69 5.73 -23.34
C HIS A 6 11.61 4.72 -22.95
N HIS A 7 12.03 3.48 -22.77
CA HIS A 7 11.09 2.39 -22.52
C HIS A 7 11.10 1.96 -21.05
N HIS A 8 12.03 2.50 -20.27
CA HIS A 8 12.08 2.15 -18.84
C HIS A 8 10.90 2.75 -18.10
N HIS A 9 10.34 3.83 -18.66
CA HIS A 9 9.10 4.43 -18.18
C HIS A 9 8.37 5.08 -19.34
N HIS A 10 7.40 4.37 -19.90
CA HIS A 10 6.68 4.85 -21.07
C HIS A 10 5.47 5.67 -20.65
N GLY A 11 5.71 6.68 -19.83
CA GLY A 11 4.65 7.53 -19.35
C GLY A 11 4.01 6.99 -18.09
N SER A 12 3.45 7.88 -17.29
CA SER A 12 2.82 7.48 -16.05
C SER A 12 1.33 7.23 -16.25
N LYS A 13 0.85 6.09 -15.80
CA LYS A 13 -0.57 5.81 -15.79
C LYS A 13 -1.24 6.67 -14.72
N THR A 14 -2.15 7.53 -15.14
CA THR A 14 -2.80 8.42 -14.20
C THR A 14 -3.64 7.62 -13.23
N LEU A 15 -3.41 7.82 -11.93
CA LEU A 15 -4.09 7.07 -10.89
C LEU A 15 -5.60 7.23 -11.01
N PRO A 16 -6.32 6.11 -11.18
CA PRO A 16 -7.78 6.11 -11.20
C PRO A 16 -8.33 6.71 -9.92
N ASP A 17 -9.17 7.74 -10.06
CA ASP A 17 -9.75 8.45 -8.92
C ASP A 17 -10.46 7.51 -7.96
N LYS A 18 -10.84 6.32 -8.44
CA LYS A 18 -11.44 5.30 -7.61
C LYS A 18 -10.60 4.99 -6.36
N PHE A 19 -9.29 5.11 -6.47
CA PHE A 19 -8.40 4.75 -5.36
C PHE A 19 -8.09 5.95 -4.48
N LEU A 20 -8.60 7.12 -4.84
CA LEU A 20 -8.18 8.34 -4.17
C LEU A 20 -9.16 8.72 -3.06
N GLY A 21 -8.60 9.22 -1.96
CA GLY A 21 -9.40 9.63 -0.83
C GLY A 21 -8.80 9.18 0.48
N THR A 22 -9.42 9.61 1.57
CA THR A 22 -9.01 9.19 2.91
C THR A 22 -9.98 8.13 3.43
N PHE A 23 -9.46 6.95 3.75
CA PHE A 23 -10.31 5.83 4.17
C PHE A 23 -9.95 5.37 5.58
N LYS A 24 -10.97 5.14 6.42
CA LYS A 24 -10.71 4.48 7.70
C LYS A 24 -10.93 2.96 7.59
N LEU A 25 -10.07 2.19 8.22
CA LEU A 25 -10.21 0.74 8.30
C LEU A 25 -11.57 0.35 8.88
N GLU A 26 -12.42 -0.25 8.06
CA GLU A 26 -13.74 -0.68 8.48
C GLU A 26 -13.62 -1.99 9.26
N ARG A 27 -12.95 -2.98 8.66
CA ARG A 27 -12.74 -4.26 9.32
C ARG A 27 -11.61 -5.03 8.62
N ASP A 28 -11.27 -6.19 9.16
CA ASP A 28 -10.18 -6.99 8.62
C ASP A 28 -10.59 -8.44 8.49
N GLU A 29 -9.88 -9.18 7.64
CA GLU A 29 -10.17 -10.59 7.44
C GLU A 29 -8.88 -11.38 7.28
N ASN A 30 -8.64 -12.31 8.20
CA ASN A 30 -7.47 -13.20 8.15
C ASN A 30 -6.17 -12.43 8.39
N PHE A 31 -6.29 -11.31 9.10
CA PHE A 31 -5.16 -10.43 9.33
C PHE A 31 -4.24 -11.00 10.39
N ASP A 32 -4.84 -11.56 11.45
CA ASP A 32 -4.07 -12.22 12.50
C ASP A 32 -3.15 -13.29 11.90
N GLU A 33 -3.75 -14.17 11.11
CA GLU A 33 -2.99 -15.21 10.42
C GLU A 33 -1.84 -14.63 9.61
N TYR A 34 -2.10 -13.53 8.91
CA TYR A 34 -1.06 -12.84 8.16
C TYR A 34 0.08 -12.43 9.09
N LEU A 35 -0.26 -11.94 10.27
CA LEU A 35 0.73 -11.47 11.23
C LEU A 35 1.58 -12.63 11.72
N LYS A 36 0.93 -13.77 11.96
CA LYS A 36 1.64 -14.98 12.39
C LYS A 36 2.61 -15.42 11.30
N ALA A 37 2.07 -15.55 10.09
CA ALA A 37 2.86 -15.93 8.94
C ALA A 37 4.01 -14.95 8.70
N ARG A 38 3.72 -13.67 8.88
CA ARG A 38 4.68 -12.60 8.65
C ARG A 38 5.83 -12.65 9.66
N GLY A 39 5.60 -13.33 10.78
CA GLY A 39 6.62 -13.46 11.80
C GLY A 39 6.40 -12.56 13.00
N TYR A 40 5.15 -12.20 13.26
CA TYR A 40 4.84 -11.38 14.42
C TYR A 40 4.31 -12.23 15.56
N GLY A 41 4.94 -12.08 16.72
CA GLY A 41 4.55 -12.84 17.89
C GLY A 41 3.26 -12.34 18.51
N TRP A 42 2.83 -13.02 19.57
CA TRP A 42 1.56 -12.73 20.23
C TRP A 42 1.38 -11.24 20.53
N ILE A 43 2.38 -10.63 21.16
CA ILE A 43 2.32 -9.22 21.52
C ILE A 43 2.02 -8.34 20.32
N MET A 44 2.82 -8.49 19.27
CA MET A 44 2.63 -7.71 18.07
C MET A 44 1.24 -7.94 17.49
N ARG A 45 0.78 -9.18 17.52
CA ARG A 45 -0.53 -9.52 16.97
C ARG A 45 -1.65 -8.91 17.81
N GLN A 46 -1.32 -8.49 19.03
CA GLN A 46 -2.29 -7.83 19.89
C GLN A 46 -2.27 -6.33 19.66
N VAL A 47 -1.21 -5.83 19.04
CA VAL A 47 -1.10 -4.42 18.71
C VAL A 47 -1.56 -4.16 17.28
N ILE A 48 -0.83 -4.74 16.34
CA ILE A 48 -1.01 -4.53 14.90
C ILE A 48 -2.47 -4.60 14.43
N LYS A 49 -3.22 -5.64 14.82
CA LYS A 49 -4.57 -5.82 14.28
C LYS A 49 -5.61 -5.01 15.07
N LEU A 50 -5.16 -4.30 16.09
CA LEU A 50 -6.04 -3.43 16.87
C LEU A 50 -5.73 -1.97 16.61
N ALA A 51 -4.78 -1.73 15.72
CA ALA A 51 -4.38 -0.39 15.35
C ALA A 51 -5.29 0.14 14.25
N GLY A 52 -5.93 1.27 14.51
CA GLY A 52 -6.72 1.91 13.50
C GLY A 52 -5.86 2.42 12.36
N VAL A 53 -6.25 2.10 11.13
CA VAL A 53 -5.44 2.43 9.98
C VAL A 53 -6.22 3.32 9.01
N THR A 54 -5.65 4.46 8.69
CA THR A 54 -6.28 5.39 7.77
C THR A 54 -5.44 5.52 6.50
N LYS A 55 -6.00 5.07 5.39
CA LYS A 55 -5.32 5.13 4.10
C LYS A 55 -5.63 6.46 3.41
N LYS A 56 -4.61 7.08 2.83
CA LYS A 56 -4.78 8.38 2.23
C LYS A 56 -4.12 8.44 0.84
N PHE A 57 -4.93 8.30 -0.20
CA PHE A 57 -4.43 8.42 -1.56
C PHE A 57 -4.87 9.75 -2.15
N ARG A 58 -3.93 10.48 -2.71
CA ARG A 58 -4.23 11.77 -3.28
C ARG A 58 -3.20 12.15 -4.33
N ASN A 59 -3.46 13.23 -5.04
CA ASN A 59 -2.45 13.83 -5.92
C ASN A 59 -1.31 14.35 -5.07
N ALA A 60 -0.10 14.41 -5.62
CA ALA A 60 1.07 14.82 -4.86
C ALA A 60 0.84 16.18 -4.19
N ALA A 61 1.21 16.22 -2.92
CA ALA A 61 0.85 17.32 -2.04
C ALA A 61 1.38 18.67 -2.52
N SER A 62 2.59 18.68 -3.05
CA SER A 62 3.19 19.91 -3.56
C SER A 62 2.72 20.19 -4.99
N GLY A 63 1.64 19.54 -5.40
CA GLY A 63 1.09 19.75 -6.72
C GLY A 63 2.00 19.24 -7.82
N LYS A 64 2.66 18.12 -7.56
CA LYS A 64 3.53 17.50 -8.55
C LYS A 64 2.69 16.65 -9.51
N PRO A 65 2.75 16.95 -10.81
CA PRO A 65 1.96 16.24 -11.83
C PRO A 65 2.45 14.81 -12.04
N ASP A 66 1.49 13.90 -12.23
CA ASP A 66 1.75 12.48 -12.42
C ASP A 66 2.02 11.82 -11.08
N ARG A 67 2.90 12.44 -10.30
CA ARG A 67 3.15 12.03 -8.93
C ARG A 67 1.90 12.12 -8.07
N TYR A 68 1.70 11.09 -7.26
CA TYR A 68 0.62 11.06 -6.31
C TYR A 68 1.19 10.88 -4.90
N ASP A 69 0.36 11.13 -3.90
CA ASP A 69 0.79 11.05 -2.51
C ASP A 69 -0.02 10.02 -1.75
N MET A 70 0.65 9.26 -0.89
CA MET A 70 0.00 8.21 -0.13
C MET A 70 0.47 8.23 1.32
N GLU A 71 -0.45 8.10 2.24
CA GLU A 71 -0.11 8.12 3.65
C GLU A 71 -0.80 6.98 4.37
N ASN A 72 -0.05 6.31 5.24
CA ASN A 72 -0.56 5.17 5.99
C ASN A 72 -0.54 5.52 7.48
N LEU A 73 -1.63 6.08 7.96
CA LEU A 73 -1.71 6.49 9.35
C LEU A 73 -2.25 5.36 10.21
N THR A 74 -1.69 5.19 11.40
CA THR A 74 -2.16 4.17 12.32
C THR A 74 -2.17 4.75 13.73
N THR A 75 -2.27 3.89 14.71
CA THR A 75 -2.28 4.33 16.09
C THR A 75 -0.86 4.28 16.68
N LYS A 76 -0.08 3.34 16.21
CA LYS A 76 1.24 3.08 16.77
C LYS A 76 2.36 3.54 15.85
N LYS A 77 2.02 3.88 14.61
CA LYS A 77 3.02 4.27 13.65
C LYS A 77 2.50 5.39 12.76
N ASP A 78 3.05 5.46 11.55
CA ASP A 78 2.86 6.60 10.64
C ASP A 78 3.85 6.52 9.50
N THR A 79 3.35 6.58 8.28
CA THR A 79 4.20 6.61 7.09
C THR A 79 3.61 7.58 6.08
N HIS A 80 4.46 8.22 5.31
CA HIS A 80 4.00 9.18 4.32
C HIS A 80 4.82 9.04 3.04
N HIS A 81 4.27 8.32 2.08
CA HIS A 81 4.92 8.13 0.79
C HIS A 81 4.76 9.39 -0.06
N LYS A 82 5.66 10.33 0.15
CA LYS A 82 5.60 11.63 -0.50
C LYS A 82 5.93 11.56 -2.00
N ASP A 83 4.92 11.90 -2.81
CA ASP A 83 5.05 12.03 -4.27
C ASP A 83 5.73 10.83 -4.93
N TRP A 84 4.93 9.80 -5.16
CA TRP A 84 5.38 8.61 -5.85
C TRP A 84 4.64 8.47 -7.17
N ALA A 85 5.16 7.66 -8.05
CA ALA A 85 4.46 7.34 -9.28
C ALA A 85 4.36 5.83 -9.42
N LEU A 86 3.33 5.36 -10.08
CA LEU A 86 3.26 3.93 -10.40
C LEU A 86 4.39 3.56 -11.36
N GLY A 87 4.89 2.36 -11.19
CA GLY A 87 6.08 1.92 -11.90
C GLY A 87 7.35 2.41 -11.23
N GLU A 88 7.20 3.29 -10.25
CA GLU A 88 8.33 3.92 -9.60
C GLU A 88 8.68 3.19 -8.29
N GLU A 89 9.95 3.23 -7.94
CA GLU A 89 10.45 2.61 -6.73
C GLU A 89 11.28 3.63 -5.96
N PHE A 90 10.90 3.87 -4.73
CA PHE A 90 11.56 4.88 -3.90
C PHE A 90 11.88 4.31 -2.54
N GLN A 91 12.85 4.90 -1.86
CA GLN A 91 13.18 4.46 -0.52
C GLN A 91 12.40 5.29 0.48
N ASP A 92 11.95 4.65 1.54
CA ASP A 92 11.08 5.29 2.52
C ASP A 92 11.06 4.47 3.80
N GLU A 93 10.60 5.07 4.88
CA GLU A 93 10.55 4.38 6.16
C GLU A 93 9.15 3.87 6.39
N ALA A 94 9.03 2.56 6.42
CA ALA A 94 7.76 1.90 6.52
C ALA A 94 7.25 1.81 7.95
N LEU A 95 6.03 1.33 8.10
CA LEU A 95 5.40 1.19 9.41
C LEU A 95 6.14 0.16 10.26
N ASP A 96 6.97 -0.64 9.60
CA ASP A 96 7.77 -1.66 10.27
C ASP A 96 8.99 -1.07 10.96
N SER A 97 9.05 0.26 11.02
CA SER A 97 10.09 0.99 11.74
C SER A 97 11.44 0.94 11.01
N THR A 98 11.48 0.33 9.84
CA THR A 98 12.69 0.32 9.04
C THR A 98 12.45 0.99 7.70
N GLN A 99 13.52 1.40 7.04
CA GLN A 99 13.39 2.05 5.76
C GLN A 99 13.99 1.20 4.67
N HIS A 100 13.21 1.00 3.63
CA HIS A 100 13.59 0.11 2.56
C HIS A 100 12.98 0.60 1.25
N LYS A 101 13.32 -0.07 0.16
CA LYS A 101 12.85 0.37 -1.14
C LYS A 101 11.41 -0.09 -1.34
N ILE A 102 10.62 0.77 -1.93
CA ILE A 102 9.20 0.56 -2.07
C ILE A 102 8.75 0.91 -3.48
N THR A 103 8.08 -0.03 -4.11
CA THR A 103 7.58 0.19 -5.45
C THR A 103 6.06 0.29 -5.44
N PHE A 104 5.56 1.30 -6.12
CA PHE A 104 4.13 1.44 -6.36
C PHE A 104 3.86 1.14 -7.80
N ASP A 105 2.84 0.36 -8.09
CA ASP A 105 2.56 -0.03 -9.46
C ASP A 105 1.09 -0.37 -9.63
N LEU A 106 0.55 0.00 -10.77
CA LEU A 106 -0.82 -0.35 -11.11
C LEU A 106 -0.82 -1.71 -11.81
N LYS A 107 -1.46 -2.68 -11.17
CA LYS A 107 -1.49 -4.03 -11.71
C LYS A 107 -2.55 -4.10 -12.79
N ASP A 108 -3.69 -3.50 -12.48
CA ASP A 108 -4.79 -3.36 -13.41
C ASP A 108 -5.63 -2.19 -12.94
N PRO A 109 -6.53 -1.66 -13.78
CA PRO A 109 -7.34 -0.46 -13.47
C PRO A 109 -8.25 -0.61 -12.24
N ASN A 110 -8.16 -1.74 -11.53
CA ASN A 110 -8.95 -1.94 -10.32
C ASN A 110 -8.07 -2.45 -9.17
N THR A 111 -6.75 -2.41 -9.35
CA THR A 111 -5.84 -2.88 -8.30
C THR A 111 -4.47 -2.19 -8.35
N LEU A 112 -4.18 -1.45 -7.30
CA LEU A 112 -2.86 -0.84 -7.07
C LEU A 112 -2.01 -1.84 -6.27
N THR A 113 -0.69 -1.79 -6.39
CA THR A 113 0.16 -2.64 -5.58
C THR A 113 1.26 -1.83 -4.89
N GLU A 114 1.47 -2.12 -3.61
CA GLU A 114 2.55 -1.49 -2.85
C GLU A 114 3.53 -2.56 -2.39
N THR A 115 4.70 -2.60 -3.03
CA THR A 115 5.68 -3.63 -2.74
C THR A 115 6.84 -3.08 -1.91
N HIS A 116 7.05 -3.67 -0.75
CA HIS A 116 8.12 -3.27 0.15
C HIS A 116 9.26 -4.28 0.09
N ILE A 117 10.43 -3.85 -0.36
CA ILE A 117 11.60 -4.72 -0.36
C ILE A 117 12.70 -4.15 0.52
N LYS A 118 13.06 -4.90 1.54
CA LYS A 118 14.06 -4.47 2.50
C LYS A 118 15.43 -4.30 1.85
N VAL A 119 15.98 -3.10 2.02
CA VAL A 119 17.30 -2.75 1.55
C VAL A 119 18.35 -3.66 2.17
N ASP A 120 18.12 -4.03 3.41
CA ASP A 120 19.04 -4.88 4.15
C ASP A 120 18.82 -6.35 3.79
N ASP A 121 17.56 -6.76 3.71
CA ASP A 121 17.23 -8.13 3.30
C ASP A 121 16.10 -8.13 2.30
N PRO A 122 16.45 -8.06 1.01
CA PRO A 122 15.48 -7.98 -0.08
C PRO A 122 14.72 -9.28 -0.31
N THR A 123 15.01 -10.28 0.50
CA THR A 123 14.29 -11.54 0.44
C THR A 123 12.98 -11.42 1.19
N ASP A 124 12.89 -10.40 2.03
CA ASP A 124 11.70 -10.13 2.82
C ASP A 124 10.74 -9.22 2.03
N VAL A 125 10.48 -9.60 0.79
CA VAL A 125 9.61 -8.84 -0.08
C VAL A 125 8.14 -8.97 0.36
N GLU A 126 7.59 -7.84 0.78
CA GLU A 126 6.23 -7.78 1.30
C GLU A 126 5.36 -6.95 0.36
N THR A 127 4.14 -7.40 0.10
CA THR A 127 3.28 -6.69 -0.83
C THR A 127 1.86 -6.56 -0.29
N TYR A 128 1.35 -5.33 -0.32
CA TYR A 128 -0.06 -5.07 -0.06
C TYR A 128 -0.69 -4.70 -1.40
N GLU A 129 -1.97 -4.94 -1.59
CA GLU A 129 -2.60 -4.63 -2.87
C GLU A 129 -3.85 -3.82 -2.61
N TYR A 130 -4.02 -2.72 -3.32
CA TYR A 130 -5.15 -1.84 -3.13
C TYR A 130 -6.17 -2.01 -4.26
N ARG A 131 -7.16 -2.82 -4.02
CA ARG A 131 -8.20 -3.06 -5.01
C ARG A 131 -9.48 -2.34 -4.61
N ARG A 132 -10.27 -1.96 -5.58
CA ARG A 132 -11.49 -1.20 -5.32
C ARG A 132 -12.70 -2.12 -5.31
N ASP A 133 -13.54 -1.97 -4.29
CA ASP A 133 -14.77 -2.74 -4.18
C ASP A 133 -15.96 -1.80 -4.12
N GLY A 134 -16.33 -1.26 -5.28
CA GLY A 134 -17.43 -0.33 -5.37
C GLY A 134 -17.17 0.96 -4.61
N ASP A 135 -17.64 1.01 -3.37
CA ASP A 135 -17.49 2.20 -2.55
C ASP A 135 -16.37 2.00 -1.53
N TYR A 136 -15.88 0.78 -1.42
CA TYR A 136 -14.85 0.44 -0.45
C TYR A 136 -13.49 0.28 -1.11
N LEU A 137 -12.45 0.66 -0.39
CA LEU A 137 -11.08 0.41 -0.79
C LEU A 137 -10.60 -0.82 -0.05
N VAL A 138 -10.17 -1.85 -0.76
CA VAL A 138 -9.88 -3.12 -0.13
C VAL A 138 -8.42 -3.47 -0.30
N MET A 139 -7.76 -3.77 0.81
CA MET A 139 -6.37 -4.16 0.80
C MET A 139 -6.25 -5.67 0.82
N LYS A 140 -5.30 -6.18 0.06
CA LYS A 140 -5.02 -7.61 0.06
C LYS A 140 -3.55 -7.83 0.31
N MET A 141 -3.24 -8.44 1.45
CA MET A 141 -1.86 -8.72 1.82
C MET A 141 -1.66 -10.22 1.83
N SER A 142 -0.50 -10.70 1.42
CA SER A 142 -0.27 -12.13 1.36
C SER A 142 1.15 -12.51 1.79
N TRP A 143 1.22 -13.48 2.69
CA TRP A 143 2.50 -14.01 3.14
C TRP A 143 2.37 -15.50 3.40
N LYS A 144 3.22 -16.29 2.75
CA LYS A 144 3.16 -17.74 2.84
C LYS A 144 1.76 -18.28 2.55
N GLY A 145 1.14 -17.73 1.50
CA GLY A 145 -0.19 -18.16 1.11
C GLY A 145 -1.28 -17.44 1.87
N VAL A 146 -0.97 -17.01 3.09
CA VAL A 146 -1.95 -16.36 3.94
C VAL A 146 -2.30 -15.00 3.38
N SER A 147 -3.48 -14.89 2.79
CA SER A 147 -3.95 -13.65 2.27
C SER A 147 -4.99 -13.05 3.21
N THR A 148 -4.94 -11.75 3.33
CA THR A 148 -5.85 -11.03 4.18
C THR A 148 -6.49 -9.88 3.41
N SER A 149 -7.81 -9.85 3.40
CA SER A 149 -8.54 -8.79 2.74
C SER A 149 -9.07 -7.82 3.77
N ARG A 150 -8.48 -6.65 3.82
CA ARG A 150 -8.84 -5.67 4.82
C ARG A 150 -9.61 -4.53 4.17
N TYR A 151 -10.79 -4.27 4.71
CA TYR A 151 -11.76 -3.41 4.07
C TYR A 151 -11.71 -2.00 4.63
N TYR A 152 -11.37 -1.05 3.76
CA TYR A 152 -11.33 0.35 4.14
C TYR A 152 -12.49 1.11 3.51
N LYS A 153 -13.12 1.96 4.29
CA LYS A 153 -14.15 2.83 3.77
C LYS A 153 -13.74 4.25 4.11
N LYS A 154 -14.28 5.24 3.40
CA LYS A 154 -13.86 6.64 3.58
C LYS A 154 -13.83 7.13 5.04
N GLN A 155 -13.30 8.32 5.22
CA GLN A 155 -13.54 9.11 6.42
C GLN A 155 -14.82 9.93 6.28
#